data_6I27
#
_entry.id   6I27
#
_entity_poly.entity_id   1
_entity_poly.type   'polypeptide(L)'
_entity_poly.pdbx_seq_one_letter_code
;(UNK)(UNK)(UNK)(UNK)(UNK)(UNK)(UNK)(UNK)(UNK)(UNK)(UNK)(UNK)(UNK)(UNK)(UNK)(UNK)
(UNK)(UNK)(UNK)(UNK)(UNK)(UNK)(UNK)(UNK)(UNK)(UNK)(UNK)(UNK)(UNK)(UNK)(UNK)(UNK)
(UNK)(UNK)(UNK)(UNK)(UNK)(UNK)(UNK)(UNK)(UNK)(UNK)(UNK)(UNK)(UNK)(UNK)(UNK)(UNK)
(UNK)(UNK)(UNK)(UNK)(UNK)(UNK)(UNK)(UNK)(UNK)(UNK)(UNK)(UNK)(UNK)(UNK)(UNK)(UNK)
(UNK)(UNK)(UNK)(UNK)(UNK)(UNK)(UNK)(UNK)(UNK)(UNK)(UNK)(UNK)(UNK)(UNK)(UNK)(UNK)
(UNK)(UNK)(UNK)(UNK)(UNK)(UNK)(UNK)(UNK)(UNK)(UNK)(UNK)(UNK)(UNK)(UNK)(UNK)(UNK)
(UNK)(UNK)(UNK)(UNK)(UNK)(UNK)(UNK)(UNK)(UNK)(UNK)(UNK)(UNK)(UNK)(UNK)(UNK)(UNK)
(UNK)(UNK)(UNK)(UNK)(UNK)(UNK)(UNK)(UNK)(UNK)(UNK)(UNK)(UNK)(UNK)(UNK)(UNK)(UNK)
(UNK)(UNK)(UNK)(UNK)(UNK)(UNK)(UNK)(UNK)(UNK)(UNK)(UNK)(UNK)(UNK)(UNK)(UNK)(UNK)
(UNK)(UNK)(UNK)(UNK)(UNK)(UNK)(UNK)(UNK)(UNK)(UNK)(UNK)(UNK)(UNK)(UNK)(UNK)(UNK)
(UNK)(UNK)(UNK)(UNK)(UNK)(UNK)(UNK)(UNK)(UNK)(UNK)(UNK)(UNK)(UNK)(UNK)(UNK)(UNK)
(UNK)(UNK)(UNK)(UNK)(UNK)(UNK)(UNK)(UNK)(UNK)(UNK)(UNK)(UNK)(UNK)(UNK)PSVPECFTIE
KKSSYFIIEPQDLSTKVASICGVIVPKVHTIHDKVFYPLTFVPTHKTVSSLRQLGRKIQNSTPIMLIGKAGSGKTFLINE
LSKYMGCHDSIVKIHLGEQTDAKLLIGTYTSGDKPGTFEWRAGVLATAVKEGRWVLIEDIDKAPTDVLSILLSLLEKREL
TIPSRGETVKAANGFQLISTVRINEDHQKDSSNKIYNLNMIGMRIWNVIELEEPSEEDLTHILAQKFPILTNLIPKLIDS
YKNVKSIYMNTKFISLNKGAHTRVVSVRDLIKLCERLDILFKNNGINKPDQLIQSSVYDSIFSEAADCFAGAIGEFKALE
PIIQAIGESLDIASSRISLFLTQHVPTLENLDDSIKIGRAVLLKEKLNIQKKSMNSTLFAFTNHSLRLMEQISVCIQMTE
PVLLVGETGTGKTTVVQQLAKMLAKKLTVINVSQQTETGDLLGGYKPVNSKTVAVPIQENFETLFNATFSLKKNEKFHKM
LHRCFNKNQWKNVVKLWNEAYKMAQSILKITNTENENENAKKKKRRLNTHEKKLLLDKWADFNDSVKKFEAQSSSIENSF
VFNFVEGSLVKTIRAGEWLLLDEVNLATADTLESISDLLTEPDSRSILLSEKGDAEPIKAHPDFRIFACMNPATDVGKRD
LPMGIRSRFTEIYVHSPERDITDLLSIIDKYIGKYSVSDEWVGNDIAELYLEAKKLSDNNTIVDGSNQKPHFSIRTLTRT
LLYVTDIIHIYGLRRSLYDGFCMSFLTLLDQKSEAILKPVIEKFTLGRLKNVKSIMSQTPPSPGPDYVQFKHYWMKKGPN
TIQEQAHYIITPFVEKNMMNLVRATSGKRFPVLIQGPTSSGKTSMIKYLADITGHKFVRINNHEHTDLQEYLGTYVTDDT
GKLSFKEGVLVEALRKGYWIVLDELNLAPTDVLEALNRLLDDNRELFIPETQEVVHPHPDFLLFATQNPPGIYGGRKILS
RAFRNRFLELHFDDIPQDELEIILRERCQIAPSYAKKIVEVYRQLSIERSASRLFEQKNSFATLRDLFRWALRDAVGYEQ
LAASGYMLLAERCRTPQEKVTVKKTLEKVMKVKLDMDQYYASLEDKSLEAIGSVTWTKGMRRLSVLVSSCLKNKEPVLLV
GETGCGKTTICQLLAQFMGRELITLNAHQNTETGDILGAQRPVRNRSEIQYKLIKSLKTALNIANDQDVDLKELLQLYSK
SDNKNIAEDVQLEIQKLRDSLNVLFEWSDGPLIQAMRTGNFFLLDEISLADDSVLERLNSVLEPERSLLLAEQGSSDSLV
TASENFQFFATMNPGGDYGKKELSPALRNRFTEIWVPSMEDFNDVNMIVSSRLLEDLKDLANPIVKFSEWFGKKLGGGNA
TSGVISLRDILAWVEFINKVFPKIQNKSTALIQGASMVFIDALGTNNTAYLAENENDLKSLRTECIIQLLKLCGDDLELQ
QIETNEIIVTQDELQVGMFKIPRFPDAQSSSFNLTAPTTASNLVRVVRAMQVHKPILLEGSPGVGKTSLITALANITGNK
LTRINLSEQTDLVDLFGADAPGERSGEFLWHDAPFLRAMKKGEWVLLDEMNLASQSVLEGLNACLDHRGEAYIPELDISF
SCHPNFLVFAAQNPQYQGGGRKGLPKSFVNRFSVVFIDMLTSDDLLLIAKHLYPSIEPDIIAKMIKLMSTLEDQVCKRKL
WGNSGSPWEFNLRDTLRWLKLLNQYSICEDVDVFDFVDIIVKQRFRTISDKNKAQLLIEDIFGKFSTKENFFKLTEDYVQ
INNEVALRNPHYRYPITQNLFPLECNVAVYESVLKAINNNWPLVLVGPSNSGKTETIRFLASILGPRVDVFSMNSDIDSM
DILGGYEQVDLTRQISYITEELTNIVREIISMNMKLSPNATAIMEGLNLLKYLLNNIVTPEKFQDFRNRFNRFFSHLEGH
PLLKTMSMNIEKMTEIITKEASVKFEWFDGMLVKAVEKGHWLILDNANLCSPSVLDRLNSLLEIDGSLLINECSQEDGQP
RVLKPHPNFRLFLTMDPKYGELSRAMRNRGVEIYIDELHSRSTAFDRLTLGFELGENIDFVSIDDGIKKIKLNEPDMSIP
LKHYVPSYLSRPCIFAQVHDILLLSDEEPIEESLAAVIPISHLGEVGKWANNVLNCTEYSEKKIAERLYVFITFLTDMGV
LEKINNLYKPANLKFQKALGLHDKQLTEETVSLTLNEYVLPTVSKYSDKIKSPESLYLLSSLRLLLNSLNALKLINEKST
HGKIDELTYIELSAAAFNGRHLKNIPRIPIFCILYNILTVMSENLKTESLFCGSNQYQYYWDLLVIVIAALETAVTKDEA
RLRVYKELIDSWIASVKSKSDIEITPFLNINLEFTDVLQLSRGHSITLLWDIFRKNYPTTSNSWLAFEKLINLSEKFDKV
RLLQFSESYNSIKDLMDVFRLLNDDVLNNKLSEFNLLLSKLEDGINELELISNKFLNKRKHYFADEFDNLIRYTFSVDTA
ELIKELAPASSLATQKLTKLITNKYNYPPIFDVLWTEKNAKLTSFTSTIFSSQFLEDVVRKSNNLKSFSGNQIKQSISDA
ELLLSSTIKCSPNLLKSQMEYYKNMLLSWLRKVIDIHVGGDCLKLTLKELCSLIEEKTASETRVTFAEYIFPALDLAESS
KSLEELGEAWITFGTGLLLLFVPDSPYDPAIHDYVLYDLFLKTKTFSQNLMKSWRNVRKVISGDEEIFTEKLINTISDDD
APQSPRVYRTGMSIDSLFDEWMAFLSSTMSSRQIKELVSSYKCNSDQSDRRLEMLQQNSAHFLNRLESGYSKFADLNDIL
AGYIYSINFGFDLLKLQKSKDRASFQISPLWSMDPINISCAENVLSAYHELSRFFKKGDMEDTSIEKVLMYFLTLFKFHK
RDTNLLEIFEAALYTLYSRWSVRRFRQEQEENEKSNMFKFNDNSDDYEADFRKLFPDYEDTALVTNEKDISSPENLDDIY
FKLADTYISVFDKDHDANFSSELKSGAIITTILSEDLKNTRIEELKSGSLSAVINTLDAETQSFKNTEVFGNIDFYHDFS
IPEFQKAGDIIETVLKSVLKLLKQWPEHATLKELYRVSQEFLNYPIKTPLARQLQKIEQIYTYLAEWEKYASSEVSLNNT
VKLITDLIVSWRKLELRTWKGLFNSEDAKTRKSIGKWWFYLYESIVISNFVSEKKETAPNATLLVSSLNLFFSKSTLGEF
NARLDLVKAFYKHIQLIGLRSSKIAGLLHNTIKFYYQFKPLIDERITNGKKSLEKEIDDIILLASWKDVNVDALKQSSRK
SHNNLYKIVRKYRDLLNGDAKTIIEAGLLY(UNK)(UNK)(UNK)(UNK)(UNK)(UNK)(UNK)(UNK)(UNK)(UNK)
(UNK)(UNK)(UNK)(UNK)(UNK)(UNK)(UNK)(UNK)(UNK)(UNK)(UNK)(UNK)(UNK)(UNK)(UNK)(UNK)
(UNK)(UNK)(UNK)(UNK)(UNK)RNIDTVASNMDSYLEKISSQEFPNFADLASDFYAEAERLRKETPNVYTKENKKRL
AYLKTQKSKLLGDALKELRRIGLKVNFREDIQKVQSSTTTILANIAPFNNEYLNSSDAFFFKILDLLPKLRSAASNPSDD
IPVAAIERGMALAQSLMFSLITVRHPLSEFTNDYCKINGMMLDLEHFTCLKGDIVHSSLKANVDNVRLFEKWLPSLLDYA
AQTLSVISKYSATSEQQKILLDAKSTLSSFFVHFNSSRIFDSSFIESYSRFELFINELLKKLENAKETGNAFVFDIIIEW
IKANKGGPIKKEQKRGPSVEDVEQAFRRTFTSIILSFQKVIGDGIESISETDDNWLSASFKKVMVNVKLLRSSVVSKNIE
TALSLLKDFDFTTTESIYVKSVISFTLPVITRYYNAMTVVLERSRIYYTNTSRGMYILSTILHSLAKNGFCSPQPPSEEV
DDKNLQEGTGLGDGEGAQNNNKDVEQDEDLTEDAQNENKEQQDKDERDDENEDDAVEMEGDMAGELEDLSNGEENDDEDT
DSEEEELDEEIDDLNEDDPNAIDDKMWDDKASDNSKEKDTDQNLDGKNQEEDVQAAENDEQQRDNKEGGDEDPNAPEDGD
EEIENDENAEEENDVGEQEDEVKDEEGEDLEANVPEIETLDLPEDMNLDSEHEESDEDVDMSDGMPDDLNKEEVGNEDEE
VKQESGIESDNENDEPGPEEDAGETETALDEEEGAEEDVDMTNDEGKEDEENGPEEQAMSDEEELKQDAAMEENKEKGGE
QNTEGLDGVEEKADTEDIDQEAAVQQDSGSKGAGADATDTQEQDDVGGSGTTQNTYEEDQEDVTKNNEESREEATAALKQ
LGDSMKEYHRRRQDIKEAQTNGEEDENLEKNNERPDEFEHVEGANTETDTQALGSATQDQLQTIDEDMAIDDDREEQEVD
QKELVEDADDEKMDIDEEEMLSDIDAHDANNDVDSKKSGFIGKRKSEEDFENELSNEHFSADQEDDSEIQSLIENIEDNP
PDASASLTPERSLEESRELWHKSEISTADLVSRLGEQLRLILEPTLATKLKGDYKTGKRLNMKRIIPYIASQFRKDKIWL
RRTKPSKRQYQIMIALDDSKSMSESKCVKLAFDSLCLVSKTLTQLEAGGLSIVKFGENIKEVHSFDQQFSNESGARAFQW
FGFQETKTDVKKLVAESTKIFERARAMVHNDQWQLEIVISDGICEDHETIQKLVRRARENKIMLVFVIIDGITSNESILD
MSQVNYIPDQYGNPQLKITKYLDTFPFEFYVVVHDISELPEMLSLILRQYFTDLASS
;
_entity_poly.pdbx_strand_id   A
#
# COMPACT_ATOMS: atom_id res chain seq x y z
N UNK A 1 -10.70 -24.95 -40.21
CA UNK A 1 -9.39 -25.19 -40.80
C UNK A 1 -8.70 -23.88 -41.16
N UNK A 2 -9.26 -22.78 -40.67
CA UNK A 2 -8.71 -21.45 -40.93
C UNK A 2 -9.02 -20.56 -39.74
N UNK A 3 -8.04 -19.80 -39.28
CA UNK A 3 -8.19 -18.92 -38.14
C UNK A 3 -7.56 -17.57 -38.43
N UNK A 4 -8.07 -16.54 -37.76
CA UNK A 4 -7.59 -15.18 -37.92
C UNK A 4 -7.19 -14.61 -36.57
N UNK A 5 -6.27 -13.66 -36.60
CA UNK A 5 -5.77 -13.01 -35.39
C UNK A 5 -6.49 -11.69 -35.19
N UNK A 6 -7.22 -11.58 -34.09
CA UNK A 6 -7.94 -10.35 -33.75
C UNK A 6 -7.05 -9.44 -32.94
N UNK A 7 -7.02 -8.16 -33.31
CA UNK A 7 -6.14 -7.20 -32.64
C UNK A 7 -6.72 -5.80 -32.81
N UNK A 8 -6.17 -4.87 -32.03
CA UNK A 8 -6.52 -3.47 -32.11
C UNK A 8 -5.28 -2.61 -32.42
N UNK A 9 -4.21 -3.25 -32.87
CA UNK A 9 -2.99 -2.53 -33.23
C UNK A 9 -3.04 -1.94 -34.62
N UNK A 10 -3.95 -2.41 -35.49
CA UNK A 10 -4.07 -1.84 -36.82
C UNK A 10 -4.67 -0.44 -36.76
N UNK A 11 -5.48 -0.15 -35.74
CA UNK A 11 -5.99 1.19 -35.53
C UNK A 11 -4.89 2.15 -35.10
N UNK A 12 -3.81 1.63 -34.51
CA UNK A 12 -2.69 2.49 -34.12
C UNK A 12 -1.84 2.92 -35.30
N UNK A 13 -1.96 2.25 -36.45
CA UNK A 13 -1.19 2.64 -37.62
C UNK A 13 -1.76 3.86 -38.31
N UNK A 14 -3.04 4.16 -38.09
CA UNK A 14 -3.68 5.34 -38.68
C UNK A 14 -3.25 6.69 -38.14
N UNK A 15 -2.96 6.89 -36.83
CA UNK A 15 -2.35 8.17 -36.43
C UNK A 15 -0.95 8.38 -36.96
N UNK A 16 -0.23 7.33 -37.33
CA UNK A 16 1.10 7.49 -37.93
C UNK A 16 1.02 8.17 -39.28
N UNK A 17 0.00 7.84 -40.06
CA UNK A 17 -0.22 8.54 -41.32
C UNK A 17 -0.69 9.96 -41.09
N UNK A 18 -1.39 10.20 -39.99
CA UNK A 18 -1.91 11.52 -39.67
C UNK A 18 -0.96 12.36 -38.84
N UNK A 19 0.24 11.87 -38.55
CA UNK A 19 1.24 12.68 -37.86
C UNK A 19 2.59 12.74 -38.58
N UNK A 20 2.90 11.81 -39.49
CA UNK A 20 4.14 11.92 -40.25
C UNK A 20 3.99 12.95 -41.37
N UNK A 21 2.85 12.96 -42.05
CA UNK A 21 2.59 13.90 -43.13
C UNK A 21 2.40 15.34 -42.64
N UNK A 22 1.76 15.59 -41.48
CA UNK A 22 1.92 16.99 -41.02
C UNK A 22 3.31 17.28 -40.44
N UNK A 23 6.23 31.13 -48.04
CA UNK A 23 5.69 29.91 -47.46
C UNK A 23 6.12 28.69 -48.27
N UNK A 24 6.53 28.91 -49.50
CA UNK A 24 7.00 27.83 -50.36
C UNK A 24 8.51 27.67 -50.34
N UNK A 25 9.25 28.77 -50.19
CA UNK A 25 10.70 28.70 -50.06
C UNK A 25 11.15 28.60 -48.62
N UNK A 26 10.35 29.12 -47.68
CA UNK A 26 10.71 29.03 -46.27
C UNK A 26 10.43 27.66 -45.69
N UNK A 27 9.51 26.90 -46.29
CA UNK A 27 9.25 25.54 -45.84
C UNK A 27 10.37 24.60 -46.24
N UNK A 28 11.16 24.94 -47.25
CA UNK A 28 12.33 24.18 -47.61
C UNK A 28 13.56 24.54 -46.78
N UNK A 29 13.44 25.51 -45.88
CA UNK A 29 14.55 25.88 -45.03
C UNK A 29 14.61 25.06 -43.75
N UNK A 30 13.45 24.84 -43.12
CA UNK A 30 13.41 24.04 -41.90
C UNK A 30 13.59 22.56 -42.21
N UNK A 31 13.21 22.13 -43.41
CA UNK A 31 13.45 20.74 -43.80
C UNK A 31 14.92 20.54 -44.16
N UNK A 32 15.62 21.59 -44.55
CA UNK A 32 17.04 21.52 -44.84
C UNK A 32 17.91 21.74 -43.62
N UNK A 33 17.31 22.06 -42.48
CA UNK A 33 18.06 22.22 -41.23
C UNK A 33 17.97 20.98 -40.34
N UNK A 34 16.91 20.18 -40.47
CA UNK A 34 16.78 18.99 -39.64
C UNK A 34 17.55 17.81 -40.22
N UNK A 35 17.18 17.37 -41.42
CA UNK A 35 17.77 16.18 -42.03
C UNK A 35 18.55 16.51 -43.29
N UNK A 36 17.90 17.14 -44.28
CA UNK A 36 18.50 17.58 -45.55
C UNK A 36 19.14 16.41 -46.33
N UNK A 37 18.28 15.47 -46.73
CA UNK A 37 18.70 14.37 -47.59
C UNK A 37 18.07 14.55 -48.97
N UNK A 38 18.82 14.19 -50.02
CA UNK A 38 18.34 14.39 -51.39
C UNK A 38 17.50 13.23 -51.89
N UNK A 39 17.20 12.24 -51.05
CA UNK A 39 16.39 11.10 -51.45
C UNK A 39 14.95 11.22 -50.95
N UNK A 40 14.77 11.36 -49.64
CA UNK A 40 13.42 11.38 -49.07
C UNK A 40 12.82 12.78 -49.11
N UNK A 41 13.61 13.80 -48.79
CA UNK A 41 13.09 15.16 -48.76
C UNK A 41 12.87 15.74 -50.16
N UNK A 42 13.51 15.19 -51.18
CA UNK A 42 13.25 15.62 -52.54
C UNK A 42 11.89 15.13 -53.01
N UNK A 43 11.50 13.93 -52.58
CA UNK A 43 10.16 13.44 -52.87
C UNK A 43 9.13 13.97 -51.89
N UNK A 44 9.56 14.43 -50.72
CA UNK A 44 8.65 15.05 -49.77
C UNK A 44 8.28 16.47 -50.15
N UNK A 45 9.10 17.13 -50.97
CA UNK A 45 8.77 18.47 -51.41
C UNK A 45 7.63 18.47 -52.42
N UNK A 46 7.46 17.36 -53.16
CA UNK A 46 6.35 17.26 -54.09
C UNK A 46 5.03 17.01 -53.38
N UNK A 47 5.06 16.41 -52.19
CA UNK A 47 3.83 16.22 -51.43
C UNK A 47 3.35 17.51 -50.81
N UNK A 48 4.24 18.48 -50.60
CA UNK A 48 3.84 19.79 -50.13
C UNK A 48 3.57 20.76 -51.28
N UNK A 49 4.19 20.55 -52.44
CA UNK A 49 3.93 21.41 -53.58
C UNK A 49 2.61 21.05 -54.27
N UNK A 50 2.18 19.79 -54.17
CA UNK A 50 0.89 19.39 -54.71
C UNK A 50 -0.26 19.64 -53.75
N UNK A 51 0.03 20.01 -52.50
CA UNK A 51 -1.03 20.38 -51.57
C UNK A 51 -1.43 21.84 -51.73
N UNK A 52 -0.47 22.70 -52.05
CA UNK A 52 -0.74 24.09 -52.37
C UNK A 52 -0.76 24.22 -53.89
N UNK A 53 -1.96 24.32 -54.46
CA UNK A 53 -2.17 24.22 -55.89
C UNK A 53 -2.09 25.57 -56.60
N UNK A 54 -1.34 26.53 -56.06
CA UNK A 54 -1.20 27.84 -56.69
C UNK A 54 -0.09 27.90 -57.72
N UNK A 55 0.97 27.10 -57.54
CA UNK A 55 2.12 27.12 -58.44
C UNK A 55 2.19 25.82 -59.23
N UNK A 56 2.83 25.91 -60.40
CA UNK A 56 3.00 24.75 -61.28
C UNK A 56 4.45 24.66 -61.72
N UNK A 57 5.24 25.68 -61.41
CA UNK A 57 6.65 25.68 -61.77
C UNK A 57 7.50 24.80 -60.87
N UNK A 58 7.08 24.60 -59.61
CA UNK A 58 7.85 23.76 -58.70
C UNK A 58 7.60 22.28 -58.95
N UNK A 59 6.50 21.92 -59.61
CA UNK A 59 6.23 20.52 -59.91
C UNK A 59 7.10 20.02 -61.04
N UNK A 60 7.64 20.92 -61.87
CA UNK A 60 8.55 20.50 -62.93
C UNK A 60 9.94 20.14 -62.39
N UNK A 61 10.30 20.66 -61.21
CA UNK A 61 11.59 20.35 -60.63
C UNK A 61 11.67 18.92 -60.12
N UNK A 62 10.54 18.30 -59.81
CA UNK A 62 10.49 16.92 -59.34
C UNK A 62 10.38 15.91 -60.47
N UNK A 63 10.55 16.35 -61.73
CA UNK A 63 10.45 15.43 -62.85
C UNK A 63 11.68 14.54 -62.97
N UNK A 64 12.86 15.09 -62.70
CA UNK A 64 14.11 14.34 -62.76
C UNK A 64 14.43 13.63 -61.46
N UNK A 65 13.62 13.81 -60.42
CA UNK A 65 13.86 13.18 -59.12
C UNK A 65 12.72 12.22 -58.82
N UNK A 66 12.22 11.54 -59.85
CA UNK A 66 11.11 10.60 -59.66
C UNK A 66 11.57 9.38 -58.88
N UNK A 67 12.63 8.72 -59.36
CA UNK A 67 13.33 7.61 -58.70
C UNK A 67 12.39 6.43 -58.41
N UNK A 68 11.87 5.87 -59.51
CA UNK A 68 11.08 4.65 -59.40
C UNK A 68 11.98 3.44 -59.13
N UNK A 69 13.25 3.53 -59.49
CA UNK A 69 14.23 2.49 -59.20
C UNK A 69 14.58 2.50 -57.71
N UNK A 70 14.51 3.66 -57.05
CA UNK A 70 14.88 3.73 -55.63
C UNK A 70 13.72 3.44 -54.68
N UNK A 71 12.65 2.84 -55.19
CA UNK A 71 11.49 2.49 -54.38
C UNK A 71 11.86 1.35 -53.43
N UNK A 72 12.81 0.49 -53.78
CA UNK A 72 13.27 -0.55 -52.86
C UNK A 72 14.39 -0.12 -51.92
N UNK A 73 14.67 1.18 -51.82
CA UNK A 73 15.72 1.64 -50.92
C UNK A 73 15.26 1.68 -49.46
N UNK A 74 13.98 1.98 -49.24
CA UNK A 74 13.43 2.07 -47.90
C UNK A 74 11.94 1.79 -47.97
N UNK A 75 11.35 1.23 -46.90
CA UNK A 75 9.90 0.99 -46.91
C UNK A 75 9.08 2.23 -46.58
N UNK A 76 9.71 3.32 -46.15
CA UNK A 76 9.01 4.57 -45.88
C UNK A 76 9.08 5.56 -47.04
N UNK A 77 9.99 5.33 -48.00
CA UNK A 77 10.08 6.24 -49.14
C UNK A 77 8.97 5.97 -50.14
N UNK A 78 8.62 4.69 -50.32
CA UNK A 78 7.53 4.35 -51.24
C UNK A 78 6.17 4.69 -50.66
N UNK A 79 6.06 4.85 -49.33
CA UNK A 79 4.80 5.25 -48.73
C UNK A 79 4.47 6.71 -49.06
N UNK A 80 5.48 7.58 -49.00
CA UNK A 80 5.29 8.96 -49.43
C UNK A 80 5.30 9.10 -50.94
N UNK A 81 5.92 8.17 -51.66
CA UNK A 81 5.89 8.22 -53.12
C UNK A 81 4.54 7.77 -53.66
N UNK A 82 3.83 6.92 -52.92
CA UNK A 82 2.50 6.50 -53.34
C UNK A 82 1.49 7.63 -53.18
N UNK A 83 1.64 8.43 -52.12
CA UNK A 83 0.75 9.57 -51.91
C UNK A 83 1.07 10.73 -52.84
N UNK A 84 2.24 10.72 -53.48
CA UNK A 84 2.57 11.77 -54.43
C UNK A 84 1.80 11.61 -55.74
N UNK A 85 1.76 10.38 -56.26
CA UNK A 85 1.03 10.12 -57.49
C UNK A 85 -0.47 10.02 -57.27
N UNK A 86 -0.91 9.69 -56.05
CA UNK A 86 -2.34 9.58 -55.78
C UNK A 86 -2.98 10.96 -55.66
N UNK A 87 -2.30 11.90 -55.00
CA UNK A 87 -2.84 13.24 -54.89
C UNK A 87 -2.70 14.00 -56.22
N UNK A 88 -1.71 13.65 -57.03
CA UNK A 88 -1.58 14.27 -58.34
C UNK A 88 -2.62 13.75 -59.33
N UNK A 89 -3.05 12.49 -59.16
CA UNK A 89 -4.11 11.95 -60.01
C UNK A 89 -5.49 12.41 -59.56
N UNK A 90 -5.62 12.95 -58.35
CA UNK A 90 -6.91 13.45 -57.90
C UNK A 90 -7.26 14.77 -58.57
N UNK A 91 -6.26 15.52 -59.03
CA UNK A 91 -6.53 16.77 -59.75
C UNK A 91 -7.03 16.46 -61.16
N UNK A 92 -6.57 15.35 -61.75
CA UNK A 92 -7.00 14.83 -63.05
C UNK A 92 -6.76 15.84 -64.17
N UNK A 93 -5.64 16.54 -64.11
CA UNK A 93 -5.28 17.56 -65.08
C UNK A 93 -4.18 17.06 -66.00
N UNK A 94 -3.88 17.86 -67.03
CA UNK A 94 -2.81 17.53 -67.96
C UNK A 94 -1.82 18.69 -68.01
N UNK A 95 -1.40 19.21 -66.86
CA UNK A 95 -0.47 20.34 -66.86
C UNK A 95 0.99 19.94 -66.72
N UNK A 96 1.23 18.65 -66.46
CA UNK A 96 2.59 18.17 -66.26
C UNK A 96 2.72 16.76 -66.83
N UNK A 97 3.97 16.34 -67.02
CA UNK A 97 4.29 15.01 -67.50
C UNK A 97 4.40 14.00 -66.36
N UNK A 98 4.10 14.39 -65.13
CA UNK A 98 4.17 13.45 -64.01
C UNK A 98 3.06 12.42 -64.06
N UNK A 99 1.89 12.80 -64.59
CA UNK A 99 0.82 11.83 -64.79
C UNK A 99 1.15 10.85 -65.91
N UNK A 100 1.90 11.31 -66.91
CA UNK A 100 2.36 10.41 -67.96
C UNK A 100 3.48 9.51 -67.48
N UNK A 101 4.31 10.01 -66.55
CA UNK A 101 5.35 9.18 -65.97
C UNK A 101 4.80 8.14 -65.00
N UNK A 102 3.62 8.38 -64.44
CA UNK A 102 2.99 7.39 -63.57
C UNK A 102 2.46 6.21 -64.39
N UNK A 103 1.85 6.50 -65.54
CA UNK A 103 1.38 5.44 -66.42
C UNK A 103 2.50 4.80 -67.22
N UNK A 104 3.68 5.42 -67.27
CA UNK A 104 4.82 4.83 -67.94
C UNK A 104 5.54 3.79 -67.08
N UNK A 105 5.43 3.90 -65.76
CA UNK A 105 6.09 2.97 -64.85
C UNK A 105 5.18 1.75 -64.66
N UNK A 106 5.18 0.88 -65.68
CA UNK A 106 4.40 -0.35 -65.61
C UNK A 106 5.12 -1.46 -64.84
N UNK A 107 6.42 -1.31 -64.59
CA UNK A 107 7.14 -2.27 -63.77
C UNK A 107 6.99 -1.99 -62.28
N UNK A 108 6.49 -0.81 -61.91
CA UNK A 108 6.29 -0.50 -60.51
C UNK A 108 5.13 -1.27 -59.91
N UNK A 109 4.15 -1.65 -60.72
CA UNK A 109 3.03 -2.44 -60.24
C UNK A 109 3.44 -3.89 -59.96
N UNK A 110 4.54 -4.35 -60.54
CA UNK A 110 5.07 -5.68 -60.26
C UNK A 110 6.09 -5.67 -59.14
N UNK A 111 6.77 -4.55 -58.90
CA UNK A 111 7.76 -4.47 -57.85
C UNK A 111 7.15 -4.10 -56.50
N UNK A 112 6.11 -3.29 -56.48
CA UNK A 112 5.44 -2.92 -55.24
C UNK A 112 4.42 -3.95 -54.80
N UNK A 113 4.26 -5.04 -55.52
CA UNK A 113 3.34 -6.11 -55.15
C UNK A 113 4.05 -7.29 -54.49
N UNK A 114 5.19 -7.73 -55.05
CA UNK A 114 5.91 -8.85 -54.46
C UNK A 114 6.71 -8.43 -53.23
N UNK A 115 7.21 -7.19 -53.22
CA UNK A 115 7.98 -6.69 -52.09
C UNK A 115 7.10 -6.15 -50.96
N UNK A 116 5.79 -6.27 -51.07
CA UNK A 116 4.86 -5.80 -50.04
C UNK A 116 4.09 -7.01 -49.49
N UNK A 117 4.64 -7.61 -48.44
CA UNK A 117 3.98 -8.70 -47.75
C UNK A 117 3.59 -8.34 -46.33
N UNK A 118 3.87 -7.12 -45.89
CA UNK A 118 3.49 -6.66 -44.56
C UNK A 118 2.23 -5.80 -44.64
N UNK A 119 1.56 -5.67 -43.49
CA UNK A 119 0.35 -4.87 -43.42
C UNK A 119 0.63 -3.38 -43.29
N UNK A 120 1.88 -2.98 -43.07
CA UNK A 120 2.20 -1.57 -42.97
C UNK A 120 2.24 -0.92 -44.35
N UNK A 121 2.73 -1.65 -45.35
CA UNK A 121 2.77 -1.16 -46.72
C UNK A 121 1.49 -1.45 -47.49
N UNK A 122 0.52 -2.14 -46.87
CA UNK A 122 -0.73 -2.47 -47.53
C UNK A 122 -1.72 -1.31 -47.55
N UNK A 123 -1.42 -0.22 -46.85
CA UNK A 123 -2.29 0.95 -46.84
C UNK A 123 -2.03 1.91 -47.99
N UNK A 124 -1.11 1.57 -48.89
CA UNK A 124 -0.82 2.39 -50.05
C UNK A 124 -1.07 1.67 -51.37
N UNK A 125 -1.23 0.34 -51.35
CA UNK A 125 -1.52 -0.40 -52.58
C UNK A 125 -2.94 -0.17 -53.06
N UNK A 126 -3.85 0.19 -52.16
CA UNK A 126 -5.22 0.54 -52.55
C UNK A 126 -5.21 1.90 -53.23
N UNK A 127 -4.35 2.82 -52.81
CA UNK A 127 -4.25 4.12 -53.48
C UNK A 127 -3.32 4.12 -54.69
N UNK A 128 -2.58 3.04 -54.91
CA UNK A 128 -1.71 2.92 -56.08
C UNK A 128 -2.36 2.18 -57.24
N UNK A 129 -3.18 1.17 -56.94
CA UNK A 129 -3.88 0.46 -58.00
C UNK A 129 -5.08 1.23 -58.51
N UNK A 130 -5.61 2.17 -57.72
CA UNK A 130 -6.77 2.95 -58.14
C UNK A 130 -6.39 4.04 -59.15
N UNK A 131 -5.16 4.57 -59.05
CA UNK A 131 -4.72 5.59 -59.99
C UNK A 131 -4.34 5.01 -61.35
N UNK A 132 -4.16 3.69 -61.45
CA UNK A 132 -3.86 3.01 -62.70
C UNK A 132 -5.04 2.09 -63.01
N UNK A 133 -6.03 2.60 -63.73
CA UNK A 133 -7.25 1.88 -64.05
C UNK A 133 -7.19 1.25 -65.45
N UNK A 134 -6.02 0.84 -65.90
CA UNK A 134 -5.84 0.23 -67.22
C UNK A 134 -5.46 -1.25 -67.10
N UNK A 135 -4.65 -1.59 -66.12
CA UNK A 135 -4.17 -2.96 -65.95
C UNK A 135 -5.10 -3.74 -65.04
N UNK A 136 -5.46 -4.96 -65.46
CA UNK A 136 -6.33 -5.82 -64.68
C UNK A 136 -5.65 -7.09 -64.17
N UNK A 137 -4.44 -7.39 -64.64
CA UNK A 137 -3.75 -8.59 -64.18
C UNK A 137 -3.14 -8.41 -62.80
N UNK A 138 -2.57 -7.24 -62.53
CA UNK A 138 -1.99 -6.99 -61.22
C UNK A 138 -3.03 -6.64 -60.17
N UNK A 139 -4.15 -6.03 -60.58
CA UNK A 139 -5.19 -5.68 -59.63
C UNK A 139 -5.96 -6.91 -59.17
N UNK A 140 -6.15 -7.89 -60.06
CA UNK A 140 -6.80 -9.13 -59.67
C UNK A 140 -5.89 -10.04 -58.88
N UNK A 141 -4.57 -9.84 -58.99
CA UNK A 141 -3.62 -10.63 -58.21
C UNK A 141 -3.42 -10.09 -56.81
N UNK A 142 -3.82 -8.84 -56.56
CA UNK A 142 -3.65 -8.25 -55.23
C UNK A 142 -4.64 -8.84 -54.24
N UNK A 143 -5.82 -9.27 -54.71
CA UNK A 143 -6.82 -9.86 -53.83
C UNK A 143 -6.52 -11.31 -53.47
N UNK A 144 -5.59 -11.96 -54.20
CA UNK A 144 -5.26 -13.34 -53.90
C UNK A 144 -4.41 -13.45 -52.65
N UNK A 145 -3.60 -12.44 -52.34
CA UNK A 145 -2.75 -12.49 -51.16
C UNK A 145 -3.48 -12.07 -49.90
N UNK A 146 -4.67 -11.48 -50.02
CA UNK A 146 -5.45 -11.05 -48.87
C UNK A 146 -6.50 -12.10 -48.54
N UNK A 147 -6.43 -13.26 -49.21
CA UNK A 147 -7.40 -14.31 -48.96
C UNK A 147 -7.10 -15.10 -47.70
N UNK A 148 -5.89 -15.00 -47.16
CA UNK A 148 -5.59 -15.68 -45.90
C UNK A 148 -6.21 -14.95 -44.73
N UNK A 149 -6.33 -13.63 -44.80
CA UNK A 149 -6.99 -12.81 -43.78
C UNK A 149 -7.83 -11.78 -44.53
N UNK A 150 -9.11 -12.09 -44.72
CA UNK A 150 -10.02 -11.21 -45.44
C UNK A 150 -11.06 -10.54 -44.54
N UNK A 151 -11.09 -10.88 -43.25
CA UNK A 151 -12.07 -10.28 -42.35
C UNK A 151 -11.62 -8.91 -41.86
N UNK A 152 -10.51 -8.87 -41.13
CA UNK A 152 -10.06 -7.62 -40.52
C UNK A 152 -9.22 -6.77 -41.49
N UNK A 153 -8.53 -7.41 -42.44
CA UNK A 153 -7.71 -6.65 -43.38
C UNK A 153 -8.57 -5.92 -44.40
N UNK A 154 -9.80 -6.38 -44.64
CA UNK A 154 -10.70 -5.63 -45.50
C UNK A 154 -11.26 -4.39 -44.81
N UNK A 155 -11.28 -4.38 -43.48
CA UNK A 155 -11.73 -3.23 -42.73
C UNK A 155 -10.67 -2.14 -42.61
N UNK A 156 -9.43 -2.43 -42.99
CA UNK A 156 -8.39 -1.39 -42.95
C UNK A 156 -8.59 -0.39 -44.07
N UNK A 157 -9.01 -0.86 -45.24
CA UNK A 157 -9.31 0.01 -46.38
C UNK A 157 -10.81 0.23 -46.43
N UNK A 158 -11.24 1.45 -46.20
CA UNK A 158 -12.66 1.79 -46.14
C UNK A 158 -13.08 2.89 -47.10
N UNK A 159 -12.18 3.82 -47.40
CA UNK A 159 -12.52 4.96 -48.25
C UNK A 159 -12.61 4.52 -49.70
N UNK A 160 -13.85 4.33 -50.17
CA UNK A 160 -14.19 3.95 -51.56
C UNK A 160 -13.52 2.64 -51.98
N UNK A 161 -13.37 1.70 -51.03
CA UNK A 161 -12.75 0.42 -51.33
C UNK A 161 -13.71 -0.56 -52.00
N UNK A 162 -15.00 -0.22 -52.09
CA UNK A 162 -15.98 -1.12 -52.67
C UNK A 162 -15.84 -1.32 -54.16
N UNK A 163 -15.16 -0.39 -54.85
CA UNK A 163 -14.88 -0.59 -56.27
C UNK A 163 -13.85 -1.68 -56.48
N UNK A 164 -12.79 -1.69 -55.68
CA UNK A 164 -11.79 -2.76 -55.77
C UNK A 164 -12.30 -4.04 -55.15
N UNK A 165 -13.03 -3.95 -54.02
CA UNK A 165 -13.57 -5.13 -53.38
C UNK A 165 -14.72 -5.73 -54.19
N UNK A 166 -15.44 -4.91 -54.94
CA UNK A 166 -16.45 -5.44 -55.84
C UNK A 166 -15.86 -6.18 -57.01
N UNK A 167 -14.65 -5.80 -57.43
CA UNK A 167 -13.94 -6.53 -58.46
C UNK A 167 -13.32 -7.83 -57.95
N UNK A 168 -13.15 -7.96 -56.64
CA UNK A 168 -12.58 -9.17 -56.08
C UNK A 168 -13.58 -10.32 -56.09
N UNK A 169 -14.80 -10.07 -55.58
CA UNK A 169 -15.81 -11.11 -55.53
C UNK A 169 -16.39 -11.47 -56.88
N UNK A 170 -16.36 -10.54 -57.84
CA UNK A 170 -16.85 -10.84 -59.18
C UNK A 170 -15.89 -11.76 -59.91
N UNK A 171 -14.58 -11.53 -59.75
CA UNK A 171 -13.59 -12.38 -60.39
C UNK A 171 -13.44 -13.72 -59.69
N UNK A 172 -13.63 -13.75 -58.37
CA UNK A 172 -13.51 -15.00 -57.62
C UNK A 172 -14.79 -15.83 -57.65
N UNK A 173 -15.85 -15.34 -58.30
CA UNK A 173 -17.10 -16.09 -58.43
C UNK A 173 -16.90 -17.19 -59.46
N UNK A 174 -16.37 -18.32 -59.00
CA UNK A 174 -16.11 -19.44 -59.89
C UNK A 174 -17.35 -20.28 -60.18
N UNK A 175 -18.40 -20.14 -59.38
CA UNK A 175 -19.63 -20.90 -59.56
C UNK A 175 -20.81 -19.93 -59.70
N UNK A 176 -22.02 -20.49 -59.76
CA UNK A 176 -23.21 -19.67 -59.89
C UNK A 176 -23.69 -19.15 -58.53
N UNK A 177 -23.43 -19.88 -57.46
CA UNK A 177 -23.84 -19.46 -56.12
C UNK A 177 -22.93 -18.34 -55.65
N UNK A 178 -23.49 -17.15 -55.48
CA UNK A 178 -22.73 -15.97 -55.06
C UNK A 178 -23.03 -15.64 -53.61
N UNK A 179 -22.12 -14.88 -53.00
CA UNK A 179 -22.25 -14.47 -51.61
C UNK A 179 -22.02 -12.97 -51.54
N UNK A 180 -23.06 -12.23 -51.14
CA UNK A 180 -22.96 -10.78 -51.00
C UNK A 180 -22.17 -10.46 -49.74
N UNK A 181 -20.91 -10.04 -49.92
CA UNK A 181 -20.02 -9.76 -48.81
C UNK A 181 -19.77 -8.26 -48.70
N UNK A 182 -19.19 -7.87 -47.56
CA UNK A 182 -18.82 -6.49 -47.22
C UNK A 182 -20.02 -5.55 -47.28
N UNK A 183 -21.15 -5.99 -46.74
CA UNK A 183 -22.35 -5.17 -46.71
C UNK A 183 -22.27 -4.05 -45.69
N UNK A 184 -21.40 -4.18 -44.68
CA UNK A 184 -21.26 -3.18 -43.63
C UNK A 184 -19.86 -2.59 -43.66
N UNK A 185 -19.78 -1.27 -43.50
CA UNK A 185 -18.50 -0.58 -43.44
C UNK A 185 -18.70 0.71 -42.66
N UNK A 186 -17.77 1.01 -41.77
CA UNK A 186 -17.87 2.18 -40.90
C UNK A 186 -16.58 2.98 -40.94
N UNK A 187 -16.70 4.30 -40.76
CA UNK A 187 -15.56 5.19 -40.71
C UNK A 187 -15.48 6.00 -39.42
N UNK A 188 -16.57 6.06 -38.65
CA UNK A 188 -16.59 6.82 -37.40
C UNK A 188 -16.26 5.92 -36.20
N UNK A 189 -17.05 4.88 -35.99
CA UNK A 189 -16.89 3.96 -34.87
C UNK A 189 -16.32 2.65 -35.42
N UNK A 190 -15.00 2.59 -35.54
CA UNK A 190 -14.34 1.39 -36.03
C UNK A 190 -14.17 0.31 -34.97
N PRO A 191 -14.39 0.64 -33.70
CA PRO A 191 -14.21 -0.32 -32.63
C PRO A 191 -15.38 -1.30 -32.58
N SER A 192 -16.62 -0.80 -32.46
CA SER A 192 -17.76 -1.71 -32.29
C SER A 192 -18.23 -2.35 -33.59
N VAL A 193 -18.10 -1.62 -34.70
CA VAL A 193 -18.67 -2.09 -35.96
C VAL A 193 -17.82 -3.19 -36.59
N PRO A 194 -16.50 -3.02 -36.61
CA PRO A 194 -15.60 -3.99 -37.21
C PRO A 194 -15.54 -5.25 -36.37
N GLU A 195 -15.68 -5.14 -35.04
CA GLU A 195 -15.67 -6.36 -34.22
C GLU A 195 -16.95 -7.17 -34.36
N CYS A 196 -18.10 -6.51 -34.53
CA CYS A 196 -19.34 -7.24 -34.77
C CYS A 196 -19.38 -7.81 -36.19
N PHE A 197 -18.80 -7.10 -37.16
CA PHE A 197 -18.74 -7.60 -38.52
C PHE A 197 -17.72 -8.71 -38.70
N THR A 198 -16.72 -8.79 -37.82
CA THR A 198 -15.75 -9.88 -37.92
C THR A 198 -16.36 -11.22 -37.52
N ILE A 199 -17.33 -11.21 -36.62
CA ILE A 199 -18.02 -12.45 -36.28
C ILE A 199 -18.98 -12.87 -37.38
N GLU A 200 -19.58 -11.90 -38.08
CA GLU A 200 -20.47 -12.23 -39.19
C GLU A 200 -19.65 -12.67 -40.40
N LYS A 201 -18.45 -12.13 -40.58
CA LYS A 201 -17.59 -12.56 -41.68
C LYS A 201 -16.97 -13.92 -41.42
N LYS A 202 -16.85 -14.31 -40.15
CA LYS A 202 -16.32 -15.63 -39.83
C LYS A 202 -17.33 -16.74 -40.13
N SER A 203 -18.61 -16.41 -40.22
CA SER A 203 -19.64 -17.41 -40.50
C SER A 203 -19.65 -17.85 -41.96
N SER A 204 -19.04 -17.09 -42.86
CA SER A 204 -19.00 -17.45 -44.26
C SER A 204 -17.97 -18.55 -44.50
N TYR A 205 -18.06 -19.16 -45.68
CA TYR A 205 -17.14 -20.23 -46.06
C TYR A 205 -17.03 -20.26 -47.58
N PHE A 206 -15.86 -19.90 -48.10
CA PHE A 206 -15.58 -19.91 -49.53
C PHE A 206 -14.41 -20.83 -49.80
N ILE A 207 -14.57 -21.76 -50.73
CA ILE A 207 -13.55 -22.74 -51.06
C ILE A 207 -12.84 -22.30 -52.34
N ILE A 208 -11.56 -21.98 -52.22
CA ILE A 208 -10.72 -21.60 -53.36
C ILE A 208 -9.49 -22.49 -53.31
N GLU A 209 -9.38 -23.43 -54.26
CA GLU A 209 -8.30 -24.40 -54.23
C GLU A 209 -7.10 -23.97 -55.07
N PRO A 210 -7.29 -23.80 -56.38
CA PRO A 210 -6.17 -23.48 -57.26
C PRO A 210 -6.55 -22.45 -58.32
N GLN A 211 -7.53 -21.60 -58.03
CA GLN A 211 -7.96 -20.58 -58.97
C GLN A 211 -7.14 -19.31 -58.90
N ASP A 212 -6.32 -19.14 -57.85
CA ASP A 212 -5.53 -17.94 -57.66
C ASP A 212 -4.04 -18.16 -57.81
N LEU A 213 -3.60 -19.41 -58.06
CA LEU A 213 -2.19 -19.71 -58.18
C LEU A 213 -1.62 -19.41 -59.57
N SER A 214 -2.47 -18.99 -60.53
CA SER A 214 -1.99 -18.70 -61.87
C SER A 214 -1.21 -17.40 -61.95
N THR A 215 -1.40 -16.51 -60.98
CA THR A 215 -0.68 -15.25 -60.95
C THR A 215 0.69 -15.45 -60.30
N LYS A 216 1.37 -14.35 -59.97
CA LYS A 216 2.69 -14.45 -59.36
C LYS A 216 2.62 -14.90 -57.91
N VAL A 217 1.49 -14.67 -57.24
CA VAL A 217 1.34 -15.07 -55.84
C VAL A 217 1.13 -16.57 -55.76
N ALA A 218 2.15 -17.29 -55.32
CA ALA A 218 2.09 -18.74 -55.25
C ALA A 218 1.26 -19.18 -54.04
N SER A 219 0.83 -20.43 -54.07
CA SER A 219 -0.02 -21.01 -53.04
C SER A 219 0.72 -22.14 -52.33
N ILE A 220 0.51 -22.24 -51.02
CA ILE A 220 1.09 -23.30 -50.21
C ILE A 220 -0.04 -24.04 -49.51
N CYS A 221 0.31 -25.00 -48.65
CA CYS A 221 -0.71 -25.75 -47.91
C CYS A 221 -1.41 -24.86 -46.90
N GLY A 222 -0.66 -24.07 -46.14
CA GLY A 222 -1.26 -23.21 -45.14
C GLY A 222 -1.86 -21.94 -45.68
N VAL A 223 -1.02 -21.07 -46.26
CA VAL A 223 -1.47 -19.78 -46.78
C VAL A 223 -0.59 -19.41 -47.97
N ILE A 224 -1.08 -18.46 -48.76
CA ILE A 224 -0.37 -18.05 -49.97
C ILE A 224 0.78 -17.13 -49.60
N VAL A 225 1.97 -17.46 -50.10
CA VAL A 225 3.17 -16.66 -49.87
C VAL A 225 3.64 -16.14 -51.22
N PRO A 226 4.43 -15.07 -51.22
CA PRO A 226 4.92 -14.53 -52.50
C PRO A 226 6.05 -15.38 -53.08
N LYS A 227 6.20 -15.26 -54.40
CA LYS A 227 7.18 -16.05 -55.14
C LYS A 227 8.15 -15.11 -55.86
N VAL A 228 9.33 -15.64 -56.18
CA VAL A 228 10.36 -14.88 -56.86
C VAL A 228 10.08 -14.81 -58.35
N HIS A 229 10.96 -14.11 -59.07
CA HIS A 229 10.82 -13.94 -60.52
C HIS A 229 11.77 -14.82 -61.32
N THR A 230 12.70 -15.52 -60.67
CA THR A 230 13.64 -16.40 -61.35
C THR A 230 13.14 -17.83 -61.46
N ILE A 231 11.97 -18.14 -60.89
CA ILE A 231 11.44 -19.50 -60.93
C ILE A 231 10.74 -19.82 -62.24
N HIS A 232 10.51 -18.84 -63.10
CA HIS A 232 9.84 -19.09 -64.37
C HIS A 232 10.71 -19.84 -65.36
N ASP A 233 12.03 -19.78 -65.21
CA ASP A 233 12.94 -20.47 -66.11
C ASP A 233 13.16 -21.94 -65.74
N LYS A 234 12.53 -22.42 -64.67
CA LYS A 234 12.70 -23.79 -64.24
C LYS A 234 11.94 -24.74 -65.15
N VAL A 235 12.45 -25.97 -65.24
CA VAL A 235 11.79 -27.00 -66.03
C VAL A 235 10.59 -27.56 -65.27
N PHE A 236 9.75 -28.43 -65.83
CA PHE A 236 8.62 -29.01 -65.03
C PHE A 236 8.75 -29.10 -63.46
N TYR A 237 7.82 -29.81 -62.77
CA TYR A 237 7.82 -29.96 -61.27
C TYR A 237 7.01 -31.14 -60.59
N PRO A 238 6.87 -31.13 -59.24
CA PRO A 238 6.14 -32.20 -58.47
C PRO A 238 5.62 -31.89 -57.00
N LEU A 239 5.17 -32.90 -56.23
CA LEU A 239 4.63 -32.72 -54.83
C LEU A 239 4.53 -33.96 -53.85
N THR A 240 3.79 -33.82 -52.71
CA THR A 240 3.62 -34.90 -51.68
C THR A 240 2.36 -34.83 -50.72
N PHE A 241 2.30 -35.63 -49.63
CA PHE A 241 1.02 -36.06 -49.08
C PHE A 241 0.71 -35.26 -47.82
N VAL A 242 1.46 -35.56 -46.76
CA VAL A 242 1.29 -34.89 -45.46
C VAL A 242 0.02 -35.36 -44.76
N PRO A 243 0.04 -36.53 -44.12
CA PRO A 243 -1.20 -37.15 -43.65
C PRO A 243 -1.78 -36.44 -42.44
N THR A 244 -2.91 -36.97 -41.98
CA THR A 244 -3.60 -36.47 -40.78
C THR A 244 -2.74 -36.82 -39.57
N HIS A 245 -2.05 -35.83 -39.03
CA HIS A 245 -1.07 -36.05 -37.98
C HIS A 245 -0.89 -34.73 -37.24
N LYS A 246 -0.27 -34.81 -36.06
CA LYS A 246 0.02 -33.62 -35.26
C LYS A 246 1.13 -32.76 -35.84
N THR A 247 1.87 -33.26 -36.84
CA THR A 247 2.88 -32.45 -37.49
C THR A 247 2.28 -31.40 -38.41
N VAL A 248 1.00 -31.56 -38.76
CA VAL A 248 0.31 -30.55 -39.56
C VAL A 248 0.10 -29.27 -38.74
N SER A 249 -0.11 -29.43 -37.43
CA SER A 249 -0.10 -28.26 -36.55
C SER A 249 1.31 -27.71 -36.39
N SER A 250 2.31 -28.58 -36.46
CA SER A 250 3.70 -28.12 -36.41
C SER A 250 4.11 -27.45 -37.71
N LEU A 251 3.58 -27.92 -38.84
CA LEU A 251 3.88 -27.30 -40.12
C LEU A 251 3.14 -25.97 -40.26
N ARG A 252 2.03 -25.81 -39.54
CA ARG A 252 1.31 -24.53 -39.57
C ARG A 252 2.07 -23.45 -38.81
N GLN A 253 2.76 -23.83 -37.74
CA GLN A 253 3.57 -22.86 -37.00
C GLN A 253 4.82 -22.49 -37.78
N LEU A 254 5.39 -23.45 -38.52
CA LEU A 254 6.53 -23.15 -39.37
C LEU A 254 6.11 -22.33 -40.59
N GLY A 255 4.85 -22.48 -41.02
CA GLY A 255 4.37 -21.73 -42.17
C GLY A 255 4.16 -20.26 -41.86
N ARG A 256 3.90 -19.95 -40.58
CA ARG A 256 3.69 -18.55 -40.20
C ARG A 256 5.01 -17.79 -40.14
N LYS A 257 6.08 -18.47 -39.73
CA LYS A 257 7.37 -17.80 -39.62
C LYS A 257 8.04 -17.65 -40.99
N ILE A 258 7.70 -18.53 -41.93
CA ILE A 258 8.32 -18.49 -43.25
C ILE A 258 7.58 -17.50 -44.16
N GLN A 259 6.45 -16.96 -43.70
CA GLN A 259 5.64 -16.00 -44.45
C GLN A 259 6.42 -14.71 -44.70
N ASN A 260 7.17 -14.27 -43.69
CA ASN A 260 8.12 -13.17 -43.84
C ASN A 260 9.51 -13.78 -43.98
N SER A 261 10.36 -13.11 -44.76
CA SER A 261 11.73 -13.60 -44.94
C SER A 261 12.52 -13.37 -43.66
N THR A 262 12.78 -14.45 -42.93
CA THR A 262 13.47 -14.39 -41.65
C THR A 262 14.18 -15.71 -41.43
N PRO A 263 15.15 -15.76 -40.51
CA PRO A 263 15.84 -17.02 -40.23
C PRO A 263 15.08 -17.90 -39.26
N ILE A 264 15.00 -19.19 -39.56
CA ILE A 264 14.26 -20.14 -38.73
C ILE A 264 15.13 -21.36 -38.48
N MET A 265 14.84 -22.07 -37.40
CA MET A 265 15.56 -23.27 -37.02
C MET A 265 14.60 -24.26 -36.38
N LEU A 266 14.53 -25.47 -36.96
CA LEU A 266 13.69 -26.53 -36.43
C LEU A 266 14.57 -27.57 -35.73
N ILE A 267 14.52 -27.59 -34.40
CA ILE A 267 15.35 -28.47 -33.59
C ILE A 267 14.46 -29.55 -32.97
N GLY A 268 15.05 -30.70 -32.70
CA GLY A 268 14.30 -31.82 -32.13
C GLY A 268 15.20 -33.01 -31.93
N LYS A 269 14.57 -34.10 -31.51
CA LYS A 269 15.31 -35.33 -31.24
C LYS A 269 15.68 -36.02 -32.56
N ALA A 270 16.61 -36.97 -32.46
CA ALA A 270 17.05 -37.72 -33.62
C ALA A 270 16.00 -38.75 -34.03
N GLY A 271 15.84 -38.91 -35.34
CA GLY A 271 14.86 -39.84 -35.87
C GLY A 271 13.43 -39.39 -35.66
N SER A 272 13.16 -38.13 -35.96
CA SER A 272 11.82 -37.57 -35.77
C SER A 272 11.27 -36.89 -37.02
N GLY A 273 11.99 -36.95 -38.15
CA GLY A 273 11.50 -36.39 -39.39
C GLY A 273 11.99 -34.98 -39.68
N LYS A 274 13.16 -34.59 -39.20
CA LYS A 274 13.68 -33.26 -39.48
C LYS A 274 14.09 -33.13 -40.95
N THR A 275 14.58 -34.21 -41.53
CA THR A 275 14.97 -34.19 -42.94
C THR A 275 13.73 -34.19 -43.84
N PHE A 276 12.71 -34.96 -43.45
CA PHE A 276 11.53 -35.12 -44.31
C PHE A 276 10.63 -33.88 -44.26
N LEU A 277 10.67 -33.13 -43.15
CA LEU A 277 9.78 -31.98 -43.02
C LEU A 277 10.27 -30.80 -43.86
N ILE A 278 11.58 -30.57 -43.89
CA ILE A 278 12.11 -29.44 -44.63
C ILE A 278 12.05 -29.69 -46.13
N ASN A 279 12.15 -30.96 -46.54
CA ASN A 279 12.06 -31.29 -47.96
C ASN A 279 10.63 -31.23 -48.45
N GLU A 280 9.67 -31.54 -47.58
CA GLU A 280 8.26 -31.50 -47.97
C GLU A 280 7.76 -30.06 -48.05
N LEU A 281 8.37 -29.15 -47.31
CA LEU A 281 7.97 -27.75 -47.35
C LEU A 281 8.43 -27.09 -48.64
N SER A 282 9.47 -27.64 -49.27
CA SER A 282 10.01 -27.04 -50.49
C SER A 282 9.11 -27.29 -51.69
N LYS A 283 8.22 -28.28 -51.59
CA LYS A 283 7.34 -28.59 -52.71
C LYS A 283 6.22 -27.56 -52.84
N TYR A 284 5.77 -27.00 -51.72
CA TYR A 284 4.66 -26.05 -51.74
C TYR A 284 5.09 -24.70 -52.27
N MET A 285 6.20 -24.17 -51.76
CA MET A 285 6.68 -22.84 -52.12
C MET A 285 7.62 -22.86 -53.32
N GLY A 286 7.77 -24.01 -53.97
CA GLY A 286 8.65 -24.09 -55.13
C GLY A 286 10.12 -24.06 -54.81
N CYS A 287 10.50 -24.41 -53.58
CA CYS A 287 11.91 -24.34 -53.20
C CYS A 287 12.64 -25.64 -53.53
N HIS A 288 11.91 -26.63 -54.03
CA HIS A 288 12.54 -27.91 -54.34
C HIS A 288 13.32 -27.85 -55.65
N ASP A 289 13.14 -26.80 -56.43
CA ASP A 289 13.88 -26.65 -57.69
C ASP A 289 15.34 -26.31 -57.42
N SER A 290 15.59 -25.38 -56.50
CA SER A 290 16.95 -24.90 -56.21
C SER A 290 17.14 -24.88 -54.69
N ILE A 291 17.66 -25.98 -54.15
CA ILE A 291 18.01 -26.08 -52.74
C ILE A 291 19.46 -26.54 -52.66
N VAL A 292 20.27 -25.81 -51.90
CA VAL A 292 21.70 -26.09 -51.77
C VAL A 292 22.02 -26.30 -50.30
N LYS A 293 22.88 -27.28 -50.04
CA LYS A 293 23.30 -27.61 -48.67
C LYS A 293 24.79 -27.34 -48.53
N ILE A 294 25.14 -26.49 -47.56
CA ILE A 294 26.52 -26.16 -47.27
C ILE A 294 26.90 -26.81 -45.94
N HIS A 295 27.95 -27.61 -45.97
CA HIS A 295 28.41 -28.35 -44.79
C HIS A 295 29.37 -27.48 -44.00
N LEU A 296 29.08 -27.31 -42.70
CA LEU A 296 29.89 -26.51 -41.81
C LEU A 296 31.01 -27.36 -41.24
N GLY A 297 32.24 -27.10 -41.69
CA GLY A 297 33.39 -27.83 -41.21
C GLY A 297 34.49 -26.92 -40.71
N GLU A 298 35.17 -27.32 -39.64
CA GLU A 298 36.21 -26.49 -39.06
C GLU A 298 37.45 -26.45 -39.95
N GLN A 299 38.06 -27.61 -40.19
CA GLN A 299 39.20 -27.66 -41.09
C GLN A 299 38.74 -27.79 -42.54
N THR A 300 37.49 -28.16 -42.75
CA THR A 300 37.01 -28.45 -44.10
C THR A 300 36.62 -27.17 -44.84
N ASP A 301 35.64 -26.43 -44.33
CA ASP A 301 35.06 -25.29 -45.01
C ASP A 301 35.62 -24.00 -44.43
N ALA A 302 36.67 -23.46 -45.06
CA ALA A 302 37.24 -22.19 -44.64
C ALA A 302 37.11 -21.15 -45.73
N LYS A 303 37.60 -21.45 -46.93
CA LYS A 303 37.59 -20.47 -48.00
C LYS A 303 36.71 -20.92 -49.16
N LEU A 304 36.30 -22.19 -49.17
CA LEU A 304 35.48 -22.70 -50.26
C LEU A 304 34.05 -22.18 -50.16
N LEU A 305 33.62 -21.77 -48.97
CA LEU A 305 32.28 -21.22 -48.82
C LEU A 305 32.23 -19.77 -49.30
N ILE A 306 33.37 -19.09 -49.31
CA ILE A 306 33.45 -17.70 -49.75
C ILE A 306 34.15 -17.56 -51.09
N GLY A 307 34.73 -18.63 -51.62
CA GLY A 307 35.38 -18.58 -52.92
C GLY A 307 36.81 -18.09 -52.85
N THR A 308 37.45 -18.10 -54.02
CA THR A 308 38.84 -17.68 -54.15
C THR A 308 39.09 -17.24 -55.59
N TYR A 309 40.29 -16.73 -55.83
CA TYR A 309 40.72 -16.32 -57.16
C TYR A 309 41.73 -17.33 -57.67
N THR A 310 41.33 -18.18 -58.61
CA THR A 310 42.17 -19.22 -59.14
C THR A 310 42.73 -18.83 -60.50
N SER A 311 43.63 -19.67 -61.01
CA SER A 311 44.25 -19.43 -62.30
C SER A 311 43.99 -20.58 -63.26
N PHE A 318 43.57 -17.06 -64.79
CA PHE A 318 43.12 -15.96 -63.95
C PHE A 318 41.61 -15.76 -64.05
N GLU A 319 40.87 -16.59 -63.32
CA GLU A 319 39.41 -16.53 -63.31
C GLU A 319 38.93 -16.59 -61.88
N TRP A 320 37.92 -15.77 -61.56
CA TRP A 320 37.36 -15.74 -60.22
C TRP A 320 36.33 -16.85 -60.05
N ARG A 321 36.55 -17.69 -59.03
CA ARG A 321 35.66 -18.79 -58.72
C ARG A 321 34.78 -18.40 -57.53
N ALA A 322 33.49 -18.66 -57.65
CA ALA A 322 32.51 -18.30 -56.63
C ALA A 322 32.23 -19.51 -55.75
N GLY A 323 32.07 -19.27 -54.46
CA GLY A 323 31.76 -20.34 -53.51
C GLY A 323 30.35 -20.88 -53.64
N VAL A 324 30.06 -21.96 -52.93
CA VAL A 324 28.72 -22.55 -52.98
C VAL A 324 27.73 -21.67 -52.24
N LEU A 325 28.18 -20.99 -51.19
CA LEU A 325 27.28 -20.09 -50.45
C LEU A 325 27.11 -18.77 -51.18
N ALA A 326 28.17 -18.28 -51.83
CA ALA A 326 28.12 -16.96 -52.47
C ALA A 326 27.31 -17.00 -53.76
N THR A 327 27.27 -18.15 -54.42
CA THR A 327 26.50 -18.25 -55.66
C THR A 327 25.01 -18.33 -55.39
N ALA A 328 24.63 -18.88 -54.23
CA ALA A 328 23.20 -19.03 -53.93
C ALA A 328 22.59 -17.73 -53.43
N VAL A 329 23.40 -16.87 -52.80
CA VAL A 329 22.89 -15.60 -52.31
C VAL A 329 22.71 -14.62 -53.46
N LYS A 330 23.62 -14.64 -54.42
CA LYS A 330 23.58 -13.69 -55.54
C LYS A 330 22.40 -13.97 -56.47
N GLU A 331 22.18 -15.25 -56.82
CA GLU A 331 21.08 -15.59 -57.70
C GLU A 331 19.76 -15.63 -56.94
N GLY A 332 19.79 -16.10 -55.69
CA GLY A 332 18.58 -16.23 -54.90
C GLY A 332 18.08 -17.66 -54.87
N ARG A 333 18.32 -18.36 -53.77
CA ARG A 333 17.98 -19.77 -53.69
C ARG A 333 17.68 -20.15 -52.24
N TRP A 334 17.31 -21.42 -52.07
CA TRP A 334 16.98 -21.97 -50.75
C TRP A 334 18.25 -22.54 -50.12
N VAL A 335 18.59 -22.05 -48.93
CA VAL A 335 19.77 -22.49 -48.20
C VAL A 335 19.34 -23.19 -46.93
N LEU A 336 19.89 -24.38 -46.70
CA LEU A 336 19.58 -25.19 -45.52
C LEU A 336 20.87 -25.75 -44.95
N ILE A 337 21.25 -25.27 -43.77
CA ILE A 337 22.44 -25.75 -43.09
C ILE A 337 22.06 -26.87 -42.13
N GLU A 338 22.96 -27.83 -41.96
CA GLU A 338 22.72 -28.99 -41.12
C GLU A 338 23.80 -29.07 -40.04
N ASP A 339 23.36 -29.41 -38.82
CA ASP A 339 24.21 -29.56 -37.63
C ASP A 339 24.99 -28.28 -37.34
N ILE A 340 24.29 -27.15 -37.27
CA ILE A 340 24.94 -25.87 -37.02
C ILE A 340 25.31 -25.73 -35.55
N ASP A 341 24.62 -26.48 -34.68
CA ASP A 341 24.91 -26.38 -33.24
C ASP A 341 26.19 -27.14 -32.90
N LYS A 342 26.49 -28.22 -33.62
CA LYS A 342 27.68 -28.99 -33.32
C LYS A 342 28.92 -28.42 -34.01
N ALA A 343 28.72 -27.44 -34.89
CA ALA A 343 29.83 -26.88 -35.64
C ALA A 343 30.65 -25.92 -34.77
N PRO A 344 31.84 -25.53 -35.23
CA PRO A 344 32.67 -24.64 -34.43
C PRO A 344 32.22 -23.19 -34.57
N THR A 345 32.86 -22.31 -33.78
CA THR A 345 32.49 -20.90 -33.81
C THR A 345 33.16 -20.17 -34.97
N ASP A 346 34.15 -20.80 -35.60
CA ASP A 346 34.83 -20.17 -36.72
C ASP A 346 33.97 -20.19 -37.98
N VAL A 347 33.21 -21.27 -38.18
CA VAL A 347 32.33 -21.35 -39.34
C VAL A 347 31.09 -20.50 -39.14
N LEU A 348 30.69 -20.29 -37.89
CA LEU A 348 29.50 -19.50 -37.61
C LEU A 348 29.80 -18.01 -37.65
N SER A 349 31.08 -17.64 -37.71
CA SER A 349 31.45 -16.23 -37.69
C SER A 349 31.13 -15.56 -39.02
N ILE A 350 31.26 -16.28 -40.13
CA ILE A 350 30.97 -15.70 -41.44
C ILE A 350 29.47 -15.59 -41.66
N LEU A 351 28.68 -16.39 -40.94
CA LEU A 351 27.23 -16.35 -41.09
C LEU A 351 26.60 -15.17 -40.34
N LEU A 352 27.39 -14.46 -39.53
CA LEU A 352 26.86 -13.31 -38.79
C LEU A 352 26.61 -12.13 -39.74
N SER A 353 27.36 -12.06 -40.84
CA SER A 353 27.11 -11.02 -41.83
C SER A 353 25.85 -11.32 -42.64
N LEU A 354 25.52 -12.61 -42.79
CA LEU A 354 24.31 -12.98 -43.50
C LEU A 354 23.08 -12.76 -42.63
N LEU A 355 23.24 -12.77 -41.31
CA LEU A 355 22.16 -12.48 -40.39
C LEU A 355 22.09 -11.02 -39.99
N GLU A 356 22.95 -10.18 -40.56
CA GLU A 356 23.04 -8.77 -40.17
C GLU A 356 22.01 -7.95 -40.95
N LYS A 357 22.21 -6.62 -40.95
CA LYS A 357 21.33 -5.74 -41.69
C LYS A 357 21.46 -5.96 -43.19
N ARG A 358 20.31 -6.12 -43.86
CA ARG A 358 20.13 -6.36 -45.29
C ARG A 358 20.72 -7.70 -45.77
N GLU A 359 21.19 -8.56 -44.86
CA GLU A 359 21.70 -9.90 -45.13
C GLU A 359 22.85 -9.88 -46.14
N LEU A 360 23.76 -8.93 -45.97
CA LEU A 360 24.83 -8.68 -46.94
C LEU A 360 26.10 -9.36 -46.49
N THR A 361 26.65 -10.21 -47.36
CA THR A 361 27.95 -10.83 -47.15
C THR A 361 28.97 -10.13 -48.04
N ILE A 362 29.96 -9.51 -47.41
CA ILE A 362 30.96 -8.71 -48.11
C ILE A 362 32.18 -9.59 -48.36
N PRO A 363 32.67 -9.68 -49.60
CA PRO A 363 33.89 -10.46 -49.85
C PRO A 363 35.14 -9.63 -49.57
N SER A 364 36.29 -10.22 -49.88
CA SER A 364 37.57 -9.56 -49.68
C SER A 364 38.05 -8.92 -50.98
N ARG A 365 37.13 -8.62 -51.89
CA ARG A 365 37.47 -8.00 -53.16
C ARG A 365 36.86 -6.62 -53.35
N GLY A 366 36.17 -6.08 -52.34
CA GLY A 366 35.56 -4.78 -52.43
C GLY A 366 34.09 -4.77 -52.83
N GLU A 367 33.67 -5.74 -53.64
CA GLU A 367 32.26 -5.80 -54.05
C GLU A 367 31.40 -6.33 -52.92
N THR A 368 30.26 -5.68 -52.69
CA THR A 368 29.32 -6.07 -51.65
C THR A 368 28.11 -6.74 -52.28
N VAL A 369 27.81 -7.97 -51.84
CA VAL A 369 26.70 -8.74 -52.37
C VAL A 369 25.52 -8.59 -51.41
N LYS A 370 24.36 -8.27 -51.97
CA LYS A 370 23.13 -8.12 -51.20
C LYS A 370 22.21 -9.31 -51.49
N ALA A 371 21.59 -9.85 -50.46
CA ALA A 371 20.70 -11.00 -50.59
C ALA A 371 19.37 -10.53 -51.15
N ALA A 372 18.87 -11.24 -52.15
CA ALA A 372 17.58 -10.91 -52.74
C ALA A 372 16.44 -11.38 -51.84
N ASN A 373 15.21 -11.11 -52.30
CA ASN A 373 14.03 -11.49 -51.52
C ASN A 373 13.82 -13.00 -51.55
N GLY A 374 14.29 -13.66 -52.62
CA GLY A 374 14.15 -15.09 -52.72
C GLY A 374 15.25 -15.86 -52.01
N PHE A 375 15.29 -15.77 -50.69
CA PHE A 375 16.29 -16.48 -49.90
C PHE A 375 15.74 -16.68 -48.50
N GLN A 376 16.13 -17.80 -47.89
CA GLN A 376 15.75 -18.13 -46.53
C GLN A 376 16.75 -19.13 -45.97
N LEU A 377 17.15 -18.92 -44.73
CA LEU A 377 18.14 -19.78 -44.07
C LEU A 377 17.43 -20.68 -43.06
N ILE A 378 17.76 -21.97 -43.09
CA ILE A 378 17.21 -22.96 -42.17
C ILE A 378 18.36 -23.75 -41.59
N SER A 379 18.35 -23.91 -40.27
CA SER A 379 19.40 -24.63 -39.55
C SER A 379 18.76 -25.76 -38.75
N THR A 380 19.25 -26.98 -38.96
CA THR A 380 18.73 -28.16 -38.28
C THR A 380 19.72 -28.58 -37.19
N VAL A 381 19.30 -28.42 -35.94
CA VAL A 381 20.12 -28.78 -34.78
C VAL A 381 19.54 -30.04 -34.15
N ARG A 382 20.39 -31.04 -33.95
CA ARG A 382 19.96 -32.31 -33.36
C ARG A 382 20.15 -32.30 -31.86
N ASN A 397 21.12 -19.61 -32.89
CA ASN A 397 22.36 -19.23 -32.21
C ASN A 397 23.52 -19.14 -33.19
N LEU A 398 23.23 -19.35 -34.46
CA LEU A 398 24.29 -19.32 -35.47
C LEU A 398 24.61 -17.89 -35.89
N ASN A 399 23.61 -17.14 -36.32
CA ASN A 399 23.80 -15.76 -36.73
C ASN A 399 22.93 -14.85 -35.88
N MET A 400 23.42 -13.64 -35.63
CA MET A 400 22.74 -12.68 -34.76
C MET A 400 21.87 -11.71 -35.53
N ILE A 401 22.33 -11.27 -36.72
CA ILE A 401 21.54 -10.35 -37.53
C ILE A 401 20.33 -11.07 -38.13
N GLY A 402 20.48 -12.36 -38.43
CA GLY A 402 19.36 -13.13 -38.90
C GLY A 402 18.41 -13.53 -37.79
N MET A 403 18.89 -13.45 -36.53
CA MET A 403 18.06 -13.88 -35.40
C MET A 403 16.97 -12.86 -35.09
N ARG A 404 17.15 -11.61 -35.52
CA ARG A 404 16.14 -10.59 -35.28
C ARG A 404 14.96 -10.73 -36.24
N ILE A 405 15.22 -11.28 -37.43
CA ILE A 405 14.17 -11.36 -38.44
C ILE A 405 13.53 -12.74 -38.53
N TRP A 406 14.20 -13.78 -38.01
CA TRP A 406 13.70 -15.14 -38.13
C TRP A 406 12.94 -15.52 -36.85
N ASN A 407 11.66 -15.88 -37.02
CA ASN A 407 10.89 -16.42 -35.91
C ASN A 407 11.23 -17.89 -35.69
N VAL A 408 10.70 -18.45 -34.61
CA VAL A 408 11.00 -19.84 -34.26
C VAL A 408 9.69 -20.54 -33.89
N ILE A 409 9.39 -21.62 -34.60
CA ILE A 409 8.24 -22.47 -34.31
C ILE A 409 8.77 -23.89 -34.09
N GLU A 410 8.36 -24.51 -32.99
CA GLU A 410 8.90 -25.80 -32.58
C GLU A 410 7.90 -26.91 -32.92
N LEU A 411 8.36 -27.90 -33.69
CA LEU A 411 7.55 -29.06 -34.00
C LEU A 411 7.72 -30.12 -32.91
N GLU A 412 6.89 -31.16 -32.98
CA GLU A 412 6.91 -32.23 -32.00
C GLU A 412 6.48 -33.54 -32.67
N GLU A 413 6.80 -34.64 -32.00
CA GLU A 413 6.50 -35.97 -32.51
C GLU A 413 6.02 -36.83 -31.36
N PRO A 414 4.72 -37.13 -31.35
CA PRO A 414 4.13 -37.97 -30.31
C PRO A 414 4.38 -39.44 -30.61
N SER A 415 5.65 -39.85 -30.55
CA SER A 415 6.01 -41.24 -30.81
C SER A 415 5.46 -42.19 -29.75
N GLU A 416 4.23 -42.62 -29.95
CA GLU A 416 3.56 -43.53 -29.02
C GLU A 416 2.36 -44.18 -29.71
N GLU A 417 1.20 -43.54 -29.59
CA GLU A 417 -0.01 -44.06 -30.22
C GLU A 417 -0.28 -43.48 -31.59
N ASP A 418 0.11 -42.21 -31.82
CA ASP A 418 -0.13 -41.58 -33.12
C ASP A 418 0.92 -41.92 -34.16
N LEU A 419 1.99 -42.62 -33.77
CA LEU A 419 3.00 -43.04 -34.74
C LEU A 419 2.46 -44.15 -35.64
N THR A 420 1.62 -45.03 -35.08
CA THR A 420 1.00 -46.08 -35.88
C THR A 420 -0.11 -45.53 -36.76
N HIS A 421 -0.75 -44.43 -36.35
CA HIS A 421 -1.75 -43.80 -37.20
C HIS A 421 -1.14 -43.06 -38.37
N ILE A 422 0.12 -42.63 -38.25
CA ILE A 422 0.78 -41.95 -39.36
C ILE A 422 1.20 -42.94 -40.43
N LEU A 423 1.39 -44.21 -40.07
CA LEU A 423 1.73 -45.24 -41.05
C LEU A 423 0.51 -45.94 -41.63
N ALA A 424 -0.64 -45.87 -40.95
CA ALA A 424 -1.84 -46.51 -41.44
C ALA A 424 -2.48 -45.77 -42.61
N GLN A 425 -2.26 -44.46 -42.72
CA GLN A 425 -2.81 -43.67 -43.80
C GLN A 425 -1.98 -43.73 -45.08
N LYS A 426 -0.76 -44.24 -45.01
CA LYS A 426 0.09 -44.34 -46.18
C LYS A 426 -0.15 -45.61 -46.98
N PHE A 427 -0.58 -46.69 -46.33
CA PHE A 427 -0.83 -47.96 -47.00
C PHE A 427 -1.88 -48.72 -46.21
N PRO A 428 -2.65 -49.59 -46.87
CA PRO A 428 -3.68 -50.37 -46.16
C PRO A 428 -3.15 -51.69 -45.62
N ILE A 429 -2.19 -51.61 -44.70
CA ILE A 429 -1.59 -52.78 -44.09
C ILE A 429 -1.67 -52.66 -42.58
N LEU A 430 -2.71 -51.98 -42.08
CA LEU A 430 -2.85 -51.69 -40.66
C LEU A 430 -3.26 -52.90 -39.84
N THR A 431 -3.67 -54.01 -40.48
CA THR A 431 -4.07 -55.20 -39.73
C THR A 431 -2.87 -55.92 -39.13
N ASN A 432 -1.67 -55.73 -39.67
CA ASN A 432 -0.47 -56.40 -39.19
C ASN A 432 0.67 -55.41 -38.98
N LEU A 433 0.35 -54.15 -38.74
CA LEU A 433 1.34 -53.11 -38.52
C LEU A 433 1.48 -52.68 -37.07
N ILE A 434 0.37 -52.54 -36.36
CA ILE A 434 0.38 -52.16 -34.94
C ILE A 434 0.92 -53.32 -34.12
N PRO A 435 0.68 -54.57 -34.53
CA PRO A 435 1.21 -55.70 -33.77
C PRO A 435 2.68 -55.99 -34.01
N LYS A 436 3.31 -55.29 -34.94
CA LYS A 436 4.73 -55.50 -35.24
C LYS A 436 5.59 -54.29 -34.95
N LEU A 437 5.09 -53.07 -35.20
CA LEU A 437 5.88 -51.88 -34.96
C LEU A 437 5.96 -51.55 -33.48
N ILE A 438 4.94 -51.92 -32.71
CA ILE A 438 4.95 -51.63 -31.28
C ILE A 438 5.82 -52.63 -30.52
N ASP A 439 5.77 -53.91 -30.92
CA ASP A 439 6.55 -54.93 -30.22
C ASP A 439 8.02 -54.86 -30.57
N SER A 440 8.36 -54.44 -31.80
CA SER A 440 9.76 -54.27 -32.16
C SER A 440 10.36 -53.02 -31.53
N TYR A 441 9.53 -52.01 -31.24
CA TYR A 441 10.02 -50.80 -30.59
C TYR A 441 10.37 -51.04 -29.12
N LYS A 442 9.77 -52.04 -28.49
CA LYS A 442 10.11 -52.39 -27.12
C LYS A 442 11.45 -53.10 -27.01
N ASN A 443 11.94 -53.69 -28.10
CA ASN A 443 13.23 -54.36 -28.10
C ASN A 443 14.34 -53.53 -28.74
N VAL A 444 14.00 -52.69 -29.71
CA VAL A 444 15.03 -51.87 -30.36
C VAL A 444 15.44 -50.71 -29.47
N LYS A 445 14.51 -50.16 -28.70
CA LYS A 445 14.86 -49.08 -27.79
C LYS A 445 15.58 -49.60 -26.55
N SER A 446 15.25 -50.81 -26.11
CA SER A 446 15.91 -51.40 -24.96
C SER A 446 17.30 -51.90 -25.27
N ILE A 447 17.60 -52.22 -26.54
CA ILE A 447 18.93 -52.69 -26.92
C ILE A 447 19.94 -51.56 -27.01
N TYR A 448 19.49 -50.30 -27.03
CA TYR A 448 20.42 -49.18 -27.07
C TYR A 448 21.12 -48.96 -25.74
N MET A 449 20.53 -49.41 -24.64
CA MET A 449 21.13 -49.28 -23.32
C MET A 449 21.68 -50.59 -22.77
N ASN A 450 21.36 -51.72 -23.40
CA ASN A 450 21.84 -53.02 -22.95
C ASN A 450 23.04 -53.52 -23.74
N THR A 451 23.00 -53.41 -25.07
CA THR A 451 24.13 -53.82 -25.89
C THR A 451 25.29 -52.83 -25.81
N LYS A 452 24.99 -51.54 -25.60
CA LYS A 452 26.06 -50.55 -25.44
C LYS A 452 26.72 -50.67 -24.08
N PHE A 453 25.98 -51.13 -23.06
CA PHE A 453 26.57 -51.36 -21.75
C PHE A 453 27.38 -52.65 -21.69
N ILE A 454 27.13 -53.59 -22.60
CA ILE A 454 27.89 -54.83 -22.68
C ILE A 454 28.71 -54.82 -23.96
N SER A 455 29.04 -53.62 -24.45
CA SER A 455 29.81 -53.46 -25.69
C SER A 455 31.28 -53.70 -25.37
N LEU A 456 31.66 -54.98 -25.35
CA LEU A 456 33.05 -55.34 -25.11
C LEU A 456 33.93 -55.11 -26.33
N ASN A 457 33.34 -55.16 -27.53
CA ASN A 457 34.10 -54.93 -28.75
C ASN A 457 33.33 -54.09 -29.77
N LYS A 458 32.23 -53.44 -29.37
CA LYS A 458 31.43 -52.63 -30.28
C LYS A 458 31.85 -51.17 -30.27
N GLY A 459 31.78 -50.53 -29.09
CA GLY A 459 32.13 -49.13 -28.98
C GLY A 459 31.07 -48.21 -29.55
N ALA A 460 31.36 -47.57 -30.68
CA ALA A 460 30.43 -46.67 -31.33
C ALA A 460 29.56 -47.45 -32.30
N HIS A 461 28.24 -47.41 -32.08
CA HIS A 461 27.28 -48.14 -32.91
C HIS A 461 26.37 -47.14 -33.61
N THR A 462 25.42 -47.67 -34.38
CA THR A 462 24.49 -46.86 -35.14
C THR A 462 23.33 -46.40 -34.24
N ARG A 463 22.38 -45.70 -34.84
CA ARG A 463 21.24 -45.15 -34.13
C ARG A 463 19.97 -45.47 -34.91
N VAL A 464 19.04 -46.17 -34.28
CA VAL A 464 17.77 -46.51 -34.91
C VAL A 464 16.86 -45.30 -34.84
N VAL A 465 16.50 -44.75 -36.01
CA VAL A 465 15.67 -43.56 -36.09
C VAL A 465 14.32 -43.95 -36.68
N SER A 466 13.39 -42.98 -36.72
CA SER A 466 12.06 -43.23 -37.27
C SER A 466 12.07 -43.36 -38.79
N VAL A 467 13.12 -42.87 -39.46
CA VAL A 467 13.22 -43.02 -40.90
C VAL A 467 13.59 -44.44 -41.30
N ARG A 468 14.21 -45.20 -40.39
CA ARG A 468 14.54 -46.59 -40.68
C ARG A 468 13.30 -47.47 -40.68
N ASP A 469 12.29 -47.13 -39.88
CA ASP A 469 11.05 -47.88 -39.88
C ASP A 469 10.20 -47.57 -41.10
N LEU A 470 10.34 -46.36 -41.66
CA LEU A 470 9.60 -46.01 -42.87
C LEU A 470 10.17 -46.69 -44.11
N ILE A 471 11.44 -47.10 -44.08
CA ILE A 471 12.03 -47.80 -45.21
C ILE A 471 11.51 -49.24 -45.26
N LYS A 472 11.12 -49.80 -44.12
CA LYS A 472 10.52 -51.13 -44.08
C LYS A 472 9.00 -51.08 -44.18
N LEU A 473 8.38 -49.96 -43.81
CA LEU A 473 6.93 -49.84 -43.90
C LEU A 473 6.47 -49.64 -45.35
N CYS A 474 7.26 -48.92 -46.15
CA CYS A 474 6.95 -48.77 -47.57
C CYS A 474 7.40 -49.95 -48.41
N GLU A 475 8.22 -50.84 -47.85
CA GLU A 475 8.68 -52.02 -48.56
C GLU A 475 7.90 -53.28 -48.17
N ARG A 476 7.17 -53.26 -47.06
CA ARG A 476 6.37 -54.41 -46.66
C ARG A 476 5.14 -54.58 -47.53
N LEU A 477 4.66 -53.51 -48.16
CA LEU A 477 3.50 -53.62 -49.05
C LEU A 477 3.86 -54.30 -50.37
N ASP A 478 5.12 -54.24 -50.79
CA ASP A 478 5.54 -54.93 -52.00
C ASP A 478 5.65 -56.44 -51.82
N ILE A 479 5.83 -56.91 -50.59
CA ILE A 479 5.92 -58.34 -50.34
C ILE A 479 4.54 -58.96 -50.15
N LEU A 480 3.60 -58.23 -49.57
CA LEU A 480 2.23 -58.72 -49.39
C LEU A 480 1.34 -58.45 -50.59
N PHE A 481 1.87 -57.80 -51.64
CA PHE A 481 1.07 -57.56 -52.84
C PHE A 481 0.86 -58.83 -53.64
N LYS A 482 1.79 -59.80 -53.52
CA LYS A 482 1.63 -61.08 -54.18
C LYS A 482 0.60 -61.97 -53.49
N ASN A 483 0.27 -61.69 -52.22
CA ASN A 483 -0.75 -62.43 -51.50
C ASN A 483 -2.11 -61.75 -51.69
N ASN A 484 -3.11 -62.20 -50.93
CA ASN A 484 -4.44 -61.63 -51.03
C ASN A 484 -4.52 -60.32 -50.26
N GLY A 485 -5.31 -59.38 -50.79
CA GLY A 485 -5.50 -58.10 -50.14
C GLY A 485 -6.78 -58.02 -49.34
N ILE A 486 -7.13 -59.12 -48.67
CA ILE A 486 -8.35 -59.17 -47.86
C ILE A 486 -8.12 -58.45 -46.55
N ASN A 487 -9.20 -58.21 -45.80
CA ASN A 487 -9.09 -57.46 -44.55
C ASN A 487 -8.44 -58.29 -43.45
N LYS A 488 -8.69 -59.59 -43.41
CA LYS A 488 -8.10 -60.43 -42.35
C LYS A 488 -7.56 -61.73 -42.91
N PRO A 489 -6.83 -61.70 -44.04
CA PRO A 489 -6.15 -62.92 -44.50
C PRO A 489 -4.72 -63.00 -43.99
N ASP A 490 -4.35 -64.19 -43.54
CA ASP A 490 -3.01 -64.42 -43.03
C ASP A 490 -2.67 -65.90 -43.18
N GLN A 491 -1.37 -66.18 -43.24
CA GLN A 491 -0.88 -67.55 -43.35
C GLN A 491 0.44 -67.65 -42.62
N LEU A 492 0.87 -68.90 -42.39
CA LEU A 492 2.14 -69.16 -41.72
C LEU A 492 3.34 -68.95 -42.63
N ILE A 493 3.13 -68.87 -43.95
CA ILE A 493 4.24 -68.66 -44.87
C ILE A 493 4.66 -67.19 -44.88
N GLN A 494 3.69 -66.29 -45.01
CA GLN A 494 4.00 -64.86 -45.02
C GLN A 494 4.37 -64.33 -43.64
N SER A 495 3.94 -65.00 -42.57
CA SER A 495 4.29 -64.59 -41.22
C SER A 495 5.66 -65.11 -40.78
N SER A 496 6.31 -65.92 -41.61
CA SER A 496 7.62 -66.45 -41.30
C SER A 496 8.70 -66.00 -42.28
N VAL A 497 8.37 -65.88 -43.56
CA VAL A 497 9.35 -65.43 -44.54
C VAL A 497 9.53 -63.92 -44.48
N TYR A 498 8.46 -63.17 -44.23
CA TYR A 498 8.51 -61.72 -44.11
C TYR A 498 8.69 -61.26 -42.68
N ASP A 499 9.27 -62.09 -41.81
CA ASP A 499 9.50 -61.75 -40.42
C ASP A 499 10.99 -61.61 -40.11
N SER A 500 11.78 -62.65 -40.39
CA SER A 500 13.22 -62.60 -40.14
C SER A 500 13.99 -61.98 -41.29
N ILE A 501 13.52 -62.13 -42.52
CA ILE A 501 14.19 -61.52 -43.66
C ILE A 501 13.91 -60.03 -43.75
N PHE A 502 12.79 -59.57 -43.21
CA PHE A 502 12.48 -58.14 -43.17
C PHE A 502 13.04 -57.45 -41.94
N SER A 503 13.71 -58.18 -41.05
CA SER A 503 14.34 -57.60 -39.88
C SER A 503 15.80 -57.27 -40.11
N GLU A 504 16.41 -57.76 -41.19
CA GLU A 504 17.80 -57.43 -41.48
C GLU A 504 17.96 -56.01 -42.00
N ALA A 505 16.91 -55.42 -42.57
CA ALA A 505 16.95 -54.04 -43.01
C ALA A 505 16.83 -53.06 -41.86
N ALA A 506 16.35 -53.51 -40.71
CA ALA A 506 16.28 -52.68 -39.51
C ALA A 506 17.43 -52.95 -38.55
N ASP A 507 18.47 -53.63 -39.00
CA ASP A 507 19.62 -53.96 -38.18
C ASP A 507 20.74 -52.94 -38.44
N CYS A 508 21.90 -53.19 -37.85
CA CYS A 508 23.05 -52.29 -37.97
C CYS A 508 24.31 -53.14 -38.02
N PHE A 509 25.45 -52.48 -37.85
CA PHE A 509 26.74 -53.15 -37.85
C PHE A 509 26.92 -53.90 -36.54
N ALA A 510 26.76 -55.23 -36.58
CA ALA A 510 26.93 -56.08 -35.42
C ALA A 510 27.96 -57.16 -35.72
N GLY A 511 28.39 -57.84 -34.67
CA GLY A 511 29.39 -58.89 -34.80
C GLY A 511 28.96 -60.21 -34.20
N ALA A 512 27.64 -60.45 -34.20
CA ALA A 512 26.99 -61.66 -33.67
C ALA A 512 27.34 -61.89 -32.20
N ILE A 513 26.96 -60.92 -31.37
CA ILE A 513 27.23 -61.03 -29.94
C ILE A 513 26.29 -62.02 -29.27
N GLY A 514 25.13 -62.30 -29.86
CA GLY A 514 24.19 -63.24 -29.31
C GLY A 514 23.15 -62.66 -28.39
N GLU A 515 23.40 -61.47 -27.82
CA GLU A 515 22.43 -60.86 -26.91
C GLU A 515 21.23 -60.29 -27.66
N PHE A 516 21.44 -59.80 -28.88
CA PHE A 516 20.35 -59.30 -29.71
C PHE A 516 19.78 -60.37 -30.63
N LYS A 517 20.17 -61.63 -30.41
CA LYS A 517 19.66 -62.72 -31.25
C LYS A 517 18.27 -63.14 -30.81
N ALA A 518 18.03 -63.23 -29.50
CA ALA A 518 16.75 -63.66 -28.97
C ALA A 518 15.69 -62.57 -29.00
N LEU A 519 16.10 -61.30 -28.90
CA LEU A 519 15.13 -60.21 -28.95
C LEU A 519 14.68 -59.88 -30.37
N GLU A 520 15.46 -60.27 -31.38
CA GLU A 520 15.11 -60.02 -32.77
C GLU A 520 14.00 -60.97 -33.20
N PRO A 521 14.01 -62.22 -32.73
CA PRO A 521 12.99 -63.18 -33.18
C PRO A 521 11.63 -62.94 -32.52
N ILE A 522 11.64 -62.51 -31.26
CA ILE A 522 10.40 -62.24 -30.53
C ILE A 522 9.92 -60.81 -30.72
N ILE A 523 10.53 -60.04 -31.63
CA ILE A 523 10.15 -58.65 -31.82
C ILE A 523 8.86 -58.48 -32.61
N GLN A 524 8.37 -59.53 -33.26
CA GLN A 524 7.14 -59.45 -34.04
C GLN A 524 6.09 -60.44 -33.56
N ALA A 525 6.48 -61.66 -33.23
CA ALA A 525 5.54 -62.70 -32.83
C ALA A 525 6.24 -63.60 -31.81
N ILE A 526 5.69 -64.80 -31.60
CA ILE A 526 6.29 -65.73 -30.64
C ILE A 526 7.56 -66.34 -31.22
N GLY A 527 8.33 -66.97 -30.34
CA GLY A 527 9.60 -67.53 -30.76
C GLY A 527 9.41 -68.83 -31.54
N GLU A 528 10.38 -69.12 -32.39
CA GLU A 528 10.35 -70.31 -33.23
C GLU A 528 11.79 -70.77 -33.44
N SER A 529 11.99 -71.65 -34.41
CA SER A 529 13.32 -72.15 -34.72
C SER A 529 14.10 -71.16 -35.58
N LEU A 530 15.38 -71.47 -35.78
CA LEU A 530 16.34 -70.69 -36.57
C LEU A 530 16.46 -69.24 -36.11
N THR A 542 21.15 -68.97 -49.18
CA THR A 542 21.42 -68.47 -50.52
C THR A 542 20.87 -69.42 -51.58
N GLN A 543 21.77 -70.17 -52.21
CA GLN A 543 21.46 -71.19 -53.23
C GLN A 543 20.72 -70.60 -54.43
N HIS A 544 21.02 -69.35 -54.79
CA HIS A 544 20.41 -68.72 -55.95
C HIS A 544 21.41 -67.90 -56.75
N VAL A 545 22.70 -68.16 -56.58
CA VAL A 545 23.77 -67.42 -57.25
C VAL A 545 23.78 -67.75 -58.73
N PRO A 546 23.37 -68.95 -59.14
CA PRO A 546 23.40 -69.30 -60.56
C PRO A 546 22.32 -68.58 -61.34
N THR A 547 22.67 -68.17 -62.56
CA THR A 547 21.78 -67.39 -63.39
C THR A 547 20.73 -68.29 -64.05
N LEU A 548 19.54 -67.72 -64.27
CA LEU A 548 18.46 -68.44 -64.91
C LEU A 548 18.56 -68.25 -66.42
N GLU A 549 17.52 -68.66 -67.16
CA GLU A 549 17.55 -68.58 -68.60
C GLU A 549 17.11 -67.22 -69.12
N ASN A 550 16.41 -66.43 -68.31
CA ASN A 550 15.89 -65.13 -68.72
C ASN A 550 16.63 -63.98 -68.06
N LEU A 551 16.69 -63.96 -66.72
CA LEU A 551 17.35 -62.91 -65.98
C LEU A 551 18.07 -63.51 -64.78
N ASP A 552 18.72 -62.65 -64.00
CA ASP A 552 19.42 -63.10 -62.81
C ASP A 552 18.43 -63.41 -61.70
N ASP A 553 18.87 -64.22 -60.74
CA ASP A 553 18.06 -64.62 -59.61
C ASP A 553 18.65 -64.10 -58.30
N SER A 554 17.81 -64.01 -57.29
CA SER A 554 18.22 -63.57 -55.95
C SER A 554 17.33 -64.25 -54.93
N ILE A 555 17.36 -63.76 -53.70
CA ILE A 555 16.49 -64.30 -52.65
C ILE A 555 15.06 -63.84 -52.86
N LYS A 556 14.87 -62.67 -53.46
CA LYS A 556 13.55 -62.15 -53.76
C LYS A 556 13.06 -62.72 -55.09
N ILE A 557 11.86 -62.29 -55.51
CA ILE A 557 11.28 -62.77 -56.74
C ILE A 557 11.92 -62.10 -57.94
N GLY A 558 11.80 -60.77 -58.03
CA GLY A 558 12.39 -60.02 -59.12
C GLY A 558 13.75 -59.46 -58.77
N ARG A 559 14.80 -59.98 -59.41
CA ARG A 559 16.16 -59.56 -59.11
C ARG A 559 16.63 -58.44 -60.03
N ALA A 560 16.64 -58.68 -61.34
CA ALA A 560 17.14 -57.72 -62.30
C ALA A 560 16.45 -57.93 -63.63
N VAL A 561 16.59 -56.94 -64.51
CA VAL A 561 16.03 -57.01 -65.86
C VAL A 561 17.15 -57.28 -66.85
N LEU A 562 18.34 -56.78 -66.54
CA LEU A 562 19.56 -56.90 -67.35
C LEU A 562 19.38 -56.38 -68.78
N MET A 574 33.77 -56.60 -73.57
CA MET A 574 34.98 -56.89 -72.80
C MET A 574 34.93 -58.30 -72.22
N ASN A 575 36.06 -58.76 -71.71
CA ASN A 575 36.18 -60.10 -71.13
C ASN A 575 37.05 -60.03 -69.88
N SER A 576 36.54 -60.60 -68.79
CA SER A 576 37.25 -60.62 -67.52
C SER A 576 37.33 -62.05 -67.01
N THR A 577 38.47 -62.38 -66.40
CA THR A 577 38.72 -63.72 -65.88
C THR A 577 39.04 -63.59 -64.39
N LEU A 578 38.01 -63.63 -63.56
CA LEU A 578 38.14 -63.55 -62.11
C LEU A 578 37.27 -64.65 -61.50
N PHE A 579 37.89 -65.78 -61.14
CA PHE A 579 37.17 -66.90 -60.58
C PHE A 579 36.77 -66.58 -59.15
N ALA A 580 35.47 -66.43 -58.90
CA ALA A 580 34.93 -66.09 -57.59
C ALA A 580 33.94 -67.17 -57.19
N PHE A 581 34.44 -68.22 -56.55
CA PHE A 581 33.60 -69.30 -56.02
C PHE A 581 33.20 -68.90 -54.61
N THR A 582 32.16 -68.08 -54.52
CA THR A 582 31.74 -67.50 -53.25
C THR A 582 30.88 -68.50 -52.50
N ASN A 583 31.41 -69.00 -51.37
CA ASN A 583 30.66 -69.87 -50.47
C ASN A 583 30.14 -69.08 -49.27
N HIS A 584 31.04 -68.43 -48.53
CA HIS A 584 30.63 -67.52 -47.47
C HIS A 584 30.44 -66.11 -47.98
N SER A 585 31.09 -65.74 -49.08
CA SER A 585 30.92 -64.43 -49.68
C SER A 585 29.66 -64.31 -50.50
N LEU A 586 28.97 -65.43 -50.77
CA LEU A 586 27.69 -65.37 -51.48
C LEU A 586 26.59 -64.80 -50.60
N ARG A 587 26.72 -64.95 -49.27
CA ARG A 587 25.77 -64.33 -48.35
C ARG A 587 25.92 -62.81 -48.36
N LEU A 588 27.15 -62.32 -48.52
CA LEU A 588 27.34 -60.89 -48.74
C LEU A 588 26.87 -60.48 -50.13
N MET A 589 26.95 -61.40 -51.10
CA MET A 589 26.39 -61.16 -52.41
C MET A 589 24.87 -61.26 -52.43
N GLU A 590 24.29 -62.00 -51.49
CA GLU A 590 22.83 -62.13 -51.44
C GLU A 590 22.19 -60.84 -50.94
N GLN A 591 22.77 -60.22 -49.92
CA GLN A 591 22.24 -58.95 -49.43
C GLN A 591 22.52 -57.82 -50.40
N ILE A 592 23.59 -57.93 -51.19
CA ILE A 592 23.85 -56.93 -52.22
C ILE A 592 22.90 -57.11 -53.39
N SER A 593 22.41 -58.33 -53.61
CA SER A 593 21.43 -58.58 -54.66
C SER A 593 20.01 -58.27 -54.22
N VAL A 594 19.73 -58.32 -52.91
CA VAL A 594 18.38 -58.02 -52.44
C VAL A 594 18.10 -56.53 -52.49
N CYS A 595 19.15 -55.70 -52.46
CA CYS A 595 18.94 -54.25 -52.53
C CYS A 595 18.57 -53.82 -53.94
N ILE A 596 19.17 -54.45 -54.96
CA ILE A 596 18.83 -54.12 -56.34
C ILE A 596 17.49 -54.71 -56.76
N GLN A 597 16.99 -55.71 -56.02
CA GLN A 597 15.70 -56.31 -56.35
C GLN A 597 14.54 -55.45 -55.87
N MET A 598 14.74 -54.67 -54.80
CA MET A 598 13.70 -53.81 -54.25
C MET A 598 13.93 -52.34 -54.58
N THR A 599 14.93 -52.04 -55.42
CA THR A 599 15.36 -50.69 -55.81
C THR A 599 15.69 -49.84 -54.58
N GLU A 600 16.72 -50.27 -53.86
CA GLU A 600 17.14 -49.58 -52.65
C GLU A 600 17.86 -48.29 -53.00
N PRO A 601 17.98 -47.36 -52.04
CA PRO A 601 18.59 -46.06 -52.35
C PRO A 601 20.09 -46.13 -52.50
N VAL A 602 20.79 -46.84 -51.62
CA VAL A 602 22.25 -46.90 -51.66
C VAL A 602 22.69 -48.19 -50.97
N LEU A 603 23.93 -48.60 -51.25
CA LEU A 603 24.53 -49.78 -50.61
C LEU A 603 25.94 -49.38 -50.16
N LEU A 604 26.03 -48.84 -48.96
CA LEU A 604 27.29 -48.38 -48.39
C LEU A 604 27.88 -49.52 -47.55
N VAL A 605 28.60 -50.40 -48.21
CA VAL A 605 29.15 -51.60 -47.59
C VAL A 605 30.53 -51.28 -47.03
N GLY A 606 30.63 -51.23 -45.70
CA GLY A 606 31.92 -51.02 -45.07
C GLY A 606 32.75 -52.28 -45.09
N GLU A 607 33.81 -52.29 -45.90
CA GLU A 607 34.64 -53.47 -46.08
C GLU A 607 36.09 -53.15 -45.74
N THR A 608 36.95 -54.16 -45.90
CA THR A 608 38.37 -54.03 -45.65
C THR A 608 39.07 -53.53 -46.91
N GLY A 609 40.40 -53.58 -46.91
CA GLY A 609 41.18 -53.16 -48.06
C GLY A 609 41.09 -54.11 -49.23
N THR A 610 40.47 -53.63 -50.32
CA THR A 610 40.28 -54.36 -51.59
C THR A 610 39.53 -55.68 -51.39
N GLY A 611 38.60 -55.69 -50.45
CA GLY A 611 37.79 -56.87 -50.22
C GLY A 611 36.49 -56.82 -50.98
N LYS A 612 36.03 -55.61 -51.30
CA LYS A 612 34.82 -55.40 -52.08
C LYS A 612 35.09 -55.35 -53.58
N THR A 613 36.30 -55.72 -54.01
CA THR A 613 36.61 -55.68 -55.43
C THR A 613 35.92 -56.82 -56.19
N THR A 614 35.67 -57.94 -55.53
CA THR A 614 35.00 -59.07 -56.18
C THR A 614 33.49 -58.90 -56.23
N VAL A 615 32.92 -57.98 -55.44
CA VAL A 615 31.48 -57.80 -55.44
C VAL A 615 31.02 -57.03 -56.68
N VAL A 616 31.79 -56.04 -57.11
CA VAL A 616 31.45 -55.31 -58.32
C VAL A 616 31.72 -56.14 -59.56
N GLN A 617 32.71 -57.04 -59.51
CA GLN A 617 33.00 -57.90 -60.64
C GLN A 617 31.97 -59.03 -60.78
N GLN A 618 31.25 -59.35 -59.71
CA GLN A 618 30.21 -60.37 -59.81
C GLN A 618 29.00 -59.89 -60.59
N LEU A 619 28.75 -58.58 -60.57
CA LEU A 619 27.64 -58.00 -61.31
C LEU A 619 28.04 -57.56 -62.72
N ALA A 620 29.27 -57.84 -63.14
CA ALA A 620 29.71 -57.46 -64.48
C ALA A 620 29.14 -58.37 -65.55
N LYS A 621 28.77 -59.60 -65.21
CA LYS A 621 28.24 -60.54 -66.19
C LYS A 621 26.72 -60.56 -66.21
N MET A 622 26.08 -60.46 -65.04
CA MET A 622 24.63 -60.56 -64.94
C MET A 622 23.93 -59.22 -65.01
N LEU A 623 24.62 -58.16 -65.41
CA LEU A 623 24.03 -56.83 -65.50
C LEU A 623 24.73 -56.07 -66.62
N ALA A 624 24.50 -54.75 -66.65
CA ALA A 624 25.05 -53.90 -67.68
C ALA A 624 26.48 -53.45 -67.30
N LYS A 625 27.03 -52.51 -68.07
CA LYS A 625 28.38 -52.05 -67.83
C LYS A 625 28.43 -51.12 -66.63
N LYS A 626 29.54 -51.18 -65.90
CA LYS A 626 29.75 -50.38 -64.71
C LYS A 626 30.84 -49.35 -64.93
N LEU A 627 30.72 -48.21 -64.25
CA LEU A 627 31.69 -47.14 -64.34
C LEU A 627 32.22 -46.84 -62.94
N THR A 628 33.53 -46.95 -62.77
CA THR A 628 34.18 -46.74 -61.48
C THR A 628 34.95 -45.43 -61.50
N VAL A 629 34.64 -44.55 -60.54
CA VAL A 629 35.29 -43.26 -60.41
C VAL A 629 35.77 -43.11 -58.98
N ILE A 630 37.08 -43.02 -58.79
CA ILE A 630 37.66 -42.89 -57.46
C ILE A 630 37.47 -41.45 -56.99
N ASN A 631 36.82 -41.28 -55.85
CA ASN A 631 36.52 -39.97 -55.29
C ASN A 631 37.47 -39.59 -54.15
N VAL A 632 38.72 -40.02 -54.23
CA VAL A 632 39.67 -39.70 -53.16
C VAL A 632 40.16 -38.26 -53.29
N SER A 633 40.22 -37.73 -54.51
CA SER A 633 40.69 -36.37 -54.73
C SER A 633 39.60 -35.38 -54.36
N GLN A 634 39.97 -34.37 -53.58
CA GLN A 634 39.03 -33.33 -53.15
C GLN A 634 38.82 -32.36 -54.31
N GLN A 635 37.73 -32.55 -55.04
CA GLN A 635 37.40 -31.70 -56.17
C GLN A 635 35.90 -31.72 -56.39
N THR A 636 35.37 -30.60 -56.87
CA THR A 636 33.94 -30.47 -57.16
C THR A 636 33.63 -30.65 -58.64
N GLU A 637 34.44 -31.43 -59.35
CA GLU A 637 34.26 -31.67 -60.78
C GLU A 637 33.34 -32.85 -61.08
N THR A 638 32.63 -33.37 -60.09
CA THR A 638 31.72 -34.49 -60.34
C THR A 638 30.47 -34.04 -61.09
N GLY A 639 29.84 -32.96 -60.64
CA GLY A 639 28.71 -32.40 -61.31
C GLY A 639 29.11 -31.41 -62.40
N ASP A 640 28.13 -30.63 -62.83
CA ASP A 640 28.33 -29.66 -63.91
C ASP A 640 28.94 -28.31 -63.52
N LEU A 641 30.21 -28.15 -63.85
CA LEU A 641 30.93 -26.90 -63.65
C LEU A 641 30.54 -25.88 -64.72
N LEU A 642 30.82 -24.60 -64.51
CA LEU A 642 30.46 -23.60 -65.51
C LEU A 642 31.19 -23.93 -66.81
N GLY A 643 30.42 -24.02 -67.89
CA GLY A 643 30.99 -24.33 -69.20
C GLY A 643 31.62 -25.71 -69.25
N GLY A 644 31.02 -26.67 -68.53
CA GLY A 644 31.55 -28.03 -68.51
C GLY A 644 30.54 -29.09 -68.01
N GLY A 767 30.54 -33.13 -66.11
CA GLY A 767 31.42 -34.06 -65.44
C GLY A 767 31.22 -35.48 -65.93
N SER A 768 31.66 -36.45 -65.12
CA SER A 768 31.53 -37.86 -65.47
C SER A 768 30.28 -38.49 -64.89
N LEU A 769 29.72 -37.92 -63.81
CA LEU A 769 28.52 -38.48 -63.20
C LEU A 769 27.25 -38.11 -63.95
N VAL A 770 27.29 -37.10 -64.82
CA VAL A 770 26.09 -36.69 -65.54
C VAL A 770 25.75 -37.68 -66.66
N LYS A 771 26.76 -38.35 -67.21
CA LYS A 771 26.51 -39.31 -68.28
C LYS A 771 25.95 -40.62 -67.74
N THR A 772 26.50 -41.09 -66.61
CA THR A 772 26.04 -42.36 -66.04
C THR A 772 24.68 -42.24 -65.38
N ILE A 773 24.30 -41.05 -64.93
CA ILE A 773 22.99 -40.89 -64.30
C ILE A 773 21.87 -40.87 -65.32
N ARG A 774 22.17 -40.46 -66.57
CA ARG A 774 21.15 -40.44 -67.60
C ARG A 774 20.88 -41.84 -68.14
N ALA A 775 21.93 -42.61 -68.38
CA ALA A 775 21.78 -43.98 -68.88
C ALA A 775 21.43 -44.92 -67.73
N GLY A 776 21.21 -46.18 -68.06
CA GLY A 776 20.86 -47.20 -67.10
C GLY A 776 22.03 -47.90 -66.44
N GLU A 777 23.23 -47.36 -66.55
CA GLU A 777 24.41 -47.98 -65.96
C GLU A 777 24.48 -47.70 -64.47
N TRP A 778 25.48 -48.28 -63.82
CA TRP A 778 25.70 -48.13 -62.39
C TRP A 778 26.94 -47.27 -62.14
N LEU A 779 26.90 -46.52 -61.04
CA LEU A 779 27.98 -45.62 -60.65
C LEU A 779 28.63 -46.15 -59.37
N LEU A 780 29.90 -46.53 -59.48
CA LEU A 780 30.67 -47.03 -58.34
C LEU A 780 31.60 -45.95 -57.83
N LEU A 781 31.55 -45.71 -56.52
CA LEU A 781 32.42 -44.75 -55.86
C LEU A 781 33.50 -45.52 -55.11
N ASP A 782 34.74 -45.41 -55.60
CA ASP A 782 35.87 -46.14 -55.01
C ASP A 782 36.39 -45.34 -53.83
N GLU A 783 36.11 -45.83 -52.63
CA GLU A 783 36.56 -45.25 -51.35
C GLU A 783 36.11 -43.81 -51.18
N VAL A 784 34.79 -43.61 -51.23
CA VAL A 784 34.20 -42.27 -51.04
C VAL A 784 34.20 -41.99 -49.55
N ASN A 785 35.13 -41.15 -49.10
CA ASN A 785 35.28 -40.82 -47.67
C ASN A 785 35.36 -39.30 -47.53
N LEU A 786 34.18 -38.68 -47.40
CA LEU A 786 34.02 -37.25 -47.07
C LEU A 786 34.70 -36.34 -48.09
N ALA A 787 34.47 -36.61 -49.37
CA ALA A 787 35.00 -35.75 -50.42
C ALA A 787 34.08 -34.55 -50.66
N THR A 788 32.85 -34.81 -51.09
CA THR A 788 31.86 -33.75 -51.32
C THR A 788 30.49 -34.37 -51.10
N ALA A 789 29.95 -34.18 -49.90
CA ALA A 789 28.68 -34.80 -49.52
C ALA A 789 27.47 -33.92 -49.82
N ASP A 790 27.65 -32.82 -50.56
CA ASP A 790 26.54 -31.94 -50.87
C ASP A 790 25.78 -32.41 -52.10
N THR A 791 26.49 -32.59 -53.22
CA THR A 791 25.83 -33.01 -54.45
C THR A 791 25.46 -34.49 -54.43
N LEU A 792 26.09 -35.29 -53.56
CA LEU A 792 25.77 -36.69 -53.46
C LEU A 792 24.54 -36.96 -52.58
N GLU A 793 24.01 -35.94 -51.91
CA GLU A 793 22.85 -36.14 -51.05
C GLU A 793 21.56 -36.25 -51.86
N SER A 794 21.39 -35.35 -52.83
CA SER A 794 20.18 -35.37 -53.66
C SER A 794 20.21 -36.47 -54.70
N ILE A 795 21.39 -36.92 -55.12
CA ILE A 795 21.48 -38.01 -56.09
C ILE A 795 21.23 -39.37 -55.45
N SER A 796 21.35 -39.47 -54.13
CA SER A 796 21.12 -40.76 -53.45
C SER A 796 19.63 -41.07 -53.38
N ASP A 797 18.81 -40.06 -53.14
CA ASP A 797 17.36 -40.22 -53.15
C ASP A 797 16.74 -39.92 -54.50
N LEU A 798 17.57 -39.73 -55.53
CA LEU A 798 17.05 -39.44 -56.87
C LEU A 798 16.43 -40.67 -57.52
N LEU A 799 16.96 -41.86 -57.19
CA LEU A 799 16.43 -43.12 -57.72
C LEU A 799 15.49 -43.80 -56.73
N THR A 800 14.76 -43.01 -55.94
CA THR A 800 13.82 -43.54 -54.97
C THR A 800 12.49 -43.83 -55.66
N GLU A 801 11.44 -44.07 -54.86
CA GLU A 801 10.10 -44.32 -55.37
C GLU A 801 9.53 -43.05 -56.00
N PRO A 802 9.94 -41.87 -55.53
CA PRO A 802 9.43 -40.63 -56.13
C PRO A 802 10.06 -40.35 -57.48
N ASP A 803 9.26 -39.78 -58.38
CA ASP A 803 9.71 -39.39 -59.72
C ASP A 803 9.99 -37.90 -59.80
N SER A 804 10.55 -37.32 -58.75
CA SER A 804 10.79 -35.88 -58.67
C SER A 804 12.07 -35.52 -59.44
N ARG A 805 12.55 -34.30 -59.21
CA ARG A 805 13.76 -33.81 -59.88
C ARG A 805 14.97 -34.55 -59.36
N SER A 806 15.64 -35.29 -60.25
CA SER A 806 16.76 -36.11 -59.83
C SER A 806 18.01 -35.27 -59.58
N ILE A 807 18.49 -34.58 -60.60
CA ILE A 807 19.68 -33.73 -60.50
C ILE A 807 19.33 -32.36 -61.05
N LEU A 808 19.68 -31.33 -60.31
CA LEU A 808 19.44 -29.94 -60.69
C LEU A 808 20.77 -29.31 -61.07
N LEU A 809 20.99 -29.13 -62.39
CA LEU A 809 22.22 -28.55 -62.88
C LEU A 809 21.94 -27.88 -64.21
N SER A 810 22.26 -26.60 -64.32
CA SER A 810 22.05 -25.84 -65.54
C SER A 810 23.10 -24.75 -65.70
N ALA A 815 24.94 -26.20 -70.61
CA ALA A 815 23.76 -26.49 -69.80
C ALA A 815 23.27 -27.91 -70.05
N GLU A 816 23.60 -28.82 -69.13
CA GLU A 816 23.21 -30.21 -69.22
C GLU A 816 22.47 -30.61 -67.95
N PRO A 817 21.17 -30.84 -68.08
CA PRO A 817 20.32 -31.23 -66.96
C PRO A 817 19.65 -32.57 -67.24
N ILE A 818 19.54 -33.39 -66.21
CA ILE A 818 18.92 -34.71 -66.32
C ILE A 818 17.47 -34.62 -65.88
N LYS A 819 16.59 -35.27 -66.64
CA LYS A 819 15.17 -35.23 -66.32
C LYS A 819 14.82 -36.21 -65.21
N ALA A 820 15.06 -37.50 -65.44
CA ALA A 820 14.76 -38.53 -64.47
C ALA A 820 15.70 -39.70 -64.69
N HIS A 821 15.40 -40.83 -64.04
CA HIS A 821 16.20 -42.03 -64.17
C HIS A 821 15.31 -43.26 -64.20
N PRO A 822 15.29 -44.01 -65.29
CA PRO A 822 14.43 -45.20 -65.35
C PRO A 822 15.05 -46.39 -64.62
N ASP A 823 16.38 -46.52 -64.68
CA ASP A 823 17.06 -47.64 -64.05
C ASP A 823 18.38 -47.25 -63.38
N PHE A 824 18.75 -45.98 -63.34
CA PHE A 824 20.02 -45.59 -62.75
C PHE A 824 19.95 -45.66 -61.23
N ARG A 825 20.89 -46.40 -60.64
CA ARG A 825 20.92 -46.61 -59.20
C ARG A 825 22.32 -46.33 -58.69
N ILE A 826 22.39 -45.69 -57.52
CA ILE A 826 23.66 -45.33 -56.89
C ILE A 826 24.04 -46.40 -55.87
N PHE A 827 25.35 -46.61 -55.73
CA PHE A 827 25.87 -47.58 -54.78
C PHE A 827 27.12 -47.00 -54.12
N ALA A 828 27.16 -47.09 -52.79
CA ALA A 828 28.29 -46.57 -52.02
C ALA A 828 28.81 -47.65 -51.09
N CYS A 829 30.11 -47.59 -50.83
CA CYS A 829 30.78 -48.54 -49.93
C CYS A 829 31.51 -47.76 -48.86
N MET A 830 31.23 -48.08 -47.60
CA MET A 830 31.85 -47.42 -46.45
C MET A 830 32.97 -48.32 -45.92
N ASN A 831 34.22 -47.90 -46.13
CA ASN A 831 35.35 -48.68 -45.63
C ASN A 831 35.50 -48.53 -44.12
N PRO A 832 35.68 -47.34 -43.57
CA PRO A 832 35.84 -47.18 -42.12
C PRO A 832 34.50 -46.90 -41.44
N ALA A 833 34.56 -46.89 -40.11
CA ALA A 833 33.41 -46.57 -39.27
C ALA A 833 33.87 -45.74 -38.08
N THR A 834 33.01 -44.80 -37.68
CA THR A 834 33.25 -43.86 -36.57
C THR A 834 34.54 -43.06 -36.76
N ASP A 835 34.81 -42.65 -38.00
CA ASP A 835 35.99 -41.87 -38.32
C ASP A 835 35.66 -40.38 -38.20
N VAL A 836 36.55 -39.52 -38.71
CA VAL A 836 36.32 -38.09 -38.64
C VAL A 836 35.28 -37.67 -39.66
N GLY A 837 35.41 -38.14 -40.90
CA GLY A 837 34.44 -37.86 -41.93
C GLY A 837 33.37 -38.93 -42.05
N LYS A 838 32.69 -39.20 -40.95
CA LYS A 838 31.64 -40.24 -40.91
C LYS A 838 30.25 -39.65 -40.99
N ARG A 839 30.07 -38.59 -41.77
CA ARG A 839 28.79 -37.90 -41.89
C ARG A 839 27.86 -38.53 -42.91
N ASP A 840 28.10 -39.79 -43.30
CA ASP A 840 27.22 -40.48 -44.23
C ASP A 840 25.99 -41.07 -43.56
N LEU A 841 26.03 -41.27 -42.24
CA LEU A 841 24.91 -41.83 -41.50
C LEU A 841 23.81 -40.78 -41.32
N PRO A 842 24.18 -39.51 -41.09
CA PRO A 842 23.13 -38.50 -40.91
C PRO A 842 22.44 -38.12 -42.20
N MET A 843 23.18 -38.06 -43.32
CA MET A 843 22.56 -37.86 -44.62
C MET A 843 21.91 -39.12 -45.16
N GLY A 844 22.25 -40.28 -44.60
CA GLY A 844 21.65 -41.52 -45.06
C GLY A 844 20.22 -41.70 -44.60
N ILE A 845 19.85 -41.11 -43.47
CA ILE A 845 18.47 -41.18 -43.01
C ILE A 845 17.59 -40.25 -43.83
N ARG A 846 18.12 -39.11 -44.26
CA ARG A 846 17.38 -38.20 -45.12
C ARG A 846 17.32 -38.69 -46.56
N SER A 847 18.25 -39.55 -46.97
CA SER A 847 18.25 -40.13 -48.31
C SER A 847 17.76 -41.56 -48.33
N ARG A 848 17.30 -42.09 -47.18
CA ARG A 848 16.77 -43.45 -47.02
C ARG A 848 17.80 -44.50 -47.44
N PHE A 849 19.04 -44.31 -47.04
CA PHE A 849 20.11 -45.23 -47.39
C PHE A 849 20.06 -46.44 -46.46
N THR A 850 19.77 -47.61 -47.02
CA THR A 850 19.72 -48.84 -46.24
C THR A 850 21.15 -49.31 -45.96
N GLU A 851 21.47 -49.47 -44.67
CA GLU A 851 22.82 -49.87 -44.25
C GLU A 851 22.85 -51.38 -44.03
N ILE A 852 23.78 -52.05 -44.71
CA ILE A 852 23.97 -53.49 -44.60
C ILE A 852 25.39 -53.73 -44.13
N TYR A 853 25.54 -54.22 -42.90
CA TYR A 853 26.84 -54.48 -42.30
C TYR A 853 27.17 -55.95 -42.47
N VAL A 854 28.07 -56.24 -43.42
CA VAL A 854 28.50 -57.61 -43.71
C VAL A 854 30.00 -57.59 -43.96
N HIS A 855 30.77 -58.10 -43.00
CA HIS A 855 32.22 -58.18 -43.14
C HIS A 855 32.67 -59.55 -43.64
N SER A 856 32.18 -60.61 -43.01
CA SER A 856 32.48 -62.02 -43.27
C SER A 856 33.98 -62.30 -43.25
N PRO A 857 34.72 -61.72 -42.32
CA PRO A 857 36.13 -62.11 -42.16
C PRO A 857 36.29 -63.16 -41.07
N GLU A 858 37.12 -64.18 -41.34
CA GLU A 858 37.35 -65.34 -40.47
C GLU A 858 36.04 -66.02 -40.08
N ARG A 859 35.23 -66.31 -41.09
CA ARG A 859 33.90 -66.88 -40.88
C ARG A 859 34.01 -68.40 -40.71
N ASP A 860 32.88 -69.09 -40.79
CA ASP A 860 32.86 -70.54 -40.69
C ASP A 860 33.49 -71.16 -41.94
N ILE A 861 33.83 -72.44 -41.82
CA ILE A 861 34.53 -73.15 -42.91
C ILE A 861 33.44 -73.68 -43.83
N THR A 862 32.95 -72.79 -44.69
CA THR A 862 32.01 -73.15 -45.74
C THR A 862 32.31 -72.52 -47.09
N ASP A 863 33.02 -71.40 -47.14
CA ASP A 863 33.39 -70.76 -48.39
C ASP A 863 34.88 -70.43 -48.47
N LEU A 864 35.66 -70.78 -47.45
CA LEU A 864 37.09 -70.54 -47.51
C LEU A 864 37.77 -71.49 -48.50
N LEU A 865 37.30 -72.73 -48.57
CA LEU A 865 37.79 -73.65 -49.58
C LEU A 865 37.29 -73.27 -50.96
N SER A 866 36.11 -72.65 -51.04
CA SER A 866 35.62 -72.14 -52.32
C SER A 866 36.36 -70.88 -52.74
N ILE A 867 36.82 -70.08 -51.79
CA ILE A 867 37.64 -68.93 -52.11
C ILE A 867 39.05 -69.38 -52.49
N ILE A 868 39.49 -70.52 -51.96
CA ILE A 868 40.78 -71.09 -52.30
C ILE A 868 40.66 -72.16 -53.39
N ASP A 869 39.53 -72.19 -54.11
CA ASP A 869 39.30 -73.17 -55.15
C ASP A 869 39.88 -72.77 -56.50
N LYS A 870 40.66 -71.69 -56.56
CA LYS A 870 41.27 -71.28 -57.81
C LYS A 870 42.41 -72.20 -58.22
N TYR A 871 43.02 -72.92 -57.27
CA TYR A 871 44.08 -73.85 -57.58
C TYR A 871 43.51 -75.24 -57.85
N ILE A 872 44.19 -75.98 -58.73
CA ILE A 872 43.75 -77.33 -59.06
C ILE A 872 44.07 -78.30 -57.93
N GLY A 873 45.36 -78.45 -57.62
CA GLY A 873 45.78 -79.30 -56.52
C GLY A 873 45.79 -80.77 -56.87
N LYS A 874 44.59 -81.35 -56.96
CA LYS A 874 44.36 -82.78 -57.25
C LYS A 874 45.09 -83.68 -56.26
N TYR A 875 45.04 -83.33 -54.99
CA TYR A 875 45.70 -84.10 -53.94
C TYR A 875 44.90 -83.93 -52.64
N SER A 876 45.50 -84.34 -51.53
CA SER A 876 44.86 -84.24 -50.22
C SER A 876 45.20 -82.90 -49.57
N VAL A 877 44.66 -81.84 -50.16
CA VAL A 877 44.83 -80.50 -49.65
C VAL A 877 43.82 -80.27 -48.52
N SER A 878 44.32 -79.91 -47.35
CA SER A 878 43.46 -79.73 -46.19
C SER A 878 42.68 -78.41 -46.31
N ASP A 879 41.68 -78.26 -45.44
CA ASP A 879 40.84 -77.08 -45.43
C ASP A 879 41.45 -75.92 -44.65
N GLU A 880 42.65 -76.07 -44.10
CA GLU A 880 43.32 -75.04 -43.35
C GLU A 880 44.21 -74.16 -44.22
N TRP A 881 43.93 -74.09 -45.53
CA TRP A 881 44.68 -73.19 -46.40
C TRP A 881 44.35 -71.74 -46.09
N VAL A 882 43.06 -71.39 -46.15
CA VAL A 882 42.62 -70.07 -45.69
C VAL A 882 42.28 -70.07 -44.21
N GLY A 883 42.18 -71.23 -43.58
CA GLY A 883 41.90 -71.28 -42.15
C GLY A 883 43.08 -70.90 -41.29
N ASN A 884 44.30 -71.24 -41.73
CA ASN A 884 45.49 -70.81 -41.01
C ASN A 884 45.72 -69.31 -41.17
N ASP A 885 45.28 -68.72 -42.29
CA ASP A 885 45.33 -67.28 -42.44
C ASP A 885 44.30 -66.60 -41.54
N ILE A 886 43.18 -67.27 -41.26
CA ILE A 886 42.23 -66.74 -40.31
C ILE A 886 42.61 -67.07 -38.87
N ALA A 887 43.39 -68.13 -38.65
CA ALA A 887 43.83 -68.45 -37.30
C ALA A 887 44.88 -67.47 -36.80
N GLU A 888 45.76 -67.02 -37.69
CA GLU A 888 46.72 -65.99 -37.31
C GLU A 888 46.05 -64.62 -37.24
N LEU A 889 44.95 -64.43 -37.96
CA LEU A 889 44.22 -63.17 -37.92
C LEU A 889 43.43 -62.99 -36.64
N TYR A 890 43.12 -64.09 -35.94
CA TYR A 890 42.41 -63.97 -34.67
C TYR A 890 43.32 -63.43 -33.58
N LEU A 891 44.58 -63.86 -33.55
CA LEU A 891 45.56 -63.37 -32.59
C LEU A 891 46.46 -62.29 -33.17
N GLU A 892 46.07 -61.68 -34.29
CA GLU A 892 46.89 -60.64 -34.91
C GLU A 892 46.82 -59.34 -34.13
N ALA A 893 45.70 -59.09 -33.44
CA ALA A 893 45.54 -57.88 -32.64
C ALA A 893 45.65 -58.12 -31.15
N LYS A 894 45.70 -59.39 -30.71
CA LYS A 894 45.76 -59.69 -29.29
C LYS A 894 47.19 -59.65 -28.77
N LYS A 895 48.04 -60.55 -29.26
CA LYS A 895 49.39 -60.66 -28.73
C LYS A 895 50.43 -60.85 -29.84
N LEU A 896 50.20 -60.29 -31.01
CA LEU A 896 51.17 -60.41 -32.11
C LEU A 896 52.15 -59.23 -32.13
N SER A 897 52.71 -58.94 -30.96
CA SER A 897 53.86 -58.06 -30.71
C SER A 897 53.64 -56.58 -31.00
N ASP A 898 52.47 -56.22 -31.56
CA ASP A 898 52.10 -54.85 -31.93
C ASP A 898 53.16 -54.16 -32.79
N ASN A 899 53.49 -54.79 -33.91
CA ASN A 899 54.64 -54.38 -34.73
C ASN A 899 54.27 -53.31 -35.74
N ASN A 900 53.58 -52.25 -35.28
CA ASN A 900 53.22 -51.11 -36.12
C ASN A 900 52.83 -49.97 -35.18
N THR A 901 52.58 -48.80 -35.78
CA THR A 901 52.00 -47.69 -35.05
C THR A 901 50.48 -47.77 -34.97
N ILE A 902 49.88 -48.75 -35.65
CA ILE A 902 48.44 -48.95 -35.65
C ILE A 902 48.18 -50.44 -35.46
N VAL A 903 46.90 -50.84 -35.55
CA VAL A 903 46.52 -52.24 -35.42
C VAL A 903 47.01 -53.03 -36.64
N ASP A 904 46.98 -54.37 -36.53
CA ASP A 904 47.58 -55.23 -37.55
C ASP A 904 46.79 -55.24 -38.86
N GLY A 905 45.53 -54.80 -38.83
CA GLY A 905 44.74 -54.72 -40.05
C GLY A 905 44.30 -56.06 -40.58
N SER A 906 43.48 -56.78 -39.80
CA SER A 906 42.92 -58.05 -40.24
C SER A 906 41.76 -57.85 -41.21
N ASN A 907 41.19 -56.65 -41.30
CA ASN A 907 40.12 -56.39 -42.26
C ASN A 907 40.64 -56.35 -43.69
N GLN A 908 41.90 -55.97 -43.88
CA GLN A 908 42.53 -55.97 -45.19
C GLN A 908 43.51 -57.12 -45.38
N LYS A 909 43.77 -57.91 -44.34
CA LYS A 909 44.66 -59.05 -44.43
C LYS A 909 44.00 -60.16 -45.22
N PRO A 910 42.68 -60.30 -45.14
CA PRO A 910 41.99 -61.31 -45.96
C PRO A 910 41.94 -60.95 -47.43
N HIS A 911 41.90 -59.66 -47.76
CA HIS A 911 42.01 -59.25 -49.15
C HIS A 911 43.42 -59.45 -49.68
N PHE A 912 44.43 -59.28 -48.82
CA PHE A 912 45.80 -59.58 -49.21
C PHE A 912 46.07 -61.08 -49.24
N SER A 913 45.31 -61.86 -48.46
CA SER A 913 45.43 -63.31 -48.51
C SER A 913 44.88 -63.88 -49.81
N ILE A 914 43.84 -63.27 -50.35
CA ILE A 914 43.34 -63.68 -51.67
C ILE A 914 44.27 -63.19 -52.76
N ARG A 915 44.91 -62.03 -52.55
CA ARG A 915 45.88 -61.53 -53.52
C ARG A 915 47.20 -62.30 -53.47
N THR A 916 47.51 -62.93 -52.34
CA THR A 916 48.70 -63.75 -52.25
C THR A 916 48.56 -65.07 -53.00
N LEU A 917 47.32 -65.52 -53.24
CA LEU A 917 47.10 -66.73 -54.03
C LEU A 917 47.41 -66.52 -55.50
N THR A 918 47.35 -65.27 -55.98
CA THR A 918 47.71 -65.00 -57.36
C THR A 918 49.21 -65.07 -57.58
N ARG A 919 50.00 -64.90 -56.52
CA ARG A 919 51.45 -65.02 -56.62
C ARG A 919 51.91 -66.45 -56.82
N THR A 920 51.08 -67.43 -56.46
CA THR A 920 51.37 -68.83 -56.75
C THR A 920 51.01 -69.21 -58.19
N LEU A 921 50.40 -68.30 -58.94
CA LEU A 921 50.04 -68.50 -60.33
C LEU A 921 50.66 -67.37 -61.16
N LEU A 922 50.28 -67.31 -62.44
CA LEU A 922 50.78 -66.35 -63.43
C LEU A 922 52.30 -66.40 -63.55
N TYR A 923 52.85 -67.61 -63.55
CA TYR A 923 54.28 -67.82 -63.64
C TYR A 923 54.52 -69.13 -64.39
N VAL A 924 55.77 -69.61 -64.36
CA VAL A 924 56.13 -70.87 -65.00
C VAL A 924 55.72 -72.01 -64.09
N THR A 925 55.75 -73.24 -64.62
CA THR A 925 55.37 -74.43 -63.86
C THR A 925 56.50 -74.77 -62.90
N ASP A 926 56.50 -74.09 -61.76
CA ASP A 926 57.49 -74.32 -60.72
C ASP A 926 56.96 -75.36 -59.74
N ILE A 927 57.63 -75.52 -58.60
CA ILE A 927 57.20 -76.45 -57.57
C ILE A 927 55.97 -75.86 -56.88
N ILE A 928 54.82 -76.51 -57.08
CA ILE A 928 53.58 -76.01 -56.50
C ILE A 928 53.53 -76.25 -55.00
N HIS A 929 54.18 -77.32 -54.53
CA HIS A 929 54.20 -77.59 -53.09
C HIS A 929 55.15 -76.63 -52.36
N ILE A 930 56.17 -76.12 -53.04
CA ILE A 930 57.08 -75.18 -52.43
C ILE A 930 56.58 -73.75 -52.55
N TYR A 931 55.91 -73.40 -53.66
CA TYR A 931 55.36 -72.07 -53.83
C TYR A 931 54.11 -71.84 -53.00
N GLY A 932 53.46 -72.91 -52.54
CA GLY A 932 52.32 -72.78 -51.67
C GLY A 932 52.65 -72.25 -50.28
N LEU A 933 53.89 -72.43 -49.85
CA LEU A 933 54.36 -71.89 -48.58
C LEU A 933 55.36 -70.74 -48.78
N ARG A 934 55.69 -70.40 -50.03
CA ARG A 934 56.63 -69.32 -50.31
C ARG A 934 55.91 -67.99 -50.50
N ARG A 935 54.86 -67.97 -51.31
CA ARG A 935 54.12 -66.74 -51.55
C ARG A 935 53.28 -66.34 -50.34
N SER A 936 52.92 -67.28 -49.47
CA SER A 936 52.18 -66.95 -48.27
C SER A 936 53.06 -66.25 -47.24
N LEU A 937 54.38 -66.50 -47.28
CA LEU A 937 55.30 -65.81 -46.38
C LEU A 937 55.53 -64.37 -46.80
N TYR A 938 55.30 -64.04 -48.07
CA TYR A 938 55.48 -62.67 -48.55
C TYR A 938 54.34 -61.75 -48.10
N ASP A 939 53.20 -62.31 -47.71
CA ASP A 939 52.08 -61.48 -47.26
C ASP A 939 52.31 -60.96 -45.84
N GLY A 940 52.72 -61.83 -44.93
CA GLY A 940 52.95 -61.44 -43.56
C GLY A 940 54.41 -61.07 -43.28
N PHE A 941 55.17 -60.78 -44.33
CA PHE A 941 56.57 -60.40 -44.16
C PHE A 941 56.70 -58.99 -43.62
N CYS A 942 55.98 -58.04 -44.22
CA CYS A 942 56.06 -56.65 -43.77
C CYS A 942 55.31 -56.43 -42.46
N MET A 943 54.40 -57.34 -42.09
CA MET A 943 53.68 -57.21 -40.83
C MET A 943 54.47 -57.73 -39.64
N SER A 944 55.55 -58.48 -39.88
CA SER A 944 56.36 -59.00 -38.78
C SER A 944 57.21 -57.90 -38.16
N PHE A 945 57.91 -57.14 -38.99
CA PHE A 945 58.70 -55.95 -38.60
C PHE A 945 59.79 -56.28 -37.59
N LEU A 946 60.34 -57.49 -37.68
CA LEU A 946 61.42 -58.00 -36.82
C LEU A 946 61.04 -57.95 -35.33
N THR A 947 59.79 -58.32 -35.04
CA THR A 947 59.28 -58.30 -33.67
C THR A 947 58.93 -59.69 -33.16
N LEU A 948 58.11 -60.44 -33.90
CA LEU A 948 57.72 -61.79 -33.51
C LEU A 948 57.76 -62.72 -34.72
N LEU A 949 58.81 -62.62 -35.52
CA LEU A 949 58.96 -63.47 -36.71
C LEU A 949 59.75 -64.74 -36.39
N ASP A 950 59.32 -65.45 -35.35
CA ASP A 950 59.95 -66.70 -34.96
C ASP A 950 58.88 -67.78 -34.80
N GLN A 951 57.68 -67.36 -34.41
CA GLN A 951 56.56 -68.29 -34.26
C GLN A 951 55.74 -68.43 -35.53
N LYS A 952 55.72 -67.40 -36.38
CA LYS A 952 54.97 -67.48 -37.64
C LYS A 952 55.70 -68.36 -38.66
N SER A 953 57.03 -68.43 -38.58
CA SER A 953 57.78 -69.29 -39.49
C SER A 953 57.63 -70.76 -39.14
N GLU A 954 57.46 -71.08 -37.86
CA GLU A 954 57.21 -72.46 -37.48
C GLU A 954 55.79 -72.89 -37.79
N ALA A 955 54.85 -71.94 -37.83
CA ALA A 955 53.48 -72.27 -38.20
C ALA A 955 53.34 -72.53 -39.69
N ILE A 956 54.14 -71.84 -40.52
CA ILE A 956 54.13 -72.09 -41.95
C ILE A 956 54.86 -73.39 -42.29
N LEU A 957 55.71 -73.90 -41.39
CA LEU A 957 56.39 -75.16 -41.63
C LEU A 957 55.44 -76.35 -41.50
N LYS A 958 54.33 -76.20 -40.81
CA LYS A 958 53.32 -77.24 -40.69
C LYS A 958 52.61 -77.40 -42.04
N PRO A 959 52.33 -76.31 -42.73
CA PRO A 959 51.76 -76.39 -44.09
C PRO A 959 52.79 -76.49 -45.20
N VAL A 960 54.06 -76.74 -44.88
CA VAL A 960 55.12 -76.90 -45.87
C VAL A 960 55.06 -78.31 -46.43
N ILE A 961 55.79 -78.55 -47.52
CA ILE A 961 55.82 -79.85 -48.19
C ILE A 961 56.58 -80.87 -47.33
N GLU A 962 56.52 -82.13 -47.74
CA GLU A 962 57.06 -83.24 -46.96
C GLU A 962 58.55 -83.48 -47.22
N LYS A 963 59.31 -82.43 -47.50
CA LYS A 963 60.76 -82.54 -47.66
C LYS A 963 61.42 -82.49 -46.28
N PHE A 964 62.75 -82.37 -46.26
CA PHE A 964 63.48 -82.31 -45.00
C PHE A 964 63.28 -80.95 -44.33
N THR A 965 63.69 -80.89 -43.06
CA THR A 965 63.50 -79.68 -42.25
C THR A 965 64.43 -78.54 -42.63
N LEU A 966 65.50 -78.83 -43.38
CA LEU A 966 66.43 -77.77 -43.82
C LEU A 966 65.78 -77.00 -44.97
N GLY A 967 65.25 -75.81 -44.65
CA GLY A 967 64.58 -75.01 -45.66
C GLY A 967 65.58 -74.32 -46.58
N ARG A 968 65.32 -74.39 -47.88
CA ARG A 968 66.19 -73.78 -48.89
C ARG A 968 65.30 -73.12 -49.94
N LEU A 969 65.20 -71.79 -49.87
CA LEU A 969 64.43 -70.99 -50.82
C LEU A 969 65.35 -70.09 -51.63
N LYS A 970 66.50 -70.61 -52.03
CA LYS A 970 67.47 -69.84 -52.79
C LYS A 970 67.01 -69.75 -54.24
N ASN A 971 66.85 -68.52 -54.73
CA ASN A 971 66.42 -68.26 -56.11
C ASN A 971 67.40 -67.29 -56.75
N VAL A 972 67.92 -67.67 -57.91
CA VAL A 972 68.90 -66.86 -58.62
C VAL A 972 68.52 -66.80 -60.09
N LYS A 973 69.36 -66.15 -60.90
CA LYS A 973 69.13 -66.10 -62.35
C LYS A 973 69.33 -67.47 -63.01
N SER A 974 70.07 -68.37 -62.38
CA SER A 974 70.21 -69.73 -62.85
C SER A 974 69.05 -70.58 -62.33
N ILE A 975 69.19 -71.90 -62.38
CA ILE A 975 68.16 -72.81 -61.90
C ILE A 975 68.09 -72.74 -60.38
N MET A 976 66.90 -72.46 -59.86
CA MET A 976 66.71 -72.32 -58.43
C MET A 976 66.73 -73.68 -57.74
N SER A 977 67.33 -73.73 -56.55
CA SER A 977 67.49 -74.95 -55.78
C SER A 977 66.56 -74.90 -54.57
N GLN A 978 65.65 -75.86 -54.48
CA GLN A 978 64.76 -75.99 -53.34
C GLN A 978 65.46 -76.83 -52.26
N THR A 979 64.69 -77.25 -51.25
CA THR A 979 65.22 -78.07 -50.17
C THR A 979 65.57 -79.47 -50.69
N PRO A 980 64.58 -80.27 -51.07
CA PRO A 980 64.88 -81.56 -51.67
C PRO A 980 64.98 -81.45 -53.19
N PRO A 981 64.34 -80.45 -53.77
CA PRO A 981 64.30 -80.34 -55.24
C PRO A 981 65.32 -79.33 -55.76
N SER A 982 65.38 -79.25 -57.09
CA SER A 982 66.21 -78.28 -57.80
C SER A 982 65.58 -78.00 -59.15
N PRO A 983 64.60 -77.09 -59.19
CA PRO A 983 63.87 -76.86 -60.44
C PRO A 983 64.67 -76.03 -61.43
N GLY A 984 64.50 -76.33 -62.71
CA GLY A 984 65.20 -75.63 -63.76
C GLY A 984 64.49 -74.36 -64.17
N PRO A 985 65.10 -73.22 -63.87
CA PRO A 985 64.50 -71.93 -64.25
C PRO A 985 64.87 -71.52 -65.66
N ASP A 986 63.96 -70.77 -66.28
CA ASP A 986 64.14 -70.28 -67.63
C ASP A 986 63.89 -68.77 -67.67
N TYR A 987 64.44 -68.13 -68.69
CA TYR A 987 64.29 -66.69 -68.86
C TYR A 987 63.85 -66.34 -70.28
N GLN A 1005 79.09 -58.76 -59.06
CA GLN A 1005 78.33 -58.52 -57.86
C GLN A 1005 79.08 -57.59 -56.90
N ALA A 1006 78.37 -57.07 -55.90
CA ALA A 1006 78.99 -56.16 -54.92
C ALA A 1006 78.31 -56.40 -53.57
N HIS A 1007 78.91 -57.29 -52.78
CA HIS A 1007 78.47 -57.56 -51.42
C HIS A 1007 79.69 -57.67 -50.52
N TYR A 1008 79.49 -57.37 -49.24
CA TYR A 1008 80.59 -57.39 -48.27
C TYR A 1008 81.17 -58.80 -48.09
N ILE A 1009 80.40 -59.69 -47.47
CA ILE A 1009 80.77 -61.11 -47.45
C ILE A 1009 79.57 -61.95 -47.88
N ILE A 1010 78.52 -61.93 -47.05
CA ILE A 1010 77.31 -62.71 -47.28
C ILE A 1010 76.10 -61.80 -47.12
N THR A 1011 76.09 -61.03 -46.03
CA THR A 1011 75.01 -60.16 -45.52
C THR A 1011 73.76 -60.99 -45.27
N PRO A 1012 73.76 -61.83 -44.23
CA PRO A 1012 72.55 -62.61 -43.92
C PRO A 1012 71.44 -61.80 -43.30
N PHE A 1013 71.74 -60.64 -42.71
CA PHE A 1013 70.69 -59.78 -42.17
C PHE A 1013 69.89 -59.11 -43.29
N VAL A 1014 70.52 -58.90 -44.45
CA VAL A 1014 69.81 -58.39 -45.62
C VAL A 1014 69.33 -59.51 -46.53
N GLU A 1015 69.76 -60.74 -46.30
CA GLU A 1015 69.31 -61.87 -47.12
C GLU A 1015 67.87 -62.26 -46.85
N LYS A 1016 67.34 -61.90 -45.66
CA LYS A 1016 65.94 -62.15 -45.37
C LYS A 1016 65.03 -61.24 -46.21
N ASN A 1017 65.44 -59.98 -46.37
CA ASN A 1017 64.71 -59.08 -47.27
C ASN A 1017 65.02 -59.36 -48.73
N MET A 1018 66.17 -59.98 -49.02
CA MET A 1018 66.48 -60.33 -50.40
C MET A 1018 65.71 -61.56 -50.85
N MET A 1019 65.49 -62.52 -49.95
CA MET A 1019 64.73 -63.71 -50.30
C MET A 1019 63.24 -63.40 -50.44
N ASN A 1020 62.73 -62.43 -49.68
CA ASN A 1020 61.34 -62.03 -49.83
C ASN A 1020 61.14 -61.25 -51.13
N LEU A 1021 62.12 -60.45 -51.52
CA LEU A 1021 62.05 -59.74 -52.80
C LEU A 1021 62.32 -60.66 -53.98
N VAL A 1022 62.96 -61.81 -53.76
CA VAL A 1022 63.18 -62.76 -54.85
C VAL A 1022 61.88 -63.45 -55.22
N ARG A 1023 61.02 -63.71 -54.23
CA ARG A 1023 59.69 -64.24 -54.54
C ARG A 1023 58.79 -63.19 -55.15
N ALA A 1024 59.02 -61.92 -54.82
CA ALA A 1024 58.25 -60.83 -55.42
C ALA A 1024 58.73 -60.49 -56.82
N THR A 1025 59.92 -60.94 -57.21
CA THR A 1025 60.44 -60.67 -58.55
C THR A 1025 59.76 -61.54 -59.61
N SER A 1026 59.14 -62.64 -59.23
CA SER A 1026 58.47 -63.54 -60.15
C SER A 1026 57.00 -63.20 -60.35
N GLY A 1027 56.56 -62.02 -59.91
CA GLY A 1027 55.18 -61.63 -60.07
C GLY A 1027 54.91 -60.94 -61.39
N LYS A 1028 53.64 -60.59 -61.59
CA LYS A 1028 53.21 -59.94 -62.81
C LYS A 1028 51.98 -59.09 -62.51
N ARG A 1029 51.96 -57.87 -63.05
CA ARG A 1029 50.89 -56.88 -62.87
C ARG A 1029 50.65 -56.57 -61.39
N PHE A 1030 51.73 -56.50 -60.61
CA PHE A 1030 51.64 -56.19 -59.19
C PHE A 1030 52.86 -55.37 -58.81
N PRO A 1031 52.75 -54.04 -58.84
CA PRO A 1031 53.91 -53.20 -58.53
C PRO A 1031 54.23 -53.16 -57.04
N VAL A 1032 55.33 -53.81 -56.65
CA VAL A 1032 55.74 -53.85 -55.26
C VAL A 1032 56.36 -52.51 -54.87
N LEU A 1033 56.04 -52.04 -53.68
CA LEU A 1033 56.55 -50.77 -53.15
C LEU A 1033 57.42 -51.10 -51.95
N ILE A 1034 58.72 -51.30 -52.21
CA ILE A 1034 59.67 -51.61 -51.15
C ILE A 1034 59.96 -50.35 -50.36
N GLN A 1035 59.68 -50.37 -49.07
CA GLN A 1035 59.89 -49.24 -48.18
C GLN A 1035 60.91 -49.62 -47.10
N GLY A 1036 61.09 -48.71 -46.15
CA GLY A 1036 62.01 -48.94 -45.06
C GLY A 1036 62.56 -47.66 -44.49
N PRO A 1037 63.32 -47.76 -43.40
CA PRO A 1037 63.90 -46.57 -42.78
C PRO A 1037 65.11 -46.06 -43.55
N THR A 1038 65.55 -44.87 -43.17
CA THR A 1038 66.72 -44.27 -43.80
C THR A 1038 67.99 -44.99 -43.35
N SER A 1039 69.05 -44.82 -44.16
CA SER A 1039 70.37 -45.45 -43.97
C SER A 1039 70.25 -46.97 -43.88
N SER A 1040 69.48 -47.55 -44.80
CA SER A 1040 69.27 -48.98 -44.85
C SER A 1040 69.62 -49.62 -46.19
N GLY A 1041 69.87 -48.82 -47.22
CA GLY A 1041 70.22 -49.37 -48.52
C GLY A 1041 69.02 -49.83 -49.31
N LYS A 1042 68.07 -48.93 -49.56
CA LYS A 1042 66.88 -49.28 -50.34
C LYS A 1042 67.22 -49.45 -51.81
N THR A 1043 68.05 -48.56 -52.36
CA THR A 1043 68.47 -48.65 -53.74
C THR A 1043 69.57 -49.69 -53.95
N SER A 1044 70.21 -50.18 -52.89
CA SER A 1044 71.27 -51.16 -53.03
C SER A 1044 70.71 -52.55 -53.34
N MET A 1045 69.55 -52.89 -52.75
CA MET A 1045 68.96 -54.20 -52.98
C MET A 1045 68.33 -54.31 -54.36
N ILE A 1046 67.79 -53.22 -54.89
CA ILE A 1046 67.20 -53.26 -56.22
C ILE A 1046 68.28 -53.27 -57.29
N LYS A 1047 69.42 -52.62 -57.03
CA LYS A 1047 70.51 -52.63 -57.99
C LYS A 1047 71.25 -53.96 -58.01
N TYR A 1048 71.40 -54.60 -56.84
CA TYR A 1048 72.07 -55.89 -56.79
C TYR A 1048 71.21 -57.00 -57.37
N LEU A 1049 69.89 -56.84 -57.34
CA LEU A 1049 68.99 -57.84 -57.90
C LEU A 1049 68.86 -57.73 -59.41
N ALA A 1050 69.33 -56.63 -60.01
CA ALA A 1050 69.24 -56.48 -61.46
C ALA A 1050 70.27 -57.34 -62.16
N ASP A 1051 71.45 -57.50 -61.56
CA ASP A 1051 72.50 -58.34 -62.14
C ASP A 1051 72.48 -59.76 -61.62
N ILE A 1052 71.79 -60.02 -60.52
CA ILE A 1052 71.74 -61.36 -59.96
C ILE A 1052 70.70 -62.22 -60.66
N THR A 1053 69.57 -61.63 -61.07
CA THR A 1053 68.51 -62.36 -61.75
C THR A 1053 68.57 -62.25 -63.26
N GLY A 1054 69.59 -61.60 -63.80
CA GLY A 1054 69.69 -61.44 -65.24
C GLY A 1054 68.77 -60.38 -65.82
N HIS A 1055 68.37 -59.41 -65.02
CA HIS A 1055 67.50 -58.34 -65.48
C HIS A 1055 68.32 -57.24 -66.16
N LYS A 1056 67.65 -56.23 -66.67
CA LYS A 1056 68.31 -55.13 -67.37
C LYS A 1056 68.83 -54.10 -66.37
N PHE A 1057 69.35 -52.99 -66.89
CA PHE A 1057 69.91 -51.94 -66.06
C PHE A 1057 68.78 -51.13 -65.42
N VAL A 1058 68.86 -50.95 -64.10
CA VAL A 1058 67.84 -50.22 -63.37
C VAL A 1058 67.98 -48.73 -63.63
N ARG A 1059 67.16 -48.20 -64.54
CA ARG A 1059 67.19 -46.78 -64.89
C ARG A 1059 66.38 -46.02 -63.84
N ILE A 1060 67.05 -45.60 -62.78
CA ILE A 1060 66.38 -44.91 -61.68
C ILE A 1060 66.08 -43.47 -62.10
N ASN A 1061 65.19 -42.83 -61.34
CA ASN A 1061 64.80 -41.46 -61.59
C ASN A 1061 64.48 -40.77 -60.27
N ASN A 1062 64.40 -39.45 -60.31
CA ASN A 1062 64.09 -38.64 -59.14
C ASN A 1062 62.66 -38.14 -59.24
N HIS A 1063 61.85 -38.44 -58.22
CA HIS A 1063 60.46 -38.03 -58.21
C HIS A 1063 60.21 -36.74 -57.43
N GLU A 1064 61.03 -36.47 -56.42
CA GLU A 1064 60.88 -35.25 -55.64
C GLU A 1064 61.42 -34.05 -56.41
N HIS A 1065 60.75 -32.90 -56.23
CA HIS A 1065 61.06 -31.64 -56.92
C HIS A 1065 61.02 -31.79 -58.43
N THR A 1066 60.01 -32.49 -58.93
CA THR A 1066 59.83 -32.74 -60.35
C THR A 1066 58.67 -31.90 -60.87
N ASP A 1067 58.50 -31.94 -62.20
CA ASP A 1067 57.43 -31.18 -62.86
C ASP A 1067 56.74 -32.02 -63.93
N LEU A 1068 56.72 -33.35 -63.74
CA LEU A 1068 56.08 -34.34 -64.63
C LEU A 1068 56.64 -34.28 -66.05
N GLN A 1069 57.92 -33.93 -66.18
CA GLN A 1069 58.59 -33.89 -67.48
C GLN A 1069 59.52 -35.07 -67.70
N GLU A 1070 60.26 -35.47 -66.67
CA GLU A 1070 61.14 -36.63 -66.75
C GLU A 1070 60.46 -37.92 -66.31
N TYR A 1071 59.19 -37.85 -65.86
CA TYR A 1071 58.49 -39.05 -65.44
C TYR A 1071 58.05 -39.90 -66.62
N LEU A 1072 57.42 -39.27 -67.62
CA LEU A 1072 56.99 -39.97 -68.82
C LEU A 1072 57.71 -39.51 -70.08
N GLY A 1073 58.09 -38.25 -70.16
CA GLY A 1073 58.75 -37.71 -71.32
C GLY A 1073 57.90 -36.67 -72.04
N THR A 1074 58.57 -35.85 -72.83
CA THR A 1074 57.91 -34.79 -73.58
C THR A 1074 58.70 -34.56 -74.86
N TYR A 1075 58.46 -33.43 -75.52
CA TYR A 1075 59.14 -33.07 -76.75
C TYR A 1075 60.29 -32.13 -76.46
N VAL A 1076 61.43 -32.37 -77.09
CA VAL A 1076 62.63 -31.56 -76.94
C VAL A 1076 63.12 -31.12 -78.31
N THR A 1077 63.55 -29.87 -78.41
CA THR A 1077 64.00 -29.32 -79.68
C THR A 1077 65.53 -29.43 -79.77
N ASP A 1078 66.00 -30.09 -80.82
CA ASP A 1078 67.43 -30.22 -81.06
C ASP A 1078 67.92 -29.05 -81.90
N ASP A 1079 69.16 -29.14 -82.39
CA ASP A 1079 69.72 -28.07 -83.21
C ASP A 1079 69.20 -28.09 -84.64
N THR A 1080 68.63 -29.21 -85.10
CA THR A 1080 68.11 -29.34 -86.44
C THR A 1080 66.66 -28.88 -86.57
N GLY A 1081 65.98 -28.62 -85.46
CA GLY A 1081 64.61 -28.16 -85.50
C GLY A 1081 63.56 -29.23 -85.30
N LYS A 1082 63.96 -30.45 -84.96
CA LYS A 1082 63.01 -31.54 -84.74
C LYS A 1082 62.59 -31.55 -83.28
N LEU A 1083 61.31 -31.32 -83.03
CA LEU A 1083 60.78 -31.25 -81.66
C LEU A 1083 59.46 -32.02 -81.59
N SER A 1084 59.44 -33.22 -82.17
CA SER A 1084 58.22 -34.02 -82.19
C SER A 1084 57.97 -34.69 -80.84
N PHE A 1085 58.86 -35.57 -80.42
CA PHE A 1085 58.71 -36.31 -79.17
C PHE A 1085 60.05 -36.85 -78.74
N LYS A 1086 60.09 -37.39 -77.53
CA LYS A 1086 61.27 -38.04 -76.98
C LYS A 1086 60.81 -39.12 -76.01
N GLU A 1087 61.74 -39.63 -75.21
CA GLU A 1087 61.46 -40.67 -74.23
C GLU A 1087 61.51 -40.10 -72.82
N GLY A 1088 61.34 -40.96 -71.85
CA GLY A 1088 61.38 -40.58 -70.45
C GLY A 1088 61.71 -41.76 -69.58
N VAL A 1089 61.29 -41.70 -68.32
CA VAL A 1089 61.52 -42.80 -67.40
C VAL A 1089 60.58 -43.95 -67.71
N LEU A 1090 59.30 -43.66 -67.97
CA LEU A 1090 58.33 -44.69 -68.30
C LEU A 1090 58.41 -45.13 -69.74
N VAL A 1091 58.94 -44.30 -70.63
CA VAL A 1091 59.03 -44.67 -72.04
C VAL A 1091 60.22 -45.59 -72.29
N GLU A 1092 61.34 -45.34 -71.60
CA GLU A 1092 62.51 -46.21 -71.77
C GLU A 1092 62.33 -47.53 -71.06
N ALA A 1093 61.52 -47.56 -70.00
CA ALA A 1093 61.20 -48.82 -69.31
C ALA A 1093 60.13 -49.62 -70.04
N LEU A 1094 59.41 -49.01 -70.98
CA LEU A 1094 58.37 -49.71 -71.71
C LEU A 1094 58.97 -50.58 -72.81
N ARG A 1095 58.09 -51.39 -73.44
CA ARG A 1095 58.43 -52.32 -74.52
C ARG A 1095 59.49 -53.33 -74.09
N LYS A 1096 59.39 -53.79 -72.83
CA LYS A 1096 60.31 -54.76 -72.20
C LYS A 1096 61.76 -54.29 -72.23
N GLY A 1097 61.97 -52.98 -72.09
CA GLY A 1097 63.31 -52.43 -72.12
C GLY A 1097 64.10 -52.67 -70.85
N TYR A 1098 63.64 -52.10 -69.74
CA TYR A 1098 64.34 -52.21 -68.47
C TYR A 1098 63.35 -51.98 -67.35
N TRP A 1099 63.78 -52.29 -66.12
CA TRP A 1099 62.98 -52.06 -64.94
C TRP A 1099 63.20 -50.65 -64.42
N ILE A 1100 62.11 -49.99 -64.03
CA ILE A 1100 62.16 -48.62 -63.56
C ILE A 1100 62.07 -48.61 -62.04
N VAL A 1101 62.55 -47.52 -61.44
CA VAL A 1101 62.53 -47.35 -60.00
C VAL A 1101 62.50 -45.86 -59.68
N LEU A 1102 61.64 -45.48 -58.74
CA LEU A 1102 61.52 -44.09 -58.29
C LEU A 1102 61.93 -44.05 -56.82
N ASP A 1103 63.10 -43.49 -56.54
CA ASP A 1103 63.64 -43.50 -55.18
C ASP A 1103 63.06 -42.42 -54.28
N GLU A 1104 62.25 -41.51 -54.82
CA GLU A 1104 61.66 -40.42 -54.05
C GLU A 1104 60.14 -40.45 -54.14
N LEU A 1105 59.56 -41.65 -53.97
CA LEU A 1105 58.11 -41.78 -54.09
C LEU A 1105 57.38 -41.23 -52.88
N ASN A 1106 58.05 -41.19 -51.72
CA ASN A 1106 57.41 -40.66 -50.52
C ASN A 1106 57.34 -39.13 -50.54
N LEU A 1107 58.40 -38.48 -50.99
CA LEU A 1107 58.45 -37.03 -51.03
C LEU A 1107 57.90 -36.45 -52.32
N ALA A 1108 57.34 -37.27 -53.21
CA ALA A 1108 56.81 -36.80 -54.46
C ALA A 1108 55.48 -36.09 -54.25
N PRO A 1109 54.97 -35.40 -55.26
CA PRO A 1109 53.70 -34.69 -55.12
C PRO A 1109 52.52 -35.65 -55.19
N THR A 1110 51.33 -35.10 -54.90
CA THR A 1110 50.11 -35.89 -54.88
C THR A 1110 49.60 -36.24 -56.27
N ASP A 1111 49.97 -35.45 -57.29
CA ASP A 1111 49.50 -35.72 -58.64
C ASP A 1111 50.22 -36.88 -59.29
N VAL A 1112 51.47 -37.14 -58.89
CA VAL A 1112 52.23 -38.24 -59.47
C VAL A 1112 51.80 -39.60 -58.91
N LEU A 1113 51.11 -39.62 -57.78
CA LEU A 1113 50.62 -40.87 -57.20
C LEU A 1113 49.21 -41.22 -57.65
N GLU A 1114 48.50 -40.30 -58.31
CA GLU A 1114 47.15 -40.57 -58.79
C GLU A 1114 47.10 -40.81 -60.30
N ALA A 1115 47.87 -40.03 -61.07
CA ALA A 1115 47.88 -40.21 -62.53
C ALA A 1115 48.66 -41.44 -62.95
N LEU A 1116 49.65 -41.87 -62.16
CA LEU A 1116 50.45 -43.05 -62.46
C LEU A 1116 49.97 -44.28 -61.69
N ASN A 1117 48.82 -44.20 -61.02
CA ASN A 1117 48.29 -45.33 -60.28
C ASN A 1117 47.59 -46.35 -61.17
N ARG A 1118 47.28 -45.98 -62.42
CA ARG A 1118 46.60 -46.91 -63.31
C ARG A 1118 47.53 -48.02 -63.79
N LEU A 1119 48.84 -47.76 -63.86
CA LEU A 1119 49.79 -48.77 -64.30
C LEU A 1119 49.98 -49.88 -63.26
N LEU A 1120 49.68 -49.61 -61.99
CA LEU A 1120 49.77 -50.61 -60.94
C LEU A 1120 48.46 -51.34 -60.67
N ASP A 1121 47.37 -50.91 -61.30
CA ASP A 1121 46.07 -51.54 -61.11
C ASP A 1121 45.89 -52.66 -62.14
N ASP A 1122 44.64 -53.14 -62.29
CA ASP A 1122 44.38 -54.22 -63.23
C ASP A 1122 44.37 -53.73 -64.68
N ASN A 1123 43.96 -52.49 -64.91
CA ASN A 1123 43.88 -51.91 -66.25
C ASN A 1123 44.98 -50.86 -66.38
N ARG A 1124 46.07 -51.23 -67.07
CA ARG A 1124 47.20 -50.32 -67.26
C ARG A 1124 46.95 -49.50 -68.51
N GLU A 1125 46.40 -48.31 -68.34
CA GLU A 1125 46.09 -47.39 -69.43
C GLU A 1125 46.69 -46.03 -69.08
N LEU A 1126 47.94 -45.81 -69.48
CA LEU A 1126 48.66 -44.57 -69.20
C LEU A 1126 48.78 -43.78 -70.50
N PHE A 1127 47.85 -42.85 -70.70
CA PHE A 1127 47.84 -41.98 -71.88
C PHE A 1127 47.90 -40.53 -71.43
N ILE A 1128 48.86 -39.79 -71.98
CA ILE A 1128 49.05 -38.38 -71.64
C ILE A 1128 48.23 -37.55 -72.62
N PRO A 1129 47.15 -36.90 -72.18
CA PRO A 1129 46.34 -36.10 -73.11
C PRO A 1129 46.98 -34.76 -73.49
N GLU A 1130 47.99 -34.31 -72.76
CA GLU A 1130 48.67 -33.08 -73.13
C GLU A 1130 49.57 -33.27 -74.35
N THR A 1131 50.03 -34.51 -74.59
CA THR A 1131 50.85 -34.82 -75.74
C THR A 1131 50.16 -35.75 -76.73
N GLN A 1132 48.96 -36.23 -76.40
CA GLN A 1132 48.16 -37.13 -77.24
C GLN A 1132 48.91 -38.41 -77.59
N GLU A 1133 49.60 -38.99 -76.61
CA GLU A 1133 50.37 -40.20 -76.78
C GLU A 1133 49.71 -41.33 -76.01
N VAL A 1134 49.57 -42.49 -76.65
CA VAL A 1134 48.94 -43.66 -76.05
C VAL A 1134 50.02 -44.73 -75.92
N VAL A 1135 50.37 -45.08 -74.69
CA VAL A 1135 51.38 -46.08 -74.40
C VAL A 1135 50.74 -47.17 -73.55
N HIS A 1136 50.85 -48.42 -74.00
CA HIS A 1136 50.33 -49.56 -73.28
C HIS A 1136 51.39 -50.13 -72.35
N PRO A 1137 51.08 -51.17 -71.57
CA PRO A 1137 52.05 -51.74 -70.65
C PRO A 1137 53.01 -52.69 -71.38
N HIS A 1138 53.96 -53.21 -70.63
CA HIS A 1138 54.95 -54.15 -71.15
C HIS A 1138 55.10 -55.33 -70.20
N PRO A 1139 55.62 -56.46 -70.70
CA PRO A 1139 55.76 -57.63 -69.82
C PRO A 1139 56.90 -57.50 -68.83
N ASP A 1140 58.05 -56.99 -69.24
CA ASP A 1140 59.22 -56.87 -68.38
C ASP A 1140 59.29 -55.54 -67.64
N PHE A 1141 58.30 -54.68 -67.80
CA PHE A 1141 58.28 -53.39 -67.12
C PHE A 1141 57.63 -53.55 -65.74
N LEU A 1142 58.40 -53.28 -64.69
CA LEU A 1142 57.91 -53.37 -63.31
C LEU A 1142 58.32 -52.10 -62.59
N LEU A 1143 57.40 -51.15 -62.48
CA LEU A 1143 57.67 -49.86 -61.86
C LEU A 1143 57.72 -50.05 -60.35
N PHE A 1144 58.91 -50.34 -59.84
CA PHE A 1144 59.09 -50.48 -58.40
C PHE A 1144 59.08 -49.10 -57.73
N ALA A 1145 58.88 -49.12 -56.42
CA ALA A 1145 58.77 -47.90 -55.64
C ALA A 1145 59.67 -47.98 -54.41
N THR A 1146 60.30 -46.86 -54.06
CA THR A 1146 61.17 -46.74 -52.89
C THR A 1146 60.71 -45.52 -52.10
N GLN A 1147 59.73 -45.70 -51.23
CA GLN A 1147 59.22 -44.63 -50.40
C GLN A 1147 59.85 -44.71 -49.01
N ASN A 1148 60.43 -43.59 -48.58
CA ASN A 1148 61.07 -43.61 -47.27
C ASN A 1148 60.02 -43.45 -46.17
N PRO A 1149 60.12 -44.24 -45.11
CA PRO A 1149 59.17 -44.13 -44.01
C PRO A 1149 59.47 -42.90 -43.16
N PRO A 1150 58.48 -42.40 -42.42
CA PRO A 1150 58.71 -41.20 -41.61
C PRO A 1150 59.45 -41.53 -40.31
N GLY A 1151 60.11 -40.50 -39.78
CA GLY A 1151 60.83 -40.63 -38.53
C GLY A 1151 59.94 -40.34 -37.33
N ILE A 1152 60.36 -39.40 -36.49
CA ILE A 1152 59.55 -39.03 -35.34
C ILE A 1152 58.33 -38.21 -35.77
N TYR A 1153 58.46 -37.44 -36.85
CA TYR A 1153 57.36 -36.64 -37.36
C TYR A 1153 56.40 -37.52 -38.16
N GLY A 1154 55.11 -37.44 -37.84
CA GLY A 1154 54.10 -38.23 -38.53
C GLY A 1154 53.57 -37.62 -39.80
N GLY A 1155 53.96 -36.39 -40.13
CA GLY A 1155 53.48 -35.73 -41.33
C GLY A 1155 54.22 -36.07 -42.60
N ARG A 1156 55.34 -36.77 -42.49
CA ARG A 1156 56.11 -37.16 -43.67
C ARG A 1156 55.49 -38.36 -44.40
N LYS A 1157 54.72 -39.18 -43.70
CA LYS A 1157 54.08 -40.34 -44.31
C LYS A 1157 52.90 -39.87 -45.15
N ILE A 1158 53.02 -39.99 -46.47
CA ILE A 1158 51.98 -39.56 -47.40
C ILE A 1158 51.42 -40.73 -48.19
N LEU A 1159 51.65 -41.96 -47.72
CA LEU A 1159 51.14 -43.15 -48.40
C LEU A 1159 49.85 -43.59 -47.71
N SER A 1160 48.72 -43.38 -48.38
CA SER A 1160 47.42 -43.76 -47.87
C SER A 1160 46.97 -45.08 -48.50
N ARG A 1161 45.78 -45.53 -48.10
CA ARG A 1161 45.22 -46.77 -48.63
C ARG A 1161 44.74 -46.63 -50.07
N ALA A 1162 44.52 -45.39 -50.53
CA ALA A 1162 44.11 -45.20 -51.92
C ALA A 1162 45.27 -45.42 -52.88
N PHE A 1163 46.50 -45.11 -52.45
CA PHE A 1163 47.68 -45.31 -53.27
C PHE A 1163 48.37 -46.65 -53.00
N ARG A 1164 48.16 -47.25 -51.84
CA ARG A 1164 48.74 -48.54 -51.50
C ARG A 1164 47.75 -49.68 -51.63
N ASN A 1165 46.69 -49.51 -52.42
CA ASN A 1165 45.71 -50.57 -52.59
C ASN A 1165 46.25 -51.67 -53.50
N ARG A 1166 46.56 -51.33 -54.75
CA ARG A 1166 47.11 -52.29 -55.70
C ARG A 1166 48.64 -52.26 -55.70
N PHE A 1167 49.23 -52.40 -54.51
CA PHE A 1167 50.68 -52.38 -54.35
C PHE A 1167 51.04 -53.07 -53.05
N LEU A 1168 51.97 -54.03 -53.14
CA LEU A 1168 52.43 -54.72 -51.94
C LEU A 1168 53.37 -53.83 -51.13
N GLU A 1169 53.58 -54.21 -49.88
CA GLU A 1169 54.40 -53.46 -48.94
C GLU A 1169 55.52 -54.33 -48.42
N LEU A 1170 56.75 -53.85 -48.55
CA LEU A 1170 57.94 -54.54 -48.05
C LEU A 1170 58.81 -53.54 -47.32
N HIS A 1171 58.99 -53.74 -46.02
CA HIS A 1171 59.77 -52.84 -45.18
C HIS A 1171 61.18 -53.37 -45.04
N PHE A 1172 62.16 -52.47 -45.13
CA PHE A 1172 63.56 -52.83 -44.96
C PHE A 1172 63.89 -52.53 -43.50
N ASP A 1173 64.11 -53.62 -42.75
CA ASP A 1173 64.49 -53.59 -41.32
C ASP A 1173 65.89 -54.19 -41.05
N ASP A 1174 66.01 -55.06 -40.04
CA ASP A 1174 67.33 -55.45 -39.50
C ASP A 1174 67.46 -56.92 -39.00
N ILE A 1175 68.53 -57.22 -38.25
CA ILE A 1175 68.78 -58.58 -37.72
C ILE A 1175 69.75 -58.69 -36.52
N PRO A 1176 70.24 -59.92 -36.27
CA PRO A 1176 71.16 -60.21 -35.15
C PRO A 1176 72.64 -60.36 -35.59
N GLN A 1177 73.47 -61.14 -34.89
CA GLN A 1177 74.85 -61.23 -35.36
C GLN A 1177 75.02 -60.57 -36.72
N ASP A 1178 74.32 -59.45 -36.93
CA ASP A 1178 74.38 -58.77 -38.23
C ASP A 1178 75.70 -58.05 -38.42
N GLU A 1179 76.28 -57.52 -37.33
CA GLU A 1179 77.55 -56.83 -37.41
C GLU A 1179 78.73 -57.78 -37.59
N LEU A 1180 78.54 -59.06 -37.29
CA LEU A 1180 79.63 -60.03 -37.45
C LEU A 1180 79.88 -60.34 -38.93
N GLU A 1181 78.84 -60.31 -39.75
CA GLU A 1181 79.03 -60.55 -41.18
C GLU A 1181 79.64 -59.35 -41.88
N ILE A 1182 79.28 -58.14 -41.46
CA ILE A 1182 79.82 -56.93 -42.07
C ILE A 1182 81.27 -56.71 -41.67
N ILE A 1183 81.69 -57.22 -40.52
CA ILE A 1183 83.10 -57.10 -40.12
C ILE A 1183 83.96 -58.07 -40.91
N LEU A 1184 83.39 -59.16 -41.40
CA LEU A 1184 84.13 -60.12 -42.20
C LEU A 1184 84.39 -59.62 -43.62
N ARG A 1185 83.63 -58.63 -44.09
CA ARG A 1185 83.84 -58.08 -45.41
C ARG A 1185 85.09 -57.20 -45.46
N GLU A 1186 85.22 -56.28 -44.50
CA GLU A 1186 86.36 -55.39 -44.44
C GLU A 1186 86.59 -54.97 -42.99
N ARG A 1187 87.79 -54.48 -42.72
CA ARG A 1187 88.19 -54.04 -41.39
C ARG A 1187 88.18 -52.52 -41.36
N CYS A 1188 87.24 -51.94 -40.62
CA CYS A 1188 87.12 -50.50 -40.51
C CYS A 1188 86.52 -50.15 -39.15
N GLN A 1189 87.05 -49.09 -38.54
CA GLN A 1189 86.58 -48.66 -37.23
C GLN A 1189 85.22 -47.97 -37.29
N ILE A 1190 84.85 -47.41 -38.44
CA ILE A 1190 83.55 -46.75 -38.57
C ILE A 1190 82.42 -47.77 -38.67
N ALA A 1191 82.72 -48.97 -39.15
CA ALA A 1191 81.73 -50.04 -39.24
C ALA A 1191 81.41 -50.56 -37.85
N PRO A 1192 82.38 -50.56 -36.92
CA PRO A 1192 82.08 -51.02 -35.56
C PRO A 1192 81.26 -50.04 -34.75
N SER A 1193 81.26 -48.76 -35.11
CA SER A 1193 80.48 -47.75 -34.41
C SER A 1193 79.24 -47.32 -35.17
N TYR A 1194 78.98 -47.89 -36.35
CA TYR A 1194 77.80 -47.51 -37.12
C TYR A 1194 76.51 -48.09 -36.56
N ALA A 1195 76.60 -49.17 -35.79
CA ALA A 1195 75.40 -49.79 -35.22
C ALA A 1195 75.19 -49.42 -33.76
N LYS A 1196 76.19 -48.84 -33.10
CA LYS A 1196 76.06 -48.50 -31.68
C LYS A 1196 75.19 -47.27 -31.47
N LYS A 1197 75.08 -46.39 -32.46
CA LYS A 1197 74.25 -45.20 -32.35
C LYS A 1197 72.77 -45.48 -32.50
N ILE A 1198 72.39 -46.70 -32.92
CA ILE A 1198 70.99 -47.05 -33.09
C ILE A 1198 70.33 -47.52 -31.81
N VAL A 1199 71.07 -47.57 -30.70
CA VAL A 1199 70.49 -48.04 -29.44
C VAL A 1199 69.64 -46.94 -28.81
N GLU A 1200 70.27 -45.82 -28.46
CA GLU A 1200 69.65 -44.63 -27.85
C GLU A 1200 68.86 -44.93 -26.57
N ARG A 1213 68.83 -49.05 -21.33
CA ARG A 1213 69.38 -49.49 -22.60
C ARG A 1213 70.71 -50.21 -22.40
N LEU A 1214 70.82 -50.95 -21.30
CA LEU A 1214 72.05 -51.67 -21.01
C LEU A 1214 72.14 -52.98 -21.80
N PHE A 1215 71.00 -53.58 -22.14
CA PHE A 1215 71.00 -54.82 -22.89
C PHE A 1215 71.36 -54.62 -24.36
N GLU A 1216 71.00 -53.47 -24.93
CA GLU A 1216 71.33 -53.20 -26.32
C GLU A 1216 72.79 -52.84 -26.49
N GLN A 1217 73.38 -52.14 -25.51
CA GLN A 1217 74.80 -51.80 -25.59
C GLN A 1217 75.68 -53.02 -25.31
N LYS A 1218 75.19 -53.96 -24.48
CA LYS A 1218 75.94 -55.17 -24.22
C LYS A 1218 75.93 -56.11 -25.43
N ASN A 1219 74.84 -56.11 -26.20
CA ASN A 1219 74.81 -56.91 -27.42
C ASN A 1219 75.66 -56.30 -28.51
N SER A 1220 75.79 -54.97 -28.53
CA SER A 1220 76.67 -54.33 -29.50
C SER A 1220 78.14 -54.47 -29.11
N PHE A 1221 78.42 -54.62 -27.81
CA PHE A 1221 79.79 -54.83 -27.36
C PHE A 1221 80.24 -56.28 -27.52
N ALA A 1222 79.32 -57.23 -27.37
CA ALA A 1222 79.68 -58.63 -27.53
C ALA A 1222 79.92 -58.98 -29.00
N THR A 1223 79.23 -58.30 -29.92
CA THR A 1223 79.50 -58.50 -31.33
C THR A 1223 80.83 -57.88 -31.74
N LEU A 1224 81.23 -56.78 -31.10
CA LEU A 1224 82.53 -56.19 -31.38
C LEU A 1224 83.65 -57.00 -30.75
N ARG A 1225 83.37 -57.73 -29.68
CA ARG A 1225 84.38 -58.60 -29.08
C ARG A 1225 84.61 -59.84 -29.94
N ASP A 1226 83.56 -60.35 -30.57
CA ASP A 1226 83.73 -61.47 -31.50
C ASP A 1226 84.37 -61.01 -32.81
N LEU A 1227 84.12 -59.77 -33.21
CA LEU A 1227 84.76 -59.24 -34.42
C LEU A 1227 86.21 -58.88 -34.16
N PHE A 1228 86.57 -58.62 -32.90
CA PHE A 1228 87.97 -58.34 -32.57
C PHE A 1228 88.82 -59.59 -32.66
N ARG A 1229 88.22 -60.77 -32.43
CA ARG A 1229 88.95 -62.02 -32.60
C ARG A 1229 89.18 -62.33 -34.08
N TRP A 1230 88.29 -61.86 -34.95
CA TRP A 1230 88.45 -62.02 -36.40
C TRP A 1230 89.22 -60.82 -36.93
N ALA A 1231 90.56 -60.92 -36.82
CA ALA A 1231 91.54 -59.91 -37.21
C ALA A 1231 91.29 -58.55 -36.56
N VAL A 1236 94.44 -55.14 -30.19
CA VAL A 1236 94.88 -53.74 -30.24
C VAL A 1236 94.02 -52.88 -29.32
N GLY A 1237 94.62 -52.44 -28.22
CA GLY A 1237 93.93 -51.61 -27.26
C GLY A 1237 94.23 -50.13 -27.33
N TYR A 1238 95.03 -49.70 -28.31
CA TYR A 1238 95.35 -48.28 -28.43
C TYR A 1238 94.20 -47.51 -29.05
N GLU A 1239 93.75 -47.92 -30.24
CA GLU A 1239 92.63 -47.28 -30.90
C GLU A 1239 91.28 -47.77 -30.38
N GLN A 1240 91.26 -48.85 -29.62
CA GLN A 1240 89.99 -49.36 -29.08
C GLN A 1240 89.49 -48.49 -27.93
N LEU A 1241 90.40 -48.03 -27.07
CA LEU A 1241 90.00 -47.16 -25.98
C LEU A 1241 89.69 -45.75 -26.47
N ALA A 1242 90.34 -45.31 -27.55
CA ALA A 1242 90.03 -44.01 -28.12
C ALA A 1242 88.68 -44.02 -28.82
N ALA A 1243 88.27 -45.16 -29.38
CA ALA A 1243 86.95 -45.26 -29.98
C ALA A 1243 85.86 -45.36 -28.91
N SER A 1244 86.16 -45.99 -27.78
CA SER A 1244 85.19 -46.06 -26.70
C SER A 1244 85.01 -44.73 -25.99
N GLY A 1245 86.09 -43.95 -25.87
CA GLY A 1245 85.98 -42.61 -25.33
C GLY A 1245 85.27 -41.66 -26.28
N TYR A 1246 85.44 -41.86 -27.59
CA TYR A 1246 84.70 -41.07 -28.56
C TYR A 1246 83.24 -41.49 -28.64
N MET A 1247 82.96 -42.75 -28.33
CA MET A 1247 81.57 -43.21 -28.30
C MET A 1247 80.83 -42.66 -27.09
N LEU A 1248 81.53 -42.48 -25.97
CA LEU A 1248 80.91 -41.88 -24.80
C LEU A 1248 80.70 -40.38 -24.98
N LEU A 1249 81.58 -39.73 -25.75
CA LEU A 1249 81.42 -38.32 -26.02
C LEU A 1249 80.29 -38.04 -27.00
N ALA A 1250 79.91 -39.03 -27.82
CA ALA A 1250 78.78 -38.85 -28.72
C ALA A 1250 77.45 -38.89 -28.01
N GLU A 1251 77.41 -39.44 -26.79
CA GLU A 1251 76.20 -39.49 -25.97
C GLU A 1251 76.46 -38.89 -24.61
N ARG A 1252 77.12 -37.74 -24.58
CA ARG A 1252 77.46 -37.05 -23.34
C ARG A 1252 76.70 -35.76 -23.13
N CYS A 1253 76.55 -34.93 -24.17
CA CYS A 1253 75.89 -33.64 -24.05
C CYS A 1253 74.41 -33.75 -24.43
N ARG A 1254 73.71 -34.64 -23.72
CA ARG A 1254 72.28 -34.80 -23.87
C ARG A 1254 71.59 -34.68 -22.52
N THR A 1255 72.32 -35.03 -21.47
CA THR A 1255 71.83 -34.94 -20.10
C THR A 1255 73.03 -34.80 -19.17
N PRO A 1256 72.82 -34.32 -17.96
CA PRO A 1256 73.92 -34.21 -16.98
C PRO A 1256 74.19 -35.45 -16.16
N GLN A 1257 73.64 -36.60 -16.54
CA GLN A 1257 73.81 -37.82 -15.77
C GLN A 1257 75.15 -38.49 -16.09
N GLU A 1258 75.38 -39.63 -15.46
CA GLU A 1258 76.62 -40.40 -15.62
C GLU A 1258 76.40 -41.64 -16.48
N LYS A 1259 75.57 -41.53 -17.52
CA LYS A 1259 75.31 -42.66 -18.41
C LYS A 1259 76.51 -43.01 -19.27
N VAL A 1260 77.40 -42.05 -19.53
CA VAL A 1260 78.64 -42.36 -20.24
C VAL A 1260 79.59 -43.12 -19.34
N THR A 1261 79.51 -42.90 -18.03
CA THR A 1261 80.32 -43.68 -17.08
C THR A 1261 79.78 -45.10 -16.95
N VAL A 1262 78.47 -45.28 -17.05
CA VAL A 1262 77.90 -46.62 -17.03
C VAL A 1262 78.18 -47.33 -18.35
N LYS A 1263 78.31 -46.59 -19.44
CA LYS A 1263 78.69 -47.20 -20.72
C LYS A 1263 80.17 -47.59 -20.69
N LYS A 1264 81.00 -46.82 -20.01
CA LYS A 1264 82.40 -47.18 -19.86
C LYS A 1264 82.61 -48.33 -18.88
N THR A 1265 81.63 -48.57 -17.99
CA THR A 1265 81.74 -49.70 -17.07
C THR A 1265 81.53 -51.03 -17.79
N LEU A 1266 80.61 -51.06 -18.76
CA LEU A 1266 80.40 -52.26 -19.55
C LEU A 1266 81.45 -52.40 -20.65
N GLU A 1267 82.05 -51.31 -21.09
CA GLU A 1267 83.07 -51.36 -22.13
C GLU A 1267 84.40 -51.88 -21.61
N LYS A 1268 84.63 -51.83 -20.30
CA LYS A 1268 85.88 -52.33 -19.75
C LYS A 1268 85.93 -53.85 -19.75
N VAL A 1269 84.77 -54.51 -19.65
CA VAL A 1269 84.73 -55.96 -19.72
C VAL A 1269 84.85 -56.46 -21.16
N MET A 1270 84.51 -55.62 -22.14
CA MET A 1270 84.62 -56.03 -23.54
C MET A 1270 86.06 -56.03 -24.02
N LYS A 1271 86.86 -55.06 -23.56
CA LYS A 1271 88.25 -54.98 -23.96
C LYS A 1271 89.18 -55.20 -22.76
N LEU A 1288 97.18 -32.70 -28.54
CA LEU A 1288 96.49 -31.43 -28.71
C LEU A 1288 97.42 -30.36 -29.25
N GLU A 1289 98.22 -29.78 -28.33
CA GLU A 1289 99.21 -28.74 -28.62
C GLU A 1289 98.58 -27.52 -29.30
N ALA A 1290 97.42 -27.11 -28.80
CA ALA A 1290 96.71 -25.94 -29.32
C ALA A 1290 96.08 -25.19 -28.17
N ILE A 1291 96.14 -23.85 -28.23
CA ILE A 1291 95.61 -23.00 -27.18
C ILE A 1291 94.72 -21.93 -27.81
N GLY A 1292 94.04 -21.18 -26.95
CA GLY A 1292 93.15 -20.13 -27.41
C GLY A 1292 93.00 -19.02 -26.38
N SER A 1293 91.88 -18.29 -26.46
CA SER A 1293 91.64 -17.22 -25.49
C SER A 1293 91.24 -17.78 -24.13
N VAL A 1294 90.13 -18.51 -24.08
CA VAL A 1294 89.70 -19.15 -22.85
C VAL A 1294 90.40 -20.50 -22.70
N THR A 1295 90.31 -21.06 -21.50
CA THR A 1295 90.94 -22.36 -21.24
C THR A 1295 90.17 -23.48 -21.94
N TRP A 1296 88.89 -23.64 -21.56
CA TRP A 1296 87.93 -24.61 -22.13
C TRP A 1296 88.47 -26.05 -22.01
N THR A 1297 88.64 -26.46 -20.75
CA THR A 1297 89.09 -27.82 -20.48
C THR A 1297 88.04 -28.85 -20.87
N LYS A 1298 86.77 -28.52 -20.65
CA LYS A 1298 85.69 -29.37 -21.14
C LYS A 1298 85.47 -29.18 -22.64
N GLY A 1299 85.81 -28.00 -23.16
CA GLY A 1299 85.68 -27.76 -24.59
C GLY A 1299 86.81 -28.36 -25.40
N MET A 1300 87.96 -28.61 -24.76
CA MET A 1300 89.07 -29.23 -25.47
C MET A 1300 88.81 -30.71 -25.73
N ARG A 1301 88.06 -31.37 -24.85
CA ARG A 1301 87.71 -32.77 -25.07
C ARG A 1301 86.70 -32.91 -26.21
N ARG A 1302 85.80 -31.94 -26.36
CA ARG A 1302 84.89 -31.96 -27.49
C ARG A 1302 85.59 -31.58 -28.79
N LEU A 1303 86.61 -30.72 -28.70
CA LEU A 1303 87.36 -30.34 -29.89
C LEU A 1303 88.39 -31.38 -30.30
N SER A 1304 88.82 -32.25 -29.39
CA SER A 1304 89.78 -33.29 -29.74
C SER A 1304 89.11 -34.38 -30.56
N VAL A 1305 87.87 -34.75 -30.22
CA VAL A 1305 87.14 -35.71 -31.03
C VAL A 1305 86.57 -35.08 -32.29
N LEU A 1306 86.43 -33.75 -32.33
CA LEU A 1306 85.93 -33.09 -33.53
C LEU A 1306 86.99 -33.06 -34.63
N VAL A 1307 88.27 -33.11 -34.27
CA VAL A 1307 89.33 -33.11 -35.26
C VAL A 1307 89.69 -34.53 -35.70
N SER A 1308 89.57 -35.51 -34.81
CA SER A 1308 89.88 -36.89 -35.18
C SER A 1308 88.79 -37.49 -36.07
N SER A 1309 87.54 -37.12 -35.84
CA SER A 1309 86.45 -37.59 -36.70
C SER A 1309 86.42 -36.89 -38.04
N CYS A 1310 87.05 -35.73 -38.17
CA CYS A 1310 87.11 -35.00 -39.43
C CYS A 1310 88.36 -35.33 -40.24
N LEU A 1311 89.41 -35.84 -39.61
CA LEU A 1311 90.63 -36.18 -40.32
C LEU A 1311 90.66 -37.64 -40.76
N LYS A 1312 90.13 -38.54 -39.92
CA LYS A 1312 90.10 -39.96 -40.28
C LYS A 1312 89.04 -40.25 -41.33
N ASN A 1313 87.98 -39.43 -41.40
CA ASN A 1313 86.94 -39.60 -42.39
C ASN A 1313 86.27 -38.25 -42.64
N LYS A 1314 85.56 -38.16 -43.76
CA LYS A 1314 84.83 -36.96 -44.12
C LYS A 1314 83.37 -37.07 -43.66
N GLU A 1315 83.20 -37.29 -42.37
CA GLU A 1315 81.88 -37.46 -41.78
C GLU A 1315 81.30 -36.11 -41.39
N PRO A 1316 79.98 -36.05 -41.20
CA PRO A 1316 79.35 -34.78 -40.81
C PRO A 1316 79.25 -34.63 -39.30
N VAL A 1317 79.42 -33.40 -38.83
CA VAL A 1317 79.35 -33.07 -37.42
C VAL A 1317 77.96 -32.56 -37.09
N LEU A 1318 77.54 -32.73 -35.84
CA LEU A 1318 76.23 -32.27 -35.40
C LEU A 1318 76.33 -31.98 -33.91
N LEU A 1319 76.50 -30.70 -33.56
CA LEU A 1319 76.55 -30.28 -32.18
C LEU A 1319 75.15 -30.20 -31.60
N VAL A 1320 75.00 -30.63 -30.35
CA VAL A 1320 73.71 -30.65 -29.66
C VAL A 1320 73.92 -30.15 -28.24
N GLY A 1321 72.82 -30.07 -27.50
CA GLY A 1321 72.84 -29.59 -26.12
C GLY A 1321 72.24 -28.21 -26.00
N GLU A 1322 72.28 -27.70 -24.78
CA GLU A 1322 71.77 -26.36 -24.50
C GLU A 1322 72.75 -25.31 -25.00
N THR A 1323 72.21 -24.26 -25.62
CA THR A 1323 73.04 -23.20 -26.17
C THR A 1323 73.56 -22.30 -25.05
N GLY A 1324 74.56 -21.49 -25.39
CA GLY A 1324 75.16 -20.56 -24.46
C GLY A 1324 76.24 -21.14 -23.57
N CYS A 1325 76.47 -22.45 -23.62
CA CYS A 1325 77.48 -23.08 -22.79
C CYS A 1325 78.86 -23.07 -23.43
N GLY A 1326 79.02 -22.45 -24.60
CA GLY A 1326 80.30 -22.40 -25.27
C GLY A 1326 80.26 -22.98 -26.66
N LYS A 1327 79.06 -23.22 -27.18
CA LYS A 1327 78.92 -23.77 -28.53
C LYS A 1327 79.04 -22.69 -29.59
N THR A 1328 78.61 -21.46 -29.28
CA THR A 1328 78.71 -20.38 -30.26
C THR A 1328 80.14 -19.86 -30.38
N THR A 1329 80.90 -19.86 -29.30
CA THR A 1329 82.28 -19.38 -29.36
C THR A 1329 83.22 -20.43 -29.96
N ILE A 1330 82.92 -21.72 -29.78
CA ILE A 1330 83.78 -22.76 -30.33
C ILE A 1330 83.55 -22.88 -31.84
N CYS A 1331 82.38 -22.48 -32.32
CA CYS A 1331 82.12 -22.51 -33.76
C CYS A 1331 82.89 -21.41 -34.47
N GLN A 1332 83.22 -20.32 -33.78
CA GLN A 1332 84.02 -19.25 -34.35
C GLN A 1332 85.51 -19.43 -34.11
N LEU A 1333 85.88 -20.06 -32.99
CA LEU A 1333 87.29 -20.25 -32.68
C LEU A 1333 87.91 -21.37 -33.51
N LEU A 1334 87.18 -22.47 -33.71
CA LEU A 1334 87.68 -23.56 -34.53
C LEU A 1334 87.69 -23.20 -36.00
N ALA A 1335 86.75 -22.35 -36.44
CA ALA A 1335 86.77 -21.86 -37.81
C ALA A 1335 87.91 -20.88 -38.05
N GLN A 1336 88.31 -20.14 -37.01
CA GLN A 1336 89.43 -19.22 -37.13
C GLN A 1336 90.77 -19.95 -37.07
N PHE A 1337 90.82 -21.08 -36.35
CA PHE A 1337 92.06 -21.84 -36.25
C PHE A 1337 92.36 -22.61 -37.53
N MET A 1338 91.32 -23.13 -38.18
CA MET A 1338 91.49 -23.85 -39.43
C MET A 1338 91.76 -22.87 -40.58
N GLY A 1339 92.24 -23.42 -41.70
CA GLY A 1339 92.56 -22.62 -42.87
C GLY A 1339 91.48 -22.74 -43.93
N ARG A 1340 91.02 -21.57 -44.41
CA ARG A 1340 89.99 -21.43 -45.45
C ARG A 1340 88.69 -22.13 -45.05
N GLU A 1341 88.26 -21.87 -43.82
CA GLU A 1341 87.02 -22.44 -43.28
C GLU A 1341 85.87 -21.48 -43.54
N LEU A 1342 84.88 -21.93 -44.31
CA LEU A 1342 83.72 -21.13 -44.67
C LEU A 1342 82.51 -21.68 -43.91
N ILE A 1343 82.26 -21.11 -42.73
CA ILE A 1343 81.14 -21.51 -41.90
C ILE A 1343 79.93 -20.64 -42.24
N THR A 1344 78.83 -21.27 -42.60
CA THR A 1344 77.59 -20.58 -42.96
C THR A 1344 76.56 -20.85 -41.86
N LEU A 1345 76.57 -19.99 -40.85
CA LEU A 1345 75.67 -20.13 -39.70
C LEU A 1345 74.53 -19.14 -39.83
N ASN A 1346 73.30 -19.63 -39.68
CA ASN A 1346 72.12 -18.79 -39.77
C ASN A 1346 71.00 -19.44 -38.98
N ALA A 1347 70.18 -18.60 -38.35
CA ALA A 1347 69.05 -19.08 -37.56
C ALA A 1347 67.94 -19.58 -38.47
N HIS A 1348 67.51 -20.82 -38.26
CA HIS A 1348 66.47 -21.41 -39.11
C HIS A 1348 65.07 -20.95 -38.73
N GLN A 1349 64.89 -20.34 -37.56
CA GLN A 1349 63.57 -19.90 -37.14
C GLN A 1349 63.13 -18.65 -37.88
N ASN A 1350 64.08 -17.81 -38.29
CA ASN A 1350 63.78 -16.58 -39.01
C ASN A 1350 64.14 -16.65 -40.49
N THR A 1351 64.59 -17.80 -40.98
CA THR A 1351 65.00 -17.93 -42.36
C THR A 1351 63.84 -18.45 -43.22
N GLU A 1352 64.06 -18.44 -44.54
CA GLU A 1352 63.10 -18.92 -45.50
C GLU A 1352 63.73 -19.99 -46.38
N THR A 1353 62.88 -20.74 -47.09
CA THR A 1353 63.37 -21.80 -47.96
C THR A 1353 63.93 -21.26 -49.28
N GLY A 1354 63.47 -20.08 -49.70
CA GLY A 1354 63.95 -19.52 -50.95
C GLY A 1354 65.32 -18.89 -50.86
N ASP A 1355 65.65 -18.29 -49.72
CA ASP A 1355 66.94 -17.64 -49.55
C ASP A 1355 68.06 -18.60 -49.16
N ILE A 1356 67.74 -19.87 -48.90
CA ILE A 1356 68.75 -20.83 -48.48
C ILE A 1356 69.47 -21.42 -49.70
N LEU A 1357 68.70 -21.83 -50.69
CA LEU A 1357 69.28 -22.45 -51.90
C LEU A 1357 69.41 -21.50 -53.09
N GLY A 1358 68.78 -20.34 -53.01
CA GLY A 1358 68.85 -19.37 -54.08
C GLY A 1358 67.59 -19.40 -54.95
N ALA A 1359 67.53 -18.44 -55.87
CA ALA A 1359 66.39 -18.31 -56.76
C ALA A 1359 66.89 -17.81 -58.11
N GLN A 1360 65.97 -17.33 -58.96
CA GLN A 1360 66.41 -16.69 -60.18
C GLN A 1360 66.14 -15.22 -59.89
N ARG A 1361 67.16 -14.48 -59.44
CA ARG A 1361 66.97 -13.06 -59.10
C ARG A 1361 68.02 -12.00 -59.55
N PRO A 1362 69.30 -12.13 -59.18
CA PRO A 1362 69.78 -12.20 -57.79
C PRO A 1362 69.51 -10.93 -56.98
N VAL A 1363 69.70 -9.75 -57.58
CA VAL A 1363 69.43 -8.48 -56.88
C VAL A 1363 70.37 -7.36 -57.36
N ARG A 1364 71.02 -6.71 -56.39
CA ARG A 1364 71.94 -5.61 -56.61
C ARG A 1364 72.30 -5.48 -58.08
N ASN A 1365 72.65 -6.60 -58.71
CA ASN A 1365 73.01 -6.60 -60.12
C ASN A 1365 71.90 -6.03 -60.99
N ARG A 1366 70.67 -6.49 -60.74
CA ARG A 1366 69.52 -6.02 -61.50
C ARG A 1366 69.37 -4.51 -61.40
N SER A 1367 69.46 -3.99 -60.18
CA SER A 1367 69.33 -2.55 -59.94
C SER A 1367 70.38 -1.79 -60.75
N GLU A 1368 71.60 -2.29 -60.66
CA GLU A 1368 72.75 -1.72 -61.37
C GLU A 1368 72.48 -1.68 -62.88
N ILE A 1369 72.00 -2.81 -63.37
CA ILE A 1369 71.67 -2.99 -64.78
C ILE A 1369 70.65 -1.94 -65.22
N GLN A 1370 69.63 -1.81 -64.39
CA GLN A 1370 68.54 -0.86 -64.62
C GLN A 1370 69.08 0.56 -64.74
N TYR A 1371 69.96 0.88 -63.81
CA TYR A 1371 70.61 2.20 -63.73
C TYR A 1371 71.37 2.47 -65.02
N LYS A 1372 72.12 1.47 -65.43
CA LYS A 1372 72.93 1.52 -66.66
C LYS A 1372 72.04 1.82 -67.86
N LEU A 1373 70.94 1.10 -67.92
CA LEU A 1373 69.94 1.22 -69.00
C LEU A 1373 69.43 2.66 -69.06
N ILE A 1374 69.09 3.16 -67.88
CA ILE A 1374 68.57 4.52 -67.71
C ILE A 1374 69.56 5.54 -68.26
N LYS A 1375 70.81 5.34 -67.87
CA LYS A 1375 71.93 6.20 -68.28
C LYS A 1375 72.03 6.23 -69.81
N SER A 1376 71.97 5.03 -70.37
CA SER A 1376 72.05 4.83 -71.83
C SER A 1376 70.94 5.62 -72.53
N LEU A 1377 69.75 5.49 -71.98
CA LEU A 1377 68.54 6.16 -72.49
C LEU A 1377 68.76 7.67 -72.49
N LYS A 1378 69.26 8.15 -71.37
CA LYS A 1378 69.55 9.58 -71.17
C LYS A 1378 70.51 10.08 -72.25
N THR A 1379 71.55 9.29 -72.44
CA THR A 1379 72.61 9.60 -73.43
C THR A 1379 71.98 9.72 -74.82
N ALA A 1380 71.14 8.75 -75.13
CA ALA A 1380 70.44 8.68 -76.42
C ALA A 1380 69.62 9.96 -76.64
N LEU A 1381 68.90 10.31 -75.59
CA LEU A 1381 68.03 11.50 -75.58
C LEU A 1381 68.86 12.75 -75.89
N ASN A 1382 69.99 12.83 -75.20
CA ASN A 1382 70.93 13.95 -75.34
C ASN A 1382 71.40 14.07 -76.80
N ILE A 1383 71.76 12.92 -77.34
CA ILE A 1383 72.23 12.79 -78.72
C ILE A 1383 71.17 13.33 -79.69
N ALA A 1384 69.96 12.89 -79.45
CA ALA A 1384 68.79 13.28 -80.25
C ALA A 1384 68.63 14.79 -80.24
N ASN A 1385 68.71 15.34 -79.04
CA ASN A 1385 68.59 16.78 -78.80
C ASN A 1385 69.64 17.54 -79.62
N ALA A 1407 75.64 7.39 -83.87
CA ALA A 1407 76.53 6.68 -82.92
C ALA A 1407 75.86 6.58 -81.56
N GLU A 1408 75.32 7.70 -81.12
CA GLU A 1408 74.63 7.82 -79.83
C GLU A 1408 73.47 6.83 -79.78
N ASP A 1409 72.70 6.83 -80.85
CA ASP A 1409 71.53 5.96 -81.01
C ASP A 1409 71.94 4.49 -80.86
N VAL A 1410 73.01 4.17 -81.56
CA VAL A 1410 73.59 2.81 -81.57
C VAL A 1410 73.94 2.38 -80.15
N GLN A 1411 74.61 3.30 -79.46
CA GLN A 1411 75.05 3.11 -78.08
C GLN A 1411 73.85 2.79 -77.18
N LEU A 1412 72.83 3.61 -77.36
CA LEU A 1412 71.57 3.49 -76.61
C LEU A 1412 70.96 2.10 -76.80
N GLU A 1413 70.94 1.71 -78.07
CA GLU A 1413 70.40 0.40 -78.49
C GLU A 1413 71.15 -0.73 -77.78
N ILE A 1414 72.46 -0.60 -77.80
CA ILE A 1414 73.37 -1.56 -77.19
C ILE A 1414 73.05 -1.70 -75.69
N GLN A 1415 72.91 -0.56 -75.06
CA GLN A 1415 72.60 -0.46 -73.63
C GLN A 1415 71.30 -1.20 -73.33
N LYS A 1416 70.31 -0.93 -74.16
CA LYS A 1416 68.97 -1.53 -74.05
C LYS A 1416 69.08 -3.05 -74.11
N LEU A 1417 69.85 -3.50 -75.09
CA LEU A 1417 70.09 -4.93 -75.34
C LEU A 1417 70.69 -5.57 -74.09
N ARG A 1418 71.69 -4.89 -73.56
CA ARG A 1418 72.41 -5.33 -72.35
C ARG A 1418 71.43 -5.51 -71.19
N ASP A 1419 70.60 -4.50 -71.04
CA ASP A 1419 69.57 -4.46 -69.98
C ASP A 1419 68.65 -5.67 -70.09
N SER A 1420 68.22 -5.90 -71.33
CA SER A 1420 67.33 -7.02 -71.67
C SER A 1420 67.96 -8.34 -71.26
N LEU A 1421 69.22 -8.46 -71.62
CA LEU A 1421 70.03 -9.67 -71.33
C LEU A 1421 70.07 -9.91 -69.83
N ASN A 1422 70.33 -8.83 -69.10
CA ASN A 1422 70.42 -8.84 -67.64
C ASN A 1422 69.11 -9.36 -67.04
N VAL A 1423 68.03 -8.80 -67.56
CA VAL A 1423 66.66 -9.14 -67.14
C VAL A 1423 66.42 -10.64 -67.32
N LEU A 1424 66.80 -11.10 -68.50
CA LEU A 1424 66.66 -12.51 -68.88
C LEU A 1424 67.40 -13.42 -67.88
N PHE A 1425 68.63 -13.08 -67.54
CA PHE A 1425 69.37 -14.14 -66.88
C PHE A 1425 68.75 -14.75 -65.64
N GLU A 1426 68.35 -13.93 -64.67
CA GLU A 1426 69.25 -13.59 -63.59
C GLU A 1426 69.12 -14.55 -62.41
N TRP A 1427 70.14 -15.39 -62.25
CA TRP A 1427 70.14 -16.37 -61.19
C TRP A 1427 71.07 -15.94 -60.07
N SER A 1428 70.49 -15.83 -58.89
CA SER A 1428 71.30 -15.41 -57.74
C SER A 1428 71.24 -16.48 -56.67
N ASP A 1429 72.41 -17.04 -56.32
CA ASP A 1429 72.47 -18.06 -55.29
C ASP A 1429 72.37 -17.43 -53.90
N GLY A 1430 72.19 -18.28 -52.90
CA GLY A 1430 72.06 -17.83 -51.54
C GLY A 1430 73.35 -17.99 -50.76
N PRO A 1431 73.27 -17.86 -49.43
CA PRO A 1431 74.48 -18.04 -48.61
C PRO A 1431 74.90 -19.49 -48.48
N LEU A 1432 73.94 -20.41 -48.30
CA LEU A 1432 74.27 -21.82 -48.15
C LEU A 1432 74.67 -22.48 -49.46
N ILE A 1433 74.33 -21.87 -50.60
CA ILE A 1433 74.69 -22.45 -51.90
C ILE A 1433 76.18 -22.29 -52.17
N GLN A 1434 76.78 -21.21 -51.67
CA GLN A 1434 78.22 -21.02 -51.86
C GLN A 1434 79.03 -21.93 -50.94
N ALA A 1435 78.44 -22.37 -49.82
CA ALA A 1435 79.14 -23.27 -48.92
C ALA A 1435 79.19 -24.70 -49.43
N MET A 1436 78.36 -25.05 -50.41
CA MET A 1436 78.39 -26.40 -50.95
C MET A 1436 79.54 -26.60 -51.93
N ARG A 1437 80.00 -25.53 -52.58
CA ARG A 1437 81.10 -25.64 -53.53
C ARG A 1437 82.45 -25.55 -52.82
N THR A 1438 82.61 -24.57 -51.94
CA THR A 1438 83.85 -24.37 -51.21
C THR A 1438 83.57 -24.28 -49.73
N GLY A 1439 84.59 -24.58 -48.93
CA GLY A 1439 84.45 -24.56 -47.48
C GLY A 1439 84.54 -25.94 -46.87
N ASN A 1440 85.56 -26.17 -46.05
CA ASN A 1440 85.76 -27.48 -45.45
C ASN A 1440 84.80 -27.73 -44.29
N PHE A 1441 84.35 -26.68 -43.61
CA PHE A 1441 83.44 -26.80 -42.47
C PHE A 1441 82.37 -25.72 -42.57
N PHE A 1442 81.17 -26.12 -43.01
CA PHE A 1442 80.04 -25.20 -43.12
C PHE A 1442 79.17 -25.38 -41.88
N LEU A 1443 79.61 -24.77 -40.78
CA LEU A 1443 78.91 -24.88 -39.51
C LEU A 1443 77.67 -24.00 -39.52
N LEU A 1444 76.50 -24.62 -39.36
CA LEU A 1444 75.21 -23.93 -39.38
C LEU A 1444 74.68 -23.89 -37.95
N ASP A 1445 75.00 -22.80 -37.24
CA ASP A 1445 74.52 -22.63 -35.88
C ASP A 1445 73.04 -22.26 -35.85
N GLU A 1446 72.34 -22.83 -34.87
CA GLU A 1446 70.89 -22.64 -34.64
C GLU A 1446 70.07 -23.03 -35.88
N ILE A 1447 70.42 -24.16 -36.47
CA ILE A 1447 69.73 -24.68 -37.65
C ILE A 1447 68.84 -25.87 -37.28
N SER A 1448 68.55 -26.05 -36.00
CA SER A 1448 67.72 -27.17 -35.57
C SER A 1448 66.24 -26.92 -35.80
N LEU A 1449 65.83 -25.64 -35.91
CA LEU A 1449 64.43 -25.29 -36.06
C LEU A 1449 63.92 -25.42 -37.49
N ALA A 1450 64.76 -25.88 -38.42
CA ALA A 1450 64.32 -26.05 -39.79
C ALA A 1450 63.42 -27.28 -39.92
N ASP A 1451 62.70 -27.34 -41.03
CA ASP A 1451 61.79 -28.44 -41.28
C ASP A 1451 62.55 -29.71 -41.67
N ASP A 1452 61.84 -30.83 -41.63
CA ASP A 1452 62.45 -32.11 -41.96
C ASP A 1452 62.66 -32.28 -43.46
N SER A 1453 61.89 -31.57 -44.29
CA SER A 1453 62.06 -31.66 -45.73
C SER A 1453 63.33 -30.94 -46.19
N VAL A 1454 63.76 -29.91 -45.46
CA VAL A 1454 65.00 -29.24 -45.79
C VAL A 1454 66.19 -30.11 -45.45
N LEU A 1455 66.10 -30.88 -44.36
CA LEU A 1455 67.15 -31.82 -44.00
C LEU A 1455 67.10 -33.08 -44.84
N GLU A 1456 65.95 -33.40 -45.43
CA GLU A 1456 65.84 -34.58 -46.29
C GLU A 1456 66.52 -34.35 -47.64
N ARG A 1457 66.54 -33.10 -48.11
CA ARG A 1457 67.25 -32.80 -49.34
C ARG A 1457 68.76 -32.86 -49.15
N LEU A 1458 69.24 -32.59 -47.94
CA LEU A 1458 70.64 -32.73 -47.60
C LEU A 1458 70.98 -34.09 -47.01
N ASN A 1459 70.02 -35.02 -46.98
CA ASN A 1459 70.28 -36.34 -46.42
C ASN A 1459 71.14 -37.19 -47.35
N SER A 1460 71.10 -36.92 -48.65
CA SER A 1460 71.91 -37.67 -49.61
C SER A 1460 73.37 -37.22 -49.62
N VAL A 1461 73.65 -35.98 -49.18
CA VAL A 1461 75.02 -35.48 -49.17
C VAL A 1461 75.73 -35.75 -47.86
N LEU A 1462 75.10 -36.45 -46.92
CA LEU A 1462 75.71 -36.75 -45.63
C LEU A 1462 76.26 -38.17 -45.57
N GLU A 1463 75.41 -39.17 -45.83
CA GLU A 1463 75.83 -40.56 -45.72
C GLU A 1463 76.63 -41.02 -46.94
N PRO A 1464 76.24 -40.55 -48.12
CA PRO A 1464 76.91 -40.94 -49.36
C PRO A 1464 78.10 -40.01 -49.61
N GLU A 1465 78.62 -40.02 -50.83
CA GLU A 1465 79.69 -39.11 -51.21
C GLU A 1465 79.18 -37.68 -51.29
N ARG A 1466 80.11 -36.73 -51.20
CA ARG A 1466 79.78 -35.31 -51.15
C ARG A 1466 79.37 -34.84 -52.54
N SER A 1467 78.08 -35.03 -52.83
CA SER A 1467 77.48 -34.57 -54.07
C SER A 1467 76.54 -33.45 -53.63
N LEU A 1468 76.69 -32.27 -54.21
CA LEU A 1468 75.85 -31.11 -53.89
C LEU A 1468 75.07 -30.76 -55.15
N LEU A 1469 73.76 -30.58 -55.02
CA LEU A 1469 72.94 -30.27 -56.19
C LEU A 1469 71.86 -29.22 -55.90
N LEU A 1470 71.96 -28.09 -56.59
CA LEU A 1470 71.00 -27.00 -56.44
C LEU A 1470 70.36 -26.73 -57.80
N ALA A 1471 69.04 -26.64 -57.82
CA ALA A 1471 68.32 -26.38 -59.06
C ALA A 1471 67.76 -24.97 -59.09
N GLU A 1472 68.11 -24.23 -60.15
CA GLU A 1472 67.65 -22.85 -60.31
C GLU A 1472 66.91 -22.65 -61.63
N GLN A 1473 65.76 -21.99 -61.55
CA GLN A 1473 64.94 -21.71 -62.72
C GLN A 1473 64.67 -22.91 -63.62
N GLY A 1474 64.74 -22.71 -64.93
CA GLY A 1474 64.47 -23.77 -65.95
C GLY A 1474 65.44 -24.72 -66.69
N SER A 1475 65.67 -25.89 -66.09
CA SER A 1475 66.49 -27.02 -66.62
C SER A 1475 68.03 -27.28 -66.68
N SER A 1476 68.82 -26.77 -65.75
CA SER A 1476 70.25 -27.11 -65.73
C SER A 1476 70.51 -27.70 -64.34
N ASP A 1477 71.21 -28.83 -64.24
CA ASP A 1477 71.51 -29.42 -62.92
C ASP A 1477 73.02 -29.36 -62.70
N SER A 1478 73.48 -28.86 -61.55
CA SER A 1478 74.94 -28.78 -61.29
C SER A 1478 75.31 -29.76 -60.17
N LEU A 1479 76.31 -30.61 -60.36
CA LEU A 1479 76.68 -31.56 -59.30
C LEU A 1479 78.04 -31.19 -58.68
N VAL A 1480 78.12 -31.04 -57.36
CA VAL A 1480 79.40 -30.66 -56.75
C VAL A 1480 80.08 -31.79 -55.98
N THR A 1481 81.24 -32.21 -56.45
CA THR A 1481 82.01 -33.24 -55.76
C THR A 1481 82.91 -32.50 -54.76
N ALA A 1482 82.30 -31.95 -53.71
CA ALA A 1482 83.06 -31.16 -52.76
C ALA A 1482 84.46 -31.77 -52.56
N SER A 1483 85.26 -31.15 -51.71
CA SER A 1483 86.61 -31.61 -51.44
C SER A 1483 86.60 -32.80 -50.50
N GLU A 1484 87.78 -33.39 -50.30
CA GLU A 1484 87.90 -34.53 -49.41
C GLU A 1484 87.83 -34.13 -47.94
N ASN A 1485 88.22 -32.89 -47.62
CA ASN A 1485 88.17 -32.38 -46.26
C ASN A 1485 86.86 -31.65 -45.96
N PHE A 1486 85.93 -31.63 -46.90
CA PHE A 1486 84.66 -30.94 -46.70
C PHE A 1486 83.75 -31.74 -45.77
N GLN A 1487 82.97 -31.03 -44.97
CA GLN A 1487 82.03 -31.67 -44.04
C GLN A 1487 80.86 -30.73 -43.81
N PHE A 1488 79.84 -31.27 -43.15
CA PHE A 1488 78.64 -30.52 -42.81
C PHE A 1488 78.48 -30.51 -41.30
N PHE A 1489 78.53 -29.32 -40.70
CA PHE A 1489 78.40 -29.15 -39.26
C PHE A 1489 77.15 -28.33 -38.95
N ALA A 1490 76.55 -28.60 -37.80
CA ALA A 1490 75.35 -27.90 -37.37
C ALA A 1490 75.26 -27.94 -35.85
N THR A 1491 74.72 -26.88 -35.28
CA THR A 1491 74.52 -26.76 -33.84
C THR A 1491 73.04 -26.84 -33.53
N MET A 1492 72.65 -27.81 -32.71
CA MET A 1492 71.27 -28.04 -32.36
C MET A 1492 70.99 -27.54 -30.95
N ASN A 1493 69.72 -27.23 -30.70
CA ASN A 1493 69.28 -26.72 -29.40
C ASN A 1493 68.94 -27.90 -28.48
N PRO A 1494 68.51 -27.63 -27.25
CA PRO A 1494 68.13 -28.71 -26.34
C PRO A 1494 66.81 -29.34 -26.74
N GLY A 1495 66.48 -30.44 -26.07
CA GLY A 1495 65.29 -31.22 -26.37
C GLY A 1495 63.98 -30.66 -25.87
N GLY A 1496 63.99 -29.48 -25.23
CA GLY A 1496 62.75 -28.90 -24.74
C GLY A 1496 61.87 -28.32 -25.80
N ASP A 1497 62.45 -27.69 -26.82
CA ASP A 1497 61.68 -27.12 -27.91
C ASP A 1497 61.26 -28.20 -28.89
N TYR A 1498 60.06 -28.02 -29.46
CA TYR A 1498 59.53 -29.00 -30.40
C TYR A 1498 60.15 -28.88 -31.78
N GLY A 1499 60.85 -27.79 -32.08
CA GLY A 1499 61.48 -27.61 -33.37
C GLY A 1499 62.73 -28.43 -33.55
N LYS A 1500 63.49 -28.63 -32.47
CA LYS A 1500 64.75 -29.37 -32.55
C LYS A 1500 64.54 -30.87 -32.68
N LYS A 1501 63.35 -31.38 -32.35
CA LYS A 1501 63.05 -32.79 -32.46
C LYS A 1501 62.49 -33.17 -33.83
N GLU A 1502 62.57 -32.27 -34.81
CA GLU A 1502 62.06 -32.54 -36.15
C GLU A 1502 62.95 -33.44 -36.97
N LEU A 1503 64.18 -33.69 -36.52
CA LEU A 1503 65.07 -34.58 -37.24
C LEU A 1503 64.66 -36.03 -37.05
N SER A 1504 64.60 -36.78 -38.13
CA SER A 1504 64.17 -38.17 -38.09
C SER A 1504 65.32 -39.07 -37.65
N PRO A 1505 65.07 -40.37 -37.50
CA PRO A 1505 66.16 -41.27 -37.08
C PRO A 1505 67.14 -41.63 -38.18
N ALA A 1506 66.70 -41.63 -39.44
CA ALA A 1506 67.59 -41.98 -40.54
C ALA A 1506 68.54 -40.84 -40.89
N LEU A 1507 68.17 -39.60 -40.58
CA LEU A 1507 68.99 -38.44 -40.88
C LEU A 1507 69.79 -37.95 -39.68
N ARG A 1508 69.76 -38.68 -38.56
CA ARG A 1508 70.47 -38.27 -37.36
C ARG A 1508 71.38 -39.36 -36.80
N ASN A 1509 71.06 -40.64 -37.02
CA ASN A 1509 71.90 -41.71 -36.46
C ASN A 1509 73.16 -41.93 -37.28
N ARG A 1510 73.13 -41.65 -38.57
CA ARG A 1510 74.29 -41.85 -39.44
C ARG A 1510 75.16 -40.60 -39.54
N PHE A 1511 75.57 -40.07 -38.40
CA PHE A 1511 76.39 -38.87 -38.36
C PHE A 1511 77.13 -38.82 -37.03
N THR A 1512 78.26 -38.11 -37.02
CA THR A 1512 79.02 -37.90 -35.80
C THR A 1512 78.37 -36.80 -34.99
N GLU A 1513 77.83 -37.16 -33.82
CA GLU A 1513 77.12 -36.24 -32.95
C GLU A 1513 77.86 -36.15 -31.62
N ILE A 1514 78.54 -35.02 -31.39
CA ILE A 1514 79.31 -34.78 -30.17
C ILE A 1514 78.68 -33.58 -29.48
N TRP A 1515 77.92 -33.83 -28.43
CA TRP A 1515 77.25 -32.77 -27.68
C TRP A 1515 78.04 -32.43 -26.42
N VAL A 1516 77.86 -31.20 -25.96
CA VAL A 1516 78.63 -30.65 -24.84
C VAL A 1516 77.94 -31.05 -23.54
N PRO A 1517 78.60 -31.80 -22.66
CA PRO A 1517 77.97 -32.17 -21.38
C PRO A 1517 78.17 -31.10 -20.31
N SER A 1518 77.70 -31.38 -19.10
CA SER A 1518 77.82 -30.44 -18.00
C SER A 1518 79.28 -30.22 -17.60
N MET A 1519 79.49 -29.33 -16.62
CA MET A 1519 80.82 -29.02 -16.13
C MET A 1519 80.76 -27.96 -15.02
N GLU A 1520 81.48 -28.21 -13.93
CA GLU A 1520 81.51 -27.28 -12.80
C GLU A 1520 82.73 -27.48 -11.91
N ASP A 1521 82.76 -26.81 -10.77
CA ASP A 1521 83.85 -26.90 -9.80
C ASP A 1521 85.22 -26.68 -10.43
N PHE A 1522 85.48 -25.44 -10.84
CA PHE A 1522 86.74 -25.11 -11.50
C PHE A 1522 87.33 -23.88 -10.81
N ASN A 1523 87.13 -23.81 -9.50
CA ASN A 1523 87.62 -22.68 -8.71
C ASN A 1523 88.79 -21.95 -9.37
N ASP A 1524 89.55 -22.63 -10.23
CA ASP A 1524 90.68 -22.03 -10.92
C ASP A 1524 90.39 -21.73 -12.39
N VAL A 1525 89.20 -22.08 -12.89
CA VAL A 1525 88.89 -21.83 -14.29
C VAL A 1525 88.55 -20.37 -14.53
N ASN A 1526 88.06 -19.67 -13.51
CA ASN A 1526 87.71 -18.26 -13.64
C ASN A 1526 88.90 -17.33 -13.52
N MET A 1527 90.05 -17.82 -13.02
CA MET A 1527 91.22 -16.98 -12.86
C MET A 1527 91.91 -16.70 -14.19
N ILE A 1528 91.80 -17.63 -15.15
CA ILE A 1528 92.42 -17.41 -16.46
C ILE A 1528 91.60 -16.44 -17.30
N VAL A 1529 90.28 -16.44 -17.13
CA VAL A 1529 89.44 -15.51 -17.89
C VAL A 1529 89.51 -14.10 -17.30
N SER A 1530 89.66 -14.00 -15.97
CA SER A 1530 89.75 -12.70 -15.33
C SER A 1530 91.11 -12.04 -15.50
N SER A 1531 92.14 -12.82 -15.83
CA SER A 1531 93.48 -12.27 -16.00
C SER A 1531 93.69 -11.63 -17.36
N ARG A 1532 92.76 -11.80 -18.29
CA ARG A 1532 92.89 -11.22 -19.62
C ARG A 1532 92.62 -9.73 -19.66
N LEU A 1533 92.04 -9.16 -18.61
CA LEU A 1533 91.75 -7.73 -18.55
C LEU A 1533 93.02 -6.96 -18.21
N LEU A 1534 92.89 -5.63 -18.18
CA LEU A 1534 94.03 -4.76 -17.87
C LEU A 1534 94.32 -4.68 -16.37
N GLU A 1535 93.45 -5.23 -15.53
CA GLU A 1535 93.65 -5.17 -14.09
C GLU A 1535 94.65 -6.24 -13.65
N ASP A 1536 94.97 -6.24 -12.35
CA ASP A 1536 95.90 -7.20 -11.78
C ASP A 1536 95.31 -8.00 -10.63
N LEU A 1537 94.44 -7.38 -9.82
CA LEU A 1537 93.80 -8.06 -8.69
C LEU A 1537 92.41 -8.59 -9.04
N LYS A 1538 92.19 -8.95 -10.30
CA LYS A 1538 90.89 -9.45 -10.71
C LYS A 1538 90.65 -10.89 -10.24
N ASP A 1539 91.71 -11.64 -9.97
CA ASP A 1539 91.57 -13.01 -9.51
C ASP A 1539 91.28 -13.12 -8.02
N LEU A 1540 91.40 -12.03 -7.27
CA LEU A 1540 91.12 -12.02 -5.84
C LEU A 1540 89.93 -11.17 -5.44
N ALA A 1541 89.57 -10.16 -6.23
CA ALA A 1541 88.44 -9.30 -5.90
C ALA A 1541 87.15 -9.81 -6.53
N ASN A 1542 87.18 -10.16 -7.81
CA ASN A 1542 86.00 -10.61 -8.53
C ASN A 1542 85.64 -12.04 -8.13
N PRO A 1543 86.63 -12.91 -7.89
CA PRO A 1543 86.32 -14.31 -7.57
C PRO A 1543 85.80 -14.49 -6.16
N ILE A 1544 86.24 -13.63 -5.23
CA ILE A 1544 85.75 -13.71 -3.86
C ILE A 1544 84.35 -13.14 -3.76
N VAL A 1545 84.02 -12.12 -4.55
CA VAL A 1545 82.68 -11.54 -4.52
C VAL A 1545 81.69 -12.44 -5.25
N LYS A 1546 82.15 -13.17 -6.27
CA LYS A 1546 81.27 -14.10 -6.96
C LYS A 1546 81.01 -15.35 -6.14
N PHE A 1547 81.98 -15.76 -5.31
CA PHE A 1547 81.80 -16.92 -4.44
C PHE A 1547 80.94 -16.60 -3.23
N SER A 1548 80.79 -15.32 -2.88
CA SER A 1548 79.98 -14.96 -1.72
C SER A 1548 78.50 -15.09 -2.03
N GLU A 1549 78.07 -14.60 -3.19
CA GLU A 1549 76.68 -14.74 -3.59
C GLU A 1549 76.34 -16.15 -4.03
N TRP A 1550 77.32 -16.92 -4.47
CA TRP A 1550 77.07 -18.31 -4.86
C TRP A 1550 76.93 -19.22 -3.65
N PHE A 1551 77.55 -18.86 -2.52
CA PHE A 1551 77.47 -19.68 -1.33
C PHE A 1551 76.13 -19.51 -0.62
N GLY A 1552 75.53 -18.32 -0.71
CA GLY A 1552 74.26 -18.06 -0.06
C GLY A 1552 73.03 -18.55 -0.81
N LYS A 1553 73.20 -18.90 -2.09
CA LYS A 1553 72.15 -19.39 -2.99
C LYS A 1553 70.94 -18.46 -3.07
N ASN A 1559 76.95 -24.00 -13.06
CA ASN A 1559 77.51 -22.68 -12.81
C ASN A 1559 77.90 -22.00 -14.11
N ALA A 1560 77.28 -22.43 -15.21
CA ALA A 1560 77.55 -21.82 -16.51
C ALA A 1560 76.93 -20.43 -16.61
N THR A 1561 75.83 -20.20 -15.90
CA THR A 1561 75.23 -18.86 -15.89
C THR A 1561 76.04 -17.89 -15.06
N SER A 1562 76.79 -18.40 -14.07
CA SER A 1562 77.65 -17.53 -13.28
C SER A 1562 78.88 -17.09 -14.05
N GLY A 1563 79.30 -17.87 -15.04
CA GLY A 1563 80.41 -17.47 -15.88
C GLY A 1563 80.07 -16.36 -16.84
N VAL A 1564 78.79 -16.26 -17.21
CA VAL A 1564 78.36 -15.15 -18.08
C VAL A 1564 78.33 -13.85 -17.29
N ILE A 1565 78.01 -13.91 -16.01
CA ILE A 1565 78.09 -12.72 -15.16
C ILE A 1565 79.51 -12.42 -14.73
N SER A 1566 80.38 -13.43 -14.68
CA SER A 1566 81.77 -13.19 -14.32
C SER A 1566 82.53 -12.53 -15.45
N LEU A 1567 82.24 -12.92 -16.70
CA LEU A 1567 82.89 -12.28 -17.84
C LEU A 1567 82.34 -10.89 -18.10
N ARG A 1568 81.07 -10.66 -17.79
CA ARG A 1568 80.47 -9.34 -17.96
C ARG A 1568 80.89 -8.36 -16.86
N ASP A 1569 81.26 -8.87 -15.69
CA ASP A 1569 81.68 -7.97 -14.61
C ASP A 1569 83.07 -7.40 -14.86
N ILE A 1570 83.93 -8.13 -15.56
CA ILE A 1570 85.26 -7.61 -15.88
C ILE A 1570 85.19 -6.59 -17.00
N LEU A 1571 84.18 -6.68 -17.87
CA LEU A 1571 84.02 -5.69 -18.93
C LEU A 1571 83.53 -4.35 -18.36
N ALA A 1572 82.75 -4.39 -17.28
CA ALA A 1572 82.36 -3.17 -16.59
C ALA A 1572 83.44 -2.67 -15.66
N TRP A 1573 84.38 -3.52 -15.28
CA TRP A 1573 85.49 -3.12 -14.42
C TRP A 1573 86.66 -2.54 -15.20
N VAL A 1574 86.85 -2.96 -16.45
CA VAL A 1574 87.94 -2.44 -17.25
C VAL A 1574 87.61 -1.05 -17.80
N GLU A 1575 86.33 -0.75 -17.95
CA GLU A 1575 85.91 0.55 -18.46
C GLU A 1575 86.00 1.66 -17.41
N PHE A 1576 86.17 1.30 -16.13
CA PHE A 1576 86.27 2.29 -15.06
C PHE A 1576 87.67 2.88 -15.06
N ILE A 1577 87.87 3.87 -15.94
CA ILE A 1577 89.15 4.54 -16.08
C ILE A 1577 88.95 6.04 -16.01
N ASN A 1578 87.77 6.47 -15.56
CA ASN A 1578 87.43 7.88 -15.45
C ASN A 1578 87.17 8.31 -14.02
N LYS A 1579 87.70 7.58 -13.04
CA LYS A 1579 87.51 7.90 -11.63
C LYS A 1579 88.70 7.37 -10.86
N VAL A 1580 88.58 7.32 -9.52
CA VAL A 1580 89.65 6.77 -8.70
C VAL A 1580 89.71 5.26 -8.84
N PHE A 1581 88.55 4.61 -9.00
CA PHE A 1581 88.35 3.17 -9.18
C PHE A 1581 88.98 2.36 -8.05
N PRO A 1582 88.85 2.80 -6.80
CA PRO A 1582 89.36 1.99 -5.68
C PRO A 1582 88.41 0.85 -5.36
N LYS A 1583 87.11 1.09 -5.51
CA LYS A 1583 86.11 0.06 -5.33
C LYS A 1583 84.98 0.16 -6.36
N ILE A 1584 85.09 1.05 -7.34
CA ILE A 1584 84.05 1.22 -8.34
C ILE A 1584 84.12 0.19 -9.46
N GLN A 1585 85.15 -0.66 -9.46
CA GLN A 1585 85.23 -1.73 -10.46
C GLN A 1585 84.21 -2.83 -10.20
N ASN A 1586 83.83 -3.01 -8.93
CA ASN A 1586 82.79 -3.96 -8.57
C ASN A 1586 81.44 -3.31 -8.31
N LYS A 1587 81.42 -2.01 -7.99
CA LYS A 1587 80.16 -1.33 -7.75
C LYS A 1587 79.42 -1.01 -9.05
N SER A 1588 80.16 -0.69 -10.11
CA SER A 1588 79.53 -0.44 -11.41
C SER A 1588 79.01 -1.72 -12.04
N THR A 1589 79.67 -2.85 -11.78
CA THR A 1589 79.22 -4.15 -12.24
C THR A 1589 78.23 -4.81 -11.29
N ALA A 1590 77.91 -4.17 -10.17
CA ALA A 1590 76.97 -4.74 -9.22
C ALA A 1590 75.54 -4.68 -9.72
N LEU A 1591 75.24 -3.82 -10.69
CA LEU A 1591 73.90 -3.76 -11.26
C LEU A 1591 73.61 -4.96 -12.16
N ILE A 1592 74.64 -5.64 -12.66
CA ILE A 1592 74.42 -6.79 -13.53
C ILE A 1592 74.30 -8.10 -12.76
N GLN A 1593 74.75 -8.15 -11.51
CA GLN A 1593 74.69 -9.36 -10.71
C GLN A 1593 73.85 -9.19 -9.45
N GLY A 1594 74.07 -8.12 -8.69
CA GLY A 1594 73.36 -7.93 -7.44
C GLY A 1594 71.96 -7.39 -7.60
N ALA A 1595 71.77 -6.47 -8.56
CA ALA A 1595 70.46 -5.85 -8.76
C ALA A 1595 69.49 -6.78 -9.46
N SER A 1596 69.99 -7.80 -10.18
CA SER A 1596 69.14 -8.75 -10.88
C SER A 1596 68.79 -9.97 -10.05
N MET A 1597 69.04 -9.92 -8.73
CA MET A 1597 68.74 -11.06 -7.88
C MET A 1597 67.25 -11.22 -7.60
N VAL A 1598 66.47 -10.13 -7.74
CA VAL A 1598 65.04 -10.18 -7.46
C VAL A 1598 64.23 -10.63 -8.67
N PHE A 1599 64.87 -10.95 -9.79
CA PHE A 1599 64.14 -11.37 -10.98
C PHE A 1599 63.70 -12.83 -10.88
N ILE A 1600 64.65 -13.75 -10.76
CA ILE A 1600 64.35 -15.17 -10.66
C ILE A 1600 64.18 -15.55 -9.19
N ASP A 1601 65.17 -15.23 -8.37
CA ASP A 1601 65.14 -15.56 -6.94
C ASP A 1601 64.24 -14.55 -6.22
N ALA A 1602 62.94 -14.82 -6.26
CA ALA A 1602 61.94 -13.97 -5.63
C ALA A 1602 61.86 -14.33 -4.16
N LEU A 1603 62.71 -13.71 -3.35
CA LEU A 1603 62.73 -13.96 -1.92
C LEU A 1603 61.66 -13.14 -1.22
N GLY A 1604 61.58 -13.28 0.10
CA GLY A 1604 60.59 -12.56 0.89
C GLY A 1604 60.89 -11.08 1.04
N THR A 1605 62.01 -10.76 1.69
CA THR A 1605 62.44 -9.38 1.89
C THR A 1605 63.54 -9.09 0.86
N ASN A 1606 63.15 -8.42 -0.23
CA ASN A 1606 64.12 -8.11 -1.28
C ASN A 1606 65.05 -6.98 -0.87
N ASN A 1607 64.59 -6.08 0.02
CA ASN A 1607 65.45 -5.00 0.48
C ASN A 1607 66.50 -5.50 1.46
N THR A 1608 66.23 -6.58 2.17
CA THR A 1608 67.21 -7.16 3.08
C THR A 1608 68.29 -7.93 2.34
N ALA A 1609 67.97 -8.49 1.18
CA ALA A 1609 68.97 -9.20 0.39
C ALA A 1609 69.91 -8.23 -0.31
N TYR A 1610 69.39 -7.09 -0.75
CA TYR A 1610 70.23 -6.07 -1.38
C TYR A 1610 71.08 -5.32 -0.36
N LEU A 1611 70.60 -5.21 0.88
CA LEU A 1611 71.39 -4.56 1.92
C LEU A 1611 72.55 -5.44 2.37
N ALA A 1612 72.33 -6.76 2.40
CA ALA A 1612 73.42 -7.68 2.71
C ALA A 1612 74.37 -7.82 1.53
N GLU A 1613 73.88 -7.65 0.30
CA GLU A 1613 74.75 -7.67 -0.86
C GLU A 1613 75.59 -6.40 -0.95
N ASN A 1614 75.03 -5.27 -0.53
CA ASN A 1614 75.81 -4.03 -0.49
C ASN A 1614 76.83 -4.03 0.65
N GLU A 1615 76.58 -4.81 1.70
CA GLU A 1615 77.55 -4.92 2.78
C GLU A 1615 78.69 -5.87 2.42
N ASN A 1616 78.37 -6.95 1.70
CA ASN A 1616 79.40 -7.90 1.30
C ASN A 1616 80.26 -7.37 0.15
N ASP A 1617 79.73 -6.44 -0.65
CA ASP A 1617 80.52 -5.87 -1.74
C ASP A 1617 81.56 -4.88 -1.22
N LEU A 1618 81.20 -4.12 -0.18
CA LEU A 1618 82.16 -3.19 0.42
C LEU A 1618 83.17 -3.91 1.31
N LYS A 1619 82.79 -5.05 1.87
CA LYS A 1619 83.70 -5.80 2.73
C LYS A 1619 84.78 -6.52 1.94
N SER A 1620 84.47 -6.95 0.71
CA SER A 1620 85.48 -7.62 -0.11
C SER A 1620 86.49 -6.63 -0.68
N LEU A 1621 86.02 -5.46 -1.12
CA LEU A 1621 86.90 -4.44 -1.69
C LEU A 1621 87.64 -3.70 -0.58
N PHE A 1672 52.71 9.36 -17.85
CA PHE A 1672 53.15 9.37 -16.47
C PHE A 1672 53.86 10.67 -16.13
N ASN A 1673 54.63 10.65 -15.05
CA ASN A 1673 55.36 11.84 -14.61
C ASN A 1673 56.62 11.40 -13.88
N LEU A 1674 57.50 12.37 -13.63
CA LEU A 1674 58.76 12.14 -12.93
C LEU A 1674 58.68 12.79 -11.56
N THR A 1675 58.66 11.97 -10.52
CA THR A 1675 58.55 12.43 -9.14
C THR A 1675 59.65 11.77 -8.31
N ALA A 1676 59.67 12.11 -7.02
CA ALA A 1676 60.60 11.58 -6.03
C ALA A 1676 60.38 10.08 -5.80
N PRO A 1677 59.18 9.56 -6.08
CA PRO A 1677 58.90 8.14 -5.80
C PRO A 1677 59.58 7.19 -6.77
N THR A 1678 59.20 5.90 -6.68
CA THR A 1678 59.83 4.82 -7.45
C THR A 1678 59.56 4.88 -8.95
N THR A 1679 58.78 5.84 -9.44
CA THR A 1679 58.65 6.02 -10.89
C THR A 1679 59.95 6.50 -11.52
N ALA A 1680 60.74 7.29 -10.79
CA ALA A 1680 62.04 7.71 -11.27
C ALA A 1680 63.17 6.84 -10.74
N SER A 1681 62.97 6.17 -9.60
CA SER A 1681 63.99 5.27 -9.07
C SER A 1681 64.11 4.01 -9.91
N ASN A 1682 63.01 3.54 -10.48
CA ASN A 1682 63.09 2.44 -11.43
C ASN A 1682 63.66 2.89 -12.76
N LEU A 1683 63.53 4.18 -13.08
CA LEU A 1683 64.15 4.72 -14.29
C LEU A 1683 65.66 4.81 -14.15
N VAL A 1684 66.16 4.92 -12.92
CA VAL A 1684 67.60 4.90 -12.69
C VAL A 1684 68.15 3.50 -12.89
N ARG A 1685 67.33 2.48 -12.65
CA ARG A 1685 67.75 1.11 -12.93
C ARG A 1685 67.79 0.83 -14.42
N VAL A 1686 66.93 1.48 -15.19
CA VAL A 1686 66.98 1.35 -16.65
C VAL A 1686 68.07 2.22 -17.25
N VAL A 1687 68.45 3.32 -16.58
CA VAL A 1687 69.52 4.16 -17.09
C VAL A 1687 70.90 3.58 -16.77
N ARG A 1688 70.99 2.65 -15.82
CA ARG A 1688 72.27 2.00 -15.51
C ARG A 1688 72.67 1.03 -16.61
N ALA A 1689 71.69 0.48 -17.33
CA ALA A 1689 71.99 -0.40 -18.46
C ALA A 1689 72.33 0.39 -19.72
N MET A 1690 72.13 1.71 -19.72
CA MET A 1690 72.40 2.54 -20.88
C MET A 1690 73.87 2.95 -20.99
N GLN A 1691 74.74 2.47 -20.12
CA GLN A 1691 76.17 2.79 -20.22
C GLN A 1691 76.79 2.07 -21.42
N VAL A 1692 76.57 0.76 -21.52
CA VAL A 1692 76.99 0.01 -22.70
C VAL A 1692 75.87 -0.08 -23.72
N HIS A 1693 74.66 -0.42 -23.23
CA HIS A 1693 73.39 -0.39 -23.98
C HIS A 1693 73.39 -1.31 -25.19
N LYS A 1694 74.21 -2.36 -25.19
CA LYS A 1694 74.19 -3.32 -26.28
C LYS A 1694 72.93 -4.18 -26.18
N PRO A 1695 72.86 -5.08 -25.21
CA PRO A 1695 71.60 -5.80 -24.96
C PRO A 1695 70.78 -5.13 -23.88
N ILE A 1696 69.46 -5.34 -23.91
CA ILE A 1696 68.56 -4.82 -22.89
C ILE A 1696 67.33 -5.73 -22.83
N LEU A 1697 66.93 -6.10 -21.62
CA LEU A 1697 65.76 -6.95 -21.42
C LEU A 1697 65.12 -6.58 -20.09
N LEU A 1698 64.10 -5.74 -20.16
CA LEU A 1698 63.37 -5.31 -18.97
C LEU A 1698 62.07 -6.10 -18.85
N GLU A 1699 61.78 -6.58 -17.65
CA GLU A 1699 60.60 -7.38 -17.37
C GLU A 1699 59.73 -6.70 -16.33
N GLY A 1700 58.48 -7.12 -16.26
CA GLY A 1700 57.54 -6.55 -15.31
C GLY A 1700 56.11 -6.91 -15.70
N SER A 1701 55.19 -6.24 -15.02
CA SER A 1701 53.77 -6.47 -15.25
C SER A 1701 53.30 -5.78 -16.52
N PRO A 1702 52.13 -6.15 -17.03
CA PRO A 1702 51.60 -5.49 -18.23
C PRO A 1702 51.00 -4.13 -17.89
N GLY A 1703 51.41 -3.11 -18.64
CA GLY A 1703 50.97 -1.76 -18.35
C GLY A 1703 51.61 -1.16 -17.13
N VAL A 1704 52.82 -1.61 -16.78
CA VAL A 1704 53.54 -1.12 -15.61
C VAL A 1704 54.51 -0.01 -15.95
N GLY A 1705 54.39 0.59 -17.13
CA GLY A 1705 55.25 1.68 -17.54
C GLY A 1705 56.35 1.33 -18.51
N LYS A 1706 56.17 0.27 -19.32
CA LYS A 1706 57.21 -0.13 -20.25
C LYS A 1706 57.24 0.78 -21.47
N THR A 1707 56.11 0.95 -22.14
CA THR A 1707 56.07 1.78 -23.34
C THR A 1707 56.01 3.27 -23.01
N SER A 1708 55.52 3.64 -21.83
CA SER A 1708 55.42 5.04 -21.47
C SER A 1708 56.77 5.64 -21.12
N LEU A 1709 57.59 4.92 -20.36
CA LEU A 1709 58.91 5.41 -19.99
C LEU A 1709 59.91 5.32 -21.13
N ILE A 1710 59.68 4.44 -22.10
CA ILE A 1710 60.60 4.31 -23.23
C ILE A 1710 60.42 5.46 -24.21
N THR A 1711 59.19 5.95 -24.37
CA THR A 1711 58.94 7.04 -25.30
C THR A 1711 59.49 8.37 -24.76
N ALA A 1712 59.49 8.55 -23.44
CA ALA A 1712 60.06 9.75 -22.86
C ALA A 1712 61.58 9.74 -22.92
N LEU A 1713 62.19 8.55 -22.93
CA LEU A 1713 63.64 8.47 -23.06
C LEU A 1713 64.08 8.73 -24.49
N ALA A 1714 63.18 8.53 -25.46
CA ALA A 1714 63.51 8.84 -26.85
C ALA A 1714 63.39 10.33 -27.14
N ASN A 1715 62.44 11.02 -26.49
CA ASN A 1715 62.28 12.45 -26.71
C ASN A 1715 63.34 13.26 -25.95
N ILE A 1716 63.78 12.78 -24.79
CA ILE A 1716 64.77 13.51 -24.02
C ILE A 1716 66.17 13.33 -24.61
N THR A 1717 66.43 12.21 -25.26
CA THR A 1717 67.73 11.99 -25.88
C THR A 1717 67.79 12.64 -27.25
N GLY A 1718 69.00 13.06 -27.65
CA GLY A 1718 69.20 13.71 -28.92
C GLY A 1718 69.34 12.71 -30.04
N ASN A 1719 68.52 12.89 -31.09
CA ASN A 1719 68.48 12.06 -32.30
C ASN A 1719 68.22 10.59 -31.97
N LYS A 1720 67.26 10.34 -31.08
CA LYS A 1720 66.91 8.99 -30.67
C LYS A 1720 65.70 8.52 -31.45
N LEU A 1721 65.77 7.29 -31.96
CA LEU A 1721 64.68 6.68 -32.72
C LEU A 1721 64.56 5.22 -32.29
N THR A 1722 63.50 4.91 -31.54
CA THR A 1722 63.23 3.55 -31.07
C THR A 1722 62.01 3.01 -31.79
N ARG A 1723 62.12 1.79 -32.31
CA ARG A 1723 61.05 1.12 -33.03
C ARG A 1723 60.68 -0.16 -32.31
N ILE A 1724 59.40 -0.31 -31.99
CA ILE A 1724 58.91 -1.51 -31.31
C ILE A 1724 58.74 -2.62 -32.34
N ASN A 1725 58.87 -3.87 -31.88
CA ASN A 1725 58.71 -5.03 -32.73
C ASN A 1725 58.02 -6.14 -31.94
N LEU A 1726 57.62 -7.19 -32.66
CA LEU A 1726 56.94 -8.34 -32.09
C LEU A 1726 57.67 -9.60 -32.53
N SER A 1727 58.35 -10.26 -31.59
CA SER A 1727 59.08 -11.48 -31.89
C SER A 1727 58.22 -12.73 -31.82
N GLU A 1728 57.02 -12.64 -31.25
CA GLU A 1728 56.11 -13.78 -31.17
C GLU A 1728 54.89 -13.63 -32.06
N GLN A 1729 54.40 -12.40 -32.28
CA GLN A 1729 53.25 -12.20 -33.16
C GLN A 1729 53.62 -12.34 -34.63
N THR A 1730 54.88 -12.14 -34.98
CA THR A 1730 55.36 -12.28 -36.34
C THR A 1730 56.26 -13.51 -36.46
N ASP A 1731 56.59 -13.85 -37.70
CA ASP A 1731 57.42 -15.02 -37.96
C ASP A 1731 58.89 -14.67 -37.74
N LEU A 1732 59.73 -15.71 -37.77
CA LEU A 1732 61.16 -15.54 -37.57
C LEU A 1732 61.87 -15.03 -38.83
N VAL A 1733 61.22 -15.12 -39.98
CA VAL A 1733 61.83 -14.62 -41.21
C VAL A 1733 61.44 -13.17 -41.50
N ASP A 1734 60.35 -12.68 -40.91
CA ASP A 1734 59.92 -11.31 -41.15
C ASP A 1734 60.62 -10.31 -40.23
N LEU A 1735 61.34 -10.77 -39.22
CA LEU A 1735 62.06 -9.91 -38.30
C LEU A 1735 63.56 -10.12 -38.32
N PHE A 1736 64.03 -11.37 -38.35
CA PHE A 1736 65.45 -11.68 -38.35
C PHE A 1736 66.01 -11.85 -39.75
N GLY A 1737 65.27 -11.44 -40.78
CA GLY A 1737 65.73 -11.55 -42.15
C GLY A 1737 65.29 -12.85 -42.79
N ALA A 1738 65.23 -12.84 -44.11
CA ALA A 1738 64.82 -14.01 -44.88
C ALA A 1738 65.75 -14.25 -46.06
N HIS A 1751 66.76 -11.08 -46.90
CA HIS A 1751 65.94 -9.95 -47.33
C HIS A 1751 65.90 -8.86 -46.26
N ASP A 1752 65.22 -7.77 -46.57
CA ASP A 1752 65.09 -6.64 -45.66
C ASP A 1752 63.90 -6.86 -44.74
N ALA A 1753 64.16 -7.03 -43.46
CA ALA A 1753 63.14 -7.25 -42.45
C ALA A 1753 62.87 -5.98 -41.67
N PRO A 1754 61.89 -5.98 -40.78
CA PRO A 1754 61.63 -4.77 -39.98
C PRO A 1754 62.67 -4.53 -38.90
N PHE A 1755 63.20 -5.60 -38.28
CA PHE A 1755 64.25 -5.46 -37.28
C PHE A 1755 65.64 -5.50 -37.90
N LEU A 1756 65.79 -6.06 -39.09
CA LEU A 1756 67.08 -6.05 -39.77
C LEU A 1756 67.40 -4.67 -40.33
N ARG A 1757 66.37 -3.94 -40.77
CA ARG A 1757 66.58 -2.58 -41.26
C ARG A 1757 66.78 -1.61 -40.10
N ALA A 1758 66.32 -1.96 -38.90
CA ALA A 1758 66.54 -1.12 -37.72
C ALA A 1758 67.98 -1.19 -37.23
N MET A 1759 68.72 -2.24 -37.59
CA MET A 1759 70.12 -2.35 -37.21
C MET A 1759 70.96 -1.41 -38.06
N LYS A 1760 71.87 -0.69 -37.38
CA LYS A 1760 72.80 0.29 -37.96
C LYS A 1760 72.09 1.43 -38.69
N LYS A 1761 70.86 1.74 -38.32
CA LYS A 1761 70.12 2.86 -38.88
C LYS A 1761 69.51 3.77 -37.82
N GLY A 1762 69.07 3.21 -36.69
CA GLY A 1762 68.48 3.97 -35.63
C GLY A 1762 69.30 3.91 -34.35
N GLU A 1763 68.77 4.56 -33.31
CA GLU A 1763 69.47 4.62 -32.04
C GLU A 1763 69.13 3.43 -31.15
N TRP A 1764 67.90 2.95 -31.20
CA TRP A 1764 67.47 1.87 -30.33
C TRP A 1764 66.39 1.05 -31.02
N VAL A 1765 66.18 -0.16 -30.50
CA VAL A 1765 65.15 -1.07 -31.00
C VAL A 1765 64.50 -1.76 -29.81
N LEU A 1766 63.24 -2.14 -29.97
CA LEU A 1766 62.48 -2.79 -28.91
C LEU A 1766 61.92 -4.12 -29.40
N LEU A 1767 61.85 -5.09 -28.49
CA LEU A 1767 61.30 -6.42 -28.77
C LEU A 1767 60.24 -6.73 -27.71
N ASP A 1768 58.99 -6.39 -28.02
CA ASP A 1768 57.89 -6.56 -27.07
C ASP A 1768 57.23 -7.93 -27.26
N GLU A 1769 56.73 -8.48 -26.15
CA GLU A 1769 56.04 -9.77 -26.08
C GLU A 1769 56.90 -10.92 -26.61
N MET A 1770 58.19 -10.88 -26.28
CA MET A 1770 59.15 -11.88 -26.74
C MET A 1770 59.49 -12.90 -25.68
N ASN A 1771 58.69 -13.00 -24.61
CA ASN A 1771 58.96 -13.94 -23.53
C ASN A 1771 58.20 -15.25 -23.72
N LEU A 1772 56.87 -15.19 -23.77
CA LEU A 1772 56.04 -16.38 -23.91
C LEU A 1772 55.90 -16.70 -25.39
N ALA A 1773 56.91 -17.41 -25.92
CA ALA A 1773 56.93 -17.79 -27.32
C ALA A 1773 57.56 -19.17 -27.44
N SER A 1774 57.65 -19.66 -28.67
CA SER A 1774 58.22 -20.98 -28.96
C SER A 1774 59.70 -20.92 -29.27
N GLN A 1775 60.35 -19.77 -29.01
CA GLN A 1775 61.79 -19.54 -29.21
C GLN A 1775 62.22 -19.77 -30.66
N SER A 1776 61.34 -19.44 -31.61
CA SER A 1776 61.69 -19.57 -33.02
C SER A 1776 62.58 -18.42 -33.47
N VAL A 1777 62.32 -17.21 -32.97
CA VAL A 1777 63.17 -16.05 -33.29
C VAL A 1777 64.30 -15.89 -32.30
N LEU A 1778 64.53 -16.87 -31.42
CA LEU A 1778 65.62 -16.77 -30.46
C LEU A 1778 66.98 -16.91 -31.13
N GLU A 1779 67.04 -17.59 -32.27
CA GLU A 1779 68.29 -17.68 -33.02
C GLU A 1779 68.63 -16.36 -33.70
N GLY A 1780 67.61 -15.64 -34.18
CA GLY A 1780 67.85 -14.34 -34.78
C GLY A 1780 68.14 -13.25 -33.77
N LEU A 1781 67.55 -13.34 -32.57
CA LEU A 1781 67.83 -12.38 -31.52
C LEU A 1781 69.21 -12.60 -30.90
N ASN A 1782 69.73 -13.82 -30.99
CA ASN A 1782 71.09 -14.10 -30.51
C ASN A 1782 72.15 -13.86 -31.56
N ALA A 1783 71.80 -13.91 -32.84
CA ALA A 1783 72.75 -13.61 -33.90
C ALA A 1783 72.85 -12.11 -34.15
N CYS A 1784 71.72 -11.44 -34.27
CA CYS A 1784 71.70 -9.99 -34.48
C CYS A 1784 71.72 -9.28 -33.13
N LEU A 1785 72.34 -8.08 -33.15
CA LEU A 1785 72.52 -7.22 -31.97
C LEU A 1785 73.25 -7.93 -30.82
N ASP A 1786 74.18 -8.80 -31.17
CA ASP A 1786 74.99 -9.51 -30.19
C ASP A 1786 76.28 -8.74 -29.93
N HIS A 1787 77.25 -9.39 -29.28
CA HIS A 1787 78.57 -8.78 -29.10
C HIS A 1787 79.30 -8.63 -30.42
N ARG A 1788 79.05 -9.54 -31.37
CA ARG A 1788 79.59 -9.38 -32.72
C ARG A 1788 78.68 -8.49 -33.57
N GLY A 1789 77.37 -8.70 -33.49
CA GLY A 1789 76.41 -7.88 -34.18
C GLY A 1789 76.08 -8.29 -35.60
N GLU A 1790 76.84 -9.22 -36.16
CA GLU A 1790 76.62 -9.66 -37.54
C GLU A 1790 75.50 -10.69 -37.59
N ALA A 1791 74.57 -10.51 -38.52
CA ALA A 1791 73.44 -11.41 -38.69
C ALA A 1791 73.83 -12.56 -39.60
N TYR A 1792 73.52 -13.78 -39.16
CA TYR A 1792 73.86 -15.00 -39.90
C TYR A 1792 72.60 -15.59 -40.52
N ILE A 1793 72.73 -16.07 -41.74
CA ILE A 1793 71.61 -16.68 -42.44
C ILE A 1793 72.10 -17.86 -43.28
N ILE A 1798 76.33 -16.28 -45.53
CA ILE A 1798 75.51 -15.09 -45.38
C ILE A 1798 75.79 -14.41 -44.04
N SER A 1799 76.63 -13.38 -44.07
CA SER A 1799 77.01 -12.64 -42.87
C SER A 1799 77.18 -11.17 -43.26
N PHE A 1800 76.19 -10.36 -42.92
CA PHE A 1800 76.24 -8.93 -43.19
C PHE A 1800 76.70 -8.16 -41.97
N SER A 1801 77.06 -6.90 -42.18
CA SER A 1801 77.54 -6.02 -41.13
C SER A 1801 76.46 -4.98 -40.82
N CYS A 1802 75.96 -5.01 -39.59
CA CYS A 1802 74.91 -4.09 -39.17
C CYS A 1802 75.07 -3.85 -37.66
N HIS A 1803 74.02 -3.27 -37.05
CA HIS A 1803 73.89 -2.96 -35.62
C HIS A 1803 75.02 -2.08 -35.11
N PRO A 1804 75.38 -1.02 -35.84
CA PRO A 1804 76.44 -0.12 -35.35
C PRO A 1804 75.89 0.94 -34.41
N ASN A 1805 76.32 0.89 -33.14
CA ASN A 1805 75.95 1.83 -32.08
C ASN A 1805 74.43 1.91 -31.90
N PHE A 1806 73.80 0.75 -31.71
CA PHE A 1806 72.36 0.66 -31.54
C PHE A 1806 72.04 -0.09 -30.25
N LEU A 1807 70.77 0.00 -29.85
CA LEU A 1807 70.29 -0.66 -28.64
C LEU A 1807 69.14 -1.60 -29.00
N VAL A 1808 69.03 -2.70 -28.27
CA VAL A 1808 68.02 -3.72 -28.50
C VAL A 1808 67.32 -3.97 -27.17
N PHE A 1809 66.13 -3.41 -27.00
CA PHE A 1809 65.35 -3.62 -25.78
C PHE A 1809 64.43 -4.82 -25.95
N ALA A 1810 64.14 -5.48 -24.82
CA ALA A 1810 63.28 -6.65 -24.80
C ALA A 1810 62.30 -6.55 -23.65
N ALA A 1811 61.03 -6.82 -23.93
CA ALA A 1811 59.97 -6.80 -22.94
C ALA A 1811 59.54 -8.23 -22.61
N GLN A 1812 59.28 -8.48 -21.33
CA GLN A 1812 58.90 -9.81 -20.87
C GLN A 1812 57.72 -9.69 -19.92
N ASN A 1813 56.74 -10.58 -20.08
CA ASN A 1813 55.56 -10.57 -19.25
C ASN A 1813 55.53 -11.78 -18.33
N PRO A 1814 55.14 -11.61 -17.06
CA PRO A 1814 55.08 -12.71 -16.10
C PRO A 1814 53.97 -12.53 -15.07
N LYS A 1822 58.90 -19.49 -16.26
CA LYS A 1822 60.21 -19.27 -16.85
C LYS A 1822 60.32 -19.93 -18.23
N GLY A 1823 59.43 -19.53 -19.14
CA GLY A 1823 59.42 -20.09 -20.47
C GLY A 1823 60.44 -19.50 -21.43
N LEU A 1824 61.23 -18.53 -20.98
CA LEU A 1824 62.23 -17.92 -21.84
C LEU A 1824 63.43 -18.87 -22.02
N PRO A 1825 64.09 -18.82 -23.17
CA PRO A 1825 65.24 -19.71 -23.40
C PRO A 1825 66.53 -19.17 -22.79
N LYS A 1826 67.64 -19.86 -23.05
CA LYS A 1826 68.93 -19.44 -22.53
C LYS A 1826 69.53 -18.25 -23.28
N SER A 1827 68.93 -17.85 -24.41
CA SER A 1827 69.42 -16.69 -25.14
C SER A 1827 69.11 -15.40 -24.40
N PHE A 1828 67.97 -15.35 -23.69
CA PHE A 1828 67.67 -14.19 -22.86
C PHE A 1828 68.54 -14.14 -21.61
N VAL A 1829 69.00 -15.30 -21.14
CA VAL A 1829 69.94 -15.36 -20.02
C VAL A 1829 71.35 -15.03 -20.46
N ASN A 1830 71.64 -15.09 -21.76
CA ASN A 1830 72.95 -14.73 -22.30
C ASN A 1830 73.04 -13.26 -22.68
N ARG A 1831 72.04 -12.46 -22.31
CA ARG A 1831 72.07 -11.04 -22.60
C ARG A 1831 73.03 -10.31 -21.66
N PHE A 1832 73.33 -9.06 -22.00
CA PHE A 1832 74.29 -8.28 -21.20
C PHE A 1832 73.65 -7.78 -19.92
N SER A 1833 72.53 -7.07 -20.03
CA SER A 1833 71.89 -6.46 -18.88
C SER A 1833 70.45 -6.95 -18.74
N VAL A 1834 69.93 -6.83 -17.51
CA VAL A 1834 68.55 -7.18 -17.20
C VAL A 1834 68.06 -6.23 -16.10
N VAL A 1835 66.75 -6.16 -15.95
CA VAL A 1835 66.15 -5.26 -14.97
C VAL A 1835 64.79 -5.83 -14.55
N PHE A 1836 64.46 -5.69 -13.27
CA PHE A 1836 63.18 -6.10 -12.73
C PHE A 1836 62.55 -4.88 -12.05
N ILE A 1837 61.47 -4.37 -12.64
CA ILE A 1837 60.78 -3.21 -12.10
C ILE A 1837 59.45 -3.58 -11.44
N ASP A 1838 59.10 -2.83 -10.41
CA ASP A 1838 57.85 -3.05 -9.68
C ASP A 1838 56.93 -1.85 -9.78
N MET A 1839 57.30 -0.75 -9.12
CA MET A 1839 56.50 0.47 -9.13
C MET A 1839 57.31 1.70 -8.75
N LEU A 1840 56.66 2.86 -8.77
CA LEU A 1840 57.28 4.10 -8.30
C LEU A 1840 57.04 4.30 -6.81
N THR A 1841 56.58 5.49 -6.42
CA THR A 1841 56.32 5.76 -5.01
C THR A 1841 55.02 6.52 -4.84
N SER A 1842 54.19 6.09 -3.90
CA SER A 1842 52.92 6.75 -3.65
C SER A 1842 53.08 8.26 -3.48
N ASP A 1843 54.24 8.71 -2.98
CA ASP A 1843 54.48 10.14 -2.84
C ASP A 1843 54.78 10.82 -4.17
N ASP A 1844 55.17 10.06 -5.20
CA ASP A 1844 55.44 10.63 -6.50
C ASP A 1844 54.16 10.91 -7.29
N LEU A 1845 53.07 10.19 -7.00
CA LEU A 1845 51.82 10.43 -7.70
C LEU A 1845 51.19 11.74 -7.28
N LEU A 1846 51.37 12.14 -6.02
CA LEU A 1846 50.83 13.42 -5.56
C LEU A 1846 51.67 14.60 -6.03
N LEU A 1847 52.91 14.37 -6.44
CA LEU A 1847 53.77 15.44 -6.95
C LEU A 1847 53.73 15.56 -8.46
N ILE A 1848 53.39 14.48 -9.17
CA ILE A 1848 53.33 14.54 -10.63
C ILE A 1848 52.05 15.23 -11.08
N ALA A 1849 50.94 14.99 -10.36
CA ALA A 1849 49.68 15.61 -10.72
C ALA A 1849 49.61 17.07 -10.28
N LYS A 1850 50.33 17.43 -9.21
CA LYS A 1850 50.31 18.79 -8.70
C LYS A 1850 51.18 19.74 -9.51
N HIS A 1851 51.97 19.23 -10.45
CA HIS A 1851 52.84 20.07 -11.27
C HIS A 1851 52.41 20.11 -12.73
N LEU A 1852 51.81 19.05 -13.26
CA LEU A 1852 51.42 19.01 -14.66
C LEU A 1852 49.96 19.43 -14.87
N TYR A 1853 49.03 18.68 -14.27
CA TYR A 1853 47.60 18.92 -14.47
C TYR A 1853 47.14 20.14 -13.68
N PRO A 1854 47.72 20.39 -12.51
CA PRO A 1854 47.25 21.51 -11.67
C PRO A 1854 47.75 22.85 -12.20
N SER A 1855 46.88 23.54 -12.91
CA SER A 1855 47.18 24.88 -13.43
C SER A 1855 46.13 25.90 -13.04
N ILE A 1856 44.87 25.52 -12.97
CA ILE A 1856 43.78 26.38 -12.53
C ILE A 1856 42.79 25.52 -11.76
N GLU A 1857 42.43 25.96 -10.55
CA GLU A 1857 41.69 25.20 -9.53
C GLU A 1857 42.38 23.87 -9.29
N PRO A 1858 43.53 23.87 -8.61
CA PRO A 1858 44.28 22.61 -8.49
C PRO A 1858 43.65 21.61 -7.53
N ASP A 1859 43.17 22.08 -6.38
CA ASP A 1859 42.55 21.27 -5.32
C ASP A 1859 43.50 20.17 -4.85
N ILE A 1860 44.63 20.62 -4.29
CA ILE A 1860 45.68 19.72 -3.85
C ILE A 1860 45.25 18.86 -2.67
N ILE A 1861 44.29 19.33 -1.87
CA ILE A 1861 43.72 18.48 -0.83
C ILE A 1861 42.79 17.44 -1.43
N ALA A 1862 42.14 17.77 -2.55
CA ALA A 1862 41.27 16.82 -3.23
C ALA A 1862 42.03 15.93 -4.20
N LYS A 1863 43.21 16.35 -4.67
CA LYS A 1863 43.99 15.52 -5.57
C LYS A 1863 44.63 14.35 -4.83
N MET A 1864 44.89 14.50 -3.53
CA MET A 1864 45.42 13.40 -2.74
C MET A 1864 44.36 12.34 -2.49
N ILE A 1865 43.10 12.74 -2.37
CA ILE A 1865 42.02 11.79 -2.18
C ILE A 1865 41.70 11.04 -3.47
N LYS A 1866 42.00 11.66 -4.62
CA LYS A 1866 41.73 11.00 -5.89
C LYS A 1866 42.72 9.89 -6.18
N LEU A 1867 44.00 10.10 -5.84
CA LEU A 1867 45.00 9.07 -6.08
C LEU A 1867 44.91 7.93 -5.07
N MET A 1868 44.55 8.23 -3.83
CA MET A 1868 44.41 7.20 -2.81
C MET A 1868 43.16 6.35 -3.00
N SER A 1869 42.14 6.89 -3.68
CA SER A 1869 40.94 6.11 -3.95
C SER A 1869 41.21 5.03 -5.00
N THR A 1870 41.99 5.36 -6.03
CA THR A 1870 42.37 4.37 -7.02
C THR A 1870 43.43 3.42 -6.50
N LEU A 1871 44.21 3.85 -5.51
CA LEU A 1871 45.23 2.98 -4.94
C LEU A 1871 44.62 1.91 -4.04
N GLU A 1872 43.57 2.27 -3.31
CA GLU A 1872 42.92 1.30 -2.44
C GLU A 1872 42.09 0.29 -3.22
N ASP A 1873 41.65 0.64 -4.43
CA ASP A 1873 40.89 -0.30 -5.25
C ASP A 1873 41.78 -1.38 -5.84
N GLN A 1874 43.07 -1.10 -6.02
CA GLN A 1874 43.98 -2.09 -6.57
C GLN A 1874 44.32 -3.16 -5.54
N VAL A 1875 44.43 -2.77 -4.27
CA VAL A 1875 44.71 -3.74 -3.22
C VAL A 1875 43.47 -4.57 -2.91
N CYS A 1876 42.28 -3.98 -3.04
CA CYS A 1876 41.05 -4.72 -2.85
C CYS A 1876 40.73 -5.63 -4.03
N LYS A 1877 41.31 -5.35 -5.21
CA LYS A 1877 41.11 -6.23 -6.35
C LYS A 1877 41.91 -7.51 -6.25
N ARG A 1878 42.96 -7.53 -5.43
CA ARG A 1878 43.76 -8.73 -5.20
C ARG A 1878 43.19 -9.60 -4.08
N LYS A 1879 42.00 -9.29 -3.58
CA LYS A 1879 41.35 -10.07 -2.54
C LYS A 1879 40.08 -10.75 -3.05
N LEU A 1880 39.91 -10.83 -4.37
CA LEU A 1880 38.79 -11.48 -5.06
C LEU A 1880 37.44 -10.87 -4.64
N TRP A 1881 37.26 -9.59 -4.99
CA TRP A 1881 36.00 -8.89 -4.75
C TRP A 1881 35.11 -9.05 -5.99
N GLY A 1882 34.70 -10.29 -6.23
CA GLY A 1882 33.95 -10.64 -7.41
C GLY A 1882 34.83 -11.09 -8.56
N ASN A 1883 35.68 -10.19 -9.05
CA ASN A 1883 36.68 -10.44 -10.10
C ASN A 1883 36.03 -10.94 -11.39
N SER A 1884 35.26 -10.06 -12.02
CA SER A 1884 34.63 -10.40 -13.29
C SER A 1884 35.66 -10.45 -14.42
N GLY A 1885 36.33 -9.33 -14.67
CA GLY A 1885 37.40 -9.29 -15.64
C GLY A 1885 38.72 -9.74 -15.05
N SER A 1886 39.57 -10.31 -15.90
CA SER A 1886 40.89 -10.77 -15.46
C SER A 1886 41.96 -9.80 -15.92
N PRO A 1887 41.60 -8.54 -16.09
CA PRO A 1887 42.54 -7.52 -16.53
C PRO A 1887 42.18 -6.11 -16.03
N TRP A 1888 42.04 -5.96 -14.71
CA TRP A 1888 41.71 -4.67 -14.13
C TRP A 1888 42.99 -3.98 -13.67
N GLU A 1889 43.75 -3.48 -14.64
CA GLU A 1889 45.02 -2.80 -14.34
C GLU A 1889 44.72 -1.36 -13.92
N PHE A 1890 44.54 -1.18 -12.62
CA PHE A 1890 44.34 0.14 -12.04
C PHE A 1890 45.72 0.77 -11.83
N ASN A 1891 46.02 1.83 -12.60
CA ASN A 1891 47.32 2.47 -12.54
C ASN A 1891 47.18 3.99 -12.49
N LEU A 1892 48.28 4.71 -12.70
CA LEU A 1892 48.26 6.17 -12.67
C LEU A 1892 47.62 6.77 -13.92
N ARG A 1893 47.41 5.98 -14.97
CA ARG A 1893 46.77 6.52 -16.17
C ARG A 1893 45.28 6.75 -15.95
N ASP A 1894 44.63 5.92 -15.13
CA ASP A 1894 43.22 6.10 -14.85
C ASP A 1894 42.99 7.30 -13.92
N THR A 1895 43.94 7.57 -13.03
CA THR A 1895 43.83 8.75 -12.16
C THR A 1895 44.03 10.05 -12.94
N LEU A 1896 44.71 10.00 -14.08
CA LEU A 1896 44.87 11.19 -14.90
C LEU A 1896 43.62 11.53 -15.69
N ARG A 1897 42.82 10.51 -16.04
CA ARG A 1897 41.60 10.79 -16.80
C ARG A 1897 40.51 11.38 -15.92
N TRP A 1898 40.47 11.02 -14.64
CA TRP A 1898 39.52 11.64 -13.72
C TRP A 1898 39.89 13.08 -13.42
N LEU A 1899 41.20 13.41 -13.47
CA LEU A 1899 41.61 14.79 -13.34
C LEU A 1899 41.44 15.57 -14.63
N LYS A 1900 41.54 14.90 -15.78
CA LYS A 1900 41.35 15.59 -17.06
C LYS A 1900 39.88 15.87 -17.33
N LEU A 1901 39.00 14.95 -16.94
CA LEU A 1901 37.57 15.16 -17.16
C LEU A 1901 36.97 16.16 -16.19
N LEU A 1902 37.65 16.45 -15.08
CA LEU A 1902 37.15 17.41 -14.10
C LEU A 1902 37.68 18.82 -14.33
N ASN A 1903 38.72 18.98 -15.15
CA ASN A 1903 39.30 20.29 -15.42
C ASN A 1903 38.78 20.89 -16.72
N GLN A 1904 37.60 20.50 -17.16
CA GLN A 1904 37.02 21.04 -18.38
C GLN A 1904 36.49 22.46 -18.12
N TYR A 1905 36.15 23.15 -19.22
CA TYR A 1905 35.69 24.52 -19.11
C TYR A 1905 34.24 24.60 -18.64
N SER A 1906 33.32 24.03 -19.42
CA SER A 1906 31.90 24.07 -19.09
C SER A 1906 31.23 22.92 -19.80
N ILE A 1907 30.64 21.99 -19.04
CA ILE A 1907 30.01 20.83 -19.64
C ILE A 1907 28.55 20.75 -19.24
N CYS A 1908 28.29 20.42 -17.97
CA CYS A 1908 26.93 20.17 -17.50
C CYS A 1908 26.48 21.20 -16.48
N GLU A 1909 27.23 21.40 -15.40
CA GLU A 1909 26.79 22.27 -14.32
C GLU A 1909 27.88 23.24 -13.89
N ASP A 1910 27.64 23.95 -12.78
CA ASP A 1910 28.62 24.91 -12.30
C ASP A 1910 29.79 24.21 -11.62
N VAL A 1911 29.49 23.28 -10.71
CA VAL A 1911 30.52 22.59 -9.94
C VAL A 1911 30.14 21.13 -9.82
N ASP A 1912 31.11 20.23 -10.04
CA ASP A 1912 30.90 18.80 -9.91
C ASP A 1912 32.25 18.15 -9.66
N VAL A 1913 32.35 17.34 -8.60
CA VAL A 1913 33.61 16.69 -8.25
C VAL A 1913 33.41 15.19 -8.19
N PHE A 1914 32.18 14.75 -7.93
CA PHE A 1914 31.86 13.34 -7.85
C PHE A 1914 30.85 12.89 -8.90
N ASP A 1915 30.34 13.81 -9.72
CA ASP A 1915 29.36 13.44 -10.73
C ASP A 1915 30.00 12.70 -11.90
N PHE A 1916 31.27 12.95 -12.17
CA PHE A 1916 31.99 12.28 -13.24
C PHE A 1916 32.61 10.95 -12.81
N VAL A 1917 32.20 10.41 -11.66
CA VAL A 1917 32.75 9.15 -11.16
C VAL A 1917 32.04 7.93 -11.73
N ASP A 1918 31.11 8.12 -12.66
CA ASP A 1918 30.38 7.02 -13.26
C ASP A 1918 30.95 6.58 -14.59
N ILE A 1919 32.16 7.01 -14.93
CA ILE A 1919 32.80 6.63 -16.19
C ILE A 1919 34.21 6.10 -16.00
N ILE A 1920 34.84 6.30 -14.84
CA ILE A 1920 36.19 5.84 -14.62
C ILE A 1920 36.28 4.71 -13.60
N VAL A 1921 35.36 4.65 -12.64
CA VAL A 1921 35.39 3.65 -11.59
C VAL A 1921 34.11 2.81 -11.55
N LYS A 1922 32.95 3.46 -11.69
CA LYS A 1922 31.69 2.76 -11.50
C LYS A 1922 31.34 1.86 -12.69
N GLN A 1923 31.29 2.43 -13.89
CA GLN A 1923 30.87 1.68 -15.07
C GLN A 1923 31.98 0.87 -15.70
N ARG A 1924 33.18 0.85 -15.11
CA ARG A 1924 34.27 0.08 -15.69
C ARG A 1924 34.08 -1.42 -15.43
N PHE A 1925 33.61 -1.78 -14.25
CA PHE A 1925 33.38 -3.18 -13.93
C PHE A 1925 32.07 -3.66 -14.54
N ARG A 1926 31.87 -4.97 -14.50
CA ARG A 1926 30.62 -5.56 -14.98
C ARG A 1926 29.50 -5.30 -13.99
N THR A 1927 28.32 -4.96 -14.53
CA THR A 1927 27.15 -4.64 -13.70
C THR A 1927 26.60 -5.93 -13.11
N ILE A 1928 27.17 -6.34 -11.99
CA ILE A 1928 26.79 -7.57 -11.31
C ILE A 1928 26.59 -7.26 -9.83
N SER A 1929 26.38 -8.30 -9.03
CA SER A 1929 26.29 -8.13 -7.58
C SER A 1929 27.62 -7.69 -6.97
N ASP A 1930 28.74 -7.96 -7.64
CA ASP A 1930 30.03 -7.47 -7.17
C ASP A 1930 30.19 -5.97 -7.39
N LYS A 1931 29.40 -5.36 -8.28
CA LYS A 1931 29.48 -3.93 -8.49
C LYS A 1931 28.90 -3.13 -7.34
N ASN A 1932 28.06 -3.75 -6.50
CA ASN A 1932 27.54 -3.08 -5.32
C ASN A 1932 28.62 -2.84 -4.28
N LYS A 1933 29.66 -3.69 -4.25
CA LYS A 1933 30.79 -3.47 -3.36
C LYS A 1933 31.64 -2.29 -3.80
N ALA A 1934 31.57 -1.91 -5.08
CA ALA A 1934 32.31 -0.74 -5.55
C ALA A 1934 31.68 0.57 -5.07
N GLN A 1935 30.41 0.55 -4.70
CA GLN A 1935 29.77 1.74 -4.16
C GLN A 1935 30.09 1.97 -2.69
N LEU A 1936 30.44 0.92 -1.95
CA LEU A 1936 30.77 1.07 -0.54
C LEU A 1936 32.18 1.61 -0.35
N LEU A 1937 33.14 1.12 -1.14
CA LEU A 1937 34.51 1.59 -1.03
C LEU A 1937 34.68 2.99 -1.60
N ILE A 1938 33.82 3.37 -2.57
CA ILE A 1938 33.88 4.72 -3.11
C ILE A 1938 33.26 5.74 -2.17
N GLU A 1939 32.40 5.29 -1.25
CA GLU A 1939 31.80 6.19 -0.26
C GLU A 1939 32.66 6.35 0.99
N ASP A 1940 33.74 5.61 1.11
CA ASP A 1940 34.58 5.71 2.31
C ASP A 1940 35.52 6.90 2.23
N ILE A 1941 36.30 7.01 1.16
CA ILE A 1941 37.21 8.14 1.00
C ILE A 1941 36.49 9.41 0.58
N PHE A 1942 35.31 9.29 -0.03
CA PHE A 1942 34.51 10.44 -0.42
C PHE A 1942 33.37 10.64 0.57
N GLY A 1943 32.48 11.59 0.27
CA GLY A 1943 31.37 11.87 1.15
C GLY A 1943 30.11 11.12 0.78
N LYS A 1944 28.98 11.83 0.71
CA LYS A 1944 27.71 11.25 0.34
C LYS A 1944 26.98 12.21 -0.59
N PHE A 1945 26.64 11.74 -1.79
CA PHE A 1945 25.96 12.56 -2.78
C PHE A 1945 25.19 11.65 -3.72
N SER A 1946 24.43 12.29 -4.61
CA SER A 1946 23.62 11.58 -5.60
C SER A 1946 23.55 12.42 -6.86
N THR A 1947 22.77 11.95 -7.84
CA THR A 1947 22.59 12.64 -9.11
C THR A 1947 21.19 12.40 -9.63
N LYS A 1948 20.87 13.02 -10.75
CA LYS A 1948 19.57 12.84 -11.39
C LYS A 1948 19.57 11.56 -12.23
N GLU A 1949 18.45 11.28 -12.88
CA GLU A 1949 18.27 10.01 -13.58
C GLU A 1949 18.51 10.12 -15.09
N ASN A 1950 17.74 10.97 -15.77
CA ASN A 1950 17.79 11.00 -17.23
C ASN A 1950 17.18 12.30 -17.74
N PHE A 1951 17.73 12.78 -18.86
CA PHE A 1951 17.21 13.95 -19.55
C PHE A 1951 17.70 13.85 -21.00
N PHE A 1952 16.78 13.60 -21.93
CA PHE A 1952 17.16 13.12 -23.26
C PHE A 1952 16.76 14.06 -24.40
N LYS A 1953 15.86 15.01 -24.16
CA LYS A 1953 15.20 15.76 -25.23
C LYS A 1953 16.17 16.64 -26.01
N LEU A 1954 15.83 16.89 -27.27
CA LEU A 1954 16.73 17.51 -28.23
C LEU A 1954 15.95 18.49 -29.10
N THR A 1955 16.67 19.14 -30.00
CA THR A 1955 16.11 20.11 -30.94
C THR A 1955 16.75 19.81 -32.30
N GLU A 1956 16.70 20.78 -33.20
CA GLU A 1956 17.47 20.68 -34.44
C GLU A 1956 18.96 20.63 -34.16
N ASP A 1957 19.41 21.29 -33.10
CA ASP A 1957 20.80 21.26 -32.65
C ASP A 1957 20.85 20.85 -31.18
N TYR A 1958 22.08 20.78 -30.67
CA TYR A 1958 22.44 20.58 -29.25
C TYR A 1958 21.73 19.36 -28.62
N VAL A 1959 22.07 18.19 -29.15
CA VAL A 1959 21.65 16.95 -28.50
C VAL A 1959 22.38 16.85 -27.15
N GLN A 1960 21.66 16.39 -26.12
CA GLN A 1960 22.14 16.50 -24.75
C GLN A 1960 21.74 15.25 -23.96
N ILE A 1961 22.69 14.36 -23.73
CA ILE A 1961 22.44 13.22 -22.85
C ILE A 1961 23.12 13.47 -21.50
N ASN A 1962 22.43 14.20 -20.63
CA ASN A 1962 22.64 14.32 -19.18
C ASN A 1962 23.92 15.02 -18.72
N ASN A 1963 24.94 15.13 -19.57
CA ASN A 1963 26.13 15.90 -19.23
C ASN A 1963 26.73 16.70 -20.37
N GLU A 1964 26.55 16.30 -21.63
CA GLU A 1964 27.35 16.80 -22.73
C GLU A 1964 26.45 17.41 -23.80
N VAL A 1965 26.99 18.40 -24.49
CA VAL A 1965 26.27 19.11 -25.55
C VAL A 1965 27.10 18.97 -26.81
N ALA A 1966 26.69 18.08 -27.71
CA ALA A 1966 27.38 17.89 -28.97
C ALA A 1966 26.65 18.64 -30.08
N LEU A 1967 27.42 19.16 -31.04
CA LEU A 1967 26.86 19.94 -32.14
C LEU A 1967 26.37 19.02 -33.24
N ARG A 1968 25.08 19.10 -33.56
CA ARG A 1968 24.48 18.35 -34.66
C ARG A 1968 24.45 19.25 -35.89
N ASN A 1969 24.93 18.73 -37.02
CA ASN A 1969 25.03 19.60 -38.18
C ASN A 1969 24.10 19.17 -39.31
N PRO A 1970 23.55 20.13 -40.06
CA PRO A 1970 22.73 19.77 -41.23
C PRO A 1970 23.58 19.38 -42.44
N HIS A 1971 23.70 18.08 -42.68
CA HIS A 1971 24.58 17.53 -43.72
C HIS A 1971 24.02 16.18 -44.14
N TYR A 1972 24.86 15.39 -44.81
CA TYR A 1972 24.49 14.06 -45.28
C TYR A 1972 24.26 13.13 -44.10
N ARG A 1973 23.02 12.68 -43.94
CA ARG A 1973 22.66 11.70 -42.92
C ARG A 1973 22.84 10.30 -43.50
N TYR A 1974 22.33 9.30 -42.79
CA TYR A 1974 22.50 7.90 -43.15
C TYR A 1974 21.14 7.24 -43.32
N PRO A 1975 21.08 6.24 -44.20
CA PRO A 1975 19.83 5.52 -44.46
C PRO A 1975 19.63 4.38 -43.46
N ILE A 1976 19.83 4.67 -42.18
CA ILE A 1976 19.66 3.66 -41.14
C ILE A 1976 18.28 3.01 -41.22
N THR A 1977 18.20 1.90 -41.95
CA THR A 1977 16.94 1.17 -42.09
C THR A 1977 16.49 0.66 -40.73
N GLN A 1978 15.20 0.33 -40.63
CA GLN A 1978 14.58 -0.15 -39.39
C GLN A 1978 14.93 0.80 -38.24
N ASN A 1979 14.55 2.06 -38.42
CA ASN A 1979 14.81 3.13 -37.46
C ASN A 1979 14.65 2.77 -35.99
N LEU A 1980 15.75 2.78 -35.26
CA LEU A 1980 15.73 2.48 -33.83
C LEU A 1980 15.58 3.75 -33.02
N PHE A 1981 14.42 3.91 -32.39
CA PHE A 1981 14.14 5.08 -31.57
C PHE A 1981 14.83 4.95 -30.22
N PRO A 1982 14.95 6.07 -29.52
CA PRO A 1982 15.59 6.07 -28.20
C PRO A 1982 14.71 5.46 -27.12
N LEU A 1983 15.35 5.05 -26.04
CA LEU A 1983 14.68 4.52 -24.87
C LEU A 1983 14.75 5.52 -23.73
N GLU A 1984 13.81 5.37 -22.79
CA GLU A 1984 13.83 6.23 -21.61
C GLU A 1984 14.96 5.86 -20.66
N CYS A 1985 15.30 4.58 -20.60
CA CYS A 1985 16.40 4.10 -19.76
C CYS A 1985 17.70 4.15 -20.58
N ASN A 1986 18.75 3.51 -20.04
CA ASN A 1986 20.08 3.38 -20.63
C ASN A 1986 20.77 4.72 -20.88
N VAL A 1987 20.35 5.78 -20.20
CA VAL A 1987 20.93 7.09 -20.44
C VAL A 1987 22.32 7.22 -19.82
N ALA A 1988 22.68 6.32 -18.90
CA ALA A 1988 24.05 6.27 -18.43
C ALA A 1988 24.98 5.72 -19.49
N VAL A 1989 24.48 4.85 -20.37
CA VAL A 1989 25.26 4.36 -21.48
C VAL A 1989 25.44 5.45 -22.53
N TYR A 1990 24.35 6.16 -22.84
CA TYR A 1990 24.41 7.24 -23.83
C TYR A 1990 25.19 8.45 -23.33
N GLU A 1991 25.46 8.55 -22.02
CA GLU A 1991 26.19 9.69 -21.49
C GLU A 1991 27.68 9.57 -21.81
N SER A 1992 28.31 8.48 -21.37
CA SER A 1992 29.76 8.37 -21.44
C SER A 1992 30.27 8.09 -22.86
N VAL A 1993 29.43 7.53 -23.73
CA VAL A 1993 29.83 7.33 -25.12
C VAL A 1993 29.94 8.67 -25.83
N LEU A 1994 28.97 9.56 -25.61
CA LEU A 1994 29.04 10.90 -26.18
C LEU A 1994 30.13 11.74 -25.51
N LYS A 1995 30.48 11.41 -24.27
CA LYS A 1995 31.57 12.11 -23.60
C LYS A 1995 32.93 11.69 -24.16
N ALA A 1996 33.07 10.41 -24.49
CA ALA A 1996 34.37 9.87 -24.91
C ALA A 1996 34.59 9.95 -26.41
N ILE A 1997 33.86 10.80 -27.13
CA ILE A 1997 34.17 11.09 -28.51
C ILE A 1997 34.60 12.53 -28.75
N ASN A 1998 34.28 13.46 -27.84
CA ASN A 1998 34.91 14.78 -27.89
C ASN A 1998 36.39 14.67 -27.56
N ASN A 1999 36.74 13.78 -26.63
CA ASN A 1999 38.12 13.40 -26.38
C ASN A 1999 38.44 12.16 -27.22
N ASN A 2000 39.62 12.15 -27.83
CA ASN A 2000 40.00 11.06 -28.74
C ASN A 2000 40.40 9.83 -27.92
N TRP A 2001 39.38 9.12 -27.45
CA TRP A 2001 39.55 7.91 -26.67
C TRP A 2001 38.84 6.74 -27.33
N PRO A 2002 39.43 5.55 -27.31
CA PRO A 2002 38.72 4.36 -27.77
C PRO A 2002 37.67 3.94 -26.77
N LEU A 2003 36.73 3.12 -27.24
CA LEU A 2003 35.65 2.64 -26.40
C LEU A 2003 35.49 1.14 -26.58
N VAL A 2004 34.78 0.54 -25.62
CA VAL A 2004 34.38 -0.86 -25.71
C VAL A 2004 33.08 -1.04 -24.93
N LEU A 2005 32.20 -1.88 -25.44
CA LEU A 2005 30.92 -2.16 -24.80
C LEU A 2005 30.74 -3.66 -24.71
N VAL A 2006 30.36 -4.15 -23.53
CA VAL A 2006 30.11 -5.56 -23.31
C VAL A 2006 28.66 -5.77 -22.94
N GLY A 2007 28.12 -6.92 -23.34
CA GLY A 2007 26.73 -7.25 -23.11
C GLY A 2007 26.42 -8.67 -23.51
N PRO A 2008 25.53 -9.33 -22.75
CA PRO A 2008 25.22 -10.76 -23.00
C PRO A 2008 24.27 -10.96 -24.17
N SER A 2009 24.73 -10.59 -25.37
CA SER A 2009 24.07 -10.88 -26.66
C SER A 2009 22.67 -10.30 -26.76
N ASN A 2010 22.46 -9.14 -26.15
CA ASN A 2010 21.16 -8.47 -26.17
C ASN A 2010 21.37 -6.99 -25.92
N SER A 2011 20.23 -6.29 -25.79
CA SER A 2011 20.14 -4.88 -25.36
C SER A 2011 20.83 -3.92 -26.33
N GLY A 2012 21.03 -4.34 -27.57
CA GLY A 2012 21.54 -3.46 -28.61
C GLY A 2012 22.96 -3.00 -28.44
N LYS A 2013 23.92 -3.94 -28.55
CA LYS A 2013 25.33 -3.55 -28.58
C LYS A 2013 25.65 -2.78 -29.85
N THR A 2014 25.05 -3.18 -30.97
CA THR A 2014 25.21 -2.48 -32.23
C THR A 2014 24.12 -1.47 -32.49
N GLU A 2015 23.00 -1.53 -31.76
CA GLU A 2015 21.90 -0.60 -31.98
C GLU A 2015 22.20 0.77 -31.38
N THR A 2016 22.79 0.81 -30.18
CA THR A 2016 23.10 2.08 -29.54
C THR A 2016 24.24 2.81 -30.23
N ILE A 2017 25.10 2.10 -30.96
CA ILE A 2017 26.14 2.76 -31.73
C ILE A 2017 25.54 3.44 -32.96
N ARG A 2018 24.63 2.75 -33.65
CA ARG A 2018 24.02 3.31 -34.86
C ARG A 2018 23.07 4.45 -34.55
N PHE A 2019 22.52 4.48 -33.34
CA PHE A 2019 21.59 5.56 -33.00
C PHE A 2019 22.33 6.88 -32.77
N LEU A 2020 23.52 6.82 -32.18
CA LEU A 2020 24.29 8.04 -31.99
C LEU A 2020 24.93 8.51 -33.29
N ALA A 2021 25.09 7.61 -34.26
CA ALA A 2021 25.47 8.04 -35.60
C ALA A 2021 24.27 8.51 -36.41
N SER A 2022 23.06 8.23 -35.95
CA SER A 2022 21.87 8.63 -36.68
C SER A 2022 21.52 10.10 -36.49
N ILE A 2023 21.96 10.69 -35.37
CA ILE A 2023 21.58 12.06 -35.04
C ILE A 2023 22.58 13.06 -35.58
N LEU A 2024 23.88 12.83 -35.33
CA LEU A 2024 24.91 13.76 -35.74
C LEU A 2024 26.09 13.13 -36.47
N GLY A 2025 26.31 11.84 -36.32
CA GLY A 2025 27.52 11.21 -36.84
C GLY A 2025 27.44 10.88 -38.31
N PRO A 2026 28.61 10.68 -38.93
CA PRO A 2026 28.65 10.18 -40.31
C PRO A 2026 28.36 8.69 -40.41
N ARG A 2027 28.53 8.13 -41.61
CA ARG A 2027 28.23 6.73 -41.85
C ARG A 2027 29.24 5.83 -41.12
N VAL A 2028 28.82 4.58 -40.90
CA VAL A 2028 29.63 3.59 -40.20
C VAL A 2028 29.93 2.45 -41.16
N ASP A 2029 30.92 1.64 -40.78
CA ASP A 2029 31.34 0.47 -41.56
C ASP A 2029 31.37 -0.72 -40.62
N VAL A 2030 30.31 -1.52 -40.64
CA VAL A 2030 30.21 -2.67 -39.75
C VAL A 2030 31.13 -3.78 -40.24
N PHE A 2031 32.00 -4.25 -39.35
CA PHE A 2031 32.94 -5.31 -39.68
C PHE A 2031 32.89 -6.39 -38.60
N SER A 2032 32.98 -7.64 -39.03
CA SER A 2032 32.98 -8.78 -38.13
C SER A 2032 34.27 -9.57 -38.31
N MET A 2033 34.65 -10.31 -37.27
CA MET A 2033 35.90 -11.07 -37.26
C MET A 2033 35.59 -12.53 -36.98
N ASN A 2034 35.83 -13.38 -37.98
CA ASN A 2034 35.65 -14.82 -37.82
C ASN A 2034 36.94 -15.58 -38.02
N SER A 2035 37.64 -15.38 -39.15
CA SER A 2035 38.88 -16.10 -39.42
C SER A 2035 39.94 -15.23 -40.08
N ASP A 2036 39.89 -13.91 -39.92
CA ASP A 2036 40.83 -13.02 -40.56
C ASP A 2036 42.21 -13.08 -39.88
N ILE A 2037 43.23 -12.68 -40.63
CA ILE A 2037 44.61 -12.73 -40.16
C ILE A 2037 45.16 -11.31 -40.03
N ASP A 2038 46.40 -11.19 -39.58
CA ASP A 2038 47.01 -9.88 -39.40
C ASP A 2038 47.32 -9.21 -40.73
N SER A 2039 47.61 -10.01 -41.76
CA SER A 2039 47.83 -9.46 -43.09
C SER A 2039 46.50 -9.10 -43.75
N MET A 2040 45.40 -9.67 -43.27
CA MET A 2040 44.11 -9.44 -43.92
C MET A 2040 43.42 -8.19 -43.35
N ASP A 2041 43.52 -7.99 -42.04
CA ASP A 2041 42.76 -6.91 -41.41
C ASP A 2041 43.42 -5.56 -41.66
N ILE A 2042 44.74 -5.53 -41.81
CA ILE A 2042 45.47 -4.29 -42.00
C ILE A 2042 45.66 -4.04 -43.48
N LEU A 2043 46.35 -4.96 -44.16
CA LEU A 2043 46.61 -4.81 -45.59
C LEU A 2043 45.44 -5.33 -46.41
N GLY A 2044 45.10 -4.61 -47.48
CA GLY A 2044 44.04 -5.04 -48.35
C GLY A 2044 44.47 -6.18 -49.27
N GLY A 2045 43.52 -6.64 -50.07
CA GLY A 2045 43.79 -7.74 -50.98
C GLY A 2045 44.54 -7.31 -52.22
N TYR A 2046 44.54 -8.20 -53.21
CA TYR A 2046 45.18 -7.95 -54.50
C TYR A 2046 44.18 -8.17 -55.62
N GLU A 2047 44.14 -7.21 -56.54
CA GLU A 2047 43.20 -7.24 -57.67
C GLU A 2047 43.94 -7.66 -58.92
N GLN A 2048 43.43 -8.69 -59.59
CA GLN A 2048 44.02 -9.18 -60.82
C GLN A 2048 43.64 -8.31 -62.02
N VAL A 2049 42.35 -8.03 -62.17
CA VAL A 2049 41.90 -7.17 -63.28
C VAL A 2049 42.24 -5.71 -62.99
N ASP A 2050 41.81 -5.22 -61.83
CA ASP A 2050 42.03 -3.86 -61.31
C ASP A 2050 41.54 -2.78 -62.26
N LEU A 2051 40.47 -3.07 -63.01
CA LEU A 2051 39.91 -2.07 -63.91
C LEU A 2051 38.58 -1.55 -63.39
N THR A 2052 37.63 -2.45 -63.13
CA THR A 2052 36.34 -2.03 -62.59
C THR A 2052 36.45 -1.69 -61.10
N ARG A 2053 37.35 -2.36 -60.38
CA ARG A 2053 37.53 -2.05 -58.96
C ARG A 2053 38.24 -0.72 -58.78
N GLN A 2054 39.19 -0.39 -59.66
CA GLN A 2054 39.85 0.91 -59.60
C GLN A 2054 38.95 2.03 -60.11
N ILE A 2055 37.96 1.71 -60.93
CA ILE A 2055 37.01 2.72 -61.39
C ILE A 2055 36.01 3.08 -60.30
N SER A 2056 35.84 2.18 -59.33
CA SER A 2056 34.90 2.45 -58.23
C SER A 2056 35.42 3.50 -57.27
N TYR A 2057 36.75 3.69 -57.21
CA TYR A 2057 37.31 4.72 -56.36
C TYR A 2057 37.02 6.12 -56.91
N ILE A 2058 37.01 6.25 -58.24
CA ILE A 2058 36.67 7.55 -58.82
C ILE A 2058 35.17 7.78 -58.80
N THR A 2059 34.37 6.70 -58.79
CA THR A 2059 32.93 6.86 -58.82
C THR A 2059 32.36 7.14 -57.43
N GLU A 2060 32.85 6.45 -56.40
CA GLU A 2060 32.32 6.65 -55.06
C GLU A 2060 32.78 7.97 -54.46
N GLU A 2061 33.94 8.48 -54.89
CA GLU A 2061 34.39 9.78 -54.40
C GLU A 2061 33.61 10.92 -55.06
N LEU A 2062 33.16 10.73 -56.30
CA LEU A 2062 32.38 11.75 -56.97
C LEU A 2062 30.93 11.78 -56.48
N THR A 2063 30.42 10.64 -56.01
CA THR A 2063 29.04 10.59 -55.53
C THR A 2063 28.89 11.31 -54.19
N ASN A 2064 29.88 11.15 -53.31
CA ASN A 2064 29.82 11.84 -52.02
C ASN A 2064 30.14 13.33 -52.17
N ILE A 2065 30.81 13.71 -53.26
CA ILE A 2065 31.07 15.12 -53.50
C ILE A 2065 29.90 15.80 -54.20
N VAL A 2066 29.08 15.02 -54.91
CA VAL A 2066 27.94 15.60 -55.62
C VAL A 2066 26.81 15.90 -54.64
N ARG A 2067 26.62 15.05 -53.63
CA ARG A 2067 25.59 15.30 -52.63
C ARG A 2067 25.94 16.47 -51.71
N GLU A 2068 27.23 16.78 -51.57
CA GLU A 2068 27.61 17.95 -50.77
C GLU A 2068 27.49 19.24 -51.58
N ILE A 2069 27.58 19.16 -52.90
CA ILE A 2069 27.51 20.37 -53.72
C ILE A 2069 26.07 20.68 -54.11
N ILE A 2070 25.23 19.66 -54.30
CA ILE A 2070 23.86 19.90 -54.73
C ILE A 2070 22.99 20.34 -53.55
N SER A 2071 23.24 19.78 -52.36
CA SER A 2071 22.43 20.12 -51.20
C SER A 2071 22.80 21.48 -50.62
N MET A 2072 24.06 21.88 -50.72
CA MET A 2072 24.48 23.18 -50.21
C MET A 2072 24.11 24.33 -51.15
N ASN A 2073 23.73 24.03 -52.38
CA ASN A 2073 23.29 25.04 -53.33
C ASN A 2073 21.79 25.31 -53.25
N MET A 2074 21.10 24.76 -52.25
CA MET A 2074 19.67 24.94 -52.10
C MET A 2074 19.30 26.08 -51.16
N LYS A 2075 20.28 26.84 -50.67
CA LYS A 2075 19.98 27.95 -49.78
C LYS A 2075 19.51 29.17 -50.56
N LEU A 2076 20.36 29.69 -51.46
CA LEU A 2076 20.01 30.81 -52.30
C LEU A 2076 20.65 30.62 -53.67
N SER A 2077 20.12 31.35 -54.67
CA SER A 2077 20.49 31.29 -56.09
C SER A 2077 20.40 29.86 -56.61
N PRO A 2078 19.19 29.38 -56.92
CA PRO A 2078 19.03 27.94 -57.22
C PRO A 2078 19.70 27.49 -58.51
N ASN A 2079 19.63 28.30 -59.57
CA ASN A 2079 20.28 28.07 -60.87
C ASN A 2079 19.86 26.75 -61.50
N ALA A 2080 18.59 26.63 -61.87
CA ALA A 2080 18.03 25.37 -62.35
C ALA A 2080 18.62 24.91 -63.68
N THR A 2081 19.26 25.82 -64.44
CA THR A 2081 19.98 25.39 -65.63
C THR A 2081 21.24 24.61 -65.27
N ALA A 2082 21.80 24.83 -64.08
CA ALA A 2082 22.97 24.10 -63.60
C ALA A 2082 22.68 23.15 -62.46
N ILE A 2083 21.61 23.38 -61.69
CA ILE A 2083 21.28 22.48 -60.59
C ILE A 2083 20.64 21.20 -61.11
N MET A 2084 19.80 21.31 -62.14
CA MET A 2084 19.20 20.11 -62.72
C MET A 2084 20.19 19.34 -63.55
N GLU A 2085 21.22 20.00 -64.08
CA GLU A 2085 22.27 19.29 -64.79
C GLU A 2085 23.15 18.50 -63.83
N GLY A 2086 23.32 18.99 -62.60
CA GLY A 2086 24.11 18.27 -61.62
C GLY A 2086 23.39 17.06 -61.05
N LEU A 2087 22.06 17.15 -60.92
CA LEU A 2087 21.29 16.03 -60.39
C LEU A 2087 21.18 14.89 -61.40
N ASN A 2088 21.34 15.18 -62.70
CA ASN A 2088 21.27 14.12 -63.70
C ASN A 2088 22.50 13.22 -63.64
N LEU A 2089 23.65 13.76 -63.24
CA LEU A 2089 24.84 12.93 -63.09
C LEU A 2089 24.76 12.05 -61.85
N LEU A 2090 24.01 12.50 -60.83
CA LEU A 2090 23.81 11.67 -59.65
C LEU A 2090 22.87 10.51 -59.92
N LYS A 2091 21.96 10.67 -60.89
CA LYS A 2091 21.05 9.58 -61.23
C LYS A 2091 21.73 8.51 -62.06
N TYR A 2092 22.80 8.86 -62.79
CA TYR A 2092 23.50 7.88 -63.59
C TYR A 2092 24.44 7.02 -62.75
N LEU A 2093 25.04 7.59 -61.71
CA LEU A 2093 26.01 6.86 -60.90
C LEU A 2093 25.34 6.02 -59.82
N LEU A 2094 24.28 6.52 -59.20
CA LEU A 2094 23.65 5.80 -58.09
C LEU A 2094 22.78 4.65 -58.58
N ASN A 2095 22.23 4.74 -59.79
CA ASN A 2095 21.35 3.71 -60.31
C ASN A 2095 22.08 2.69 -61.19
N ASN A 2096 23.04 3.13 -61.99
CA ASN A 2096 23.77 2.25 -62.90
C ASN A 2096 25.19 2.06 -62.41
N ILE A 2097 25.70 0.84 -62.55
CA ILE A 2097 27.07 0.52 -62.16
C ILE A 2097 28.01 0.97 -63.27
N VAL A 2098 29.23 1.33 -62.88
CA VAL A 2098 30.23 1.78 -63.84
C VAL A 2098 30.80 0.58 -64.58
N THR A 2099 31.23 0.81 -65.82
CA THR A 2099 31.79 -0.24 -66.65
C THR A 2099 33.15 0.18 -67.19
N PRO A 2100 33.81 -0.66 -67.98
CA PRO A 2100 35.09 -0.25 -68.58
C PRO A 2100 34.94 0.80 -69.67
N GLU A 2101 33.74 0.98 -70.22
CA GLU A 2101 33.49 2.02 -71.21
C GLU A 2101 33.19 3.34 -70.50
N LYS A 2102 34.25 3.94 -69.96
CA LYS A 2102 34.14 5.18 -69.21
C LYS A 2102 34.29 6.41 -70.09
N PHE A 2103 34.32 6.25 -71.41
CA PHE A 2103 34.42 7.40 -72.30
C PHE A 2103 33.11 8.18 -72.34
N GLN A 2104 31.97 7.51 -72.20
CA GLN A 2104 30.70 8.21 -72.13
C GLN A 2104 30.51 8.88 -70.78
N ASP A 2105 31.05 8.29 -69.71
CA ASP A 2105 30.96 8.90 -68.40
C ASP A 2105 31.89 10.10 -68.25
N PHE A 2106 32.98 10.16 -69.02
CA PHE A 2106 33.86 11.30 -68.97
C PHE A 2106 33.23 12.53 -69.63
N ARG A 2107 32.38 12.31 -70.63
CA ARG A 2107 31.62 13.41 -71.21
C ARG A 2107 30.55 13.92 -70.25
N ASN A 2108 30.01 13.02 -69.42
CA ASN A 2108 29.04 13.43 -68.41
C ASN A 2108 29.72 14.06 -67.20
N ARG A 2109 30.93 13.60 -66.85
CA ARG A 2109 31.65 14.17 -65.73
C ARG A 2109 32.16 15.57 -66.04
N PHE A 2110 32.54 15.82 -67.29
CA PHE A 2110 32.92 17.16 -67.70
C PHE A 2110 31.71 18.05 -67.94
N ASN A 2111 30.53 17.47 -68.12
CA ASN A 2111 29.32 18.27 -68.27
C ASN A 2111 28.90 18.90 -66.95
N ARG A 2112 29.08 18.17 -65.85
CA ARG A 2112 28.78 18.74 -64.54
C ARG A 2112 29.82 19.76 -64.11
N PHE A 2113 31.03 19.68 -64.67
CA PHE A 2113 32.10 20.62 -64.38
C PHE A 2113 32.12 21.80 -65.35
N PHE A 2114 30.98 22.13 -65.95
CA PHE A 2114 30.89 23.24 -66.88
C PHE A 2114 30.88 24.60 -66.20
N SER A 2115 30.73 24.65 -64.88
CA SER A 2115 30.75 25.89 -64.14
C SER A 2115 32.00 26.08 -63.29
N HIS A 2116 32.61 24.99 -62.81
CA HIS A 2116 33.79 24.98 -61.95
C HIS A 2116 33.57 25.82 -60.69
N LEU A 2117 32.53 25.46 -59.94
CA LEU A 2117 32.17 26.22 -58.75
C LEU A 2117 33.07 25.92 -57.57
N GLU A 2118 33.20 24.64 -57.20
CA GLU A 2118 33.99 24.24 -56.05
C GLU A 2118 35.41 23.92 -56.47
N GLY A 2119 36.37 24.35 -55.65
CA GLY A 2119 37.78 24.11 -55.94
C GLY A 2119 38.20 22.66 -55.76
N HIS A 2120 37.44 21.89 -54.97
CA HIS A 2120 37.72 20.47 -54.77
C HIS A 2120 37.42 19.70 -56.06
N PRO A 2121 36.48 20.18 -56.88
CA PRO A 2121 36.18 19.46 -58.13
C PRO A 2121 37.27 19.59 -59.19
N LEU A 2122 38.15 20.58 -59.07
CA LEU A 2122 39.26 20.69 -60.01
C LEU A 2122 40.32 19.63 -59.76
N LEU A 2123 40.45 19.18 -58.51
CA LEU A 2123 41.38 18.10 -58.19
C LEU A 2123 40.81 16.73 -58.55
N LYS A 2124 39.48 16.61 -58.59
CA LYS A 2124 38.86 15.33 -58.94
C LYS A 2124 38.96 15.05 -60.44
N THR A 2125 38.99 16.10 -61.28
CA THR A 2125 39.11 15.91 -62.71
C THR A 2125 40.52 15.51 -63.13
N MET A 2126 41.53 15.84 -62.33
CA MET A 2126 42.90 15.45 -62.66
C MET A 2126 43.12 13.96 -62.46
N SER A 2127 42.45 13.36 -61.47
CA SER A 2127 42.55 11.93 -61.28
C SER A 2127 41.73 11.16 -62.31
N MET A 2128 40.68 11.77 -62.84
CA MET A 2128 39.88 11.13 -63.88
C MET A 2128 40.57 11.17 -65.23
N ASN A 2129 41.33 12.24 -65.51
CA ASN A 2129 42.04 12.31 -66.79
C ASN A 2129 43.23 11.36 -66.83
N ILE A 2130 43.85 11.11 -65.67
CA ILE A 2130 44.96 10.15 -65.63
C ILE A 2130 44.44 8.73 -65.73
N GLU A 2131 43.19 8.49 -65.31
CA GLU A 2131 42.60 7.15 -65.43
C GLU A 2131 42.19 6.83 -66.86
N LYS A 2132 41.92 7.87 -67.67
CA LYS A 2132 41.58 7.63 -69.07
C LYS A 2132 42.79 7.19 -69.87
N MET A 2133 43.95 7.79 -69.60
CA MET A 2133 45.19 7.36 -70.25
C MET A 2133 45.68 6.03 -69.70
N THR A 2134 45.30 5.68 -68.47
CA THR A 2134 45.67 4.39 -67.90
C THR A 2134 44.87 3.23 -68.48
N GLU A 2135 43.72 3.51 -69.11
CA GLU A 2135 42.92 2.45 -69.71
C GLU A 2135 43.56 1.91 -70.97
N ILE A 2136 44.22 2.79 -71.74
CA ILE A 2136 44.90 2.34 -72.95
C ILE A 2136 46.21 1.64 -72.61
N ILE A 2137 46.85 2.01 -71.49
CA ILE A 2137 48.06 1.34 -71.05
C ILE A 2137 47.79 0.11 -70.20
N THR A 2138 46.52 -0.17 -69.88
CA THR A 2138 46.17 -1.34 -69.09
C THR A 2138 46.32 -2.63 -69.87
N LYS A 2139 46.26 -2.58 -71.20
CA LYS A 2139 46.46 -3.77 -72.02
C LYS A 2139 47.90 -4.22 -72.04
N GLU A 2140 48.85 -3.34 -71.69
CA GLU A 2140 50.25 -3.73 -71.63
C GLU A 2140 50.53 -4.57 -70.39
N ALA A 2141 49.85 -4.30 -69.28
CA ALA A 2141 50.00 -5.06 -68.04
C ALA A 2141 48.70 -5.83 -67.83
N SER A 2142 48.63 -7.03 -68.41
CA SER A 2142 47.40 -7.83 -68.32
C SER A 2142 47.29 -8.54 -66.99
N VAL A 2143 48.23 -9.42 -66.68
CA VAL A 2143 48.20 -10.19 -65.42
C VAL A 2143 49.14 -9.48 -64.47
N LYS A 2144 48.59 -8.56 -63.69
CA LYS A 2144 49.34 -7.78 -62.71
C LYS A 2144 48.57 -7.73 -61.40
N PHE A 2145 49.24 -8.07 -60.30
CA PHE A 2145 48.66 -8.00 -58.97
C PHE A 2145 49.15 -6.72 -58.29
N GLU A 2146 48.21 -5.92 -57.78
CA GLU A 2146 48.54 -4.67 -57.14
C GLU A 2146 47.87 -4.62 -55.77
N TRP A 2147 48.54 -3.97 -54.83
CA TRP A 2147 48.02 -3.83 -53.48
C TRP A 2147 47.20 -2.55 -53.36
N PHE A 2148 46.09 -2.64 -52.66
CA PHE A 2148 45.22 -1.50 -52.40
C PHE A 2148 44.82 -1.48 -50.94
N ASP A 2149 44.29 -0.33 -50.51
CA ASP A 2149 43.85 -0.18 -49.13
C ASP A 2149 42.54 -0.92 -48.92
N GLY A 2150 42.45 -1.67 -47.81
CA GLY A 2150 41.26 -2.44 -47.51
C GLY A 2150 40.14 -1.62 -46.89
N MET A 2151 39.45 -2.20 -45.90
CA MET A 2151 38.35 -1.50 -45.25
C MET A 2151 38.83 -0.58 -44.13
N LEU A 2152 39.71 -1.09 -43.27
CA LEU A 2152 40.22 -0.29 -42.16
C LEU A 2152 41.27 0.72 -42.61
N VAL A 2153 42.05 0.38 -43.62
CA VAL A 2153 43.10 1.28 -44.09
C VAL A 2153 42.50 2.49 -44.82
N LYS A 2154 41.42 2.26 -45.58
CA LYS A 2154 40.75 3.37 -46.25
C LYS A 2154 39.89 4.18 -45.27
N ALA A 2155 39.57 3.62 -44.11
CA ALA A 2155 38.73 4.32 -43.14
C ALA A 2155 39.49 5.38 -42.36
N VAL A 2156 40.82 5.24 -42.25
CA VAL A 2156 41.59 6.23 -41.50
C VAL A 2156 41.74 7.52 -42.29
N GLU A 2157 41.69 7.44 -43.62
CA GLU A 2157 41.78 8.64 -44.44
C GLU A 2157 40.43 9.30 -44.63
N LYS A 2158 39.36 8.49 -44.77
CA LYS A 2158 38.03 9.06 -44.95
C LYS A 2158 37.49 9.65 -43.64
N GLY A 2159 37.89 9.09 -42.51
CA GLY A 2159 37.47 9.60 -41.22
C GLY A 2159 36.02 9.34 -40.88
N HIS A 2160 35.66 8.08 -40.68
CA HIS A 2160 34.33 7.71 -40.22
C HIS A 2160 34.46 6.63 -39.16
N TRP A 2161 33.33 6.29 -38.54
CA TRP A 2161 33.34 5.42 -37.37
C TRP A 2161 33.44 3.96 -37.78
N LEU A 2162 33.88 3.12 -36.85
CA LEU A 2162 34.02 1.69 -37.06
C LEU A 2162 33.26 0.92 -35.99
N ILE A 2163 32.78 -0.26 -36.37
CA ILE A 2163 32.14 -1.20 -35.45
C ILE A 2163 32.82 -2.55 -35.67
N LEU A 2164 33.66 -2.95 -34.72
CA LEU A 2164 34.30 -4.26 -34.74
C LEU A 2164 33.49 -5.19 -33.86
N ASP A 2165 32.97 -6.27 -34.44
CA ASP A 2165 31.89 -7.04 -33.81
C ASP A 2165 32.48 -8.12 -32.91
N ASN A 2166 32.08 -8.09 -31.64
CA ASN A 2166 32.22 -9.10 -30.59
C ASN A 2166 33.64 -9.28 -30.06
N ALA A 2167 34.65 -8.73 -30.76
CA ALA A 2167 36.07 -8.65 -30.34
C ALA A 2167 36.66 -9.96 -29.80
N ASN A 2168 36.13 -11.12 -30.20
CA ASN A 2168 36.48 -12.37 -29.58
C ASN A 2168 37.15 -13.35 -30.54
N LEU A 2169 36.54 -13.61 -31.69
CA LEU A 2169 37.15 -14.46 -32.70
C LEU A 2169 38.02 -13.62 -33.64
N CYS A 2170 39.03 -12.98 -33.05
CA CYS A 2170 39.87 -12.02 -33.75
C CYS A 2170 41.34 -12.40 -33.76
N SER A 2171 41.73 -13.51 -33.11
CA SER A 2171 43.12 -13.99 -32.98
C SER A 2171 44.02 -12.89 -32.42
N PRO A 2172 43.98 -12.65 -31.10
CA PRO A 2172 44.41 -11.34 -30.54
C PRO A 2172 45.86 -10.90 -30.80
N SER A 2173 46.69 -11.71 -31.46
CA SER A 2173 47.92 -11.19 -32.04
C SER A 2173 47.64 -10.27 -33.22
N VAL A 2174 46.49 -10.42 -33.88
CA VAL A 2174 46.10 -9.52 -34.95
C VAL A 2174 45.78 -8.13 -34.41
N LEU A 2175 45.11 -8.06 -33.26
CA LEU A 2175 44.66 -6.80 -32.67
C LEU A 2175 45.81 -5.96 -32.10
N ASP A 2176 47.04 -6.49 -32.05
CA ASP A 2176 48.18 -5.70 -31.61
C ASP A 2176 48.65 -4.72 -32.67
N ARG A 2177 48.15 -4.81 -33.90
CA ARG A 2177 48.54 -3.87 -34.95
C ARG A 2177 47.97 -2.47 -34.69
N LEU A 2178 46.89 -2.38 -33.94
CA LEU A 2178 46.22 -1.11 -33.68
C LEU A 2178 46.77 -0.38 -32.45
N ASN A 2179 48.01 -0.65 -32.07
CA ASN A 2179 48.59 -0.01 -30.90
C ASN A 2179 48.96 1.44 -31.16
N SER A 2180 49.32 1.78 -32.40
CA SER A 2180 49.78 3.13 -32.73
C SER A 2180 48.65 4.14 -32.80
N LEU A 2181 47.40 3.68 -32.94
CA LEU A 2181 46.25 4.57 -33.05
C LEU A 2181 45.32 4.46 -31.84
N LEU A 2182 45.82 3.97 -30.70
CA LEU A 2182 44.98 3.83 -29.51
C LEU A 2182 44.83 5.16 -28.80
N GLU A 2183 45.94 5.72 -28.32
CA GLU A 2183 45.89 7.00 -27.61
C GLU A 2183 47.13 7.86 -27.90
N ILE A 2184 47.79 7.63 -29.02
CA ILE A 2184 49.02 8.34 -29.35
C ILE A 2184 48.80 9.14 -30.64
N ASP A 2185 49.85 9.81 -31.11
CA ASP A 2185 49.79 10.54 -32.36
C ASP A 2185 49.65 9.59 -33.55
N GLY A 2186 49.32 10.16 -34.70
CA GLY A 2186 49.03 9.40 -35.90
C GLY A 2186 50.21 8.63 -36.48
N SER A 2187 50.15 7.30 -36.36
CA SER A 2187 51.19 6.43 -36.88
C SER A 2187 50.55 5.14 -37.37
N LEU A 2188 51.15 4.56 -38.40
CA LEU A 2188 50.65 3.31 -38.98
C LEU A 2188 51.81 2.58 -39.63
N LEU A 2189 51.97 1.30 -39.26
CA LEU A 2189 53.03 0.46 -39.79
C LEU A 2189 52.43 -0.50 -40.81
N ILE A 2190 52.55 -0.15 -42.09
CA ILE A 2190 52.01 -0.98 -43.16
C ILE A 2190 53.07 -1.91 -43.70
N GLN A 2199 59.12 3.47 -50.41
CA GLN A 2199 59.62 2.44 -49.51
C GLN A 2199 58.64 2.19 -48.36
N PRO A 2200 58.46 3.19 -47.51
CA PRO A 2200 57.54 3.05 -46.37
C PRO A 2200 56.13 3.52 -46.71
N ARG A 2201 55.21 3.24 -45.78
CA ARG A 2201 53.81 3.62 -45.92
C ARG A 2201 53.25 3.88 -44.52
N VAL A 2202 53.24 5.14 -44.11
CA VAL A 2202 52.71 5.56 -42.82
C VAL A 2202 51.64 6.61 -43.07
N LEU A 2203 50.49 6.46 -42.42
CA LEU A 2203 49.35 7.35 -42.60
C LEU A 2203 48.95 7.96 -41.26
N LYS A 2204 48.67 9.26 -41.28
CA LYS A 2204 48.25 10.00 -40.09
C LYS A 2204 46.76 9.86 -39.87
N PRO A 2205 46.29 10.01 -38.64
CA PRO A 2205 44.85 9.85 -38.36
C PRO A 2205 44.11 11.17 -38.55
N HIS A 2206 43.01 11.13 -39.29
CA HIS A 2206 42.16 12.29 -39.44
C HIS A 2206 41.40 12.52 -38.13
N PRO A 2207 41.18 13.78 -37.72
CA PRO A 2207 40.61 14.02 -36.37
C PRO A 2207 39.19 13.52 -36.14
N ASN A 2208 38.40 13.30 -37.20
CA ASN A 2208 37.05 12.76 -37.01
C ASN A 2208 37.05 11.24 -37.21
N PHE A 2209 37.88 10.57 -36.42
CA PHE A 2209 38.02 9.11 -36.47
C PHE A 2209 37.99 8.57 -35.06
N ARG A 2210 36.98 7.76 -34.75
CA ARG A 2210 36.81 7.19 -33.42
C ARG A 2210 36.57 5.69 -33.56
N LEU A 2211 37.39 4.89 -32.89
CA LEU A 2211 37.31 3.44 -33.00
C LEU A 2211 36.44 2.91 -31.86
N PHE A 2212 35.32 2.30 -32.23
CA PHE A 2212 34.41 1.68 -31.27
C PHE A 2212 34.63 0.17 -31.25
N LEU A 2213 34.29 -0.44 -30.12
CA LEU A 2213 34.39 -1.89 -29.95
C LEU A 2213 33.16 -2.42 -29.25
N THR A 2214 32.73 -3.61 -29.66
CA THR A 2214 31.70 -4.37 -28.97
C THR A 2214 32.27 -5.73 -28.60
N MET A 2215 31.71 -6.33 -27.56
CA MET A 2215 32.21 -7.62 -27.10
C MET A 2215 31.11 -8.36 -26.35
N ASP A 2216 31.26 -9.68 -26.29
CA ASP A 2216 30.41 -10.56 -25.52
C ASP A 2216 31.20 -11.22 -24.39
N PRO A 2217 30.72 -11.14 -23.14
CA PRO A 2217 31.52 -11.63 -22.02
C PRO A 2217 31.55 -13.15 -21.88
N LYS A 2218 30.78 -13.88 -22.69
CA LYS A 2218 30.75 -15.33 -22.57
C LYS A 2218 31.93 -16.02 -23.23
N TYR A 2219 32.76 -15.27 -23.97
CA TYR A 2219 33.82 -15.90 -24.75
C TYR A 2219 35.18 -15.85 -24.06
N GLY A 2220 35.46 -14.82 -23.29
CA GLY A 2220 36.71 -14.80 -22.55
C GLY A 2220 37.19 -13.37 -22.34
N GLU A 2221 38.51 -13.21 -22.38
CA GLU A 2221 39.17 -11.95 -22.04
C GLU A 2221 39.17 -11.02 -23.25
N LEU A 2222 39.87 -9.89 -23.13
CA LEU A 2222 39.78 -8.84 -24.14
C LEU A 2222 41.15 -8.21 -24.40
N SER A 2223 42.22 -9.03 -24.33
CA SER A 2223 43.61 -8.64 -24.62
C SER A 2223 44.07 -7.49 -23.71
N ARG A 2224 44.25 -7.84 -22.44
CA ARG A 2224 44.39 -6.91 -21.32
C ARG A 2224 45.53 -5.90 -21.44
N ALA A 2225 46.44 -6.04 -22.40
CA ALA A 2225 47.42 -4.99 -22.64
C ALA A 2225 46.79 -3.74 -23.25
N MET A 2226 45.62 -3.87 -23.88
CA MET A 2226 44.93 -2.75 -24.49
C MET A 2226 43.74 -2.25 -23.69
N ARG A 2227 43.46 -2.86 -22.53
CA ARG A 2227 42.34 -2.42 -21.70
C ARG A 2227 42.66 -1.16 -20.90
N ASN A 2228 43.92 -0.74 -20.85
CA ASN A 2228 44.26 0.47 -20.10
C ASN A 2228 43.74 1.71 -20.81
N ARG A 2229 44.11 1.87 -22.08
CA ARG A 2229 43.60 2.98 -22.87
C ARG A 2229 42.14 2.72 -23.25
N GLY A 2230 41.28 3.68 -22.95
CA GLY A 2230 39.86 3.55 -23.23
C GLY A 2230 39.04 3.30 -21.99
N VAL A 2231 37.73 3.25 -22.19
CA VAL A 2231 36.76 3.07 -21.12
C VAL A 2231 35.91 1.85 -21.44
N GLU A 2232 35.48 1.15 -20.39
CA GLU A 2232 34.67 -0.05 -20.51
C GLU A 2232 33.34 0.15 -19.79
N ILE A 2233 32.24 -0.09 -20.48
CA ILE A 2233 30.90 0.09 -19.94
C ILE A 2233 30.15 -1.23 -20.10
N TYR A 2234 29.57 -1.72 -19.01
CA TYR A 2234 28.76 -2.94 -19.03
C TYR A 2234 27.30 -2.57 -19.26
N ILE A 2235 26.65 -3.30 -20.16
CA ILE A 2235 25.24 -3.10 -20.48
C ILE A 2235 24.49 -4.37 -20.11
N ASP A 2236 23.57 -4.25 -19.16
CA ASP A 2236 22.72 -5.37 -18.76
C ASP A 2236 21.66 -5.61 -19.84
N GLU A 2237 20.98 -6.74 -19.73
CA GLU A 2237 19.99 -7.15 -20.73
C GLU A 2237 18.78 -6.21 -20.72
N LEU A 2238 18.10 -6.16 -21.86
CA LEU A 2238 17.05 -5.17 -22.06
C LEU A 2238 15.76 -5.52 -21.33
N HIS A 2239 15.52 -6.80 -21.08
CA HIS A 2239 14.29 -7.20 -20.41
C HIS A 2239 14.30 -6.92 -18.92
N SER A 2240 15.47 -6.65 -18.34
CA SER A 2240 15.58 -6.32 -16.93
C SER A 2240 15.83 -4.85 -16.66
N ARG A 2241 16.44 -4.13 -17.62
CA ARG A 2241 16.80 -2.74 -17.40
C ARG A 2241 15.72 -1.77 -17.85
N SER A 2242 14.85 -2.17 -18.77
CA SER A 2242 13.84 -1.26 -19.28
C SER A 2242 12.73 -1.04 -18.26
N THR A 2243 12.14 0.14 -18.30
CA THR A 2243 11.07 0.52 -17.38
C THR A 2243 9.73 0.05 -17.92
N ALA A 2244 8.65 0.55 -17.34
CA ALA A 2244 7.32 0.15 -17.79
C ALA A 2244 6.95 0.80 -19.12
N PHE A 2245 7.40 2.03 -19.35
CA PHE A 2245 7.10 2.69 -20.62
C PHE A 2245 7.95 2.15 -21.76
N ASP A 2246 9.18 1.76 -21.49
CA ASP A 2246 10.03 1.18 -22.52
C ASP A 2246 9.59 -0.23 -22.90
N ARG A 2247 8.93 -0.95 -22.00
CA ARG A 2247 8.40 -2.27 -22.31
C ARG A 2247 7.13 -2.21 -23.16
N LEU A 2248 6.51 -1.03 -23.28
CA LEU A 2248 5.30 -0.88 -24.07
C LEU A 2248 5.59 -0.44 -25.51
N THR A 2249 6.66 0.33 -25.72
CA THR A 2249 7.02 0.83 -27.04
C THR A 2249 7.81 -0.19 -27.87
N LEU A 2250 7.90 -1.43 -27.42
CA LEU A 2250 8.46 -2.53 -28.19
C LEU A 2250 7.43 -3.65 -28.28
N GLY A 2251 7.86 -4.81 -28.76
CA GLY A 2251 6.99 -5.96 -28.77
C GLY A 2251 6.78 -6.54 -27.38
N PHE A 2252 5.72 -7.32 -27.26
CA PHE A 2252 5.29 -7.98 -26.01
C PHE A 2252 5.10 -7.01 -24.86
N PRO A 2275 -7.97 -3.10 -20.74
CA PRO A 2275 -8.70 -3.13 -22.01
C PRO A 2275 -8.12 -2.15 -23.04
N ASP A 2276 -7.83 -0.93 -22.59
CA ASP A 2276 -7.27 0.12 -23.44
C ASP A 2276 -5.76 0.13 -23.24
N MET A 2277 -5.06 -0.68 -24.03
CA MET A 2277 -3.61 -0.80 -23.99
C MET A 2277 -3.02 -0.56 -25.38
N SER A 2278 -3.47 0.52 -26.01
CA SER A 2278 -3.02 0.85 -27.36
C SER A 2278 -1.55 1.28 -27.35
N ILE A 2279 -0.88 1.02 -28.47
CA ILE A 2279 0.54 1.35 -28.60
C ILE A 2279 0.70 2.85 -28.74
N PRO A 2280 1.59 3.50 -27.95
CA PRO A 2280 1.81 4.94 -28.11
C PRO A 2280 2.52 5.30 -29.41
N LEU A 2281 2.66 6.59 -29.67
CA LEU A 2281 3.08 7.05 -30.99
C LEU A 2281 4.59 7.03 -31.21
N LYS A 2282 5.38 6.56 -30.25
CA LYS A 2282 6.81 6.42 -30.50
C LYS A 2282 7.12 5.29 -31.47
N HIS A 2283 6.23 4.31 -31.60
CA HIS A 2283 6.48 3.19 -32.49
C HIS A 2283 6.12 3.49 -33.93
N TYR A 2284 5.24 4.46 -34.16
CA TYR A 2284 4.73 4.75 -35.50
C TYR A 2284 5.24 6.07 -36.06
N VAL A 2285 6.15 6.74 -35.37
CA VAL A 2285 6.68 8.04 -35.81
C VAL A 2285 8.19 7.95 -35.93
N PRO A 2286 8.78 8.35 -37.06
CA PRO A 2286 10.25 8.35 -37.17
C PRO A 2286 10.86 9.44 -36.29
N SER A 2287 11.89 9.07 -35.54
CA SER A 2287 12.47 9.93 -34.52
C SER A 2287 13.69 10.71 -35.00
N TYR A 2288 14.09 10.58 -36.26
CA TYR A 2288 15.25 11.31 -36.72
C TYR A 2288 14.92 12.72 -37.18
N LEU A 2289 13.65 13.11 -37.16
CA LEU A 2289 13.25 14.48 -37.42
C LEU A 2289 12.62 15.03 -36.15
N SER A 2290 12.85 16.31 -35.87
CA SER A 2290 12.58 16.84 -34.54
C SER A 2290 11.11 17.20 -34.33
N ARG A 2291 10.43 17.70 -35.37
CA ARG A 2291 9.11 18.29 -35.18
C ARG A 2291 7.99 17.29 -34.90
N PRO A 2292 7.91 16.10 -35.53
CA PRO A 2292 6.94 15.12 -35.02
C PRO A 2292 7.43 14.35 -33.80
N CYS A 2293 8.69 14.52 -33.39
CA CYS A 2293 9.19 13.82 -32.22
C CYS A 2293 8.65 14.42 -30.93
N ILE A 2294 8.47 15.74 -30.88
CA ILE A 2294 7.98 16.39 -29.68
C ILE A 2294 6.49 16.14 -29.50
N PHE A 2295 5.71 16.30 -30.58
CA PHE A 2295 4.26 16.18 -30.48
C PHE A 2295 3.81 14.73 -30.32
N ALA A 2296 4.66 13.75 -30.63
CA ALA A 2296 4.32 12.37 -30.36
C ALA A 2296 4.33 12.07 -28.86
N GLN A 2297 5.15 12.81 -28.10
CA GLN A 2297 5.15 12.67 -26.65
C GLN A 2297 3.97 13.37 -26.00
N VAL A 2298 3.30 14.28 -26.71
CA VAL A 2298 2.13 14.96 -26.14
C VAL A 2298 0.95 14.01 -26.08
N HIS A 2299 0.73 13.23 -27.15
CA HIS A 2299 -0.36 12.26 -27.13
C HIS A 2299 -0.04 11.04 -26.26
N ASP A 2300 1.24 10.82 -25.93
CA ASP A 2300 1.59 9.73 -25.04
C ASP A 2300 1.14 10.02 -23.61
N ILE A 2301 1.06 11.30 -23.24
CA ILE A 2301 0.55 11.67 -21.92
C ILE A 2301 -0.96 11.45 -21.87
N LEU A 2302 -1.67 11.85 -22.92
CA LEU A 2302 -3.13 11.74 -22.93
C LEU A 2302 -3.58 10.30 -23.09
N LEU A 2303 -2.77 9.45 -23.72
CA LEU A 2303 -3.14 8.05 -23.86
C LEU A 2303 -2.92 7.28 -22.56
N LEU A 2304 -1.94 7.69 -21.76
CA LEU A 2304 -1.59 6.96 -20.55
C LEU A 2304 -2.42 7.40 -19.34
N SER A 2305 -2.86 8.65 -19.32
CA SER A 2305 -3.58 9.17 -18.17
C SER A 2305 -5.05 8.77 -18.23
N ASP A 2306 -5.57 8.30 -17.10
CA ASP A 2306 -7.00 8.01 -17.00
C ASP A 2306 -7.81 9.29 -16.92
N GLU A 2307 -7.44 10.18 -16.00
CA GLU A 2307 -8.04 11.50 -15.91
C GLU A 2307 -7.45 12.43 -16.96
N GLU A 2308 -7.90 13.67 -16.96
CA GLU A 2308 -7.40 14.66 -17.91
C GLU A 2308 -6.24 15.43 -17.29
N PRO A 2309 -5.02 15.29 -17.82
CA PRO A 2309 -3.87 16.02 -17.23
C PRO A 2309 -3.79 17.46 -17.73
N ILE A 2310 -4.73 18.28 -17.25
CA ILE A 2310 -4.80 19.66 -17.72
C ILE A 2310 -3.75 20.53 -17.02
N GLU A 2311 -3.39 20.21 -15.78
CA GLU A 2311 -2.54 21.05 -14.95
C GLU A 2311 -1.09 20.99 -15.43
N GLU A 2312 -0.81 21.78 -16.48
CA GLU A 2312 0.53 22.09 -16.98
C GLU A 2312 1.31 20.86 -17.47
N SER A 2313 0.62 19.76 -17.76
CA SER A 2313 1.29 18.58 -18.28
C SER A 2313 1.54 18.67 -19.78
N LEU A 2314 0.94 19.65 -20.44
CA LEU A 2314 1.10 19.81 -21.88
C LEU A 2314 2.04 20.95 -22.25
N ALA A 2315 2.27 21.90 -21.34
CA ALA A 2315 3.13 23.04 -21.60
C ALA A 2315 4.52 22.87 -21.02
N ALA A 2316 4.92 21.63 -20.70
CA ALA A 2316 6.24 21.34 -20.15
C ALA A 2316 7.13 20.57 -21.12
N VAL A 2317 6.55 19.65 -21.89
CA VAL A 2317 7.33 18.87 -22.84
C VAL A 2317 7.69 19.73 -24.06
N ILE A 2318 6.76 20.55 -24.51
CA ILE A 2318 6.99 21.39 -25.69
C ILE A 2318 7.94 22.53 -25.33
N PRO A 2319 9.00 22.78 -26.11
CA PRO A 2319 9.94 23.84 -25.77
C PRO A 2319 9.39 25.25 -25.96
N ILE A 2320 10.24 26.25 -25.68
CA ILE A 2320 9.84 27.65 -25.84
C ILE A 2320 9.71 28.00 -27.32
N SER A 2321 10.61 27.49 -28.14
CA SER A 2321 10.52 27.70 -29.58
C SER A 2321 9.35 26.90 -30.17
N HIS A 2322 8.93 27.33 -31.36
CA HIS A 2322 7.82 26.79 -32.17
C HIS A 2322 6.55 26.50 -31.35
N LEU A 2323 6.17 27.47 -30.52
CA LEU A 2323 4.86 27.42 -29.89
C LEU A 2323 3.74 27.87 -30.81
N GLY A 2324 4.08 28.55 -31.92
CA GLY A 2324 3.09 28.87 -32.93
C GLY A 2324 2.63 27.67 -33.73
N GLU A 2325 3.38 26.57 -33.68
CA GLU A 2325 2.95 25.33 -34.33
C GLU A 2325 1.78 24.71 -33.58
N VAL A 2326 1.65 24.98 -32.29
CA VAL A 2326 0.56 24.45 -31.48
C VAL A 2326 -0.77 25.04 -31.93
N GLY A 2327 -0.78 26.31 -32.35
CA GLY A 2327 -1.99 26.89 -32.91
C GLY A 2327 -2.41 26.26 -34.22
N LYS A 2328 -1.44 25.80 -35.02
CA LYS A 2328 -1.76 25.00 -36.19
C LYS A 2328 -2.07 23.55 -35.81
N TRP A 2329 -1.47 23.07 -34.72
CA TRP A 2329 -1.76 21.72 -34.22
C TRP A 2329 -3.17 21.62 -33.65
N ALA A 2330 -3.70 22.71 -33.09
CA ALA A 2330 -5.06 22.70 -32.58
C ALA A 2330 -6.08 22.57 -33.71
N ASN A 2331 -5.78 23.15 -34.87
CA ASN A 2331 -6.63 22.97 -36.03
C ASN A 2331 -6.40 21.61 -36.70
N ASN A 2332 -5.27 20.96 -36.42
CA ASN A 2332 -5.03 19.63 -36.96
C ASN A 2332 -5.92 18.59 -36.27
N VAL A 2333 -6.22 18.80 -34.99
CA VAL A 2333 -7.05 17.86 -34.25
C VAL A 2333 -8.52 18.03 -34.62
N LEU A 2334 -8.99 19.27 -34.69
CA LEU A 2334 -10.41 19.55 -34.84
C LEU A 2334 -10.92 19.28 -36.25
N ASN A 2335 -10.04 19.29 -37.25
CA ASN A 2335 -10.49 19.21 -38.63
C ASN A 2335 -10.66 17.77 -39.09
N CYS A 2336 -9.66 16.93 -38.92
CA CYS A 2336 -9.67 15.59 -39.48
C CYS A 2336 -10.56 14.66 -38.66
N THR A 2337 -10.91 13.52 -39.27
CA THR A 2337 -11.74 12.51 -38.61
C THR A 2337 -10.92 11.47 -37.86
N GLU A 2338 -9.96 11.97 -37.09
CA GLU A 2338 -9.21 11.20 -36.11
C GLU A 2338 -9.12 12.04 -34.85
N TYR A 2339 -8.23 11.64 -33.94
CA TYR A 2339 -7.95 12.35 -32.68
C TYR A 2339 -9.23 12.51 -31.86
N SER A 2340 -9.68 11.36 -31.32
CA SER A 2340 -10.96 11.26 -30.62
C SER A 2340 -11.07 12.21 -29.43
N GLU A 2341 -9.96 12.59 -28.82
CA GLU A 2341 -9.96 13.69 -27.87
C GLU A 2341 -9.82 15.01 -28.63
N LYS A 2342 -10.74 15.94 -28.37
CA LYS A 2342 -10.74 17.23 -29.05
C LYS A 2342 -10.95 18.41 -28.13
N LYS A 2343 -11.56 18.22 -26.96
CA LYS A 2343 -11.73 19.32 -26.02
C LYS A 2343 -10.48 19.57 -25.21
N ILE A 2344 -9.67 18.53 -24.99
CA ILE A 2344 -8.44 18.69 -24.23
C ILE A 2344 -7.41 19.47 -25.05
N ALA A 2345 -7.28 19.13 -26.34
CA ALA A 2345 -6.37 19.87 -27.21
C ALA A 2345 -6.87 21.27 -27.50
N GLU A 2346 -8.18 21.49 -27.41
CA GLU A 2346 -8.72 22.84 -27.58
C GLU A 2346 -8.37 23.73 -26.40
N ARG A 2347 -8.29 23.15 -25.19
CA ARG A 2347 -7.92 23.93 -24.02
C ARG A 2347 -6.45 24.30 -23.98
N LEU A 2348 -5.60 23.59 -24.72
CA LEU A 2348 -4.19 23.94 -24.76
C LEU A 2348 -3.96 25.23 -25.54
N TYR A 2349 -4.69 25.42 -26.65
CA TYR A 2349 -4.58 26.65 -27.41
C TYR A 2349 -5.13 27.85 -26.65
N VAL A 2350 -6.10 27.63 -25.76
CA VAL A 2350 -6.57 28.68 -24.88
C VAL A 2350 -5.50 29.03 -23.86
N PHE A 2351 -4.74 28.04 -23.41
CA PHE A 2351 -3.73 28.26 -22.38
C PHE A 2351 -2.52 29.02 -22.93
N ILE A 2352 -2.17 28.80 -24.20
CA ILE A 2352 -1.00 29.47 -24.76
C ILE A 2352 -1.30 30.95 -25.02
N THR A 2353 -2.48 31.24 -25.56
CA THR A 2353 -2.85 32.64 -25.76
C THR A 2353 -3.19 33.34 -24.46
N PHE A 2354 -3.44 32.60 -23.38
CA PHE A 2354 -3.51 33.18 -22.05
C PHE A 2354 -2.11 33.37 -21.47
N LEU A 2355 -1.15 32.55 -21.91
CA LEU A 2355 0.21 32.67 -21.42
C LEU A 2355 0.94 33.84 -22.07
N THR A 2356 0.75 34.02 -23.38
CA THR A 2356 1.36 35.14 -24.08
C THR A 2356 0.56 36.43 -23.95
N ASP A 2357 -0.60 36.39 -23.29
CA ASP A 2357 -1.34 37.61 -23.00
C ASP A 2357 -0.60 38.46 -21.99
N MET A 2358 -0.25 37.88 -20.84
CA MET A 2358 0.62 38.56 -19.90
C MET A 2358 2.06 38.53 -20.39
N GLY A 2359 2.82 39.56 -20.05
CA GLY A 2359 4.21 39.61 -20.41
C GLY A 2359 5.07 38.71 -19.54
N VAL A 2360 4.97 37.40 -19.74
CA VAL A 2360 5.71 36.46 -18.91
C VAL A 2360 6.65 35.64 -19.80
N LEU A 2361 6.32 35.52 -21.10
CA LEU A 2361 7.21 34.83 -22.02
C LEU A 2361 8.43 35.65 -22.38
N GLU A 2362 8.37 36.97 -22.21
CA GLU A 2362 9.56 37.79 -22.38
C GLU A 2362 10.52 37.61 -21.21
N LYS A 2363 10.01 37.26 -20.03
CA LYS A 2363 10.87 37.05 -18.87
C LYS A 2363 11.49 35.66 -18.86
N ILE A 2364 10.78 34.65 -19.37
CA ILE A 2364 11.33 33.30 -19.42
C ILE A 2364 12.40 33.21 -20.50
N ASN A 2365 12.20 33.91 -21.61
CA ASN A 2365 13.21 33.96 -22.67
C ASN A 2365 14.43 34.77 -22.23
N ASN A 2366 14.25 35.69 -21.28
CA ASN A 2366 15.38 36.46 -20.76
C ASN A 2366 16.13 35.70 -19.69
N LEU A 2367 15.51 34.69 -19.07
CA LEU A 2367 16.18 33.91 -18.04
C LEU A 2367 17.23 32.99 -18.64
N TYR A 2368 16.98 32.45 -19.82
CA TYR A 2368 17.92 31.57 -20.50
C TYR A 2368 18.93 32.32 -21.35
N LYS A 2369 18.86 33.65 -21.37
CA LYS A 2369 19.80 34.46 -22.16
C LYS A 2369 21.23 34.45 -21.61
N PRO A 2370 21.50 34.46 -20.29
CA PRO A 2370 22.88 34.15 -19.85
C PRO A 2370 23.25 32.69 -20.02
N ALA A 2371 22.29 31.78 -20.01
CA ALA A 2371 22.60 30.36 -20.15
C ALA A 2371 22.93 29.99 -21.59
N ASN A 2372 22.39 30.73 -22.56
CA ASN A 2372 22.64 30.42 -23.96
C ASN A 2372 24.00 30.95 -24.43
N LEU A 2373 24.60 31.88 -23.69
CA LEU A 2373 25.90 32.40 -24.10
C LEU A 2373 27.02 31.38 -23.85
N LYS A 2374 26.99 30.73 -22.69
CA LYS A 2374 27.96 29.67 -22.43
C LYS A 2374 27.62 28.40 -23.19
N PHE A 2375 26.37 28.23 -23.61
CA PHE A 2375 25.96 27.01 -24.29
C PHE A 2375 26.44 26.97 -25.74
N GLN A 2376 26.60 28.13 -26.36
CA GLN A 2376 27.03 28.17 -27.76
C GLN A 2376 28.53 28.10 -27.90
N LYS A 2377 29.28 28.70 -26.96
CA LYS A 2377 30.74 28.68 -27.06
C LYS A 2377 31.31 27.32 -26.65
N ALA A 2378 30.54 26.52 -25.91
CA ALA A 2378 31.03 25.20 -25.51
C ALA A 2378 30.99 24.23 -26.69
N LEU A 2379 29.88 24.18 -27.41
CA LEU A 2379 29.74 23.32 -28.57
C LEU A 2379 30.28 24.06 -29.80
N GLY A 2380 29.99 23.52 -30.99
CA GLY A 2380 30.42 24.16 -32.21
C GLY A 2380 29.64 25.44 -32.49
N LEU A 2381 30.24 26.29 -33.32
CA LEU A 2381 29.64 27.58 -33.64
C LEU A 2381 28.44 27.41 -34.55
N HIS A 2382 27.32 28.03 -34.17
CA HIS A 2382 26.08 27.94 -34.93
C HIS A 2382 25.36 29.27 -34.85
N ASP A 2383 24.29 29.37 -35.63
CA ASP A 2383 23.47 30.57 -35.62
C ASP A 2383 22.62 30.61 -34.35
N LYS A 2384 22.83 31.63 -33.52
CA LYS A 2384 22.10 31.76 -32.27
C LYS A 2384 20.66 32.16 -32.53
N GLN A 2385 19.72 31.37 -32.04
CA GLN A 2385 18.31 31.64 -32.20
C GLN A 2385 17.86 32.73 -31.24
N LEU A 2386 16.71 33.35 -31.56
CA LEU A 2386 16.18 34.39 -30.68
C LEU A 2386 15.59 33.81 -29.41
N THR A 2387 15.08 32.58 -29.47
CA THR A 2387 14.48 31.92 -28.32
C THR A 2387 15.23 30.63 -28.04
N GLU A 2388 15.73 30.48 -26.82
CA GLU A 2388 16.38 29.24 -26.42
C GLU A 2388 15.35 28.14 -26.21
N GLU A 2389 15.75 26.91 -26.53
CA GLU A 2389 14.84 25.76 -26.46
C GLU A 2389 15.01 25.10 -25.10
N THR A 2390 14.01 25.29 -24.23
CA THR A 2390 13.97 24.65 -22.92
C THR A 2390 12.52 24.56 -22.48
N VAL A 2391 12.31 23.88 -21.34
CA VAL A 2391 10.96 23.72 -20.84
C VAL A 2391 10.45 25.03 -20.23
N SER A 2392 9.14 25.13 -20.08
CA SER A 2392 8.52 26.32 -19.51
C SER A 2392 8.48 26.27 -17.99
N LEU A 2393 8.82 25.14 -17.36
CA LEU A 2393 8.77 25.04 -15.92
C LEU A 2393 10.06 25.56 -15.27
N THR A 2394 11.15 25.60 -16.05
CA THR A 2394 12.49 26.06 -15.65
C THR A 2394 13.04 25.29 -14.44
N LEU A 2395 12.66 24.03 -14.28
CA LEU A 2395 13.17 23.20 -13.19
C LEU A 2395 13.45 21.78 -13.67
N ASN A 2396 13.86 21.63 -14.92
CA ASN A 2396 13.89 20.31 -15.55
C ASN A 2396 15.29 19.67 -15.50
N GLU A 2397 16.33 20.45 -15.80
CA GLU A 2397 17.60 19.84 -16.19
C GLU A 2397 18.76 20.57 -15.52
N TYR A 2398 19.96 20.30 -16.04
CA TYR A 2398 21.24 20.82 -15.51
C TYR A 2398 21.35 22.30 -15.89
N VAL A 2399 20.56 22.81 -16.85
CA VAL A 2399 20.66 24.22 -17.20
C VAL A 2399 19.99 25.08 -16.16
N LEU A 2400 19.14 24.50 -15.31
CA LEU A 2400 18.48 25.25 -14.24
C LEU A 2400 19.38 25.63 -13.07
N PRO A 2401 20.34 24.80 -12.60
CA PRO A 2401 21.33 25.36 -11.66
C PRO A 2401 22.28 26.36 -12.30
N THR A 2402 22.49 26.27 -13.61
CA THR A 2402 23.35 27.24 -14.28
C THR A 2402 22.64 28.58 -14.43
N VAL A 2403 21.30 28.56 -14.49
CA VAL A 2403 20.55 29.80 -14.65
C VAL A 2403 20.17 30.37 -13.29
N SER A 2404 20.42 29.61 -12.21
CA SER A 2404 19.99 30.04 -10.89
C SER A 2404 21.04 30.86 -10.16
N LYS A 2405 21.91 31.56 -10.88
CA LYS A 2405 22.89 32.44 -10.24
C LYS A 2405 22.19 33.65 -9.62
N TYR A 2406 21.52 34.44 -10.44
CA TYR A 2406 20.72 35.55 -9.93
C TYR A 2406 19.31 35.08 -9.63
N SER A 2407 18.66 35.73 -8.66
CA SER A 2407 17.29 35.43 -8.20
C SER A 2407 17.18 33.98 -7.74
N ASP A 2408 17.88 33.70 -6.63
CA ASP A 2408 18.01 32.34 -6.10
C ASP A 2408 16.69 31.92 -5.47
N LYS A 2409 15.75 31.52 -6.34
CA LYS A 2409 14.49 30.95 -5.91
C LYS A 2409 14.05 29.79 -6.79
N ILE A 2410 14.87 29.36 -7.74
CA ILE A 2410 14.50 28.25 -8.61
C ILE A 2410 14.57 26.93 -7.83
N LYS A 2411 15.61 26.77 -7.00
CA LYS A 2411 15.67 25.63 -6.10
C LYS A 2411 14.64 25.73 -4.99
N SER A 2412 14.19 26.94 -4.67
CA SER A 2412 13.06 27.13 -3.77
C SER A 2412 11.78 26.70 -4.48
N PRO A 2413 10.73 26.35 -3.71
CA PRO A 2413 9.47 25.93 -4.35
C PRO A 2413 8.67 27.03 -5.03
N GLU A 2414 9.19 28.26 -5.11
CA GLU A 2414 8.47 29.33 -5.81
C GLU A 2414 8.48 29.15 -7.32
N SER A 2415 9.36 28.29 -7.86
CA SER A 2415 9.47 28.13 -9.30
C SER A 2415 8.37 27.25 -9.88
N LEU A 2416 7.74 26.39 -9.08
CA LEU A 2416 6.68 25.54 -9.62
C LEU A 2416 5.34 26.28 -9.63
N TYR A 2417 5.09 27.12 -8.62
CA TYR A 2417 3.80 27.80 -8.53
C TYR A 2417 3.67 28.94 -9.53
N LEU A 2418 4.77 29.35 -10.17
CA LEU A 2418 4.66 30.33 -11.24
C LEU A 2418 3.95 29.75 -12.46
N LEU A 2419 4.12 28.46 -12.71
CA LEU A 2419 3.36 27.79 -13.76
C LEU A 2419 2.06 27.20 -13.25
N SER A 2420 2.02 26.79 -11.97
CA SER A 2420 0.84 26.12 -11.44
C SER A 2420 -0.32 27.07 -11.16
N SER A 2421 -0.02 28.30 -10.70
CA SER A 2421 -1.09 29.23 -10.37
C SER A 2421 -1.75 29.82 -11.60
N LEU A 2422 -1.09 29.77 -12.76
CA LEU A 2422 -1.68 30.29 -13.98
C LEU A 2422 -2.75 29.37 -14.56
N ARG A 2423 -2.85 28.13 -14.06
CA ARG A 2423 -3.98 27.29 -14.43
C ARG A 2423 -5.27 27.81 -13.82
N LEU A 2424 -5.20 28.26 -12.56
CA LEU A 2424 -6.42 28.67 -11.85
C LEU A 2424 -6.93 30.02 -12.34
N LEU A 2425 -6.04 30.87 -12.85
CA LEU A 2425 -6.49 32.13 -13.42
C LEU A 2425 -7.25 31.90 -14.72
N LEU A 2426 -6.88 30.87 -15.48
CA LEU A 2426 -7.71 30.48 -16.60
C LEU A 2426 -8.94 29.71 -16.15
N ASN A 2427 -8.85 29.00 -15.02
CA ASN A 2427 -10.00 28.28 -14.49
C ASN A 2427 -11.03 29.21 -13.87
N SER A 2428 -10.64 30.45 -13.54
CA SER A 2428 -11.57 31.42 -12.96
C SER A 2428 -12.14 32.36 -14.00
N LEU A 2429 -11.31 32.83 -14.94
CA LEU A 2429 -11.79 33.79 -15.92
C LEU A 2429 -12.64 33.14 -17.01
N ASN A 2430 -12.40 31.87 -17.34
CA ASN A 2430 -13.25 31.18 -18.30
C ASN A 2430 -14.59 30.79 -17.71
N ALA A 2431 -14.70 30.71 -16.38
CA ALA A 2431 -15.97 30.40 -15.74
C ALA A 2431 -16.77 31.65 -15.40
N LEU A 2432 -16.10 32.74 -15.00
CA LEU A 2432 -16.79 33.97 -14.68
C LEU A 2432 -17.30 34.70 -15.91
N LYS A 2433 -16.67 34.48 -17.07
CA LYS A 2433 -17.16 35.10 -18.31
C LYS A 2433 -18.43 34.43 -18.80
N LEU A 2434 -18.64 33.16 -18.46
CA LEU A 2434 -19.87 32.48 -18.84
C LEU A 2434 -21.06 32.94 -18.02
N ILE A 2435 -20.81 33.41 -16.79
CA ILE A 2435 -21.89 33.92 -15.96
C ILE A 2435 -22.31 35.31 -16.42
N ASN A 2436 -21.36 36.12 -16.87
CA ASN A 2436 -21.68 37.45 -17.37
C ASN A 2436 -22.33 37.40 -18.75
N GLU A 2437 -22.03 36.36 -19.53
CA GLU A 2437 -22.64 36.22 -20.85
C GLU A 2437 -24.08 35.71 -20.76
N LYS A 2438 -24.37 34.84 -19.80
CA LYS A 2438 -25.72 34.30 -19.64
C LYS A 2438 -26.65 35.27 -18.93
N SER A 2439 -26.12 36.19 -18.12
CA SER A 2439 -26.97 37.13 -17.41
C SER A 2439 -27.46 38.25 -18.30
N THR A 2440 -26.65 38.70 -19.27
CA THR A 2440 -27.06 39.78 -20.14
C THR A 2440 -28.03 39.30 -21.22
N HIS A 2441 -27.79 38.10 -21.76
CA HIS A 2441 -28.64 37.54 -22.81
C HIS A 2441 -29.58 36.46 -22.27
N GLY A 2442 -30.03 36.60 -21.03
CA GLY A 2442 -30.93 35.64 -20.43
C GLY A 2442 -32.23 36.25 -19.95
N LYS A 2443 -32.82 35.66 -18.91
CA LYS A 2443 -34.07 36.15 -18.35
C LYS A 2443 -34.00 36.04 -16.83
N ILE A 2444 -34.99 36.66 -16.18
CA ILE A 2444 -35.05 36.62 -14.71
C ILE A 2444 -35.55 35.27 -14.20
N ASP A 2445 -36.28 34.52 -15.02
CA ASP A 2445 -36.77 33.21 -14.61
C ASP A 2445 -35.65 32.19 -14.65
N GLU A 2446 -35.64 31.31 -13.64
CA GLU A 2446 -34.63 30.24 -13.46
C GLU A 2446 -33.22 30.81 -13.38
N LEU A 2447 -33.04 31.91 -12.65
CA LEU A 2447 -31.76 32.55 -12.46
C LEU A 2447 -31.29 32.35 -11.03
N THR A 2448 -29.98 32.11 -10.87
CA THR A 2448 -29.42 31.86 -9.56
C THR A 2448 -29.20 33.17 -8.80
N TYR A 2449 -28.80 33.03 -7.53
CA TYR A 2449 -28.56 34.22 -6.71
C TYR A 2449 -27.24 34.89 -7.08
N ILE A 2450 -26.28 34.13 -7.59
CA ILE A 2450 -25.01 34.72 -8.02
C ILE A 2450 -25.20 35.48 -9.33
N GLU A 2451 -26.14 35.04 -10.17
CA GLU A 2451 -26.41 35.74 -11.41
C GLU A 2451 -27.19 37.03 -11.19
N LEU A 2452 -27.87 37.17 -10.05
CA LEU A 2452 -28.60 38.40 -9.76
C LEU A 2452 -27.65 39.54 -9.44
N SER A 2453 -26.53 39.27 -8.78
CA SER A 2453 -25.54 40.30 -8.54
C SER A 2453 -24.76 40.62 -9.81
N ALA A 2454 -24.62 39.65 -10.72
CA ALA A 2454 -23.94 39.90 -11.98
C ALA A 2454 -24.84 40.64 -12.97
N ALA A 2455 -26.16 40.55 -12.78
CA ALA A 2455 -27.08 41.24 -13.68
C ALA A 2455 -27.13 42.74 -13.41
N ALA A 2456 -26.67 43.16 -12.24
CA ALA A 2456 -26.66 44.57 -11.88
C ALA A 2456 -25.51 45.31 -12.57
N PHE A 2457 -24.48 44.56 -12.94
CA PHE A 2457 -23.31 45.14 -13.61
C PHE A 2457 -23.57 45.36 -15.11
N ASN A 2458 -24.27 44.42 -15.72
CA ASN A 2458 -24.59 44.51 -17.15
C ASN A 2458 -25.86 45.30 -17.40
N GLY A 2459 -26.34 45.30 -18.65
CA GLY A 2459 -27.55 46.04 -18.98
C GLY A 2459 -28.78 45.41 -18.34
N ARG A 2460 -28.98 44.10 -18.55
CA ARG A 2460 -30.17 43.42 -18.06
C ARG A 2460 -30.15 43.31 -16.55
N HIS A 2461 -31.15 43.89 -15.90
CA HIS A 2461 -31.22 43.99 -14.45
C HIS A 2461 -32.23 43.01 -13.88
N LEU A 2462 -32.45 43.09 -12.57
CA LEU A 2462 -33.39 42.23 -11.87
C LEU A 2462 -34.13 43.10 -10.86
N LYS A 2463 -34.82 42.44 -9.91
CA LYS A 2463 -35.63 43.16 -8.94
C LYS A 2463 -35.02 43.23 -7.55
N ASN A 2464 -34.11 42.32 -7.21
CA ASN A 2464 -33.55 42.27 -5.86
C ASN A 2464 -32.13 41.71 -5.94
N ILE A 2465 -31.64 41.27 -4.78
CA ILE A 2465 -30.36 40.55 -4.62
C ILE A 2465 -29.16 41.40 -5.06
N PRO A 2466 -28.99 42.52 -4.36
CA PRO A 2466 -27.81 43.37 -4.51
C PRO A 2466 -27.10 43.61 -3.19
N ARG A 2467 -27.31 42.74 -2.19
CA ARG A 2467 -26.77 43.00 -0.86
C ARG A 2467 -25.32 42.55 -0.74
N ILE A 2468 -24.94 41.44 -1.37
CA ILE A 2468 -23.60 40.91 -1.24
C ILE A 2468 -22.64 41.44 -2.30
N PRO A 2469 -23.09 41.47 -3.56
CA PRO A 2469 -22.34 41.95 -4.73
C PRO A 2469 -21.02 41.19 -4.91
N ILE A 2470 -21.16 39.89 -5.18
CA ILE A 2470 -19.99 39.02 -5.23
C ILE A 2470 -19.22 39.19 -6.54
N PHE A 2471 -19.94 39.35 -7.65
CA PHE A 2471 -19.30 39.36 -8.97
C PHE A 2471 -18.44 40.61 -9.19
N CYS A 2472 -18.83 41.74 -8.59
CA CYS A 2472 -18.00 42.94 -8.69
C CYS A 2472 -16.81 42.90 -7.76
N ILE A 2473 -16.81 42.00 -6.78
CA ILE A 2473 -15.70 41.86 -5.85
C ILE A 2473 -14.86 40.61 -6.11
N LEU A 2474 -15.46 39.53 -6.61
CA LEU A 2474 -14.70 38.38 -7.09
C LEU A 2474 -14.40 38.53 -8.58
N TYR A 2475 -13.95 39.74 -8.94
CA TYR A 2475 -13.36 40.05 -10.23
C TYR A 2475 -12.15 40.96 -10.09
N ASN A 2476 -12.04 41.73 -9.02
CA ASN A 2476 -10.87 42.56 -8.76
C ASN A 2476 -9.71 41.74 -8.22
N ILE A 2477 -9.98 40.51 -7.76
CA ILE A 2477 -8.91 39.61 -7.35
C ILE A 2477 -8.10 39.17 -8.57
N LEU A 2478 -8.79 38.85 -9.67
CA LEU A 2478 -8.12 38.25 -10.82
C LEU A 2478 -7.45 39.29 -11.71
N THR A 2479 -7.98 40.51 -11.76
CA THR A 2479 -7.34 41.54 -12.58
C THR A 2479 -6.07 42.09 -11.95
N VAL A 2480 -5.96 42.02 -10.63
CA VAL A 2480 -4.68 42.34 -9.99
C VAL A 2480 -3.65 41.27 -10.30
N MET A 2481 -4.07 40.01 -10.34
CA MET A 2481 -3.17 38.95 -10.79
C MET A 2481 -2.90 39.03 -12.29
N SER A 2482 -3.79 39.69 -13.04
CA SER A 2482 -3.51 39.97 -14.45
C SER A 2482 -2.61 41.20 -14.61
N GLU A 2483 -2.64 42.12 -13.64
CA GLU A 2483 -1.82 43.31 -13.73
C GLU A 2483 -0.45 43.11 -13.09
N ASN A 2484 -0.31 42.15 -12.17
CA ASN A 2484 0.98 41.94 -11.52
C ASN A 2484 1.89 41.06 -12.37
N LEU A 2485 1.38 39.92 -12.86
CA LEU A 2485 2.20 39.01 -13.64
C LEU A 2485 2.53 39.52 -15.04
N LYS A 2486 1.83 40.54 -15.51
CA LYS A 2486 2.12 41.09 -16.83
C LYS A 2486 3.36 41.97 -16.80
N THR A 2487 3.51 42.82 -15.78
CA THR A 2487 4.60 43.77 -15.71
C THR A 2487 5.50 43.56 -14.49
N GLU A 2488 5.82 42.32 -14.16
CA GLU A 2488 6.72 42.05 -13.04
C GLU A 2488 8.17 41.89 -13.49
N SER A 2489 8.42 40.89 -14.33
CA SER A 2489 9.74 40.53 -14.88
C SER A 2489 10.78 40.32 -13.78
N LEU A 2490 10.35 39.65 -12.71
CA LEU A 2490 11.20 39.46 -11.54
C LEU A 2490 11.57 37.99 -11.32
N PHE A 2491 10.57 37.12 -11.17
CA PHE A 2491 10.72 35.69 -10.86
C PHE A 2491 11.58 35.43 -9.62
N CYS A 2492 11.57 36.34 -8.65
CA CYS A 2492 12.42 36.25 -7.46
C CYS A 2492 11.77 37.07 -6.35
N GLY A 2493 11.14 36.37 -5.40
CA GLY A 2493 10.56 37.00 -4.22
C GLY A 2493 10.44 35.95 -3.12
N SER A 2494 10.13 36.40 -1.92
CA SER A 2494 10.01 35.52 -0.76
C SER A 2494 8.71 34.75 -0.85
N ASN A 2495 8.73 33.65 -1.61
CA ASN A 2495 7.59 32.74 -1.82
C ASN A 2495 6.36 33.47 -2.37
N GLN A 2496 6.54 34.20 -3.46
CA GLN A 2496 5.40 34.88 -4.09
C GLN A 2496 4.50 33.89 -4.82
N TYR A 2497 5.08 33.01 -5.63
CA TYR A 2497 4.32 32.02 -6.36
C TYR A 2497 3.79 30.90 -5.46
N GLN A 2498 4.35 30.73 -4.26
CA GLN A 2498 3.70 29.90 -3.25
C GLN A 2498 2.43 30.57 -2.75
N TYR A 2499 2.45 31.89 -2.63
CA TYR A 2499 1.32 32.64 -2.10
C TYR A 2499 0.33 33.06 -3.18
N TYR A 2500 0.65 32.84 -4.45
CA TYR A 2500 -0.36 33.02 -5.49
C TYR A 2500 -1.11 31.74 -5.80
N TRP A 2501 -0.89 30.68 -5.02
CA TRP A 2501 -1.61 29.43 -5.24
C TRP A 2501 -2.78 29.25 -4.28
N ASP A 2502 -2.62 29.66 -3.02
CA ASP A 2502 -3.71 29.50 -2.06
C ASP A 2502 -4.84 30.49 -2.27
N LEU A 2503 -4.55 31.67 -2.84
CA LEU A 2503 -5.62 32.60 -3.19
C LEU A 2503 -6.41 32.12 -4.38
N LEU A 2504 -5.74 31.54 -5.37
CA LEU A 2504 -6.41 31.09 -6.59
C LEU A 2504 -7.19 29.79 -6.41
N VAL A 2505 -7.19 29.20 -5.21
CA VAL A 2505 -8.12 28.13 -4.86
C VAL A 2505 -9.35 28.65 -4.12
N ILE A 2506 -9.19 29.66 -3.26
CA ILE A 2506 -10.31 30.33 -2.63
C ILE A 2506 -11.25 30.98 -3.65
N VAL A 2507 -10.69 31.57 -4.71
CA VAL A 2507 -11.51 32.14 -5.78
C VAL A 2507 -12.29 31.07 -6.53
N ILE A 2508 -11.73 29.87 -6.70
CA ILE A 2508 -12.51 28.74 -7.19
C ILE A 2508 -13.55 28.33 -6.16
N ALA A 2509 -13.21 28.40 -4.86
CA ALA A 2509 -14.16 28.05 -3.81
C ALA A 2509 -15.23 29.13 -3.64
N ALA A 2510 -14.89 30.40 -3.85
CA ALA A 2510 -15.89 31.46 -3.74
C ALA A 2510 -16.81 31.51 -4.95
N LEU A 2511 -16.50 30.76 -6.01
CA LEU A 2511 -17.35 30.68 -7.18
C LEU A 2511 -18.31 29.50 -7.13
N GLU A 2512 -18.01 28.48 -6.33
CA GLU A 2512 -18.86 27.31 -6.23
C GLU A 2512 -19.95 27.45 -5.18
N THR A 2513 -19.66 28.15 -4.07
CA THR A 2513 -20.62 28.34 -3.00
C THR A 2513 -21.38 29.66 -3.12
N ALA A 2514 -21.34 30.29 -4.29
CA ALA A 2514 -22.10 31.52 -4.56
C ALA A 2514 -23.06 31.34 -5.72
N VAL A 2515 -23.42 30.09 -6.03
CA VAL A 2515 -24.29 29.83 -7.19
C VAL A 2515 -25.74 30.16 -6.87
N THR A 2516 -26.24 29.69 -5.73
CA THR A 2516 -27.66 29.81 -5.39
C THR A 2516 -27.90 30.68 -4.16
N LYS A 2517 -27.25 30.34 -3.04
CA LYS A 2517 -27.66 30.80 -1.71
C LYS A 2517 -26.43 31.01 -0.83
N ASP A 2518 -26.65 30.95 0.49
CA ASP A 2518 -25.62 30.94 1.53
C ASP A 2518 -24.81 32.23 1.59
N GLU A 2519 -25.47 33.33 1.96
CA GLU A 2519 -24.77 34.55 2.35
C GLU A 2519 -23.96 34.33 3.62
N ALA A 2520 -24.37 33.39 4.48
CA ALA A 2520 -23.63 33.08 5.69
C ALA A 2520 -22.31 32.36 5.42
N ARG A 2521 -22.17 31.71 4.26
CA ARG A 2521 -20.89 31.08 3.92
C ARG A 2521 -19.85 32.08 3.43
N LEU A 2522 -20.25 33.33 3.18
CA LEU A 2522 -19.30 34.39 2.82
C LEU A 2522 -18.72 35.09 4.03
N ARG A 2523 -18.92 34.54 5.23
CA ARG A 2523 -18.23 35.04 6.41
C ARG A 2523 -16.86 34.40 6.61
N VAL A 2524 -16.61 33.26 5.96
CA VAL A 2524 -15.32 32.59 6.06
C VAL A 2524 -14.40 33.21 5.01
N TYR A 2525 -14.98 33.60 3.88
CA TYR A 2525 -14.19 34.12 2.77
C TYR A 2525 -13.77 35.56 2.97
N LYS A 2526 -14.33 36.25 3.97
CA LYS A 2526 -13.77 37.52 4.40
C LYS A 2526 -12.71 37.34 5.48
N GLU A 2527 -12.42 36.11 5.87
CA GLU A 2527 -11.31 35.79 6.77
C GLU A 2527 -10.19 35.03 6.08
N LEU A 2528 -10.54 34.16 5.11
CA LEU A 2528 -9.53 33.45 4.34
C LEU A 2528 -8.75 34.37 3.40
N ILE A 2529 -9.33 35.50 3.01
CA ILE A 2529 -8.62 36.48 2.21
C ILE A 2529 -8.36 37.66 3.16
N ASP A 2530 -8.31 37.35 4.45
CA ASP A 2530 -7.80 38.27 5.45
C ASP A 2530 -6.69 37.67 6.30
N SER A 2531 -6.70 36.36 6.51
CA SER A 2531 -5.53 35.67 7.03
C SER A 2531 -4.46 35.49 5.97
N TRP A 2532 -4.82 35.57 4.69
CA TRP A 2532 -3.83 35.50 3.63
C TRP A 2532 -3.03 36.78 3.55
N ILE A 2533 -3.66 37.93 3.82
CA ILE A 2533 -2.93 39.19 3.85
C ILE A 2533 -1.97 39.23 5.04
N ALA A 2534 -2.41 38.69 6.18
CA ALA A 2534 -1.53 38.62 7.36
C ALA A 2534 -0.43 37.57 7.20
N SER A 2535 -0.57 36.65 6.25
CA SER A 2535 0.50 35.68 6.00
C SER A 2535 1.52 36.24 5.01
N VAL A 2536 1.05 36.95 3.97
CA VAL A 2536 1.99 37.50 2.99
C VAL A 2536 2.72 38.72 3.55
N LYS A 2537 2.14 39.42 4.53
CA LYS A 2537 2.85 40.51 5.18
C LYS A 2537 3.86 40.02 6.21
N SER A 2538 3.71 38.80 6.70
CA SER A 2538 4.67 38.24 7.65
C SER A 2538 5.90 37.69 6.95
N LYS A 2539 5.85 37.46 5.65
CA LYS A 2539 6.99 36.98 4.88
C LYS A 2539 7.88 38.12 4.37
N SER A 2540 7.58 39.36 4.76
CA SER A 2540 8.31 40.58 4.37
C SER A 2540 8.34 40.75 2.85
N ASP A 2541 7.23 40.42 2.19
CA ASP A 2541 7.14 40.57 0.75
C ASP A 2541 6.66 41.97 0.38
N ILE A 2542 7.17 42.48 -0.74
CA ILE A 2542 6.79 43.81 -1.22
C ILE A 2542 5.55 43.78 -2.11
N GLU A 2543 4.91 42.62 -2.26
CA GLU A 2543 3.75 42.51 -3.12
C GLU A 2543 2.45 42.91 -2.42
N ILE A 2544 2.43 42.97 -1.09
CA ILE A 2544 1.20 43.30 -0.38
C ILE A 2544 0.89 44.78 -0.49
N THR A 2545 1.90 45.62 -0.68
CA THR A 2545 1.76 47.05 -0.89
C THR A 2545 1.10 47.34 -2.23
N PRO A 2546 1.18 46.43 -3.21
CA PRO A 2546 0.75 46.78 -4.57
C PRO A 2546 -0.76 46.91 -4.73
N PHE A 2547 -1.57 46.15 -3.99
CA PHE A 2547 -3.01 46.21 -4.16
C PHE A 2547 -3.74 46.76 -2.93
N LEU A 2548 -3.56 46.15 -1.75
CA LEU A 2548 -3.99 46.63 -0.43
C LEU A 2548 -5.47 47.00 -0.27
N ASN A 2549 -6.31 46.72 -1.25
CA ASN A 2549 -7.69 47.21 -1.25
C ASN A 2549 -8.63 46.17 -1.84
N ILE A 2550 -8.33 44.88 -1.63
CA ILE A 2550 -9.15 43.83 -2.23
C ILE A 2550 -10.30 43.38 -1.32
N ASN A 2551 -10.27 43.75 -0.03
CA ASN A 2551 -11.39 43.47 0.86
C ASN A 2551 -11.77 44.66 1.74
N LEU A 2552 -11.15 45.83 1.56
CA LEU A 2552 -11.56 47.00 2.34
C LEU A 2552 -12.87 47.60 1.85
N GLU A 2553 -13.35 47.16 0.68
CA GLU A 2553 -14.73 47.44 0.28
C GLU A 2553 -15.64 46.25 0.55
N PHE A 2554 -15.09 45.03 0.60
CA PHE A 2554 -15.91 43.85 0.88
C PHE A 2554 -16.38 43.83 2.33
N THR A 2555 -15.59 44.37 3.26
CA THR A 2555 -16.01 44.46 4.65
C THR A 2555 -16.84 45.71 4.94
N ASP A 2556 -16.92 46.64 3.98
CA ASP A 2556 -17.75 47.82 4.19
C ASP A 2556 -19.23 47.48 4.05
N VAL A 2557 -19.55 46.50 3.21
CA VAL A 2557 -20.92 46.18 2.89
C VAL A 2557 -21.44 45.02 3.74
N LEU A 2558 -20.60 44.02 3.98
CA LEU A 2558 -21.03 42.75 4.56
C LEU A 2558 -20.87 42.72 6.09
N GLN A 2559 -20.40 43.83 6.69
CA GLN A 2559 -20.20 43.86 8.13
C GLN A 2559 -21.53 43.88 8.88
N LEU A 2560 -21.46 43.56 10.17
CA LEU A 2560 -22.61 43.44 11.04
C LEU A 2560 -22.46 44.41 12.21
N SER A 2561 -23.58 44.91 12.70
CA SER A 2561 -23.57 45.98 13.69
C SER A 2561 -24.30 45.65 14.98
N ARG A 2562 -25.21 44.67 14.99
CA ARG A 2562 -26.01 44.44 16.18
C ARG A 2562 -25.26 43.59 17.21
N GLY A 2563 -24.94 42.35 16.86
CA GLY A 2563 -24.30 41.46 17.81
C GLY A 2563 -22.97 40.92 17.35
N HIS A 2564 -21.89 41.35 17.99
CA HIS A 2564 -20.55 40.89 17.63
C HIS A 2564 -20.12 39.64 18.40
N SER A 2565 -20.76 39.36 19.53
CA SER A 2565 -20.30 38.35 20.48
C SER A 2565 -20.96 36.99 20.27
N ILE A 2566 -21.63 36.78 19.13
CA ILE A 2566 -22.25 35.49 18.86
C ILE A 2566 -21.20 34.40 18.64
N THR A 2567 -20.05 34.75 18.06
CA THR A 2567 -19.01 33.76 17.83
C THR A 2567 -18.26 33.36 19.11
N LEU A 2568 -18.40 34.13 20.19
CA LEU A 2568 -17.70 33.84 21.44
C LEU A 2568 -18.61 33.34 22.53
N LEU A 2569 -19.89 33.69 22.51
CA LEU A 2569 -20.86 33.24 23.50
C LEU A 2569 -21.48 31.89 23.15
N TRP A 2570 -21.33 31.45 21.90
CA TRP A 2570 -21.89 30.19 21.46
C TRP A 2570 -21.12 28.99 21.98
N ASP A 2571 -19.82 29.15 22.21
CA ASP A 2571 -18.96 28.00 22.42
C ASP A 2571 -19.08 27.43 23.82
N ILE A 2572 -19.30 28.27 24.82
CA ILE A 2572 -19.33 27.79 26.20
C ILE A 2572 -20.73 27.32 26.61
N PHE A 2573 -21.79 27.91 26.07
CA PHE A 2573 -23.16 27.51 26.41
C PHE A 2573 -23.69 26.39 25.53
N ARG A 2574 -22.90 25.86 24.62
CA ARG A 2574 -23.35 24.79 23.75
C ARG A 2574 -23.35 23.46 24.50
N LYS A 2575 -24.39 22.67 24.28
CA LYS A 2575 -24.48 21.31 24.79
C LYS A 2575 -24.26 20.32 23.65
N ASN A 2576 -24.30 19.03 23.99
CA ASN A 2576 -24.06 18.01 22.98
C ASN A 2576 -25.30 17.78 22.11
N TYR A 2577 -25.05 17.45 20.84
CA TYR A 2577 -26.06 17.24 19.82
C TYR A 2577 -25.50 16.23 18.83
N PRO A 2578 -26.34 15.43 18.17
CA PRO A 2578 -25.82 14.36 17.32
C PRO A 2578 -25.17 14.88 16.05
N THR A 2579 -24.30 14.03 15.47
CA THR A 2579 -23.37 14.45 14.44
C THR A 2579 -23.55 13.75 13.10
N THR A 2580 -24.48 12.81 12.96
CA THR A 2580 -24.67 12.08 11.71
C THR A 2580 -26.07 12.29 11.16
N SER A 2581 -26.18 12.11 9.83
CA SER A 2581 -27.46 12.26 9.15
C SER A 2581 -28.44 11.14 9.49
N ASN A 2582 -27.94 9.99 9.94
CA ASN A 2582 -28.77 8.88 10.35
C ASN A 2582 -29.38 9.07 11.73
N SER A 2583 -28.93 10.08 12.48
CA SER A 2583 -29.33 10.20 13.88
C SER A 2583 -30.53 11.12 14.06
N TRP A 2584 -30.57 12.28 13.39
CA TRP A 2584 -31.71 13.19 13.53
C TRP A 2584 -32.99 12.64 12.94
N LEU A 2585 -32.91 11.68 12.02
CA LEU A 2585 -34.11 10.99 11.58
C LEU A 2585 -34.56 9.96 12.60
N ALA A 2586 -33.64 9.45 13.41
CA ALA A 2586 -34.00 8.56 14.51
C ALA A 2586 -34.23 9.29 15.82
N PHE A 2587 -33.69 10.52 15.96
CA PHE A 2587 -33.99 11.33 17.12
C PHE A 2587 -35.43 11.85 17.07
N GLU A 2588 -35.97 12.04 15.87
CA GLU A 2588 -37.36 12.45 15.74
C GLU A 2588 -38.30 11.28 16.01
N LYS A 2589 -37.83 10.06 15.78
CA LYS A 2589 -38.66 8.88 16.03
C LYS A 2589 -38.85 8.64 17.52
N LEU A 2590 -37.91 9.08 18.35
CA LEU A 2590 -38.03 8.89 19.79
C LEU A 2590 -39.02 9.88 20.41
N ILE A 2591 -39.03 11.13 19.93
CA ILE A 2591 -39.99 12.11 20.41
C ILE A 2591 -41.38 11.79 19.86
N ASN A 2592 -41.45 11.15 18.68
CA ASN A 2592 -42.71 10.66 18.15
C ASN A 2592 -43.30 9.57 19.05
N LEU A 2593 -42.45 8.74 19.66
CA LEU A 2593 -42.94 7.78 20.65
C LEU A 2593 -43.16 8.43 22.00
N SER A 2594 -42.40 9.48 22.33
CA SER A 2594 -42.52 10.17 23.61
C SER A 2594 -43.80 10.98 23.73
N GLU A 2595 -44.52 11.22 22.62
CA GLU A 2595 -45.82 11.88 22.69
C GLU A 2595 -46.96 10.87 22.88
N LYS A 2596 -46.85 9.70 22.26
CA LYS A 2596 -47.85 8.65 22.47
C LYS A 2596 -47.79 8.07 23.87
N PHE A 2597 -46.65 8.15 24.55
CA PHE A 2597 -46.56 7.68 25.92
C PHE A 2597 -47.23 8.63 26.91
N ASP A 2598 -47.35 9.91 26.56
CA ASP A 2598 -48.00 10.86 27.45
C ASP A 2598 -49.52 10.64 27.49
N LYS A 2599 -50.10 10.23 26.36
CA LYS A 2599 -51.55 9.99 26.31
C LYS A 2599 -51.95 8.70 27.01
N VAL A 2600 -51.00 7.79 27.24
CA VAL A 2600 -51.29 6.56 27.97
C VAL A 2600 -51.00 6.72 29.46
N ARG A 2601 -50.10 7.64 29.82
CA ARG A 2601 -49.71 7.84 31.22
C ARG A 2601 -50.87 8.43 32.04
N LEU A 2602 -51.75 9.19 31.41
CA LEU A 2602 -52.87 9.83 32.10
C LEU A 2602 -54.13 8.96 32.10
N LEU A 2603 -53.99 7.64 32.05
CA LEU A 2603 -55.13 6.74 32.09
C LEU A 2603 -54.98 5.56 33.03
N GLN A 2604 -53.88 5.46 33.78
CA GLN A 2604 -53.64 4.32 34.64
C GLN A 2604 -53.91 4.66 36.10
N PHE A 2605 -54.28 3.64 36.88
CA PHE A 2605 -54.64 3.82 38.27
C PHE A 2605 -53.39 3.84 39.16
N SER A 2606 -53.58 3.76 40.47
CA SER A 2606 -52.48 3.89 41.41
C SER A 2606 -51.66 2.62 41.56
N GLU A 2607 -52.08 1.50 40.98
CA GLU A 2607 -51.35 0.26 41.10
C GLU A 2607 -50.29 0.07 40.02
N SER A 2608 -50.37 0.83 38.94
CA SER A 2608 -49.46 0.70 37.80
C SER A 2608 -48.36 1.75 37.81
N TYR A 2609 -47.87 2.13 38.98
CA TYR A 2609 -46.72 3.03 39.07
C TYR A 2609 -45.41 2.30 39.34
N ASN A 2610 -45.40 0.98 39.19
CA ASN A 2610 -44.16 0.22 39.17
C ASN A 2610 -43.67 -0.08 37.76
N SER A 2611 -44.54 0.12 36.76
CA SER A 2611 -44.17 -0.11 35.38
C SER A 2611 -44.00 1.18 34.57
N ILE A 2612 -44.68 2.26 34.97
CA ILE A 2612 -44.48 3.53 34.31
C ILE A 2612 -43.12 4.12 34.69
N LYS A 2613 -42.69 3.90 35.94
CA LYS A 2613 -41.37 4.38 36.36
C LYS A 2613 -40.22 3.61 35.71
N ASP A 2614 -40.48 2.44 35.13
CA ASP A 2614 -39.47 1.79 34.31
C ASP A 2614 -39.42 2.38 32.90
N LEU A 2615 -40.59 2.68 32.33
CA LEU A 2615 -40.65 3.20 30.97
C LEU A 2615 -40.24 4.67 30.88
N MET A 2616 -40.20 5.39 31.99
CA MET A 2616 -39.66 6.73 32.04
C MET A 2616 -38.17 6.73 32.37
N ASP A 2617 -37.56 5.55 32.42
CA ASP A 2617 -36.12 5.38 32.57
C ASP A 2617 -35.45 4.91 31.28
N VAL A 2618 -36.17 4.14 30.46
CA VAL A 2618 -35.61 3.65 29.21
C VAL A 2618 -35.49 4.79 28.20
N PHE A 2619 -36.37 5.80 28.30
CA PHE A 2619 -36.21 7.01 27.48
C PHE A 2619 -34.94 7.77 27.82
N ARG A 2620 -34.45 7.64 29.06
CA ARG A 2620 -33.17 8.25 29.41
C ARG A 2620 -32.01 7.45 28.82
N LEU A 2621 -32.13 6.13 28.80
CA LEU A 2621 -31.08 5.29 28.22
C LEU A 2621 -31.04 5.40 26.70
N LEU A 2622 -32.14 5.81 26.06
CA LEU A 2622 -32.11 6.04 24.62
C LEU A 2622 -31.71 7.46 24.25
N ASN A 2623 -31.92 8.43 25.14
CA ASN A 2623 -31.40 9.77 24.89
C ASN A 2623 -29.89 9.80 25.02
N ASP A 2624 -29.30 8.89 25.78
CA ASP A 2624 -27.86 8.72 25.81
C ASP A 2624 -27.34 7.80 24.72
N ASP A 2625 -28.23 7.10 24.01
CA ASP A 2625 -27.81 6.18 22.96
C ASP A 2625 -27.94 6.80 21.58
N VAL A 2626 -28.84 7.77 21.41
CA VAL A 2626 -28.88 8.57 20.20
C VAL A 2626 -27.63 9.45 20.10
N LEU A 2627 -27.22 10.02 21.24
CA LEU A 2627 -26.04 10.88 21.25
C LEU A 2627 -24.73 10.08 21.17
N ASN A 2628 -24.77 8.78 21.48
CA ASN A 2628 -23.57 7.95 21.50
C ASN A 2628 -23.14 7.49 20.11
N ASN A 2629 -23.93 7.80 19.07
CA ASN A 2629 -23.70 7.40 17.67
C ASN A 2629 -23.60 5.88 17.54
N LYS A 2630 -24.41 5.17 18.32
CA LYS A 2630 -24.40 3.72 18.35
C LYS A 2630 -25.80 3.24 17.95
N LEU A 2631 -25.97 2.93 16.68
CA LEU A 2631 -27.26 2.44 16.16
C LEU A 2631 -27.04 1.03 15.65
N SER A 2632 -27.08 0.07 16.58
CA SER A 2632 -27.05 -1.36 16.24
C SER A 2632 -28.26 -2.10 16.81
N GLU A 2633 -28.56 -1.88 18.09
CA GLU A 2633 -29.76 -2.42 18.72
C GLU A 2633 -30.79 -1.33 19.01
N PHE A 2634 -30.67 -0.19 18.32
CA PHE A 2634 -31.61 0.91 18.54
C PHE A 2634 -32.99 0.58 18.02
N ASN A 2635 -33.08 0.16 16.76
CA ASN A 2635 -34.37 -0.19 16.15
C ASN A 2635 -34.94 -1.47 16.74
N LEU A 2636 -34.10 -2.34 17.31
CA LEU A 2636 -34.62 -3.53 17.98
C LEU A 2636 -35.23 -3.18 19.34
N LEU A 2637 -34.51 -2.40 20.14
CA LEU A 2637 -35.00 -2.07 21.48
C LEU A 2637 -36.09 -1.00 21.47
N LEU A 2638 -36.21 -0.22 20.39
CA LEU A 2638 -37.30 0.75 20.33
C LEU A 2638 -38.63 0.06 20.05
N SER A 2639 -38.59 -1.07 19.36
CA SER A 2639 -39.81 -1.86 19.16
C SER A 2639 -40.28 -2.53 20.44
N LYS A 2640 -39.38 -2.73 21.41
CA LYS A 2640 -39.80 -3.27 22.71
C LYS A 2640 -40.58 -2.24 23.51
N LEU A 2641 -40.29 -0.95 23.33
CA LEU A 2641 -41.08 0.09 23.97
C LEU A 2641 -42.43 0.29 23.27
N GLU A 2642 -42.48 0.04 21.96
CA GLU A 2642 -43.77 -0.03 21.29
C GLU A 2642 -44.56 -1.24 21.74
N ASP A 2643 -43.86 -2.34 22.07
CA ASP A 2643 -44.52 -3.50 22.64
C ASP A 2643 -44.92 -3.24 24.10
N GLY A 2644 -44.23 -2.32 24.78
CA GLY A 2644 -44.53 -2.02 26.16
C GLY A 2644 -45.73 -1.10 26.32
N ILE A 2645 -45.89 -0.14 25.41
CA ILE A 2645 -47.03 0.77 25.47
C ILE A 2645 -48.29 0.08 24.97
N ASN A 2646 -48.16 -0.80 23.97
CA ASN A 2646 -49.31 -1.53 23.44
C ASN A 2646 -49.85 -2.53 24.47
N GLU A 2647 -48.98 -3.11 25.29
CA GLU A 2647 -49.45 -3.91 26.42
C GLU A 2647 -50.10 -3.03 27.48
N LEU A 2648 -49.61 -1.81 27.65
CA LEU A 2648 -50.22 -0.88 28.60
C LEU A 2648 -51.49 -0.25 28.05
N GLU A 2649 -51.65 -0.22 26.73
CA GLU A 2649 -52.89 0.26 26.12
C GLU A 2649 -53.98 -0.82 26.16
N LEU A 2650 -53.58 -2.09 26.12
CA LEU A 2650 -54.55 -3.19 26.14
C LEU A 2650 -55.30 -3.27 27.47
N ILE A 2651 -54.64 -2.92 28.57
CA ILE A 2651 -55.32 -2.82 29.85
C ILE A 2651 -56.22 -1.59 29.89
N SER A 2652 -55.84 -0.53 29.18
CA SER A 2652 -56.59 0.72 29.18
C SER A 2652 -57.92 0.63 28.46
N ASN A 2653 -58.14 -0.41 27.64
CA ASN A 2653 -59.41 -0.58 26.97
C ASN A 2653 -60.47 -1.24 27.86
N LYS A 2654 -60.06 -1.82 28.98
CA LYS A 2654 -60.96 -2.61 29.81
C LYS A 2654 -61.51 -1.85 31.02
N PHE A 2655 -61.07 -0.62 31.25
CA PHE A 2655 -61.53 0.14 32.41
C PHE A 2655 -62.95 0.63 32.18
N LEU A 2656 -63.88 0.14 33.00
CA LEU A 2656 -65.26 0.59 32.96
C LEU A 2656 -65.47 1.89 33.73
N ASN A 2657 -64.63 2.14 34.74
CA ASN A 2657 -64.67 3.38 35.51
C ASN A 2657 -63.48 4.24 35.09
N LYS A 2658 -63.77 5.31 34.36
CA LYS A 2658 -62.70 6.17 33.85
C LYS A 2658 -62.09 7.00 34.98
N ARG A 2659 -60.78 7.21 34.90
CA ARG A 2659 -60.06 7.90 35.96
C ARG A 2659 -60.30 9.40 35.87
N LYS A 2660 -60.91 9.96 36.92
CA LYS A 2660 -61.04 11.40 37.04
C LYS A 2660 -59.72 11.98 37.53
N HIS A 2661 -59.14 12.88 36.75
CA HIS A 2661 -57.88 13.52 37.11
C HIS A 2661 -58.13 14.48 38.26
N TYR A 2662 -57.84 14.03 39.48
CA TYR A 2662 -58.09 14.83 40.67
C TYR A 2662 -56.76 15.14 41.33
N PHE A 2663 -56.73 16.26 42.08
CA PHE A 2663 -55.49 16.94 42.51
C PHE A 2663 -54.57 17.20 41.32
N ALA A 2664 -55.16 17.70 40.22
CA ALA A 2664 -54.37 18.03 39.05
C ALA A 2664 -53.50 19.27 39.28
N ASP A 2665 -53.97 20.20 40.12
CA ASP A 2665 -53.22 21.40 40.42
C ASP A 2665 -52.29 21.22 41.62
N GLU A 2666 -52.46 20.15 42.40
CA GLU A 2666 -51.57 19.93 43.53
C GLU A 2666 -50.23 19.36 43.08
N PHE A 2667 -50.25 18.32 42.25
CA PHE A 2667 -48.99 17.74 41.76
C PHE A 2667 -48.34 18.61 40.70
N ASP A 2668 -49.10 19.46 40.01
CA ASP A 2668 -48.50 20.35 39.02
C ASP A 2668 -47.74 21.49 39.69
N ASN A 2669 -48.15 21.87 40.89
CA ASN A 2669 -47.55 22.99 41.60
C ASN A 2669 -46.48 22.55 42.58
N LEU A 2670 -46.40 21.25 42.91
CA LEU A 2670 -45.27 20.75 43.66
C LEU A 2670 -44.05 20.50 42.78
N ILE A 2671 -44.18 20.64 41.47
CA ILE A 2671 -43.01 20.52 40.60
C ILE A 2671 -42.25 21.83 40.54
N ARG A 2672 -42.97 22.96 40.53
CA ARG A 2672 -42.35 24.28 40.39
C ARG A 2672 -41.46 24.64 41.57
N TYR A 2673 -41.73 24.08 42.75
CA TYR A 2673 -40.85 24.26 43.89
C TYR A 2673 -39.69 23.27 43.91
N THR A 2674 -39.58 22.41 42.90
CA THR A 2674 -38.58 21.34 42.89
C THR A 2674 -37.83 21.23 41.57
N PHE A 2675 -38.37 21.77 40.48
CA PHE A 2675 -37.87 21.51 39.13
C PHE A 2675 -36.56 22.26 38.92
N SER A 2676 -35.45 21.55 39.10
CA SER A 2676 -34.11 22.07 38.82
C SER A 2676 -33.21 20.88 38.49
N VAL A 2677 -31.93 21.19 38.23
CA VAL A 2677 -30.96 20.12 37.99
C VAL A 2677 -30.67 19.39 39.30
N ASP A 2678 -30.49 20.13 40.39
CA ASP A 2678 -30.42 19.55 41.71
C ASP A 2678 -31.80 19.03 42.11
N THR A 2679 -31.81 18.07 43.06
CA THR A 2679 -33.00 17.35 43.54
C THR A 2679 -33.77 16.72 42.38
N ALA A 2680 -33.04 15.97 41.56
CA ALA A 2680 -33.63 15.32 40.40
C ALA A 2680 -34.32 14.00 40.73
N GLU A 2681 -34.23 13.54 41.99
CA GLU A 2681 -34.91 12.32 42.39
C GLU A 2681 -36.30 12.60 42.96
N LEU A 2682 -36.49 13.76 43.58
CA LEU A 2682 -37.82 14.14 44.08
C LEU A 2682 -38.77 14.43 42.94
N ILE A 2683 -38.26 14.85 41.78
CA ILE A 2683 -39.11 15.14 40.64
C ILE A 2683 -39.60 13.84 39.99
N LYS A 2684 -38.77 12.79 40.02
CA LYS A 2684 -39.13 11.53 39.37
C LYS A 2684 -40.26 10.81 40.11
N GLU A 2685 -40.32 10.95 41.43
CA GLU A 2685 -41.45 10.40 42.18
C GLU A 2685 -42.71 11.22 41.97
N LEU A 2686 -42.56 12.51 41.66
CA LEU A 2686 -43.68 13.38 41.28
C LEU A 2686 -43.98 13.34 39.80
N ALA A 2687 -43.20 12.58 39.01
CA ALA A 2687 -43.34 12.64 37.56
C ALA A 2687 -44.58 11.92 37.04
N PRO A 2688 -44.82 10.61 37.32
CA PRO A 2688 -45.90 9.94 36.57
C PRO A 2688 -47.30 10.34 37.01
N ALA A 2689 -47.48 10.74 38.27
CA ALA A 2689 -48.79 11.18 38.75
C ALA A 2689 -48.92 12.70 38.66
N SER A 2690 -48.73 13.23 37.46
CA SER A 2690 -48.80 14.66 37.22
C SER A 2690 -49.09 14.88 35.73
N SER A 2691 -48.94 16.13 35.29
CA SER A 2691 -49.22 16.53 33.92
C SER A 2691 -47.97 16.97 33.16
N LEU A 2692 -46.79 16.54 33.60
CA LEU A 2692 -45.53 16.90 32.97
C LEU A 2692 -45.14 15.83 31.97
N ALA A 2693 -44.79 16.26 30.75
CA ALA A 2693 -44.49 15.34 29.67
C ALA A 2693 -43.10 14.74 29.82
N THR A 2694 -42.93 13.53 29.27
CA THR A 2694 -41.66 12.82 29.42
C THR A 2694 -40.55 13.39 28.56
N GLN A 2695 -40.89 14.20 27.55
CA GLN A 2695 -39.87 14.84 26.74
C GLN A 2695 -39.17 15.98 27.48
N LYS A 2696 -39.75 16.47 28.57
CA LYS A 2696 -39.14 17.49 29.40
C LYS A 2696 -38.46 16.93 30.64
N LEU A 2697 -38.73 15.67 31.00
CA LEU A 2697 -38.12 15.09 32.18
C LEU A 2697 -36.69 14.65 31.93
N THR A 2698 -36.39 14.15 30.72
CA THR A 2698 -35.07 13.63 30.39
C THR A 2698 -34.01 14.72 30.23
N LYS A 2699 -34.38 15.99 30.39
CA LYS A 2699 -33.42 17.09 30.47
C LYS A 2699 -33.13 17.49 31.91
N LEU A 2700 -33.30 16.56 32.85
CA LEU A 2700 -32.98 16.80 34.26
C LEU A 2700 -31.90 15.86 34.77
N ILE A 2701 -32.06 14.56 34.57
CA ILE A 2701 -31.07 13.61 35.04
C ILE A 2701 -29.79 13.73 34.21
N THR A 2702 -29.94 13.71 32.89
CA THR A 2702 -28.87 14.15 32.02
C THR A 2702 -28.80 15.68 32.08
N ASN A 2703 -27.59 16.22 32.05
CA ASN A 2703 -27.38 17.65 32.19
C ASN A 2703 -27.25 18.31 30.81
N LYS A 2704 -28.04 17.83 29.85
CA LYS A 2704 -28.11 18.41 28.51
C LYS A 2704 -28.85 19.74 28.48
N TYR A 2705 -29.40 20.19 29.62
CA TYR A 2705 -30.27 21.34 29.63
C TYR A 2705 -29.49 22.62 29.87
N ASN A 2706 -29.98 23.70 29.25
CA ASN A 2706 -29.47 25.07 29.29
C ASN A 2706 -30.06 25.77 30.52
N TYR A 2707 -30.34 27.09 30.37
CA TYR A 2707 -30.88 28.13 31.25
C TYR A 2707 -31.83 27.62 32.33
N PRO A 2708 -31.87 28.23 33.53
CA PRO A 2708 -32.48 27.60 34.75
C PRO A 2708 -33.90 27.11 34.56
N PRO A 2709 -34.17 25.85 34.92
CA PRO A 2709 -35.26 25.08 34.30
C PRO A 2709 -36.68 25.46 34.71
N ILE A 2710 -36.87 26.46 35.58
CA ILE A 2710 -38.22 26.84 35.99
C ILE A 2710 -38.99 27.44 34.82
N PHE A 2711 -38.27 28.03 33.86
CA PHE A 2711 -38.89 28.75 32.75
C PHE A 2711 -39.57 27.83 31.75
N ASP A 2712 -39.27 26.53 31.78
CA ASP A 2712 -39.87 25.57 30.86
C ASP A 2712 -41.19 25.03 31.38
N VAL A 2713 -41.57 25.39 32.61
CA VAL A 2713 -42.78 24.89 33.24
C VAL A 2713 -43.84 25.98 33.41
N LEU A 2714 -43.42 27.24 33.55
CA LEU A 2714 -44.33 28.30 33.99
C LEU A 2714 -45.38 28.64 32.95
N TRP A 2715 -44.97 28.87 31.71
CA TRP A 2715 -45.88 29.35 30.67
C TRP A 2715 -46.41 28.16 29.86
N THR A 2716 -47.73 27.95 29.92
CA THR A 2716 -48.42 27.01 29.05
C THR A 2716 -49.61 27.72 28.41
N GLU A 2717 -50.05 27.21 27.28
CA GLU A 2717 -51.18 27.80 26.56
C GLU A 2717 -52.51 27.31 27.15
N PHE A 2725 -48.28 30.85 35.25
CA PHE A 2725 -48.31 30.21 36.55
C PHE A 2725 -47.22 30.74 37.48
N THR A 2726 -46.81 31.99 37.28
CA THR A 2726 -45.80 32.59 38.14
C THR A 2726 -46.38 33.05 39.47
N SER A 2727 -47.68 33.24 39.56
CA SER A 2727 -48.29 33.62 40.84
C SER A 2727 -48.39 32.44 41.80
N THR A 2728 -48.34 31.21 41.29
CA THR A 2728 -48.44 30.04 42.14
C THR A 2728 -47.12 29.60 42.74
N ILE A 2729 -46.04 30.35 42.50
CA ILE A 2729 -44.73 29.98 43.03
C ILE A 2729 -44.25 30.97 44.10
N PHE A 2730 -44.80 32.18 44.15
CA PHE A 2730 -44.40 33.18 45.14
C PHE A 2730 -45.53 33.51 46.12
N SER A 2731 -46.60 32.73 46.11
CA SER A 2731 -47.77 32.97 46.96
C SER A 2731 -48.14 31.70 47.70
N SER A 2732 -49.22 31.78 48.46
CA SER A 2732 -49.79 30.63 49.16
C SER A 2732 -50.91 29.97 48.36
N GLN A 2733 -50.92 30.16 47.04
CA GLN A 2733 -52.03 29.66 46.21
C GLN A 2733 -52.00 28.15 46.09
N PHE A 2734 -50.86 27.50 46.29
CA PHE A 2734 -50.84 26.06 46.44
C PHE A 2734 -51.59 25.62 47.68
N LEU A 2735 -51.34 26.29 48.81
CA LEU A 2735 -51.85 25.81 50.08
C LEU A 2735 -53.29 26.23 50.32
N GLU A 2736 -53.76 27.30 49.67
CA GLU A 2736 -55.16 27.66 49.74
C GLU A 2736 -56.04 26.72 48.92
N ASP A 2737 -55.47 25.98 47.98
CA ASP A 2737 -56.23 25.08 47.15
C ASP A 2737 -56.21 23.62 47.63
N VAL A 2738 -55.23 23.24 48.45
CA VAL A 2738 -55.25 21.91 49.04
C VAL A 2738 -56.36 21.79 50.07
N VAL A 2739 -56.57 22.87 50.84
CA VAL A 2739 -57.65 22.89 51.82
C VAL A 2739 -59.01 22.91 51.13
N ARG A 2740 -59.12 23.60 49.99
CA ARG A 2740 -60.39 23.71 49.30
C ARG A 2740 -60.77 22.41 48.61
N LYS A 2741 -59.80 21.68 48.05
CA LYS A 2741 -60.08 20.39 47.44
C LYS A 2741 -60.25 19.27 48.46
N SER A 2742 -59.98 19.54 49.74
CA SER A 2742 -60.16 18.53 50.78
C SER A 2742 -61.50 18.64 51.47
N ASN A 2743 -62.04 19.86 51.62
CA ASN A 2743 -63.34 20.02 52.26
C ASN A 2743 -64.47 19.57 51.33
N ASN A 2744 -64.30 19.79 50.02
CA ASN A 2744 -65.30 19.42 49.03
C ASN A 2744 -65.06 18.03 48.46
N LEU A 2745 -64.42 17.15 49.22
CA LEU A 2745 -64.13 15.80 48.73
C LEU A 2745 -65.30 14.86 48.97
N LYS A 2746 -66.02 15.02 50.08
CA LYS A 2746 -67.12 14.11 50.41
C LYS A 2746 -68.35 14.31 49.54
N SER A 2747 -68.45 15.41 48.80
CA SER A 2747 -69.58 15.60 47.89
C SER A 2747 -69.28 15.13 46.48
N PHE A 2748 -68.75 13.91 46.36
CA PHE A 2748 -68.41 13.30 45.08
C PHE A 2748 -69.09 11.94 44.98
N SER A 2749 -69.06 11.37 43.77
CA SER A 2749 -69.77 10.13 43.48
C SER A 2749 -69.05 8.94 44.13
N GLY A 2750 -69.72 7.80 44.08
CA GLY A 2750 -69.26 6.60 44.75
C GLY A 2750 -68.12 5.86 44.08
N ASN A 2751 -67.76 6.25 42.85
CA ASN A 2751 -66.62 5.65 42.18
C ASN A 2751 -65.29 6.27 42.58
N GLN A 2752 -65.31 7.37 43.34
CA GLN A 2752 -64.12 8.13 43.66
C GLN A 2752 -63.80 8.06 45.16
N ILE A 2753 -64.01 6.91 45.78
CA ILE A 2753 -63.61 6.71 47.16
C ILE A 2753 -62.47 5.71 47.29
N LYS A 2754 -62.24 4.86 46.30
CA LYS A 2754 -61.09 3.98 46.30
C LYS A 2754 -59.94 4.54 45.48
N GLN A 2755 -60.17 5.64 44.75
CA GLN A 2755 -59.13 6.33 44.00
C GLN A 2755 -58.63 7.57 44.73
N SER A 2756 -59.45 8.14 45.62
CA SER A 2756 -59.09 9.36 46.32
C SER A 2756 -58.40 9.11 47.65
N ILE A 2757 -58.56 7.92 48.24
CA ILE A 2757 -57.78 7.61 49.44
C ILE A 2757 -56.36 7.18 49.08
N SER A 2758 -56.11 6.85 47.81
CA SER A 2758 -54.75 6.60 47.32
C SER A 2758 -54.21 7.77 46.51
N ASP A 2759 -54.95 8.88 46.43
CA ASP A 2759 -54.46 10.10 45.80
C ASP A 2759 -54.08 11.16 46.82
N ALA A 2760 -54.86 11.30 47.90
CA ALA A 2760 -54.45 12.16 49.01
C ALA A 2760 -53.38 11.52 49.89
N GLU A 2761 -53.16 10.22 49.76
CA GLU A 2761 -52.06 9.58 50.46
C GLU A 2761 -50.72 9.87 49.78
N LEU A 2762 -50.71 9.91 48.45
CA LEU A 2762 -49.49 10.26 47.72
C LEU A 2762 -49.16 11.74 47.87
N LEU A 2763 -50.18 12.59 48.08
CA LEU A 2763 -49.92 14.00 48.31
C LEU A 2763 -49.29 14.24 49.67
N LEU A 2764 -49.59 13.39 50.66
CA LEU A 2764 -48.93 13.52 51.95
C LEU A 2764 -47.48 13.05 51.87
N SER A 2765 -47.20 12.05 51.04
CA SER A 2765 -45.82 11.59 50.86
C SER A 2765 -44.99 12.51 49.97
N SER A 2766 -45.57 13.59 49.45
CA SER A 2766 -44.87 14.55 48.63
C SER A 2766 -44.57 15.85 49.35
N THR A 2767 -45.53 16.39 50.12
CA THR A 2767 -45.27 17.60 50.88
C THR A 2767 -44.34 17.36 52.07
N ILE A 2768 -44.23 16.11 52.53
CA ILE A 2768 -43.27 15.78 53.57
C ILE A 2768 -41.85 15.78 52.99
N LYS A 2769 -41.67 15.11 51.84
CA LYS A 2769 -40.33 14.98 51.27
C LYS A 2769 -39.89 16.23 50.51
N CYS A 2770 -40.80 17.14 50.20
CA CYS A 2770 -40.45 18.43 49.62
C CYS A 2770 -40.58 19.56 50.63
N SER A 2771 -40.45 19.26 51.93
CA SER A 2771 -40.62 20.29 52.96
C SER A 2771 -39.51 21.35 53.01
N PRO A 2772 -38.20 21.05 52.86
CA PRO A 2772 -37.23 22.16 52.82
C PRO A 2772 -37.29 22.98 51.54
N ASN A 2773 -37.86 22.46 50.46
CA ASN A 2773 -37.98 23.23 49.23
C ASN A 2773 -39.12 24.23 49.27
N LEU A 2774 -40.16 23.99 50.08
CA LEU A 2774 -41.28 24.91 50.18
C LEU A 2774 -40.98 26.08 51.12
N LEU A 2775 -40.12 25.87 52.11
CA LEU A 2775 -39.95 26.83 53.19
C LEU A 2775 -38.88 27.87 52.94
N LYS A 2776 -37.99 27.64 51.97
CA LYS A 2776 -36.90 28.58 51.72
C LYS A 2776 -37.43 29.85 51.05
N SER A 2777 -36.60 30.89 51.09
CA SER A 2777 -36.98 32.16 50.50
C SER A 2777 -36.96 32.05 48.98
N GLN A 2778 -38.01 32.57 48.34
CA GLN A 2778 -38.15 32.49 46.90
C GLN A 2778 -37.87 33.81 46.19
N MET A 2779 -37.71 34.92 46.93
CA MET A 2779 -37.30 36.17 46.32
C MET A 2779 -35.80 36.46 46.51
N GLU A 2780 -35.14 35.75 47.41
CA GLU A 2780 -33.70 35.80 47.55
C GLU A 2780 -33.01 34.56 47.00
N TYR A 2781 -33.73 33.76 46.21
CA TYR A 2781 -33.18 32.59 45.53
C TYR A 2781 -32.95 32.84 44.05
N TYR A 2782 -33.88 33.49 43.37
CA TYR A 2782 -33.65 33.87 41.98
C TYR A 2782 -32.70 35.04 41.85
N LYS A 2783 -32.46 35.79 42.93
CA LYS A 2783 -31.34 36.73 42.95
C LYS A 2783 -30.01 35.98 42.90
N ASN A 2784 -29.95 34.79 43.51
CA ASN A 2784 -28.72 34.02 43.52
C ASN A 2784 -28.45 33.39 42.16
N MET A 2785 -29.48 32.89 41.49
CA MET A 2785 -29.29 32.25 40.19
C MET A 2785 -29.14 33.25 39.06
N LEU A 2786 -29.29 34.55 39.32
CA LEU A 2786 -28.91 35.55 38.34
C LEU A 2786 -27.43 35.89 38.47
N LEU A 2787 -26.93 36.02 39.70
CA LEU A 2787 -25.55 36.42 39.91
C LEU A 2787 -24.55 35.31 39.62
N SER A 2788 -25.01 34.06 39.54
CA SER A 2788 -24.18 32.97 39.04
C SER A 2788 -24.34 32.78 37.54
N TRP A 2789 -25.11 33.65 36.89
CA TRP A 2789 -25.34 33.59 35.45
C TRP A 2789 -25.13 34.96 34.78
N LEU A 2790 -25.02 36.03 35.56
CA LEU A 2790 -24.56 37.33 35.06
C LEU A 2790 -23.05 37.46 35.19
N ARG A 2791 -22.46 36.90 36.26
CA ARG A 2791 -21.01 36.89 36.43
C ARG A 2791 -20.32 35.78 35.64
N LYS A 2792 -21.05 35.07 34.79
CA LYS A 2792 -20.44 34.16 33.83
C LYS A 2792 -20.34 34.80 32.45
N VAL A 2793 -21.23 35.74 32.14
CA VAL A 2793 -21.12 36.51 30.90
C VAL A 2793 -19.93 37.46 30.96
N ILE A 2794 -19.70 38.08 32.13
CA ILE A 2794 -18.56 38.96 32.28
C ILE A 2794 -17.26 38.15 32.36
N ASP A 2795 -17.35 36.88 32.75
CA ASP A 2795 -16.17 36.02 32.84
C ASP A 2795 -15.59 35.71 31.47
N ILE A 2796 -16.45 35.54 30.46
CA ILE A 2796 -15.93 35.17 29.14
C ILE A 2796 -15.55 36.38 28.29
N HIS A 2797 -16.20 37.53 28.50
CA HIS A 2797 -15.76 38.74 27.79
C HIS A 2797 -14.50 39.32 28.42
N VAL A 2798 -14.60 39.75 29.67
CA VAL A 2798 -13.46 40.30 30.39
C VAL A 2798 -12.63 39.15 30.91
N GLY A 2799 -11.34 39.13 30.58
CA GLY A 2799 -10.48 38.05 31.01
C GLY A 2799 -10.22 38.11 32.50
N GLY A 2800 -10.44 36.99 33.18
CA GLY A 2800 -10.32 36.92 34.62
C GLY A 2800 -11.68 36.83 35.30
N ASP A 2801 -11.64 36.53 36.59
CA ASP A 2801 -12.86 36.37 37.36
C ASP A 2801 -13.50 37.72 37.66
N CYS A 2802 -14.82 37.76 37.63
CA CYS A 2802 -15.58 38.97 37.92
C CYS A 2802 -15.87 39.17 39.39
N LEU A 2803 -15.42 38.24 40.25
CA LEU A 2803 -15.63 38.40 41.69
C LEU A 2803 -14.53 39.24 42.32
N LYS A 2804 -13.27 38.90 42.03
CA LYS A 2804 -12.13 39.63 42.60
C LYS A 2804 -11.64 40.68 41.61
N LEU A 2805 -12.50 41.68 41.39
CA LEU A 2805 -12.18 42.78 40.50
C LEU A 2805 -13.02 43.99 40.91
N THR A 2806 -12.44 45.17 40.74
CA THR A 2806 -13.08 46.41 41.16
C THR A 2806 -14.00 46.93 40.05
N LEU A 2807 -14.61 48.10 40.31
CA LEU A 2807 -15.50 48.70 39.33
C LEU A 2807 -14.73 49.40 38.22
N LYS A 2808 -13.51 49.86 38.49
CA LYS A 2808 -12.69 50.51 37.49
C LYS A 2808 -11.76 49.55 36.77
N GLU A 2809 -11.42 48.42 37.39
CA GLU A 2809 -10.55 47.44 36.74
C GLU A 2809 -11.28 46.67 35.65
N LEU A 2810 -12.60 46.51 35.78
CA LEU A 2810 -13.36 45.83 34.74
C LEU A 2810 -13.61 46.72 33.53
N CYS A 2811 -13.73 48.04 33.73
CA CYS A 2811 -13.97 48.94 32.61
C CYS A 2811 -12.73 49.14 31.74
N SER A 2812 -11.53 48.90 32.29
CA SER A 2812 -10.32 49.06 31.49
C SER A 2812 -10.09 47.88 30.57
N LEU A 2813 -10.59 46.69 30.92
CA LEU A 2813 -10.41 45.49 30.12
C LEU A 2813 -11.47 45.28 29.06
N ILE A 2814 -12.43 46.22 28.93
CA ILE A 2814 -13.44 46.09 27.89
C ILE A 2814 -12.85 46.46 26.53
N GLU A 2815 -12.08 47.54 26.48
CA GLU A 2815 -11.52 48.01 25.21
C GLU A 2815 -10.38 47.13 24.71
N GLU A 2816 -9.78 46.31 25.58
CA GLU A 2816 -8.66 45.46 25.18
C GLU A 2816 -9.12 44.08 24.73
N LYS A 2817 -10.25 43.59 25.24
CA LYS A 2817 -10.72 42.24 24.92
C LYS A 2817 -11.91 42.20 23.98
N THR A 2818 -12.69 43.27 23.89
CA THR A 2818 -13.91 43.29 23.09
C THR A 2818 -13.79 44.30 21.96
N ALA A 2819 -14.85 44.41 21.18
CA ALA A 2819 -14.87 45.27 19.99
C ALA A 2819 -15.27 46.69 20.39
N SER A 2820 -15.58 47.52 19.39
CA SER A 2820 -15.93 48.92 19.64
C SER A 2820 -17.42 49.15 19.79
N GLU A 2821 -18.26 48.25 19.30
CA GLU A 2821 -19.70 48.42 19.44
C GLU A 2821 -20.24 47.76 20.70
N THR A 2822 -19.65 46.64 21.12
CA THR A 2822 -20.11 45.98 22.33
C THR A 2822 -19.71 46.74 23.59
N ARG A 2823 -18.76 47.66 23.50
CA ARG A 2823 -18.38 48.49 24.64
C ARG A 2823 -19.51 49.43 25.03
N VAL A 2824 -20.37 49.81 24.07
CA VAL A 2824 -21.48 50.70 24.37
C VAL A 2824 -22.54 49.97 25.18
N THR A 2825 -22.97 48.79 24.72
CA THR A 2825 -24.06 48.08 25.40
C THR A 2825 -23.61 47.38 26.67
N PHE A 2826 -22.32 47.06 26.80
CA PHE A 2826 -21.85 46.40 28.01
C PHE A 2826 -21.75 47.37 29.18
N ALA A 2827 -21.67 48.66 28.90
CA ALA A 2827 -21.65 49.69 29.94
C ALA A 2827 -22.97 50.45 30.03
N GLU A 2828 -24.01 49.99 29.35
CA GLU A 2828 -25.31 50.65 29.40
C GLU A 2828 -26.44 49.71 29.81
N TYR A 2829 -26.33 48.42 29.56
CA TYR A 2829 -27.38 47.48 29.93
C TYR A 2829 -26.93 46.45 30.96
N ILE A 2830 -25.72 45.91 30.84
CA ILE A 2830 -25.31 44.84 31.75
C ILE A 2830 -24.83 45.41 33.09
N PHE A 2831 -24.05 46.49 33.06
CA PHE A 2831 -23.63 47.13 34.31
C PHE A 2831 -24.75 47.78 35.13
N PRO A 2832 -25.83 48.32 34.55
CA PRO A 2832 -27.01 48.60 35.39
C PRO A 2832 -27.77 47.35 35.81
N ALA A 2833 -27.59 46.23 35.12
CA ALA A 2833 -28.23 44.98 35.55
C ALA A 2833 -27.44 44.25 36.62
N LEU A 2834 -26.28 44.78 37.02
CA LEU A 2834 -25.53 44.26 38.14
C LEU A 2834 -25.65 45.14 39.38
N ASP A 2835 -25.82 46.46 39.19
CA ASP A 2835 -26.03 47.37 40.31
C ASP A 2835 -27.43 47.19 40.89
N LEU A 2836 -28.44 47.03 40.03
CA LEU A 2836 -29.81 46.84 40.49
C LEU A 2836 -30.07 45.41 40.97
N ALA A 2837 -29.16 44.47 40.74
CA ALA A 2837 -29.34 43.12 41.26
C ALA A 2837 -28.83 42.99 42.68
N GLU A 2838 -27.96 43.91 43.12
CA GLU A 2838 -27.47 43.87 44.50
C GLU A 2838 -28.39 44.64 45.44
N SER A 2839 -28.95 45.74 44.98
CA SER A 2839 -29.82 46.58 45.79
C SER A 2839 -31.29 46.22 45.65
N SER A 2840 -31.61 44.97 45.32
CA SER A 2840 -32.98 44.55 45.13
C SER A 2840 -33.59 44.17 46.48
N LYS A 2841 -34.59 44.92 46.92
CA LYS A 2841 -35.26 44.65 48.17
C LYS A 2841 -36.71 44.20 48.02
N SER A 2842 -37.33 44.48 46.88
CA SER A 2842 -38.69 44.05 46.60
C SER A 2842 -38.71 43.24 45.30
N LEU A 2843 -39.90 42.89 44.84
CA LEU A 2843 -40.04 42.22 43.56
C LEU A 2843 -40.03 43.19 42.39
N GLU A 2844 -40.05 44.50 42.65
CA GLU A 2844 -39.93 45.47 41.55
C GLU A 2844 -38.47 45.73 41.22
N GLU A 2845 -37.61 45.85 42.23
CA GLU A 2845 -36.19 46.08 42.00
C GLU A 2845 -35.46 44.84 41.53
N LEU A 2846 -36.07 43.66 41.64
CA LEU A 2846 -35.51 42.46 41.03
C LEU A 2846 -36.15 42.15 39.69
N GLY A 2847 -37.38 42.60 39.46
CA GLY A 2847 -37.98 42.48 38.14
C GLY A 2847 -37.49 43.49 37.14
N GLU A 2848 -36.96 44.61 37.61
CA GLU A 2848 -36.32 45.57 36.72
C GLU A 2848 -34.87 45.21 36.44
N ALA A 2849 -34.22 44.54 37.39
CA ALA A 2849 -32.85 44.06 37.18
C ALA A 2849 -32.79 42.78 36.36
N TRP A 2850 -33.92 42.14 36.11
CA TRP A 2850 -33.94 40.95 35.26
C TRP A 2850 -34.27 41.29 33.81
N ILE A 2851 -35.08 42.33 33.59
CA ILE A 2851 -35.47 42.72 32.24
C ILE A 2851 -34.35 43.52 31.56
N THR A 2852 -33.53 44.26 32.33
CA THR A 2852 -32.42 45.00 31.75
C THR A 2852 -31.32 44.03 31.32
N PHE A 2853 -31.16 42.94 32.05
CA PHE A 2853 -30.35 41.82 31.59
C PHE A 2853 -30.97 41.12 30.39
N GLY A 2854 -32.30 41.18 30.27
CA GLY A 2854 -32.96 40.50 29.16
C GLY A 2854 -32.75 41.22 27.83
N THR A 2855 -32.84 42.55 27.83
CA THR A 2855 -32.52 43.31 26.63
C THR A 2855 -31.03 43.48 26.41
N GLY A 2856 -30.20 43.08 27.38
CA GLY A 2856 -28.77 43.19 27.23
C GLY A 2856 -28.20 42.13 26.31
N LEU A 2857 -28.57 40.87 26.52
CA LEU A 2857 -28.02 39.79 25.71
C LEU A 2857 -28.81 39.53 24.43
N LEU A 2858 -29.70 40.43 24.03
CA LEU A 2858 -30.23 40.40 22.68
C LEU A 2858 -29.53 41.38 21.76
N LEU A 2859 -28.73 42.29 22.31
CA LEU A 2859 -27.85 43.14 21.53
C LEU A 2859 -26.42 42.60 21.52
N LEU A 2860 -26.22 41.36 21.99
CA LEU A 2860 -24.92 40.73 21.97
C LEU A 2860 -24.96 39.31 21.42
N PHE A 2861 -26.10 38.84 20.91
CA PHE A 2861 -26.22 37.50 20.38
C PHE A 2861 -26.85 37.44 19.00
N VAL A 2862 -27.74 38.38 18.67
CA VAL A 2862 -28.50 38.33 17.43
C VAL A 2862 -27.83 39.27 16.42
N PRO A 2863 -27.45 38.79 15.24
CA PRO A 2863 -26.86 39.66 14.22
C PRO A 2863 -27.90 40.21 13.24
N ASP A 2864 -27.51 41.32 12.59
CA ASP A 2864 -28.35 41.91 11.55
C ASP A 2864 -28.31 41.07 10.29
N SER A 2865 -27.13 40.97 9.68
CA SER A 2865 -26.84 40.09 8.56
C SER A 2865 -26.56 38.69 9.08
N PRO A 2866 -26.85 37.63 8.29
CA PRO A 2866 -26.70 36.26 8.81
C PRO A 2866 -25.25 35.85 9.04
N TYR A 2867 -24.87 35.77 10.31
CA TYR A 2867 -23.57 35.26 10.74
C TYR A 2867 -23.80 33.93 11.45
N ASP A 2868 -22.87 33.01 11.27
CA ASP A 2868 -23.04 31.67 11.83
C ASP A 2868 -21.69 31.15 12.30
N PRO A 2869 -21.54 30.83 13.58
CA PRO A 2869 -20.24 30.33 14.08
C PRO A 2869 -19.98 28.85 13.81
N ALA A 2870 -20.89 28.14 13.13
CA ALA A 2870 -20.65 26.75 12.78
C ALA A 2870 -20.28 26.53 11.32
N ILE A 2871 -20.46 27.55 10.48
CA ILE A 2871 -20.03 27.46 9.09
C ILE A 2871 -18.51 27.57 9.00
N HIS A 2872 -17.89 28.29 9.94
CA HIS A 2872 -16.46 28.56 9.94
C HIS A 2872 -15.61 27.30 10.03
N ASP A 2873 -16.17 26.21 10.54
CA ASP A 2873 -15.45 24.95 10.62
C ASP A 2873 -15.77 24.03 9.43
N TYR A 2874 -16.88 24.25 8.74
CA TYR A 2874 -17.26 23.45 7.59
C TYR A 2874 -16.86 24.06 6.26
N VAL A 2875 -16.17 25.19 6.26
CA VAL A 2875 -15.56 25.69 5.03
C VAL A 2875 -14.06 25.42 5.01
N LEU A 2876 -13.41 25.49 6.18
CA LEU A 2876 -11.98 25.17 6.31
C LEU A 2876 -11.67 23.70 6.04
N TYR A 2877 -12.67 22.82 6.04
CA TYR A 2877 -12.49 21.47 5.55
C TYR A 2877 -12.84 21.31 4.09
N ASP A 2878 -13.80 22.08 3.59
CA ASP A 2878 -14.12 22.04 2.16
C ASP A 2878 -13.02 22.69 1.33
N LEU A 2879 -12.35 23.70 1.88
CA LEU A 2879 -11.20 24.29 1.20
C LEU A 2879 -10.02 23.32 1.20
N PHE A 2880 -9.88 22.55 2.28
CA PHE A 2880 -8.84 21.52 2.32
C PHE A 2880 -9.14 20.38 1.36
N LEU A 2881 -10.42 20.10 1.10
CA LEU A 2881 -10.77 19.03 0.18
C LEU A 2881 -10.48 19.42 -1.27
N LYS A 2882 -10.51 20.71 -1.59
CA LYS A 2882 -10.28 21.18 -2.94
C LYS A 2882 -8.80 21.38 -3.24
N THR A 2883 -8.03 21.92 -2.29
CA THR A 2883 -6.59 22.06 -2.50
C THR A 2883 -5.85 20.74 -2.37
N LYS A 2884 -6.51 19.69 -1.90
CA LYS A 2884 -5.99 18.33 -2.01
C LYS A 2884 -6.36 17.71 -3.36
N THR A 2885 -7.47 18.15 -3.95
CA THR A 2885 -7.86 17.67 -5.27
C THR A 2885 -6.96 18.23 -6.36
N PHE A 2886 -6.67 19.54 -6.31
CA PHE A 2886 -5.80 20.14 -7.32
C PHE A 2886 -4.36 19.67 -7.18
N SER A 2887 -3.93 19.26 -5.99
CA SER A 2887 -2.59 18.71 -5.84
C SER A 2887 -2.49 17.31 -6.42
N GLN A 2888 -3.55 16.51 -6.28
CA GLN A 2888 -3.57 15.19 -6.90
C GLN A 2888 -3.87 15.28 -8.40
N ASN A 2889 -4.56 16.35 -8.83
CA ASN A 2889 -4.73 16.58 -10.26
C ASN A 2889 -3.41 16.99 -10.90
N LEU A 2890 -2.58 17.73 -10.15
CA LEU A 2890 -1.28 18.15 -10.65
C LEU A 2890 -0.28 16.99 -10.68
N MET A 2891 -0.49 15.95 -9.89
CA MET A 2891 0.48 14.85 -9.85
C MET A 2891 0.24 13.85 -10.97
N LYS A 2892 -1.03 13.52 -11.26
CA LYS A 2892 -1.32 12.49 -12.26
C LYS A 2892 -1.18 13.02 -13.68
N SER A 2893 -1.49 14.29 -13.91
CA SER A 2893 -1.30 14.88 -15.24
C SER A 2893 0.18 15.09 -15.55
N TRP A 2894 1.00 15.24 -14.51
CA TRP A 2894 2.44 15.33 -14.67
C TRP A 2894 3.10 13.96 -14.78
N ARG A 2895 2.44 12.90 -14.33
CA ARG A 2895 3.03 11.57 -14.31
C ARG A 2895 3.17 11.01 -15.73
N ASN A 2896 2.33 11.44 -16.67
CA ASN A 2896 2.46 10.99 -18.05
C ASN A 2896 3.65 11.63 -18.74
N VAL A 2897 4.15 12.75 -18.19
CA VAL A 2897 5.30 13.44 -18.76
C VAL A 2897 6.60 12.74 -18.38
N ARG A 2898 6.54 11.82 -17.40
CA ARG A 2898 7.73 11.11 -16.94
C ARG A 2898 8.30 10.18 -18.00
N LYS A 2899 7.47 9.72 -18.93
CA LYS A 2899 7.91 8.83 -20.00
C LYS A 2899 8.37 9.56 -21.24
N VAL A 2900 8.72 10.84 -21.17
CA VAL A 2900 8.98 11.57 -22.42
C VAL A 2900 10.43 12.03 -22.49
N ILE A 2901 10.83 12.97 -21.62
CA ILE A 2901 12.19 13.50 -21.64
C ILE A 2901 12.78 13.27 -20.25
N SER A 2902 12.54 12.10 -19.69
CA SER A 2902 13.14 11.73 -18.41
C SER A 2902 13.41 10.23 -18.41
N GLY A 2903 14.06 9.77 -17.35
CA GLY A 2903 14.36 8.36 -17.20
C GLY A 2903 13.24 7.61 -16.52
N ASP A 2904 13.55 6.94 -15.41
CA ASP A 2904 12.53 6.16 -14.71
C ASP A 2904 12.67 6.28 -13.20
N GLU A 2905 13.53 7.18 -12.69
CA GLU A 2905 13.78 7.24 -11.25
C GLU A 2905 13.31 8.52 -10.60
N GLU A 2906 13.82 9.69 -11.03
CA GLU A 2906 13.55 10.94 -10.34
C GLU A 2906 13.60 12.11 -11.31
N ILE A 2907 12.81 13.13 -11.00
CA ILE A 2907 12.89 14.45 -11.63
C ILE A 2907 13.04 15.44 -10.49
N PHE A 2908 13.79 16.53 -10.72
CA PHE A 2908 14.02 17.52 -9.67
C PHE A 2908 12.74 18.26 -9.30
N THR A 2909 11.78 18.36 -10.23
CA THR A 2909 10.51 19.01 -9.93
C THR A 2909 9.57 18.14 -9.12
N GLU A 2910 9.86 16.84 -8.99
CA GLU A 2910 9.09 16.00 -8.08
C GLU A 2910 9.37 16.36 -6.63
N LYS A 2911 10.61 16.73 -6.32
CA LYS A 2911 10.93 17.26 -5.00
C LYS A 2911 10.45 18.69 -4.85
N LEU A 2912 10.34 19.43 -5.96
CA LEU A 2912 10.06 20.86 -5.89
C LEU A 2912 8.57 21.11 -5.59
N ILE A 2913 7.71 20.15 -5.93
CA ILE A 2913 6.27 20.29 -5.69
C ILE A 2913 5.96 19.89 -4.24
N ASN A 2914 5.07 20.65 -3.62
CA ASN A 2914 4.60 20.32 -2.27
C ASN A 2914 3.50 19.27 -2.36
N THR A 2915 3.68 18.16 -1.65
CA THR A 2915 2.66 17.13 -1.56
C THR A 2915 1.81 17.39 -0.32
N ILE A 2916 0.50 17.48 -0.51
CA ILE A 2916 -0.40 17.73 0.61
C ILE A 2916 -0.59 16.44 1.41
N SER A 2917 -0.64 16.56 2.73
CA SER A 2917 -0.67 15.40 3.60
C SER A 2917 -2.10 14.93 3.82
N ASP A 2918 -2.26 13.62 4.06
CA ASP A 2918 -3.58 13.07 4.34
C ASP A 2918 -3.97 13.29 5.79
N ASP A 2919 -3.02 13.18 6.72
CA ASP A 2919 -3.30 13.31 8.16
C ASP A 2919 -3.22 14.77 8.61
N ASP A 2920 -4.05 15.62 8.01
CA ASP A 2920 -4.13 17.03 8.39
C ASP A 2920 -5.59 17.47 8.40
N ALA A 2921 -6.45 16.64 8.99
CA ALA A 2921 -7.87 16.93 9.07
C ALA A 2921 -8.13 18.02 10.11
N PRO A 2922 -8.74 19.15 9.75
CA PRO A 2922 -8.91 20.25 10.71
C PRO A 2922 -10.19 20.16 11.54
N GLN A 2923 -10.41 19.00 12.16
CA GLN A 2923 -11.52 18.64 13.07
C GLN A 2923 -12.89 19.09 12.55
N SER A 2924 -13.28 18.49 11.43
CA SER A 2924 -14.45 18.96 10.69
C SER A 2924 -15.82 18.72 11.34
N PRO A 2925 -16.10 17.62 12.10
CA PRO A 2925 -17.43 17.59 12.73
C PRO A 2925 -17.49 18.25 14.11
N ARG A 2926 -18.33 19.29 14.25
CA ARG A 2926 -18.77 19.71 15.56
C ARG A 2926 -20.27 19.49 15.69
N VAL A 2927 -21.03 20.18 14.85
CA VAL A 2927 -22.48 20.01 14.69
C VAL A 2927 -22.77 20.14 13.20
N TYR A 2928 -23.33 19.10 12.58
CA TYR A 2928 -23.40 19.10 11.13
C TYR A 2928 -24.62 19.90 10.65
N ARG A 2929 -24.40 20.70 9.62
CA ARG A 2929 -25.45 21.51 8.99
C ARG A 2929 -25.32 21.30 7.49
N THR A 2930 -26.39 20.81 6.87
CA THR A 2930 -26.37 20.41 5.47
C THR A 2930 -26.47 21.63 4.57
N GLY A 2931 -26.71 21.38 3.27
CA GLY A 2931 -26.76 22.42 2.27
C GLY A 2931 -27.96 23.34 2.33
N MET A 2932 -28.88 23.16 3.27
CA MET A 2932 -29.98 24.09 3.45
C MET A 2932 -29.44 25.42 4.00
N SER A 2933 -29.87 26.52 3.39
CA SER A 2933 -29.33 27.82 3.75
C SER A 2933 -29.92 28.32 5.06
N ILE A 2934 -29.05 28.87 5.91
CA ILE A 2934 -29.47 29.42 7.20
C ILE A 2934 -29.83 30.90 7.07
N ASP A 2935 -29.70 31.48 5.88
CA ASP A 2935 -30.01 32.89 5.68
C ASP A 2935 -31.51 33.19 5.77
N SER A 2936 -32.36 32.17 5.70
CA SER A 2936 -33.78 32.37 5.90
C SER A 2936 -34.16 32.47 7.37
N LEU A 2937 -33.32 31.94 8.27
CA LEU A 2937 -33.63 31.99 9.69
C LEU A 2937 -33.38 33.37 10.28
N PHE A 2938 -32.26 34.00 9.92
CA PHE A 2938 -31.94 35.32 10.45
C PHE A 2938 -32.79 36.42 9.85
N ASP A 2939 -33.49 36.15 8.75
CA ASP A 2939 -34.54 37.07 8.30
C ASP A 2939 -35.75 36.99 9.21
N GLU A 2940 -36.00 35.82 9.81
CA GLU A 2940 -37.16 35.63 10.67
C GLU A 2940 -36.96 36.29 12.04
N TRP A 2941 -35.75 36.23 12.58
CA TRP A 2941 -35.50 36.79 13.91
C TRP A 2941 -35.58 38.31 13.89
N MET A 2942 -34.98 38.95 12.89
CA MET A 2942 -35.08 40.40 12.78
C MET A 2942 -36.44 40.87 12.29
N ALA A 2943 -37.31 39.96 11.82
CA ALA A 2943 -38.69 40.31 11.56
C ALA A 2943 -39.55 40.25 12.81
N PHE A 2944 -39.07 39.59 13.86
CA PHE A 2944 -39.76 39.54 15.14
C PHE A 2944 -39.15 40.45 16.20
N LEU A 2945 -37.83 40.45 16.31
CA LEU A 2945 -37.17 41.25 17.36
C LEU A 2945 -37.20 42.74 17.06
N SER A 2946 -37.46 43.12 15.81
CA SER A 2946 -37.70 44.52 15.48
C SER A 2946 -39.18 44.86 15.39
N SER A 2947 -40.06 43.87 15.51
CA SER A 2947 -41.50 44.13 15.48
C SER A 2947 -42.02 44.52 16.86
N THR A 2948 -41.86 43.63 17.85
CA THR A 2948 -42.42 43.85 19.17
C THR A 2948 -41.40 43.68 20.31
N MET A 2949 -40.19 43.19 20.04
CA MET A 2949 -39.20 42.98 21.07
C MET A 2949 -38.04 43.97 20.97
N SER A 2950 -38.25 45.10 20.31
CA SER A 2950 -37.21 46.11 20.19
C SER A 2950 -37.04 46.85 21.52
N SER A 2951 -35.95 47.62 21.61
CA SER A 2951 -35.70 48.41 22.80
C SER A 2951 -36.65 49.59 22.93
N ARG A 2952 -37.29 50.00 21.85
CA ARG A 2952 -38.32 51.02 21.89
C ARG A 2952 -39.70 50.46 22.21
N GLN A 2953 -39.86 49.13 22.15
CA GLN A 2953 -41.13 48.50 22.48
C GLN A 2953 -41.17 47.99 23.91
N ILE A 2954 -40.01 47.69 24.49
CA ILE A 2954 -39.95 47.17 25.85
C ILE A 2954 -39.82 48.30 26.88
N LYS A 2955 -39.14 49.38 26.53
CA LYS A 2955 -39.04 50.54 27.43
C LYS A 2955 -40.34 51.32 27.54
N GLU A 2956 -41.36 51.01 26.72
CA GLU A 2956 -42.67 51.60 26.92
C GLU A 2956 -43.46 50.90 28.03
N LEU A 2957 -43.26 49.60 28.19
CA LEU A 2957 -43.95 48.87 29.26
C LEU A 2957 -43.35 49.15 30.62
N VAL A 2958 -42.04 49.34 30.71
CA VAL A 2958 -41.40 49.67 31.97
C VAL A 2958 -41.76 51.08 32.39
N SER A 2959 -41.84 52.00 31.43
CA SER A 2959 -42.27 53.37 31.71
C SER A 2959 -43.78 53.49 31.93
N SER A 2960 -44.55 52.43 31.71
CA SER A 2960 -45.97 52.41 31.99
C SER A 2960 -46.31 51.79 33.34
N TYR A 2961 -45.60 50.73 33.74
CA TYR A 2961 -45.83 50.15 35.07
C TYR A 2961 -45.33 51.07 36.17
N LYS A 2962 -44.30 51.88 35.92
CA LYS A 2962 -43.81 52.79 36.94
C LYS A 2962 -44.74 53.98 37.15
N CYS A 2963 -45.54 54.35 36.15
CA CYS A 2963 -46.45 55.47 36.28
C CYS A 2963 -47.84 55.07 36.74
N ASN A 2964 -48.25 53.82 36.44
CA ASN A 2964 -49.57 53.26 36.80
C ASN A 2964 -50.72 54.10 36.28
N SER A 2965 -50.55 54.68 35.09
CA SER A 2965 -51.57 55.55 34.50
C SER A 2965 -52.85 54.79 34.16
N ASP A 2966 -52.77 53.89 33.18
CA ASP A 2966 -53.89 53.17 32.60
C ASP A 2966 -53.34 51.96 31.85
N GLN A 2967 -54.26 51.15 31.30
CA GLN A 2967 -54.09 50.10 30.28
C GLN A 2967 -52.87 49.20 30.46
N SER A 2968 -52.54 48.87 31.71
CA SER A 2968 -51.25 48.28 32.00
C SER A 2968 -51.19 46.79 31.67
N ASP A 2969 -52.15 46.00 32.15
CA ASP A 2969 -52.06 44.55 32.07
C ASP A 2969 -52.66 43.97 30.79
N ARG A 2970 -53.04 44.81 29.82
CA ARG A 2970 -53.57 44.28 28.56
C ARG A 2970 -52.57 44.35 27.41
N ARG A 2971 -51.51 45.15 27.55
CA ARG A 2971 -50.43 45.10 26.58
C ARG A 2971 -49.52 43.90 26.80
N LEU A 2972 -49.43 43.40 28.03
CA LEU A 2972 -48.50 42.33 28.35
C LEU A 2972 -49.00 40.99 27.84
N GLU A 2973 -50.30 40.75 27.89
CA GLU A 2973 -50.85 39.51 27.37
C GLU A 2973 -50.74 39.45 25.85
N MET A 2974 -50.75 40.60 25.18
CA MET A 2974 -50.42 40.63 23.76
C MET A 2974 -48.93 40.36 23.53
N LEU A 2975 -48.09 40.66 24.52
CA LEU A 2975 -46.66 40.37 24.38
C LEU A 2975 -46.36 38.90 24.66
N GLN A 2976 -46.97 38.31 25.69
CA GLN A 2976 -46.72 36.92 26.01
C GLN A 2976 -47.42 35.96 25.05
N GLN A 2977 -48.32 36.45 24.19
CA GLN A 2977 -48.92 35.62 23.16
C GLN A 2977 -48.13 35.66 21.87
N ASN A 2978 -47.46 36.79 21.59
CA ASN A 2978 -46.61 36.88 20.40
C ASN A 2978 -45.36 36.01 20.54
N SER A 2979 -44.73 36.02 21.72
CA SER A 2979 -43.55 35.21 21.94
C SER A 2979 -43.88 33.76 22.29
N ALA A 2980 -45.16 33.41 22.41
CA ALA A 2980 -45.52 32.02 22.60
C ALA A 2980 -45.60 31.28 21.27
N HIS A 2981 -46.20 31.91 20.25
CA HIS A 2981 -46.20 31.34 18.92
C HIS A 2981 -44.84 31.47 18.24
N PHE A 2982 -44.01 32.41 18.67
CA PHE A 2982 -42.68 32.57 18.09
C PHE A 2982 -41.76 31.42 18.49
N LEU A 2983 -41.68 31.13 19.78
CA LEU A 2983 -40.84 30.03 20.24
C LEU A 2983 -41.44 28.66 19.96
N ASN A 2984 -42.72 28.60 19.63
CA ASN A 2984 -43.32 27.38 19.10
C ASN A 2984 -43.13 27.24 17.60
N ARG A 2985 -42.87 28.36 16.90
CA ARG A 2985 -42.50 28.29 15.49
C ARG A 2985 -41.09 27.75 15.33
N LEU A 2986 -40.17 28.17 16.20
CA LEU A 2986 -38.79 27.74 16.12
C LEU A 2986 -38.58 26.33 16.64
N GLU A 2987 -39.50 25.80 17.43
CA GLU A 2987 -39.35 24.46 17.98
C GLU A 2987 -39.66 23.41 16.92
N SER A 2988 -40.79 23.57 16.21
CA SER A 2988 -41.10 22.68 15.10
C SER A 2988 -40.50 23.17 13.78
N GLY A 2989 -39.72 24.24 13.81
CA GLY A 2989 -39.16 24.81 12.60
C GLY A 2989 -37.77 24.28 12.30
N TYR A 2990 -37.56 23.93 11.03
CA TYR A 2990 -36.29 23.66 10.34
C TYR A 2990 -35.64 22.35 10.75
N SER A 2991 -36.13 21.70 11.81
CA SER A 2991 -35.98 20.28 12.10
C SER A 2991 -34.56 19.73 12.25
N LYS A 2992 -33.55 20.57 12.17
CA LYS A 2992 -32.19 20.03 12.08
C LYS A 2992 -31.22 20.59 13.09
N PHE A 2993 -31.31 21.87 13.43
CA PHE A 2993 -30.35 22.49 14.34
C PHE A 2993 -31.08 23.30 15.38
N ALA A 2994 -30.65 23.15 16.64
CA ALA A 2994 -31.22 23.86 17.77
C ALA A 2994 -30.12 24.47 18.64
N ASP A 2995 -28.97 24.77 18.05
CA ASP A 2995 -27.89 25.41 18.80
C ASP A 2995 -28.24 26.86 19.10
N LEU A 2996 -28.58 27.62 18.07
CA LEU A 2996 -28.91 29.02 18.22
C LEU A 2996 -30.36 29.24 18.61
N ASN A 2997 -31.20 28.20 18.53
CA ASN A 2997 -32.57 28.33 18.96
C ASN A 2997 -32.70 28.19 20.48
N ASP A 2998 -31.87 27.32 21.07
CA ASP A 2998 -31.96 27.06 22.51
C ASP A 2998 -31.41 28.23 23.31
N ILE A 2999 -30.32 28.84 22.84
CA ILE A 2999 -29.73 29.96 23.56
C ILE A 2999 -30.60 31.21 23.43
N LEU A 3000 -31.28 31.38 22.28
CA LEU A 3000 -32.22 32.47 22.15
C LEU A 3000 -33.47 32.24 23.00
N ALA A 3001 -33.88 30.97 23.17
CA ALA A 3001 -35.06 30.65 23.97
C ALA A 3001 -34.84 30.95 25.45
N GLY A 3002 -33.61 30.95 25.93
CA GLY A 3002 -33.31 31.35 27.29
C GLY A 3002 -33.23 32.84 27.51
N TYR A 3003 -33.44 33.63 26.46
CA TYR A 3003 -33.40 35.08 26.56
C TYR A 3003 -34.77 35.73 26.33
N ILE A 3004 -35.76 34.97 25.86
CA ILE A 3004 -37.11 35.45 25.68
C ILE A 3004 -37.97 34.90 26.81
N TYR A 3005 -37.62 33.70 27.28
CA TYR A 3005 -38.22 33.19 28.51
C TYR A 3005 -37.80 33.99 29.72
N SER A 3006 -36.60 34.57 29.69
CA SER A 3006 -36.13 35.36 30.83
C SER A 3006 -36.85 36.70 30.90
N ILE A 3007 -37.02 37.36 29.75
CA ILE A 3007 -37.63 38.68 29.74
C ILE A 3007 -39.14 38.60 29.98
N ASN A 3008 -39.77 37.43 29.74
CA ASN A 3008 -41.15 37.27 30.15
C ASN A 3008 -41.27 37.08 31.66
N PHE A 3009 -40.25 36.49 32.29
CA PHE A 3009 -40.22 36.37 33.73
C PHE A 3009 -39.98 37.71 34.40
N GLY A 3010 -39.38 38.67 33.69
CA GLY A 3010 -39.15 39.99 34.24
C GLY A 3010 -40.39 40.83 34.35
N PHE A 3011 -41.44 40.52 33.58
CA PHE A 3011 -42.71 41.21 33.71
C PHE A 3011 -43.62 40.58 34.76
N ASP A 3012 -43.53 39.25 34.93
CA ASP A 3012 -44.34 38.58 35.94
C ASP A 3012 -43.88 38.88 37.35
N LEU A 3013 -42.67 39.42 37.51
CA LEU A 3013 -42.23 40.00 38.77
C LEU A 3013 -42.80 41.39 39.00
N LEU A 3014 -43.46 41.97 38.00
CA LEU A 3014 -44.18 43.23 38.19
C LEU A 3014 -45.69 43.05 38.30
N LYS A 3015 -46.22 41.90 37.90
CA LYS A 3015 -47.59 41.55 38.27
C LYS A 3015 -47.70 41.30 39.76
N LEU A 3016 -46.72 40.61 40.34
CA LEU A 3016 -46.74 40.26 41.74
C LEU A 3016 -46.31 41.39 42.66
N GLN A 3017 -46.03 42.57 42.12
CA GLN A 3017 -45.81 43.76 42.94
C GLN A 3017 -47.01 44.68 42.94
N LYS A 3018 -47.67 44.86 41.79
CA LYS A 3018 -48.85 45.71 41.75
C LYS A 3018 -50.05 45.03 42.41
N SER A 3019 -50.09 43.69 42.40
CA SER A 3019 -51.13 42.98 43.14
C SER A 3019 -50.89 43.03 44.64
N LYS A 3020 -49.66 43.27 45.08
CA LYS A 3020 -49.37 43.55 46.48
C LYS A 3020 -49.55 45.03 46.82
N ASP A 3021 -49.66 45.90 45.82
CA ASP A 3021 -49.89 47.31 46.06
C ASP A 3021 -51.37 47.63 46.19
N ARG A 3022 -52.24 46.87 45.54
CA ARG A 3022 -53.68 46.99 45.73
C ARG A 3022 -54.07 46.16 46.95
N ALA A 3023 -54.63 46.83 47.96
CA ALA A 3023 -54.96 46.15 49.21
C ALA A 3023 -56.09 46.94 49.88
N SER A 3024 -57.32 46.45 49.73
CA SER A 3024 -58.43 46.98 50.50
C SER A 3024 -58.48 46.37 51.89
N PHE A 3025 -57.92 45.18 52.05
CA PHE A 3025 -57.87 44.48 53.33
C PHE A 3025 -56.47 43.90 53.49
N GLN A 3026 -55.79 44.29 54.57
CA GLN A 3026 -54.43 43.84 54.83
C GLN A 3026 -54.37 42.47 55.50
N ILE A 3027 -55.51 41.81 55.69
CA ILE A 3027 -55.56 40.48 56.27
C ILE A 3027 -55.56 39.46 55.16
N SER A 3028 -54.51 38.64 55.11
CA SER A 3028 -54.40 37.62 54.10
C SER A 3028 -55.31 36.44 54.44
N PRO A 3029 -55.60 35.57 53.47
CA PRO A 3029 -56.13 34.26 53.80
C PRO A 3029 -55.07 33.40 54.47
N LEU A 3030 -55.50 32.21 54.90
CA LEU A 3030 -54.79 31.37 55.87
C LEU A 3030 -54.45 32.15 57.13
N TRP A 3031 -55.39 32.98 57.57
CA TRP A 3031 -55.23 33.68 58.84
C TRP A 3031 -55.45 32.76 60.02
N SER A 3032 -56.32 31.77 59.86
CA SER A 3032 -56.36 30.62 60.76
C SER A 3032 -55.42 29.55 60.20
N MET A 3033 -55.49 28.35 60.76
CA MET A 3033 -54.60 27.21 60.44
C MET A 3033 -53.13 27.58 60.59
N ASP A 3034 -52.82 28.33 61.64
CA ASP A 3034 -51.45 28.61 62.06
C ASP A 3034 -51.39 28.90 63.56
N PRO A 3035 -50.68 28.07 64.34
CA PRO A 3035 -50.67 28.24 65.80
C PRO A 3035 -49.90 29.45 66.32
N ILE A 3036 -49.36 30.31 65.46
CA ILE A 3036 -48.62 31.48 65.94
C ILE A 3036 -49.41 32.78 65.77
N ASN A 3037 -50.42 32.81 64.90
CA ASN A 3037 -51.25 33.99 64.72
C ASN A 3037 -52.52 33.96 65.56
N ILE A 3038 -52.94 32.79 66.03
CA ILE A 3038 -54.13 32.70 66.88
C ILE A 3038 -53.77 32.99 68.34
N SER A 3039 -52.63 32.49 68.81
CA SER A 3039 -52.27 32.56 70.22
C SER A 3039 -51.89 33.96 70.68
N CYS A 3040 -51.63 34.90 69.78
CA CYS A 3040 -51.31 36.26 70.19
C CYS A 3040 -52.60 37.01 70.47
N ALA A 3041 -52.75 37.51 71.70
CA ALA A 3041 -53.98 38.17 72.11
C ALA A 3041 -54.15 39.55 71.48
N GLU A 3042 -53.05 40.19 71.06
CA GLU A 3042 -53.14 41.46 70.36
C GLU A 3042 -53.45 41.27 68.88
N ASN A 3043 -53.03 40.14 68.31
CA ASN A 3043 -53.18 39.94 66.87
C ASN A 3043 -54.62 39.64 66.48
N VAL A 3044 -55.36 38.94 67.34
CA VAL A 3044 -56.78 38.68 67.07
C VAL A 3044 -57.59 39.96 67.22
N LEU A 3045 -57.19 40.83 68.16
CA LEU A 3045 -57.85 42.12 68.29
C LEU A 3045 -57.58 43.04 67.10
N SER A 3046 -56.41 42.90 66.47
CA SER A 3046 -56.08 43.69 65.29
C SER A 3046 -56.57 43.06 63.99
N ALA A 3047 -57.07 41.83 64.04
CA ALA A 3047 -57.69 41.19 62.89
C ALA A 3047 -59.19 41.42 62.81
N TYR A 3048 -59.74 42.23 63.71
CA TYR A 3048 -61.15 42.58 63.70
C TYR A 3048 -61.40 44.01 63.26
N HIS A 3049 -60.51 44.94 63.62
CA HIS A 3049 -60.65 46.32 63.20
C HIS A 3049 -60.31 46.53 61.73
N GLU A 3050 -59.70 45.55 61.07
CA GLU A 3050 -59.42 45.63 59.64
C GLU A 3050 -60.51 44.98 58.79
N LEU A 3051 -61.28 44.05 59.34
CA LEU A 3051 -62.43 43.48 58.64
C LEU A 3051 -63.72 44.25 58.87
N SER A 3052 -63.64 45.47 59.42
CA SER A 3052 -64.83 46.25 59.72
C SER A 3052 -65.55 46.73 58.46
N ARG A 3053 -64.88 46.76 57.32
CA ARG A 3053 -65.54 47.03 56.05
C ARG A 3053 -66.13 45.78 55.41
N PHE A 3054 -66.05 44.63 56.07
CA PHE A 3054 -66.66 43.40 55.57
C PHE A 3054 -67.91 43.01 56.34
N PHE A 3055 -67.98 43.32 57.64
CA PHE A 3055 -69.18 42.99 58.40
C PHE A 3055 -70.28 44.01 58.19
N LYS A 3056 -69.94 45.30 58.17
CA LYS A 3056 -70.94 46.35 58.05
C LYS A 3056 -71.43 46.50 56.61
N LYS A 3057 -70.54 46.38 55.63
CA LYS A 3057 -70.91 46.55 54.23
C LYS A 3057 -71.25 45.19 53.60
N GLY A 3058 -72.23 44.53 54.20
CA GLY A 3058 -72.69 43.25 53.71
C GLY A 3058 -74.18 43.25 53.43
N ASP A 3059 -74.61 42.35 52.56
CA ASP A 3059 -76.02 42.25 52.19
C ASP A 3059 -76.70 41.16 53.01
N MET A 3060 -78.03 41.26 53.10
CA MET A 3060 -78.80 40.29 53.85
C MET A 3060 -78.87 38.96 53.10
N GLU A 3061 -79.15 37.90 53.87
CA GLU A 3061 -79.30 36.53 53.36
C GLU A 3061 -78.06 36.04 52.63
N ASP A 3062 -76.89 36.42 53.12
CA ASP A 3062 -75.62 35.96 52.56
C ASP A 3062 -75.14 34.66 53.20
N THR A 3063 -75.37 34.51 54.52
CA THR A 3063 -75.04 33.32 55.32
C THR A 3063 -73.57 32.96 55.27
N SER A 3064 -72.71 33.97 55.10
CA SER A 3064 -71.26 33.79 55.19
C SER A 3064 -70.60 34.76 56.15
N ILE A 3065 -71.20 35.93 56.38
CA ILE A 3065 -70.73 36.83 57.42
C ILE A 3065 -71.02 36.24 58.79
N GLU A 3066 -72.17 35.57 58.93
CA GLU A 3066 -72.57 34.97 60.20
C GLU A 3066 -71.90 33.63 60.46
N LYS A 3067 -70.99 33.18 59.60
CA LYS A 3067 -70.11 32.06 59.90
C LYS A 3067 -68.69 32.49 60.21
N VAL A 3068 -68.37 33.77 60.03
CA VAL A 3068 -67.14 34.34 60.55
C VAL A 3068 -67.31 34.76 62.00
N LEU A 3069 -68.46 35.34 62.34
CA LEU A 3069 -68.75 35.74 63.71
C LEU A 3069 -68.97 34.55 64.63
N MET A 3070 -69.25 33.36 64.09
CA MET A 3070 -69.20 32.15 64.89
C MET A 3070 -67.77 31.80 65.28
N TYR A 3071 -66.79 32.17 64.46
CA TYR A 3071 -65.41 31.79 64.73
C TYR A 3071 -64.77 32.69 65.76
N PHE A 3072 -65.11 33.98 65.79
CA PHE A 3072 -64.57 34.86 66.83
C PHE A 3072 -65.18 34.60 68.19
N LEU A 3073 -66.31 33.89 68.26
CA LEU A 3073 -66.83 33.44 69.55
C LEU A 3073 -66.11 32.19 70.04
N THR A 3074 -65.46 31.43 69.15
CA THR A 3074 -64.64 30.30 69.56
C THR A 3074 -63.17 30.69 69.70
N LEU A 3075 -62.84 31.97 69.59
CA LEU A 3075 -61.55 32.47 70.04
C LEU A 3075 -61.62 33.19 71.37
N PHE A 3076 -62.80 33.74 71.72
CA PHE A 3076 -62.98 34.28 73.05
C PHE A 3076 -63.08 33.16 74.08
N LYS A 3077 -63.55 31.98 73.66
CA LYS A 3077 -63.44 30.80 74.50
C LYS A 3077 -62.01 30.28 74.56
N PHE A 3078 -61.29 30.37 73.43
CA PHE A 3078 -59.98 29.75 73.31
C PHE A 3078 -58.93 30.48 74.12
N HIS A 3079 -59.06 31.80 74.27
CA HIS A 3079 -58.17 32.57 75.12
C HIS A 3079 -58.65 32.64 76.57
N LYS A 3080 -59.61 31.80 76.96
CA LYS A 3080 -60.12 31.66 78.32
C LYS A 3080 -60.69 32.98 78.86
N ARG A 3081 -61.40 33.70 77.99
CA ARG A 3081 -62.18 34.90 78.32
C ARG A 3081 -61.30 36.02 78.89
N ASP A 3082 -60.35 36.45 78.07
CA ASP A 3082 -59.44 37.51 78.49
C ASP A 3082 -60.15 38.86 78.51
N THR A 3083 -59.54 39.82 79.21
CA THR A 3083 -60.08 41.16 79.27
C THR A 3083 -59.64 42.03 78.10
N ASN A 3084 -58.69 41.57 77.29
CA ASN A 3084 -58.30 42.31 76.09
C ASN A 3084 -59.23 42.00 74.92
N LEU A 3085 -59.75 40.78 74.85
CA LEU A 3085 -60.66 40.38 73.80
C LEU A 3085 -62.12 40.62 74.14
N LEU A 3086 -62.41 41.43 75.17
CA LEU A 3086 -63.80 41.71 75.52
C LEU A 3086 -64.46 42.65 74.51
N GLU A 3087 -63.66 43.44 73.78
CA GLU A 3087 -64.24 44.30 72.75
C GLU A 3087 -64.67 43.50 71.53
N ILE A 3088 -64.01 42.40 71.22
CA ILE A 3088 -64.37 41.59 70.06
C ILE A 3088 -65.32 40.47 70.48
N PHE A 3089 -65.90 40.59 71.67
CA PHE A 3089 -66.99 39.74 72.11
C PHE A 3089 -68.28 40.51 72.32
N GLU A 3090 -68.20 41.77 72.73
CA GLU A 3090 -69.39 42.60 72.84
C GLU A 3090 -69.81 43.16 71.49
N ALA A 3091 -68.85 43.63 70.69
CA ALA A 3091 -69.16 44.17 69.38
C ALA A 3091 -69.34 43.10 68.32
N ALA A 3092 -68.95 41.86 68.59
CA ALA A 3092 -69.24 40.78 67.66
C ALA A 3092 -70.65 40.25 67.80
N LEU A 3093 -71.29 40.46 68.94
CA LEU A 3093 -72.69 40.09 69.11
C LEU A 3093 -73.64 41.18 68.65
N TYR A 3094 -73.19 42.43 68.62
CA TYR A 3094 -74.08 43.52 68.24
C TYR A 3094 -74.33 43.54 66.74
N THR A 3095 -73.38 43.08 65.93
CA THR A 3095 -73.63 42.93 64.50
C THR A 3095 -74.40 41.67 64.18
N LEU A 3096 -74.47 40.72 65.12
CA LEU A 3096 -75.39 39.59 64.97
C LEU A 3096 -76.82 40.00 65.24
N TYR A 3097 -77.03 40.94 66.17
CA TYR A 3097 -78.37 41.47 66.40
C TYR A 3097 -78.79 42.45 65.32
N SER A 3098 -77.84 43.18 64.74
CA SER A 3098 -78.18 44.14 63.70
C SER A 3098 -78.54 43.45 62.38
N ARG A 3099 -78.08 42.22 62.16
CA ARG A 3099 -78.51 41.43 61.01
C ARG A 3099 -79.79 40.66 61.29
N TRP A 3100 -80.33 40.76 62.52
CA TRP A 3100 -81.66 40.28 62.82
C TRP A 3100 -82.68 41.41 62.89
N SER A 3101 -82.25 42.61 63.27
CA SER A 3101 -83.13 43.76 63.32
C SER A 3101 -83.51 44.30 61.95
N VAL A 3102 -82.79 43.89 60.90
CA VAL A 3102 -83.17 44.24 59.54
C VAL A 3102 -84.05 43.16 58.92
N ARG A 3103 -83.77 41.88 59.21
CA ARG A 3103 -84.58 40.79 58.67
C ARG A 3103 -85.97 40.73 59.28
N ARG A 3104 -86.20 41.38 60.42
CA ARG A 3104 -87.55 41.55 60.93
C ARG A 3104 -88.25 42.78 60.36
N PHE A 3105 -87.47 43.76 59.88
CA PHE A 3105 -88.06 44.94 59.26
C PHE A 3105 -88.60 44.62 57.87
N ARG A 3106 -88.01 43.65 57.18
CA ARG A 3106 -88.50 43.24 55.88
C ARG A 3106 -89.58 42.17 55.96
N GLN A 3107 -89.57 41.37 57.03
CA GLN A 3107 -90.57 40.32 57.16
C GLN A 3107 -91.92 40.89 57.59
N GLU A 3108 -91.91 41.86 58.49
CA GLU A 3108 -93.16 42.50 58.89
C GLU A 3108 -93.70 43.42 57.81
N GLN A 3109 -92.86 43.91 56.91
CA GLN A 3109 -93.29 44.77 55.82
C GLN A 3109 -93.47 43.97 54.53
N TYR A 3127 -88.92 8.33 56.83
CA TYR A 3127 -89.74 7.72 57.87
C TYR A 3127 -89.77 8.57 59.14
N GLU A 3128 -89.08 9.71 59.09
CA GLU A 3128 -89.09 10.70 60.17
C GLU A 3128 -89.87 11.95 59.79
N ALA A 3129 -89.58 12.52 58.63
CA ALA A 3129 -90.36 13.61 58.07
C ALA A 3129 -91.30 13.15 56.96
N ASP A 3130 -91.19 11.89 56.53
CA ASP A 3130 -92.08 11.36 55.50
C ASP A 3130 -93.44 10.98 56.10
N PHE A 3131 -93.44 10.22 57.18
CA PHE A 3131 -94.68 9.88 57.86
C PHE A 3131 -95.20 11.02 58.74
N ARG A 3132 -94.43 12.08 58.93
CA ARG A 3132 -94.90 13.26 59.63
C ARG A 3132 -95.58 14.26 58.71
N LYS A 3133 -95.30 14.22 57.42
CA LYS A 3133 -95.98 15.08 56.45
C LYS A 3133 -97.31 14.52 56.00
N LEU A 3134 -97.60 13.25 56.30
CA LEU A 3134 -98.90 12.67 55.94
C LEU A 3134 -100.01 13.18 56.84
N PHE A 3135 -99.68 13.57 58.07
CA PHE A 3135 -100.68 14.07 59.01
C PHE A 3135 -100.22 15.37 59.65
N ASN A 3155 -81.97 26.92 56.03
CA ASN A 3155 -80.59 27.03 56.51
C ASN A 3155 -80.42 28.18 57.49
N LEU A 3156 -81.44 29.04 57.59
CA LEU A 3156 -81.38 30.15 58.52
C LEU A 3156 -81.68 29.75 59.95
N ASP A 3157 -82.23 28.56 60.17
CA ASP A 3157 -82.44 28.04 61.52
C ASP A 3157 -81.45 26.95 61.87
N ASP A 3158 -80.42 26.76 61.06
CA ASP A 3158 -79.25 25.97 61.44
C ASP A 3158 -78.04 26.85 61.73
N ILE A 3159 -78.11 28.13 61.42
CA ILE A 3159 -77.08 29.08 61.83
C ILE A 3159 -77.44 29.75 63.15
N TYR A 3160 -78.71 30.15 63.30
CA TYR A 3160 -79.18 30.72 64.56
C TYR A 3160 -79.13 29.71 65.69
N PHE A 3161 -79.32 28.42 65.37
CA PHE A 3161 -79.15 27.37 66.36
C PHE A 3161 -77.70 27.23 66.79
N LYS A 3162 -76.75 27.57 65.92
CA LYS A 3162 -75.33 27.50 66.25
C LYS A 3162 -74.75 28.87 66.60
N LEU A 3163 -75.55 29.92 66.63
CA LEU A 3163 -75.15 31.18 67.23
C LEU A 3163 -75.45 31.23 68.72
N ALA A 3164 -76.01 30.15 69.27
CA ALA A 3164 -76.33 30.09 70.69
C ALA A 3164 -75.88 28.81 71.38
N ASP A 3165 -75.53 27.75 70.63
CA ASP A 3165 -74.81 26.65 71.25
C ASP A 3165 -73.37 27.05 71.57
N THR A 3166 -72.76 27.88 70.73
CA THR A 3166 -71.46 28.42 71.08
C THR A 3166 -71.56 29.44 72.20
N TYR A 3167 -72.68 30.16 72.27
CA TYR A 3167 -72.86 31.16 73.32
C TYR A 3167 -73.05 30.52 74.69
N ILE A 3168 -73.54 29.27 74.73
CA ILE A 3168 -73.59 28.54 75.99
C ILE A 3168 -72.24 27.92 76.31
N SER A 3169 -71.59 27.32 75.31
CA SER A 3169 -70.36 26.58 75.54
C SER A 3169 -69.14 27.46 75.83
N VAL A 3170 -69.23 28.77 75.58
CA VAL A 3170 -68.19 29.68 76.07
C VAL A 3170 -68.21 29.74 77.59
N PHE A 3171 -69.40 29.90 78.16
CA PHE A 3171 -69.54 30.13 79.60
C PHE A 3171 -69.60 28.79 80.34
N ASP A 3172 -68.42 28.18 80.45
CA ASP A 3172 -68.27 26.92 81.18
C ASP A 3172 -67.16 27.03 82.22
N LYS A 3173 -66.79 25.90 82.83
CA LYS A 3173 -65.80 25.91 83.89
C LYS A 3173 -64.37 25.90 83.32
N ASP A 3174 -64.02 24.85 82.59
CA ASP A 3174 -62.68 24.71 82.05
C ASP A 3174 -62.75 23.98 80.71
N HIS A 3175 -61.70 24.14 79.91
CA HIS A 3175 -61.71 23.56 78.57
C HIS A 3175 -60.46 22.73 78.31
N ASP A 3176 -59.32 23.12 78.90
CA ASP A 3176 -57.99 22.56 78.63
C ASP A 3176 -57.67 22.64 77.13
N ALA A 3177 -57.49 23.89 76.69
CA ALA A 3177 -57.51 24.25 75.28
C ALA A 3177 -56.39 23.58 74.49
N ASN A 3178 -56.75 23.10 73.29
CA ASN A 3178 -55.83 22.43 72.40
C ASN A 3178 -55.91 23.06 71.02
N PHE A 3179 -54.94 22.71 70.17
CA PHE A 3179 -54.87 23.22 68.81
C PHE A 3179 -55.35 22.23 67.77
N SER A 3180 -55.72 21.01 68.17
CA SER A 3180 -56.15 20.02 67.19
C SER A 3180 -57.59 20.24 66.76
N SER A 3181 -58.46 20.64 67.69
CA SER A 3181 -59.87 20.84 67.41
C SER A 3181 -60.23 22.28 67.12
N GLU A 3182 -59.27 23.21 67.24
CA GLU A 3182 -59.52 24.62 66.96
C GLU A 3182 -58.99 25.04 65.61
N LEU A 3183 -58.38 24.12 64.85
CA LEU A 3183 -57.97 24.41 63.48
C LEU A 3183 -58.87 23.74 62.45
N LYS A 3184 -59.62 22.71 62.84
CA LYS A 3184 -60.61 22.15 61.93
C LYS A 3184 -61.79 23.11 61.74
N SER A 3185 -62.05 23.97 62.72
CA SER A 3185 -62.98 25.07 62.53
C SER A 3185 -62.35 26.24 61.78
N GLY A 3186 -61.03 26.24 61.63
CA GLY A 3186 -60.34 27.25 60.86
C GLY A 3186 -60.20 26.87 59.41
N ALA A 3187 -60.33 25.58 59.11
CA ALA A 3187 -60.28 25.10 57.73
C ALA A 3187 -61.58 25.35 56.97
N ILE A 3188 -62.64 25.75 57.67
CA ILE A 3188 -63.90 26.08 57.01
C ILE A 3188 -63.99 27.57 56.69
N ILE A 3189 -63.40 28.42 57.53
CA ILE A 3189 -63.53 29.87 57.33
C ILE A 3189 -62.64 30.34 56.17
N THR A 3190 -61.56 29.61 55.85
CA THR A 3190 -60.70 30.04 54.76
C THR A 3190 -61.32 29.75 53.40
N THR A 3191 -62.19 28.74 53.30
CA THR A 3191 -62.95 28.56 52.08
C THR A 3191 -64.04 29.61 51.92
N ILE A 3192 -64.43 30.26 53.02
CA ILE A 3192 -65.31 31.43 52.94
C ILE A 3192 -64.50 32.68 52.64
N LEU A 3193 -63.30 32.78 53.22
CA LEU A 3193 -62.52 34.01 53.13
C LEU A 3193 -61.81 34.15 51.80
N SER A 3194 -61.49 33.03 51.13
CA SER A 3194 -60.79 33.09 49.85
C SER A 3194 -61.74 33.12 48.65
N GLU A 3195 -63.01 32.78 48.84
CA GLU A 3195 -63.97 32.82 47.75
C GLU A 3195 -64.81 34.10 47.76
N ASP A 3196 -65.20 34.58 48.95
CA ASP A 3196 -66.03 35.77 49.03
C ASP A 3196 -65.18 37.04 49.02
N LEU A 3197 -64.21 37.13 49.93
CA LEU A 3197 -63.41 38.34 50.07
C LEU A 3197 -62.34 38.39 49.00
N LYS A 3198 -62.25 39.53 48.31
CA LYS A 3198 -61.26 39.76 47.27
C LYS A 3198 -60.38 40.94 47.66
N ASN A 3199 -59.33 41.14 46.84
CA ASN A 3199 -58.27 42.14 47.06
C ASN A 3199 -57.60 41.94 48.43
N THR A 3200 -56.98 40.79 48.58
CA THR A 3200 -56.28 40.41 49.80
C THR A 3200 -54.77 40.52 49.58
N ARG A 3201 -53.99 40.10 50.57
CA ARG A 3201 -52.55 40.23 50.54
C ARG A 3201 -51.90 38.92 50.13
N ILE A 3202 -50.84 39.01 49.32
CA ILE A 3202 -50.07 37.86 48.86
C ILE A 3202 -48.83 37.72 49.73
N GLU A 3203 -48.60 36.53 50.28
CA GLU A 3203 -47.48 36.30 51.17
C GLU A 3203 -46.82 34.96 50.83
N GLU A 3204 -45.63 34.76 51.40
CA GLU A 3204 -44.89 33.53 51.22
C GLU A 3204 -45.43 32.46 52.17
N LEU A 3205 -45.27 31.20 51.79
CA LEU A 3205 -45.60 30.09 52.68
C LEU A 3205 -44.71 30.10 53.91
N LYS A 3206 -45.30 29.74 55.04
CA LYS A 3206 -44.59 29.72 56.31
C LYS A 3206 -44.71 28.34 56.94
N SER A 3207 -43.87 28.09 57.93
CA SER A 3207 -43.88 26.80 58.62
C SER A 3207 -45.05 26.67 59.58
N GLY A 3208 -45.70 27.78 59.94
CA GLY A 3208 -46.86 27.72 60.80
C GLY A 3208 -48.11 27.20 60.11
N SER A 3209 -48.20 27.40 58.80
CA SER A 3209 -49.39 26.99 58.06
C SER A 3209 -49.24 25.63 57.39
N LEU A 3210 -48.03 25.11 57.26
CA LEU A 3210 -47.85 23.76 56.75
C LEU A 3210 -48.07 22.69 57.82
N SER A 3211 -47.97 23.06 59.10
CA SER A 3211 -48.24 22.11 60.17
C SER A 3211 -49.72 21.88 60.40
N ALA A 3212 -50.60 22.66 59.78
CA ALA A 3212 -52.03 22.52 59.96
C ALA A 3212 -52.73 21.89 58.76
N VAL A 3213 -52.19 22.07 57.55
CA VAL A 3213 -52.82 21.50 56.37
C VAL A 3213 -52.54 20.01 56.27
N ILE A 3214 -51.36 19.57 56.73
CA ILE A 3214 -51.07 18.14 56.83
C ILE A 3214 -51.98 17.47 57.86
N ASN A 3215 -52.40 18.21 58.89
CA ASN A 3215 -53.39 17.68 59.83
C ASN A 3215 -54.77 17.54 59.19
N THR A 3216 -55.11 18.42 58.25
CA THR A 3216 -56.44 18.35 57.64
C THR A 3216 -56.54 17.23 56.62
N LEU A 3217 -55.47 16.92 55.90
CA LEU A 3217 -55.52 15.82 54.94
C LEU A 3217 -55.54 14.47 55.65
N ASP A 3218 -54.81 14.33 56.75
CA ASP A 3218 -54.81 13.07 57.48
C ASP A 3218 -56.03 12.93 58.37
N ALA A 3219 -56.76 14.01 58.65
CA ALA A 3219 -58.05 13.87 59.32
C ALA A 3219 -59.11 13.33 58.38
N GLU A 3220 -58.96 13.57 57.08
CA GLU A 3220 -59.94 13.08 56.11
C GLU A 3220 -59.66 11.63 55.73
N THR A 3221 -58.41 11.31 55.43
CA THR A 3221 -58.05 9.96 54.98
C THR A 3221 -58.07 8.93 56.09
N GLN A 3222 -58.16 9.35 57.36
CA GLN A 3222 -58.43 8.43 58.45
C GLN A 3222 -59.91 8.38 58.81
N SER A 3223 -60.74 9.18 58.14
CA SER A 3223 -62.19 9.07 58.29
C SER A 3223 -62.81 8.18 57.23
N PHE A 3224 -62.13 7.99 56.09
CA PHE A 3224 -62.61 7.07 55.06
C PHE A 3224 -62.21 5.62 55.34
N LYS A 3225 -61.18 5.39 56.15
CA LYS A 3225 -60.69 4.05 56.43
C LYS A 3225 -61.29 3.47 57.71
N ASN A 3226 -61.10 4.16 58.83
CA ASN A 3226 -61.53 3.63 60.12
C ASN A 3226 -63.04 3.81 60.31
N THR A 3227 -63.62 2.93 61.12
CA THR A 3227 -65.04 2.98 61.41
C THR A 3227 -65.33 3.83 62.64
N ILE A 3233 -74.58 4.46 63.90
CA ILE A 3233 -75.00 5.83 63.69
C ILE A 3233 -76.51 5.88 63.55
N ASP A 3234 -77.01 7.03 63.10
CA ASP A 3234 -78.45 7.23 62.89
C ASP A 3234 -78.83 6.68 61.52
N PHE A 3235 -79.73 5.70 61.51
CA PHE A 3235 -80.22 5.13 60.26
C PHE A 3235 -81.10 6.17 59.55
N TYR A 3236 -81.14 6.06 58.22
CA TYR A 3236 -81.77 7.00 57.26
C TYR A 3236 -81.38 8.47 57.48
N HIS A 3237 -80.23 8.75 58.12
CA HIS A 3237 -79.63 10.07 58.09
C HIS A 3237 -78.13 10.05 57.81
N ASP A 3238 -77.41 9.06 58.31
CA ASP A 3238 -75.96 9.02 58.21
C ASP A 3238 -75.53 8.66 56.79
N PHE A 3239 -74.25 8.95 56.50
CA PHE A 3239 -73.67 8.68 55.19
C PHE A 3239 -72.79 7.44 55.16
N SER A 3240 -71.91 7.25 56.16
CA SER A 3240 -71.24 5.99 56.48
C SER A 3240 -70.38 5.46 55.32
N ILE A 3241 -69.29 6.20 55.05
CA ILE A 3241 -68.25 5.72 54.12
C ILE A 3241 -67.70 4.32 54.46
N PRO A 3242 -67.34 3.99 55.73
CA PRO A 3242 -66.88 2.61 55.98
C PRO A 3242 -67.97 1.54 55.88
N GLU A 3243 -69.23 1.91 55.68
CA GLU A 3243 -70.29 0.95 55.39
C GLU A 3243 -70.64 0.92 53.90
N PHE A 3244 -70.58 2.06 53.22
CA PHE A 3244 -70.80 2.11 51.78
C PHE A 3244 -69.65 1.44 51.02
N GLN A 3245 -68.45 1.42 51.61
CA GLN A 3245 -67.31 0.78 50.95
C GLN A 3245 -67.43 -0.73 50.98
N LYS A 3246 -68.05 -1.29 52.02
CA LYS A 3246 -68.30 -2.73 52.05
C LYS A 3246 -69.37 -3.11 51.03
N ALA A 3247 -70.37 -2.25 50.83
CA ALA A 3247 -71.36 -2.49 49.80
C ALA A 3247 -70.82 -2.20 48.41
N GLY A 3248 -69.84 -1.30 48.31
CA GLY A 3248 -69.25 -0.99 47.01
C GLY A 3248 -68.38 -2.09 46.46
N ASP A 3249 -67.90 -3.00 47.31
CA ASP A 3249 -67.09 -4.13 46.88
C ASP A 3249 -67.93 -5.36 46.62
N ILE A 3250 -68.96 -5.58 47.43
CA ILE A 3250 -69.76 -6.81 47.32
C ILE A 3250 -70.69 -6.78 46.11
N ILE A 3251 -70.97 -5.60 45.56
CA ILE A 3251 -71.75 -5.49 44.33
C ILE A 3251 -70.83 -5.53 43.11
N GLU A 3252 -69.61 -4.99 43.23
CA GLU A 3252 -68.66 -5.00 42.13
C GLU A 3252 -68.20 -6.41 41.77
N THR A 3253 -68.18 -7.32 42.75
CA THR A 3253 -67.88 -8.72 42.44
C THR A 3253 -69.04 -9.39 41.71
N VAL A 3254 -70.26 -8.90 41.92
CA VAL A 3254 -71.40 -9.40 41.16
C VAL A 3254 -71.37 -8.84 39.74
N LEU A 3255 -70.95 -7.57 39.60
CA LEU A 3255 -70.85 -6.92 38.30
C LEU A 3255 -69.80 -7.57 37.41
N LYS A 3256 -68.74 -8.12 38.01
CA LYS A 3256 -67.72 -8.79 37.22
C LYS A 3256 -68.24 -10.12 36.67
N SER A 3257 -69.07 -10.81 37.44
CA SER A 3257 -69.61 -12.09 37.00
C SER A 3257 -70.73 -11.94 35.96
N VAL A 3258 -71.31 -10.74 35.83
CA VAL A 3258 -72.32 -10.53 34.80
C VAL A 3258 -71.66 -10.42 33.43
N LEU A 3259 -70.57 -9.65 33.34
CA LEU A 3259 -69.88 -9.44 32.08
C LEU A 3259 -69.19 -10.71 31.58
N LYS A 3260 -68.92 -11.67 32.46
CA LYS A 3260 -68.44 -12.97 32.02
C LYS A 3260 -69.56 -13.75 31.34
N LEU A 3261 -70.78 -13.65 31.86
CA LEU A 3261 -71.93 -14.41 31.35
C LEU A 3261 -72.91 -13.53 30.57
N LEU A 3262 -72.41 -12.53 29.85
CA LEU A 3262 -73.28 -11.67 29.03
C LEU A 3262 -73.00 -11.79 27.55
N LYS A 3263 -71.77 -12.16 27.16
CA LYS A 3263 -71.35 -12.03 25.77
C LYS A 3263 -71.99 -13.07 24.85
N GLN A 3264 -72.42 -14.21 25.41
CA GLN A 3264 -73.09 -15.23 24.61
C GLN A 3264 -74.61 -15.11 24.67
N TRP A 3265 -75.14 -14.69 25.81
CA TRP A 3265 -76.55 -14.49 26.15
C TRP A 3265 -77.29 -13.25 25.62
N PRO A 3266 -76.60 -12.11 25.25
CA PRO A 3266 -77.02 -10.76 25.67
C PRO A 3266 -78.50 -10.40 25.77
N GLU A 3267 -79.33 -10.94 24.87
CA GLU A 3267 -80.71 -10.50 24.71
C GLU A 3267 -81.65 -10.87 25.90
N HIS A 3268 -81.19 -11.38 27.04
CA HIS A 3268 -82.09 -11.62 28.16
C HIS A 3268 -82.49 -10.31 28.84
N ALA A 3269 -83.53 -10.39 29.67
CA ALA A 3269 -84.04 -9.23 30.38
C ALA A 3269 -83.47 -9.11 31.79
N THR A 3270 -83.20 -10.24 32.46
CA THR A 3270 -82.67 -10.18 33.81
C THR A 3270 -81.21 -9.74 33.83
N LEU A 3271 -80.41 -10.22 32.87
CA LEU A 3271 -79.02 -9.81 32.78
C LEU A 3271 -78.87 -8.38 32.26
N LYS A 3272 -79.91 -7.84 31.64
CA LYS A 3272 -79.91 -6.43 31.25
C LYS A 3272 -80.42 -5.53 32.36
N GLU A 3273 -81.40 -6.00 33.15
CA GLU A 3273 -82.00 -5.15 34.17
C GLU A 3273 -81.06 -4.91 35.33
N LEU A 3274 -80.48 -5.98 35.89
CA LEU A 3274 -79.61 -5.82 37.05
C LEU A 3274 -78.25 -5.23 36.67
N TYR A 3275 -77.86 -5.29 35.39
CA TYR A 3275 -76.69 -4.57 34.94
C TYR A 3275 -76.93 -3.06 34.94
N ARG A 3276 -78.18 -2.65 34.69
CA ARG A 3276 -78.52 -1.23 34.77
C ARG A 3276 -78.59 -0.78 36.23
N VAL A 3277 -79.10 -1.65 37.10
CA VAL A 3277 -79.27 -1.30 38.51
C VAL A 3277 -77.91 -1.23 39.22
N SER A 3278 -77.02 -2.17 38.91
CA SER A 3278 -75.70 -2.21 39.55
C SER A 3278 -74.84 -1.03 39.12
N GLN A 3279 -75.03 -0.53 37.91
CA GLN A 3279 -74.37 0.72 37.52
C GLN A 3279 -74.97 1.92 38.24
N GLU A 3280 -76.27 1.87 38.54
CA GLU A 3280 -76.91 2.97 39.25
C GLU A 3280 -76.54 2.96 40.73
N PHE A 3281 -76.18 1.80 41.30
CA PHE A 3281 -75.84 1.74 42.71
C PHE A 3281 -74.45 2.34 42.98
N LEU A 3282 -73.51 2.13 42.07
CA LEU A 3282 -72.17 2.68 42.25
C LEU A 3282 -72.11 4.17 41.93
N ASN A 3283 -73.18 4.76 41.42
CA ASN A 3283 -73.21 6.16 41.06
C ASN A 3283 -73.74 7.04 42.18
N TYR A 3284 -74.13 6.45 43.31
CA TYR A 3284 -74.64 7.26 44.42
C TYR A 3284 -73.49 7.99 45.10
N PRO A 3285 -73.63 9.30 45.33
CA PRO A 3285 -72.59 10.02 46.06
C PRO A 3285 -72.63 9.67 47.54
N ILE A 3286 -71.53 9.96 48.23
CA ILE A 3286 -71.51 9.72 49.67
C ILE A 3286 -72.02 10.95 50.40
N LYS A 3287 -73.33 11.14 50.33
CA LYS A 3287 -74.09 12.00 51.23
C LYS A 3287 -75.46 11.38 51.46
N THR A 3288 -75.73 10.24 50.83
CA THR A 3288 -77.03 9.57 50.84
C THR A 3288 -77.25 8.85 52.17
N PRO A 3289 -78.50 8.75 52.61
CA PRO A 3289 -78.80 7.95 53.80
C PRO A 3289 -78.79 6.47 53.47
N LEU A 3290 -78.84 5.65 54.52
CA LEU A 3290 -78.89 4.21 54.35
C LEU A 3290 -80.27 3.68 53.99
N ALA A 3291 -81.30 4.54 53.98
CA ALA A 3291 -82.61 4.10 53.54
C ALA A 3291 -82.63 3.88 52.03
N ARG A 3292 -82.04 4.81 51.27
CA ARG A 3292 -82.01 4.66 49.82
C ARG A 3292 -81.00 3.59 49.41
N GLN A 3293 -79.95 3.40 50.19
CA GLN A 3293 -78.95 2.39 49.86
C GLN A 3293 -79.46 0.98 50.16
N LEU A 3294 -80.29 0.82 51.19
CA LEU A 3294 -80.90 -0.49 51.45
C LEU A 3294 -81.95 -0.83 50.41
N GLN A 3295 -82.53 0.17 49.76
CA GLN A 3295 -83.51 -0.08 48.71
C GLN A 3295 -82.86 -0.66 47.46
N LYS A 3296 -81.70 -0.11 47.06
CA LYS A 3296 -81.04 -0.57 45.85
C LYS A 3296 -80.34 -1.91 46.04
N ILE A 3297 -80.05 -2.31 47.27
CA ILE A 3297 -79.51 -3.64 47.52
C ILE A 3297 -80.64 -4.64 47.74
N GLU A 3298 -81.88 -4.18 47.86
CA GLU A 3298 -83.04 -5.04 47.92
C GLU A 3298 -83.55 -5.41 46.54
N GLN A 3299 -83.52 -4.46 45.59
CA GLN A 3299 -83.96 -4.74 44.24
C GLN A 3299 -82.97 -5.64 43.50
N ILE A 3300 -81.68 -5.50 43.78
CA ILE A 3300 -80.67 -6.30 43.10
C ILE A 3300 -80.63 -7.72 43.67
N TYR A 3301 -81.23 -7.95 44.84
CA TYR A 3301 -81.33 -9.30 45.37
C TYR A 3301 -82.46 -10.08 44.71
N THR A 3302 -83.55 -9.41 44.32
CA THR A 3302 -84.68 -10.11 43.72
C THR A 3302 -84.38 -10.53 42.29
N TYR A 3303 -83.62 -9.71 41.56
CA TYR A 3303 -83.21 -10.09 40.21
C TYR A 3303 -82.18 -11.22 40.26
N LEU A 3304 -81.33 -11.23 41.29
CA LEU A 3304 -80.35 -12.30 41.44
C LEU A 3304 -81.02 -13.59 41.90
N ALA A 3305 -82.14 -13.50 42.59
CA ALA A 3305 -82.82 -14.69 43.07
C ALA A 3305 -83.57 -15.41 41.95
N GLU A 3306 -84.25 -14.65 41.07
CA GLU A 3306 -85.01 -15.28 40.01
C GLU A 3306 -84.14 -15.79 38.88
N TRP A 3307 -82.94 -15.23 38.69
CA TRP A 3307 -82.04 -15.75 37.67
C TRP A 3307 -81.36 -17.03 38.11
N GLU A 3308 -81.27 -17.28 39.43
CA GLU A 3308 -80.71 -18.52 39.92
C GLU A 3308 -81.67 -19.68 39.69
N LYS A 3309 -82.98 -19.41 39.62
CA LYS A 3309 -83.97 -20.47 39.50
C LYS A 3309 -84.11 -20.96 38.06
N TYR A 3310 -84.23 -20.05 37.10
CA TYR A 3310 -84.46 -20.44 35.71
C TYR A 3310 -83.21 -21.01 35.05
N ALA A 3311 -82.03 -20.56 35.46
CA ALA A 3311 -80.80 -20.99 34.81
C ALA A 3311 -80.39 -22.38 35.30
N SER A 3312 -79.31 -22.90 34.71
CA SER A 3312 -78.86 -24.26 34.98
C SER A 3312 -78.01 -24.29 36.25
N SER A 3313 -77.37 -25.42 36.50
CA SER A 3313 -76.55 -25.61 37.69
C SER A 3313 -75.09 -25.22 37.48
N GLU A 3314 -74.73 -24.74 36.29
CA GLU A 3314 -73.37 -24.29 36.02
C GLU A 3314 -73.16 -22.82 36.37
N VAL A 3315 -74.10 -22.21 37.08
CA VAL A 3315 -73.99 -20.79 37.43
C VAL A 3315 -72.96 -20.59 38.53
N SER A 3316 -73.08 -21.37 39.62
CA SER A 3316 -72.15 -21.40 40.75
C SER A 3316 -72.03 -20.04 41.43
N LEU A 3317 -73.17 -19.33 41.56
CA LEU A 3317 -73.23 -18.07 42.30
C LEU A 3317 -73.89 -18.23 43.66
N ASN A 3318 -73.70 -19.38 44.31
CA ASN A 3318 -74.13 -19.54 45.70
C ASN A 3318 -73.27 -18.68 46.63
N ASN A 3319 -72.02 -18.43 46.24
CA ASN A 3319 -71.11 -17.62 47.04
C ASN A 3319 -71.48 -16.15 47.05
N THR A 3320 -72.26 -15.68 46.07
CA THR A 3320 -72.66 -14.29 45.99
C THR A 3320 -74.03 -14.02 46.61
N VAL A 3321 -74.96 -14.97 46.54
CA VAL A 3321 -76.27 -14.77 47.15
C VAL A 3321 -76.17 -14.81 48.67
N LYS A 3322 -75.29 -15.67 49.19
CA LYS A 3322 -75.10 -15.80 50.63
C LYS A 3322 -74.44 -14.55 51.23
N LEU A 3323 -73.57 -13.89 50.48
CA LEU A 3323 -72.92 -12.68 50.99
C LEU A 3323 -73.84 -11.47 50.94
N ILE A 3324 -74.72 -11.38 49.95
CA ILE A 3324 -75.71 -10.29 49.91
C ILE A 3324 -76.76 -10.47 51.01
N THR A 3325 -77.13 -11.72 51.29
CA THR A 3325 -78.13 -12.00 52.32
C THR A 3325 -77.65 -11.59 53.71
N ASP A 3326 -76.39 -11.91 54.04
CA ASP A 3326 -75.86 -11.57 55.35
C ASP A 3326 -75.59 -10.09 55.51
N LEU A 3327 -75.47 -9.34 54.41
CA LEU A 3327 -75.27 -7.90 54.52
C LEU A 3327 -76.59 -7.18 54.78
N ILE A 3328 -77.68 -7.65 54.18
CA ILE A 3328 -79.00 -7.05 54.42
C ILE A 3328 -79.47 -7.35 55.84
N VAL A 3329 -79.14 -8.53 56.36
CA VAL A 3329 -79.39 -8.84 57.77
C VAL A 3329 -78.54 -7.93 58.67
N SER A 3330 -77.31 -7.64 58.24
CA SER A 3330 -76.43 -6.77 59.02
C SER A 3330 -76.88 -5.31 59.01
N TRP A 3331 -77.67 -4.89 58.01
CA TRP A 3331 -78.18 -3.54 57.99
C TRP A 3331 -79.52 -3.38 58.69
N ARG A 3332 -80.21 -4.48 58.97
CA ARG A 3332 -81.42 -4.40 59.78
C ARG A 3332 -81.13 -4.27 61.26
N LYS A 3333 -79.95 -4.71 61.70
CA LYS A 3333 -79.59 -4.58 63.12
C LYS A 3333 -79.30 -3.14 63.48
N LEU A 3334 -78.75 -2.36 62.55
CA LEU A 3334 -78.54 -0.94 62.80
C LEU A 3334 -79.85 -0.16 62.79
N GLU A 3335 -80.85 -0.66 62.08
CA GLU A 3335 -82.18 -0.03 62.11
C GLU A 3335 -82.85 -0.25 63.46
N LEU A 3336 -82.66 -1.43 64.06
CA LEU A 3336 -83.26 -1.73 65.36
C LEU A 3336 -82.64 -0.90 66.48
N ARG A 3337 -81.40 -0.43 66.32
CA ARG A 3337 -80.80 0.43 67.32
C ARG A 3337 -81.38 1.83 67.33
N THR A 3338 -81.92 2.29 66.20
CA THR A 3338 -82.59 3.59 66.17
C THR A 3338 -84.00 3.52 66.70
N TRP A 3339 -84.63 2.34 66.67
CA TRP A 3339 -85.92 2.16 67.32
C TRP A 3339 -85.81 1.99 68.82
N LYS A 3340 -84.61 1.63 69.31
CA LYS A 3340 -84.44 1.41 70.74
C LYS A 3340 -84.48 2.73 71.50
N GLY A 3341 -83.56 3.64 71.20
CA GLY A 3341 -83.59 4.93 71.85
C GLY A 3341 -84.73 5.82 71.37
N LEU A 3342 -84.60 6.36 70.16
CA LEU A 3342 -85.65 7.05 69.39
C LEU A 3342 -86.17 8.35 70.02
N PHE A 3343 -85.78 8.66 71.25
CA PHE A 3343 -86.20 9.88 71.92
C PHE A 3343 -85.07 10.89 72.06
N ASN A 3344 -83.82 10.48 71.82
CA ASN A 3344 -82.71 11.43 71.83
C ASN A 3344 -82.79 12.38 70.64
N SER A 3345 -83.33 11.92 69.52
CA SER A 3345 -83.57 12.79 68.39
C SER A 3345 -84.79 13.68 68.61
N GLU A 3346 -85.78 13.19 69.36
CA GLU A 3346 -86.96 14.00 69.65
C GLU A 3346 -86.64 15.08 70.68
N ASP A 3347 -85.74 14.81 71.61
CA ASP A 3347 -85.30 15.83 72.55
C ASP A 3347 -84.36 16.85 71.92
N ALA A 3348 -83.80 16.53 70.75
CA ALA A 3348 -82.96 17.48 70.04
C ALA A 3348 -83.74 18.38 69.11
N LYS A 3349 -84.87 17.89 68.56
CA LYS A 3349 -85.68 18.74 67.69
C LYS A 3349 -86.45 19.79 68.47
N THR A 3350 -86.74 19.53 69.75
CA THR A 3350 -87.27 20.57 70.62
C THR A 3350 -86.17 21.44 71.23
N ARG A 3351 -84.91 21.02 71.08
CA ARG A 3351 -83.78 21.85 71.46
C ARG A 3351 -83.44 22.86 70.36
N LYS A 3352 -83.89 22.62 69.13
CA LYS A 3352 -83.57 23.51 68.02
C LYS A 3352 -84.36 24.82 68.04
N SER A 3353 -85.20 25.05 69.04
CA SER A 3353 -85.88 26.33 69.23
C SER A 3353 -85.08 27.31 70.07
N ILE A 3354 -83.82 26.98 70.36
CA ILE A 3354 -82.93 27.89 71.07
C ILE A 3354 -82.59 29.11 70.20
N GLY A 3355 -82.49 28.92 68.89
CA GLY A 3355 -81.98 29.93 67.98
C GLY A 3355 -82.85 31.17 67.84
N LYS A 3356 -84.14 31.07 68.18
CA LYS A 3356 -85.02 32.23 68.18
C LYS A 3356 -85.30 32.75 69.59
N TRP A 3357 -84.78 32.09 70.62
CA TRP A 3357 -84.88 32.57 71.98
C TRP A 3357 -83.75 33.51 72.36
N TRP A 3358 -82.60 33.38 71.69
CA TRP A 3358 -81.43 34.17 72.07
C TRP A 3358 -81.61 35.64 71.71
N PHE A 3359 -82.25 35.91 70.58
CA PHE A 3359 -82.49 37.29 70.17
C PHE A 3359 -83.60 37.95 70.97
N TYR A 3360 -84.48 37.17 71.59
CA TYR A 3360 -85.56 37.75 72.38
C TYR A 3360 -85.06 38.28 73.72
N LEU A 3361 -84.12 37.57 74.34
CA LEU A 3361 -83.59 38.03 75.62
C LEU A 3361 -82.51 39.09 75.47
N TYR A 3362 -81.89 39.18 74.29
CA TYR A 3362 -80.84 40.17 74.08
C TYR A 3362 -81.40 41.59 73.94
N GLU A 3363 -82.69 41.71 73.59
CA GLU A 3363 -83.27 43.04 73.41
C GLU A 3363 -83.71 43.65 74.74
N SER A 3364 -84.04 42.82 75.72
CA SER A 3364 -84.52 43.31 77.00
C SER A 3364 -83.45 43.39 78.08
N ILE A 3365 -82.40 42.58 77.98
CA ILE A 3365 -81.38 42.51 79.02
C ILE A 3365 -80.20 43.43 78.69
N VAL A 3366 -79.57 43.20 77.54
CA VAL A 3366 -78.30 43.84 77.23
C VAL A 3366 -78.50 45.28 76.76
N ILE A 3367 -79.57 45.54 76.01
CA ILE A 3367 -79.84 46.91 75.55
C ILE A 3367 -80.27 47.80 76.72
N SER A 3368 -80.98 47.24 77.70
CA SER A 3368 -81.24 47.97 78.94
C SER A 3368 -79.96 48.21 79.73
N ASN A 3369 -79.02 47.27 79.65
CA ASN A 3369 -77.69 47.49 80.21
C ASN A 3369 -76.91 48.51 79.40
N PHE A 3370 -77.15 48.57 78.10
CA PHE A 3370 -76.43 49.46 77.19
C PHE A 3370 -76.79 50.92 77.40
N ASN A 3380 -87.25 50.45 84.78
CA ASN A 3380 -86.16 49.62 84.28
C ASN A 3380 -86.23 48.22 84.90
N ALA A 3381 -86.27 48.18 86.24
CA ALA A 3381 -86.27 46.89 86.93
C ALA A 3381 -87.61 46.18 86.79
N THR A 3382 -88.70 46.91 86.95
CA THR A 3382 -90.03 46.31 86.79
C THR A 3382 -90.35 46.01 85.34
N LEU A 3383 -89.69 46.69 84.39
CA LEU A 3383 -89.93 46.43 82.98
C LEU A 3383 -89.21 45.17 82.53
N LEU A 3384 -88.11 44.79 83.20
CA LEU A 3384 -87.38 43.60 82.81
C LEU A 3384 -88.08 42.32 83.28
N VAL A 3385 -88.59 42.31 84.51
CA VAL A 3385 -89.22 41.12 85.07
C VAL A 3385 -90.50 40.77 84.32
N SER A 3386 -91.33 41.80 84.03
CA SER A 3386 -92.53 41.59 83.24
C SER A 3386 -92.21 41.19 81.80
N SER A 3387 -91.03 41.55 81.30
CA SER A 3387 -90.57 41.03 80.02
C SER A 3387 -89.93 39.65 80.14
N LEU A 3388 -89.59 39.23 81.36
CA LEU A 3388 -89.02 37.92 81.58
C LEU A 3388 -90.01 36.94 82.21
N ASN A 3389 -91.06 37.44 82.85
CA ASN A 3389 -92.12 36.57 83.35
C ASN A 3389 -92.90 35.93 82.20
N LEU A 3390 -93.01 36.63 81.07
CA LEU A 3390 -93.63 36.05 79.88
C LEU A 3390 -92.73 35.01 79.21
N PHE A 3391 -91.44 35.00 79.53
CA PHE A 3391 -90.53 34.05 78.90
C PHE A 3391 -90.67 32.65 79.51
N PHE A 3392 -91.03 32.57 80.79
CA PHE A 3392 -91.18 31.28 81.47
C PHE A 3392 -92.62 30.83 81.61
N SER A 3393 -93.57 31.76 81.70
CA SER A 3393 -94.96 31.37 81.88
C SER A 3393 -95.58 30.85 80.59
N LYS A 3394 -95.36 31.56 79.48
CA LYS A 3394 -95.87 31.14 78.17
C LYS A 3394 -94.86 30.16 77.54
N SER A 3395 -94.76 28.99 78.15
CA SER A 3395 -93.76 28.01 77.77
C SER A 3395 -94.37 26.61 77.81
N THR A 3396 -93.61 25.65 77.34
CA THR A 3396 -94.02 24.26 77.29
C THR A 3396 -93.34 23.49 78.42
N LEU A 3397 -93.52 22.17 78.45
CA LEU A 3397 -92.93 21.32 79.46
C LEU A 3397 -91.61 20.70 79.04
N GLY A 3398 -91.47 20.33 77.77
CA GLY A 3398 -90.22 19.74 77.31
C GLY A 3398 -89.14 20.76 77.01
N GLU A 3399 -89.54 21.96 76.63
CA GLU A 3399 -88.60 23.05 76.35
C GLU A 3399 -88.49 24.01 77.53
N PHE A 3400 -88.57 23.50 78.76
CA PHE A 3400 -88.41 24.31 79.95
C PHE A 3400 -87.00 24.25 80.52
N ASN A 3401 -86.32 23.11 80.41
CA ASN A 3401 -84.93 23.04 80.87
C ASN A 3401 -83.99 23.78 79.94
N ALA A 3402 -84.34 23.90 78.66
CA ALA A 3402 -83.52 24.67 77.73
C ALA A 3402 -83.68 26.17 77.93
N ARG A 3403 -84.70 26.60 78.68
CA ARG A 3403 -84.84 28.02 79.02
C ARG A 3403 -83.99 28.39 80.24
N LEU A 3404 -83.95 27.50 81.24
CA LEU A 3404 -83.10 27.74 82.40
C LEU A 3404 -81.62 27.53 82.08
N ASP A 3405 -81.31 26.80 81.01
CA ASP A 3405 -79.93 26.61 80.60
C ASP A 3405 -79.43 27.75 79.72
N LEU A 3406 -80.27 28.74 79.45
CA LEU A 3406 -79.90 29.88 78.63
C LEU A 3406 -79.98 31.22 79.36
N VAL A 3407 -80.89 31.37 80.33
CA VAL A 3407 -80.90 32.60 81.12
C VAL A 3407 -79.68 32.62 82.05
N LYS A 3408 -79.19 31.44 82.46
CA LYS A 3408 -77.92 31.36 83.16
C LYS A 3408 -76.75 31.78 82.27
N ALA A 3409 -76.88 31.61 80.95
CA ALA A 3409 -75.83 32.06 80.04
C ALA A 3409 -75.82 33.57 79.85
N PHE A 3410 -76.89 34.26 80.23
CA PHE A 3410 -76.85 35.71 80.33
C PHE A 3410 -76.52 36.21 81.73
N TYR A 3411 -76.65 35.35 82.74
CA TYR A 3411 -76.25 35.76 84.08
C TYR A 3411 -74.73 35.76 84.22
N LYS A 3412 -74.05 34.83 83.57
CA LYS A 3412 -72.60 34.85 83.54
C LYS A 3412 -72.04 35.82 82.52
N HIS A 3413 -72.90 36.39 81.67
CA HIS A 3413 -72.49 37.42 80.73
C HIS A 3413 -72.33 38.78 81.40
N ILE A 3414 -72.94 38.97 82.56
CA ILE A 3414 -72.90 40.26 83.23
C ILE A 3414 -71.83 40.23 84.32
N GLN A 3415 -71.63 39.07 84.93
CA GLN A 3415 -70.48 38.90 85.82
C GLN A 3415 -69.17 38.89 85.06
N LEU A 3416 -69.19 38.61 83.76
CA LEU A 3416 -67.98 38.75 82.95
C LEU A 3416 -67.66 40.22 82.71
N ILE A 3417 -68.68 41.07 82.64
CA ILE A 3417 -68.45 42.51 82.48
C ILE A 3417 -67.86 43.10 83.76
N GLY A 3418 -68.46 42.78 84.89
CA GLY A 3418 -67.95 43.20 86.18
C GLY A 3418 -68.89 44.16 86.89
N LEU A 3419 -68.31 45.04 87.70
CA LEU A 3419 -69.09 46.00 88.48
C LEU A 3419 -69.19 47.29 87.66
N ARG A 3420 -70.08 47.24 86.68
CA ARG A 3420 -70.52 48.42 85.95
C ARG A 3420 -72.01 48.66 86.07
N SER A 3421 -72.81 47.58 86.02
CA SER A 3421 -74.24 47.62 86.31
C SER A 3421 -74.53 46.41 87.20
N SER A 3422 -74.42 46.62 88.52
CA SER A 3422 -74.66 45.54 89.47
C SER A 3422 -76.14 45.30 89.74
N LYS A 3423 -77.01 46.24 89.36
CA LYS A 3423 -78.45 46.02 89.55
C LYS A 3423 -78.97 45.00 88.57
N ILE A 3424 -78.49 45.03 87.32
CA ILE A 3424 -79.00 44.15 86.28
C ILE A 3424 -78.55 42.70 86.46
N ALA A 3425 -77.54 42.47 87.31
CA ALA A 3425 -77.22 41.12 87.75
C ALA A 3425 -78.01 40.71 88.97
N GLY A 3426 -78.77 41.62 89.57
CA GLY A 3426 -79.63 41.30 90.69
C GLY A 3426 -81.06 41.02 90.25
N LEU A 3427 -81.46 41.63 89.13
CA LEU A 3427 -82.76 41.33 88.56
C LEU A 3427 -82.80 39.94 87.94
N LEU A 3428 -81.65 39.41 87.54
CA LEU A 3428 -81.58 38.13 86.85
C LEU A 3428 -81.22 36.97 87.77
N HIS A 3429 -80.66 37.22 88.95
CA HIS A 3429 -80.37 36.09 89.83
C HIS A 3429 -81.60 35.62 90.59
N ASN A 3430 -82.53 36.52 90.90
CA ASN A 3430 -83.73 36.13 91.62
C ASN A 3430 -84.68 35.34 90.72
N THR A 3431 -84.80 35.76 89.46
CA THR A 3431 -85.73 35.11 88.54
C THR A 3431 -85.25 33.73 88.09
N ILE A 3432 -83.96 33.45 88.18
CA ILE A 3432 -83.49 32.09 87.88
C ILE A 3432 -83.84 31.15 89.03
N LYS A 3433 -83.57 31.58 90.27
CA LYS A 3433 -83.81 30.72 91.42
C LYS A 3433 -85.31 30.53 91.69
N PHE A 3434 -86.13 31.53 91.35
CA PHE A 3434 -87.56 31.40 91.57
C PHE A 3434 -88.20 30.42 90.61
N TYR A 3435 -87.68 30.29 89.39
CA TYR A 3435 -88.18 29.30 88.44
C TYR A 3435 -87.33 28.04 88.39
N TYR A 3436 -86.21 28.00 89.12
CA TYR A 3436 -85.53 26.74 89.39
C TYR A 3436 -86.25 25.94 90.45
N GLN A 3437 -87.14 26.59 91.21
CA GLN A 3437 -87.87 25.98 92.30
C GLN A 3437 -88.90 24.97 91.81
N PHE A 3438 -89.41 25.15 90.58
CA PHE A 3438 -90.44 24.29 90.03
C PHE A 3438 -89.90 23.14 89.20
N LYS A 3439 -88.58 23.06 89.00
CA LYS A 3439 -88.00 22.06 88.12
C LYS A 3439 -88.14 20.60 88.60
N PRO A 3440 -88.03 20.24 89.89
CA PRO A 3440 -88.34 18.85 90.26
C PRO A 3440 -89.80 18.44 90.09
N LEU A 3441 -90.74 19.38 89.98
CA LEU A 3441 -92.11 19.01 89.66
C LEU A 3441 -92.26 18.70 88.17
N ILE A 3442 -91.62 19.49 87.31
CA ILE A 3442 -91.71 19.27 85.87
C ILE A 3442 -90.90 18.05 85.45
N ASP A 3443 -89.76 17.82 86.12
CA ASP A 3443 -88.97 16.63 85.83
C ASP A 3443 -89.67 15.36 86.30
N GLU A 3444 -90.54 15.47 87.30
CA GLU A 3444 -91.33 14.32 87.74
C GLU A 3444 -92.44 13.98 86.76
N ARG A 3445 -93.00 15.00 86.08
CA ARG A 3445 -94.12 14.78 85.19
C ARG A 3445 -93.69 14.09 83.89
N ILE A 3446 -92.43 14.25 83.50
CA ILE A 3446 -91.94 13.64 82.27
C ILE A 3446 -91.45 12.21 82.50
N THR A 3447 -90.69 11.99 83.57
CA THR A 3447 -90.01 10.71 83.76
C THR A 3447 -90.93 9.59 84.21
N ASN A 3448 -92.18 9.88 84.59
CA ASN A 3448 -93.14 8.81 84.81
C ASN A 3448 -94.03 8.57 83.60
N GLY A 3449 -94.27 9.60 82.79
CA GLY A 3449 -95.01 9.42 81.55
C GLY A 3449 -94.21 8.69 80.50
N LYS A 3450 -92.87 8.79 80.57
CA LYS A 3450 -92.02 8.04 79.66
C LYS A 3450 -91.98 6.55 80.00
N LYS A 3451 -92.36 6.18 81.22
CA LYS A 3451 -92.41 4.76 81.57
C LYS A 3451 -93.57 4.05 80.92
N SER A 3452 -94.63 4.79 80.55
CA SER A 3452 -95.74 4.18 79.81
C SER A 3452 -95.40 3.94 78.35
N LEU A 3453 -94.52 4.77 77.78
CA LEU A 3453 -94.18 4.68 76.36
C LEU A 3453 -92.92 3.89 76.08
N GLU A 3454 -92.02 3.73 77.05
CA GLU A 3454 -90.80 2.97 76.82
C GLU A 3454 -91.09 1.47 76.77
N LYS A 3455 -92.05 1.01 77.56
CA LYS A 3455 -92.41 -0.41 77.53
C LYS A 3455 -93.15 -0.77 76.25
N GLU A 3456 -93.92 0.16 75.69
CA GLU A 3456 -94.67 -0.11 74.47
C GLU A 3456 -93.74 -0.21 73.27
N ILE A 3457 -92.67 0.57 73.23
CA ILE A 3457 -91.69 0.44 72.15
C ILE A 3457 -90.83 -0.80 72.35
N ASP A 3458 -90.53 -1.16 73.61
CA ASP A 3458 -89.71 -2.34 73.89
C ASP A 3458 -90.45 -3.64 73.56
N ASP A 3459 -91.78 -3.61 73.48
CA ASP A 3459 -92.53 -4.79 73.07
C ASP A 3459 -92.48 -5.00 71.56
N ILE A 3460 -92.55 -3.93 70.78
CA ILE A 3460 -92.63 -4.07 69.33
C ILE A 3460 -91.25 -4.39 68.73
N ILE A 3461 -90.16 -4.09 69.44
CA ILE A 3461 -88.83 -4.44 68.95
C ILE A 3461 -88.56 -5.93 69.16
N LEU A 3462 -89.05 -6.49 70.27
CA LEU A 3462 -88.88 -7.91 70.52
C LEU A 3462 -89.73 -8.79 69.61
N LEU A 3463 -90.79 -8.24 69.00
CA LEU A 3463 -91.56 -9.01 68.03
C LEU A 3463 -90.80 -9.16 66.72
N ALA A 3464 -90.18 -8.08 66.24
CA ALA A 3464 -89.46 -8.11 64.96
C ALA A 3464 -88.12 -8.80 65.16
N SER A 3465 -88.16 -10.13 65.10
CA SER A 3465 -86.97 -10.96 65.16
C SER A 3465 -87.10 -12.07 64.13
N TRP A 3466 -85.97 -12.47 63.56
CA TRP A 3466 -85.96 -13.40 62.43
C TRP A 3466 -85.44 -14.76 62.84
N LYS A 3467 -86.08 -15.80 62.30
CA LYS A 3467 -85.61 -17.18 62.32
C LYS A 3467 -85.90 -17.75 60.95
N ASP A 3468 -84.88 -18.34 60.31
CA ASP A 3468 -84.93 -18.80 58.91
C ASP A 3468 -85.32 -17.64 57.99
N VAL A 3469 -84.35 -16.73 57.86
CA VAL A 3469 -84.47 -15.27 57.65
C VAL A 3469 -85.57 -14.83 56.69
N ASN A 3470 -85.55 -15.35 55.46
CA ASN A 3470 -86.58 -15.11 54.43
C ASN A 3470 -86.72 -13.61 54.13
N VAL A 3471 -85.67 -13.08 53.48
CA VAL A 3471 -85.43 -11.64 53.27
C VAL A 3471 -86.62 -10.92 52.65
N ASP A 3472 -87.43 -11.60 51.83
CA ASP A 3472 -88.65 -11.01 51.30
C ASP A 3472 -89.66 -10.71 52.40
N ALA A 3473 -89.72 -11.54 53.45
CA ALA A 3473 -90.64 -11.29 54.55
C ALA A 3473 -90.15 -10.22 55.51
N LEU A 3474 -88.89 -9.79 55.40
CA LEU A 3474 -88.39 -8.75 56.29
C LEU A 3474 -88.92 -7.37 55.91
N LYS A 3475 -89.16 -7.13 54.62
CA LYS A 3475 -89.64 -5.82 54.19
C LYS A 3475 -91.11 -5.62 54.56
N GLN A 3476 -91.91 -6.68 54.53
CA GLN A 3476 -93.31 -6.57 54.92
C GLN A 3476 -93.48 -6.42 56.43
N SER A 3477 -92.50 -6.88 57.21
CA SER A 3477 -92.53 -6.66 58.66
C SER A 3477 -92.02 -5.27 59.05
N SER A 3478 -91.49 -4.50 58.10
CA SER A 3478 -91.00 -3.17 58.42
C SER A 3478 -92.11 -2.13 58.36
N ARG A 3479 -92.91 -2.15 57.28
CA ARG A 3479 -93.95 -1.14 57.07
C ARG A 3479 -95.05 -1.23 58.12
N LYS A 3480 -95.33 -2.43 58.62
CA LYS A 3480 -96.24 -2.57 59.75
C LYS A 3480 -95.65 -1.97 61.02
N SER A 3481 -94.33 -2.04 61.19
CA SER A 3481 -93.68 -1.47 62.36
C SER A 3481 -93.57 0.05 62.27
N HIS A 3482 -93.43 0.61 61.07
CA HIS A 3482 -93.35 2.06 60.94
C HIS A 3482 -94.68 2.74 61.17
N ASN A 3483 -95.79 2.02 61.03
CA ASN A 3483 -97.10 2.64 61.23
C ASN A 3483 -97.42 2.80 62.71
N ASN A 3484 -97.01 1.84 63.54
CA ASN A 3484 -97.31 1.92 64.97
C ASN A 3484 -96.41 2.91 65.70
N LEU A 3485 -95.18 3.08 65.24
CA LEU A 3485 -94.24 3.95 65.93
C LEU A 3485 -94.51 5.43 65.74
N TYR A 3486 -95.34 5.81 64.77
CA TYR A 3486 -95.63 7.23 64.59
C TYR A 3486 -96.58 7.75 65.66
N LYS A 3487 -97.50 6.91 66.15
CA LYS A 3487 -98.45 7.38 67.14
C LYS A 3487 -97.78 7.55 68.51
N ILE A 3488 -96.79 6.70 68.82
CA ILE A 3488 -96.09 6.81 70.10
C ILE A 3488 -95.25 8.08 70.14
N VAL A 3489 -94.65 8.46 69.01
CA VAL A 3489 -93.98 9.75 68.91
C VAL A 3489 -94.99 10.88 68.99
N ARG A 3490 -96.18 10.68 68.41
CA ARG A 3490 -97.23 11.69 68.47
C ARG A 3490 -97.77 11.83 69.88
N LYS A 3491 -97.85 10.73 70.63
CA LYS A 3491 -98.26 10.82 72.03
C LYS A 3491 -97.15 11.38 72.90
N TYR A 3492 -95.89 11.19 72.50
CA TYR A 3492 -94.78 11.75 73.28
C TYR A 3492 -94.67 13.26 73.09
N ARG A 3493 -95.13 13.78 71.95
CA ARG A 3493 -95.16 15.21 71.74
C ARG A 3493 -96.28 15.90 72.52
N ASP A 3494 -97.20 15.14 73.11
CA ASP A 3494 -98.21 15.75 73.97
C ASP A 3494 -97.68 16.05 75.36
N LEU A 3495 -96.71 15.26 75.84
CA LEU A 3495 -96.08 15.56 77.12
C LEU A 3495 -95.14 16.75 77.02
N LEU A 3496 -94.42 16.88 75.90
CA LEU A 3496 -93.46 17.97 75.79
C LEU A 3496 -94.16 19.29 75.50
N ASN A 3497 -95.15 19.30 74.61
CA ASN A 3497 -95.80 20.54 74.20
C ASN A 3497 -97.00 20.90 75.06
N GLY A 3498 -97.20 20.21 76.18
CA GLY A 3498 -98.21 20.64 77.13
C GLY A 3498 -97.82 21.94 77.80
N ASP A 3499 -98.83 22.67 78.28
CA ASP A 3499 -98.59 23.97 78.88
C ASP A 3499 -97.93 23.84 80.25
N ALA A 3500 -97.07 24.82 80.55
CA ALA A 3500 -96.39 24.87 81.84
C ALA A 3500 -96.94 25.97 82.75
N LYS A 3501 -97.98 26.68 82.30
CA LYS A 3501 -98.61 27.70 83.14
C LYS A 3501 -99.45 27.07 84.24
N THR A 3502 -99.88 25.82 84.07
CA THR A 3502 -100.73 25.16 85.06
C THR A 3502 -99.95 24.79 86.33
N ILE A 3503 -98.68 24.42 86.18
CA ILE A 3503 -97.89 24.03 87.35
C ILE A 3503 -97.47 25.27 88.15
N ILE A 3504 -97.21 26.38 87.47
CA ILE A 3504 -96.81 27.62 88.14
C ILE A 3504 -97.98 28.19 88.93
N GLU A 3505 -99.18 28.17 88.36
CA GLU A 3505 -100.36 28.70 89.05
C GLU A 3505 -100.90 27.76 90.12
N ALA A 3506 -100.45 26.50 90.16
CA ALA A 3506 -100.93 25.57 91.16
C ALA A 3506 -100.16 25.67 92.48
N GLY A 3507 -98.94 26.18 92.46
CA GLY A 3507 -98.14 26.28 93.67
C GLY A 3507 -97.47 24.96 94.02
N LEU A 3508 -96.72 25.00 95.11
CA LEU A 3508 -96.00 23.84 95.59
C LEU A 3508 -96.88 23.00 96.52
N LEU A 3509 -96.40 21.78 96.81
CA LEU A 3509 -97.14 20.88 97.68
C LEU A 3509 -97.02 21.32 99.15
N TYR A 3510 -95.80 21.29 99.68
CA TYR A 3510 -95.55 21.73 101.05
C TYR A 3510 -94.08 22.12 101.21
N UNK A 3511 -88.71 17.72 106.63
CA UNK A 3511 -89.53 18.69 105.94
C UNK A 3511 -89.09 20.12 106.25
N UNK A 3512 -87.78 20.30 106.41
CA UNK A 3512 -87.23 21.60 106.74
C UNK A 3512 -85.80 21.74 106.19
N UNK A 3513 -82.29 22.59 106.67
CA UNK A 3513 -81.26 22.40 105.66
C UNK A 3513 -79.88 22.65 106.25
N UNK A 3514 -78.85 22.15 105.56
CA UNK A 3514 -77.47 22.34 105.99
C UNK A 3514 -76.96 23.72 105.58
N UNK A 3515 -75.76 24.05 106.04
CA UNK A 3515 -75.13 25.32 105.73
C UNK A 3515 -73.65 25.08 105.49
N UNK A 3516 -72.92 26.17 105.22
CA UNK A 3516 -71.48 26.07 104.97
C UNK A 3516 -70.69 25.86 106.26
N UNK A 3517 -71.22 26.37 107.38
CA UNK A 3517 -70.64 26.27 108.72
C UNK A 3517 -69.22 26.84 108.77
N UNK A 3518 -69.13 28.15 108.54
CA UNK A 3518 -67.85 28.84 108.54
C UNK A 3518 -67.33 28.98 109.96
N UNK A 3519 -66.20 28.35 110.25
CA UNK A 3519 -65.60 28.41 111.57
C UNK A 3519 -64.10 28.15 111.45
N UNK A 3520 -63.31 29.22 111.58
CA UNK A 3520 -61.85 29.10 111.51
C UNK A 3520 -61.26 30.27 112.30
N UNK A 3521 -60.78 30.00 113.51
CA UNK A 3521 -60.31 31.05 114.40
C UNK A 3521 -58.83 30.94 114.72
N UNK A 3522 -58.36 29.81 115.24
CA UNK A 3522 -57.01 29.68 115.78
C UNK A 3522 -56.00 29.20 114.75
N UNK A 3523 -56.22 29.47 113.46
CA UNK A 3523 -55.28 29.02 112.44
C UNK A 3523 -54.04 29.90 112.41
N UNK A 3524 -54.19 31.21 112.58
CA UNK A 3524 -53.09 32.15 112.51
C UNK A 3524 -52.82 32.85 113.84
N UNK A 3525 -53.40 32.36 114.94
CA UNK A 3525 -53.12 32.96 116.24
C UNK A 3525 -51.72 32.61 116.73
N UNK A 3526 -51.23 31.44 116.34
CA UNK A 3526 -49.88 31.02 116.71
C UNK A 3526 -49.24 30.19 115.60
N UNK A 3527 -43.15 34.25 116.01
CA UNK A 3527 -42.33 35.41 115.69
C UNK A 3527 -43.00 36.70 116.14
N UNK A 3528 -43.86 36.59 117.15
CA UNK A 3528 -44.59 37.74 117.66
C UNK A 3528 -44.02 38.29 118.96
N UNK A 3529 -43.24 37.49 119.70
CA UNK A 3529 -42.66 37.97 120.94
C UNK A 3529 -41.52 38.94 120.68
N UNK A 3530 -40.65 38.63 119.72
CA UNK A 3530 -39.57 39.53 119.35
C UNK A 3530 -40.03 40.64 118.42
N UNK A 3531 -41.25 40.56 117.89
CA UNK A 3531 -41.76 41.60 116.99
C UNK A 3531 -42.14 42.85 117.76
N UNK A 3532 -42.48 42.73 119.04
CA UNK A 3532 -42.79 43.90 119.85
C UNK A 3532 -41.53 44.66 120.25
N UNK A 3533 -40.45 43.93 120.53
CA UNK A 3533 -39.21 44.57 120.93
C UNK A 3533 -38.46 45.17 119.75
N UNK A 3534 -38.62 44.60 118.55
CA UNK A 3534 -37.96 45.12 117.36
C UNK A 3534 -38.62 46.37 116.80
N UNK A 3535 -39.80 46.73 117.28
CA UNK A 3535 -40.51 47.91 116.80
C UNK A 3535 -40.40 49.05 117.80
N UNK A 3536 -40.06 53.16 114.52
CA UNK A 3536 -39.35 54.33 115.02
C UNK A 3536 -40.32 55.42 115.43
N UNK A 3537 -41.62 55.12 115.36
CA UNK A 3537 -42.66 56.05 115.75
C UNK A 3537 -43.73 55.39 116.62
N UNK A 3538 -43.49 54.19 117.14
CA UNK A 3538 -44.48 53.51 117.96
C UNK A 3538 -44.61 54.14 119.34
N UNK A 3539 -43.64 54.93 119.77
CA UNK A 3539 -43.73 55.67 121.02
C UNK A 3539 -44.33 57.05 120.85
N UNK A 3540 -44.57 57.49 119.61
CA UNK A 3540 -45.16 58.80 119.38
C UNK A 3540 -46.65 58.82 119.71
N UNK A 3541 -47.36 57.75 119.38
CA UNK A 3541 -48.79 57.67 119.65
C UNK A 3541 -49.21 56.22 119.86
N ARG A 3542 -48.40 51.90 122.57
CA ARG A 3542 -49.57 51.02 122.53
C ARG A 3542 -49.19 49.60 122.94
N ASN A 3543 -49.74 49.16 124.07
CA ASN A 3543 -49.48 47.81 124.55
C ASN A 3543 -50.27 46.79 123.75
N ILE A 3544 -49.97 45.52 124.00
CA ILE A 3544 -50.68 44.42 123.34
C ILE A 3544 -51.19 43.38 124.34
N ASP A 3545 -50.67 43.34 125.57
CA ASP A 3545 -51.15 42.37 126.55
C ASP A 3545 -52.51 42.76 127.10
N THR A 3546 -52.77 44.06 127.27
CA THR A 3546 -54.07 44.53 127.74
C THR A 3546 -55.08 44.69 126.62
N VAL A 3547 -54.63 44.72 125.36
CA VAL A 3547 -55.56 44.90 124.25
C VAL A 3547 -56.02 43.55 123.70
N ALA A 3548 -55.08 42.65 123.40
CA ALA A 3548 -55.43 41.37 122.82
C ALA A 3548 -56.07 40.39 123.81
N SER A 3549 -56.04 40.71 125.11
CA SER A 3549 -56.75 39.90 126.10
C SER A 3549 -58.15 40.42 126.35
N ASN A 3550 -58.34 41.74 126.34
CA ASN A 3550 -59.68 42.31 126.47
C ASN A 3550 -60.48 42.15 125.20
N MET A 3551 -59.81 42.08 124.05
CA MET A 3551 -60.50 41.80 122.78
C MET A 3551 -61.03 40.36 122.77
N ASP A 3552 -60.31 39.43 123.38
CA ASP A 3552 -60.77 38.05 123.44
C ASP A 3552 -61.76 37.85 124.58
N SER A 3553 -61.68 38.69 125.62
CA SER A 3553 -62.67 38.61 126.70
C SER A 3553 -64.03 39.10 126.26
N TYR A 3554 -64.07 40.10 125.38
CA TYR A 3554 -65.34 40.63 124.89
C TYR A 3554 -65.94 39.76 123.80
N LEU A 3555 -65.15 38.88 123.18
CA LEU A 3555 -65.66 38.03 122.12
C LEU A 3555 -66.55 36.92 122.67
N GLU A 3556 -66.37 36.56 123.94
CA GLU A 3556 -67.21 35.53 124.55
C GLU A 3556 -68.61 36.04 124.83
N LYS A 3557 -68.75 37.33 125.16
CA LYS A 3557 -70.05 37.89 125.46
C LYS A 3557 -70.95 38.01 124.24
N ILE A 3558 -70.37 38.10 123.04
CA ILE A 3558 -71.17 38.13 121.82
C ILE A 3558 -71.62 36.72 121.45
N SER A 3559 -70.74 35.74 121.59
CA SER A 3559 -71.07 34.37 121.23
C SER A 3559 -72.02 33.71 122.23
N SER A 3560 -72.13 34.24 123.44
CA SER A 3560 -73.06 33.69 124.42
C SER A 3560 -74.49 34.18 124.22
N GLN A 3561 -74.68 35.26 123.46
CA GLN A 3561 -76.00 35.79 123.21
C GLN A 3561 -76.74 34.92 122.20
N GLU A 3562 -77.94 34.47 122.55
CA GLU A 3562 -78.71 33.56 121.73
C GLU A 3562 -80.13 34.08 121.58
N PHE A 3563 -80.62 34.13 120.35
CA PHE A 3563 -81.98 34.56 120.04
C PHE A 3563 -82.92 33.36 120.01
N PRO A 3564 -84.16 33.53 120.47
CA PRO A 3564 -85.15 32.44 120.32
C PRO A 3564 -85.62 32.34 118.89
N ASN A 3565 -86.14 31.17 118.56
CA ASN A 3565 -86.61 30.89 117.20
C ASN A 3565 -88.10 31.11 117.06
N PHE A 3566 -88.51 31.49 115.85
CA PHE A 3566 -89.91 31.71 115.52
C PHE A 3566 -90.55 30.48 114.90
N ALA A 3567 -89.75 29.59 114.31
CA ALA A 3567 -90.28 28.37 113.72
C ALA A 3567 -90.78 27.37 114.76
N ASP A 3568 -90.31 27.48 116.00
CA ASP A 3568 -90.84 26.65 117.07
C ASP A 3568 -92.23 27.10 117.50
N LEU A 3569 -92.50 28.41 117.45
CA LEU A 3569 -93.83 28.91 117.79
C LEU A 3569 -94.83 28.58 116.70
N ALA A 3570 -94.42 28.59 115.43
CA ALA A 3570 -95.34 28.29 114.35
C ALA A 3570 -95.59 26.80 114.21
N SER A 3571 -94.60 25.95 114.53
CA SER A 3571 -94.79 24.52 114.49
C SER A 3571 -95.61 24.01 115.66
N ASP A 3572 -95.74 24.80 116.73
CA ASP A 3572 -96.61 24.43 117.83
C ASP A 3572 -98.08 24.53 117.40
N PHE A 3573 -98.42 25.57 116.65
CA PHE A 3573 -99.80 25.74 116.21
C PHE A 3573 -100.17 24.75 115.11
N TYR A 3574 -99.17 24.28 114.35
CA TYR A 3574 -99.46 23.32 113.28
C TYR A 3574 -99.78 21.94 113.84
N ALA A 3575 -99.23 21.60 115.01
CA ALA A 3575 -99.59 20.35 115.66
C ALA A 3575 -100.92 20.45 116.39
N GLU A 3576 -101.30 21.66 116.81
CA GLU A 3576 -102.59 21.84 117.47
C GLU A 3576 -103.72 21.91 116.45
N ALA A 3577 -103.46 22.50 115.28
CA ALA A 3577 -104.46 22.52 114.22
C ALA A 3577 -104.59 21.18 113.52
N GLU A 3578 -103.59 20.30 113.64
CA GLU A 3578 -103.71 18.98 113.05
C GLU A 3578 -104.64 18.09 113.88
N ARG A 3579 -104.54 18.17 115.21
CA ARG A 3579 -105.42 17.39 116.07
C ARG A 3579 -106.85 17.91 116.03
N LEU A 3580 -107.03 19.22 115.91
CA LEU A 3580 -108.36 19.81 115.93
C LEU A 3580 -109.13 19.55 114.64
N ARG A 3581 -108.42 19.39 113.52
CA ARG A 3581 -109.06 19.24 112.21
C ARG A 3581 -109.19 17.78 111.77
N LYS A 3582 -108.14 16.98 111.91
CA LYS A 3582 -108.14 15.63 111.35
C LYS A 3582 -108.99 14.66 112.16
N GLU A 3583 -109.36 15.00 113.40
CA GLU A 3583 -110.19 14.14 114.22
C GLU A 3583 -111.67 14.39 114.05
N THR A 3584 -112.07 15.18 113.05
CA THR A 3584 -113.48 15.48 112.83
C THR A 3584 -114.08 14.49 111.85
N PRO A 3585 -115.10 13.72 112.24
CA PRO A 3585 -115.69 12.73 111.32
C PRO A 3585 -116.77 13.26 110.40
N ASN A 3586 -116.92 14.59 110.31
CA ASN A 3586 -117.80 15.39 109.44
C ASN A 3586 -119.18 14.76 109.17
N VAL A 3587 -119.84 14.33 110.25
CA VAL A 3587 -121.21 13.84 110.21
C VAL A 3587 -122.08 14.85 110.96
N TYR A 3588 -123.14 15.31 110.30
CA TYR A 3588 -124.08 16.26 110.90
C TYR A 3588 -124.86 15.65 112.05
N ARG A 3595 -121.92 17.64 119.31
CA ARG A 3595 -120.48 17.56 119.14
C ARG A 3595 -119.95 18.73 118.33
N LEU A 3596 -120.86 19.53 117.78
CA LEU A 3596 -120.45 20.67 116.96
C LEU A 3596 -120.29 21.92 117.80
N ALA A 3597 -121.13 22.10 118.83
CA ALA A 3597 -121.04 23.28 119.68
C ALA A 3597 -119.79 23.24 120.56
N TYR A 3598 -119.37 22.05 120.97
CA TYR A 3598 -118.12 21.93 121.73
C TYR A 3598 -116.91 22.13 120.84
N LEU A 3599 -117.03 21.80 119.55
CA LEU A 3599 -115.92 21.94 118.61
C LEU A 3599 -115.78 23.35 118.07
N LYS A 3600 -116.90 24.07 117.92
CA LYS A 3600 -116.85 25.44 117.40
C LYS A 3600 -116.22 26.40 118.40
N THR A 3601 -116.38 26.13 119.70
CA THR A 3601 -115.70 26.94 120.71
C THR A 3601 -114.19 26.70 120.69
N GLN A 3602 -113.78 25.43 120.55
CA GLN A 3602 -112.36 25.10 120.50
C GLN A 3602 -111.71 25.60 119.21
N LYS A 3603 -112.48 25.73 118.13
CA LYS A 3603 -111.93 26.28 116.90
C LYS A 3603 -111.66 27.78 117.04
N SER A 3604 -112.52 28.49 117.76
CA SER A 3604 -112.33 29.91 117.99
C SER A 3604 -111.32 30.21 119.10
N LYS A 3605 -110.87 29.20 119.84
CA LYS A 3605 -109.83 29.42 120.83
C LYS A 3605 -108.47 29.63 120.15
N LEU A 3606 -108.08 28.71 119.28
CA LEU A 3606 -106.78 28.82 118.62
C LEU A 3606 -106.75 29.95 117.60
N LEU A 3607 -107.91 30.30 117.03
CA LEU A 3607 -107.97 31.51 116.21
C LEU A 3607 -107.90 32.76 117.07
N GLY A 3608 -108.40 32.69 118.31
CA GLY A 3608 -108.30 33.82 119.20
C GLY A 3608 -106.97 33.90 119.94
N ASP A 3609 -106.32 32.75 120.14
CA ASP A 3609 -105.04 32.73 120.85
C ASP A 3609 -103.90 33.16 119.94
N ALA A 3610 -103.92 32.76 118.67
CA ALA A 3610 -102.83 33.07 117.75
C ALA A 3610 -102.80 34.54 117.38
N LEU A 3611 -103.97 35.13 117.12
CA LEU A 3611 -104.03 36.55 116.77
C LEU A 3611 -103.88 37.46 117.98
N LYS A 3612 -103.91 36.92 119.20
CA LYS A 3612 -103.59 37.71 120.38
C LYS A 3612 -102.16 37.52 120.84
N GLU A 3613 -101.56 36.36 120.56
CA GLU A 3613 -100.16 36.14 120.89
C GLU A 3613 -99.26 36.95 119.95
N LEU A 3614 -99.55 36.91 118.65
CA LEU A 3614 -98.75 37.64 117.67
C LEU A 3614 -98.94 39.15 117.77
N ARG A 3615 -100.05 39.60 118.36
CA ARG A 3615 -100.20 41.02 118.65
C ARG A 3615 -99.24 41.48 119.76
N ARG A 3616 -98.94 40.59 120.70
CA ARG A 3616 -98.07 40.94 121.81
C ARG A 3616 -96.61 41.03 121.38
N ILE A 3617 -96.14 40.07 120.60
CA ILE A 3617 -94.70 39.98 120.26
C ILE A 3617 -94.49 40.81 118.99
N GLY A 3618 -94.36 42.13 119.21
CA GLY A 3618 -94.06 43.02 118.11
C GLY A 3618 -95.24 43.19 117.16
N LEU A 3619 -94.91 43.26 115.86
CA LEU A 3619 -95.86 43.33 114.74
C LEU A 3619 -96.83 44.51 114.85
N ASP A 3626 -96.06 52.76 104.26
CA ASP A 3626 -95.83 52.46 102.85
C ASP A 3626 -95.41 51.00 102.68
N ILE A 3627 -96.02 50.12 103.46
CA ILE A 3627 -95.75 48.69 103.34
C ILE A 3627 -96.40 48.13 102.07
N GLN A 3628 -97.63 48.56 101.78
CA GLN A 3628 -98.36 48.03 100.63
C GLN A 3628 -97.85 48.61 99.31
N LYS A 3629 -97.12 49.71 99.34
CA LYS A 3629 -96.55 50.28 98.12
C LYS A 3629 -95.37 49.48 97.58
N VAL A 3630 -94.77 48.64 98.41
CA VAL A 3630 -93.66 47.80 97.97
C VAL A 3630 -94.15 46.43 97.50
N GLN A 3631 -95.26 45.95 98.06
CA GLN A 3631 -95.65 44.55 97.96
C GLN A 3631 -96.98 44.44 97.20
N SER A 3632 -97.04 45.07 96.03
CA SER A 3632 -98.23 44.97 95.17
C SER A 3632 -98.45 43.53 94.69
N SER A 3633 -97.43 42.95 94.05
CA SER A 3633 -97.53 41.59 93.55
C SER A 3633 -96.14 40.96 93.61
N THR A 3634 -95.97 39.83 92.92
CA THR A 3634 -94.67 39.17 92.93
C THR A 3634 -93.65 39.93 92.08
N THR A 3635 -94.08 40.46 90.94
CA THR A 3635 -93.16 41.14 90.03
C THR A 3635 -92.79 42.55 90.49
N THR A 3636 -93.29 43.01 91.63
CA THR A 3636 -92.85 44.27 92.23
C THR A 3636 -91.77 44.05 93.27
N ILE A 3637 -91.93 43.06 94.15
CA ILE A 3637 -90.90 42.75 95.16
C ILE A 3637 -89.76 41.91 94.61
N LEU A 3638 -89.87 41.44 93.37
CA LEU A 3638 -88.76 40.72 92.74
C LEU A 3638 -87.80 41.67 92.06
N ALA A 3639 -88.11 42.97 92.05
CA ALA A 3639 -87.26 44.00 91.46
C ALA A 3639 -86.44 44.75 92.51
N ASN A 3640 -87.10 45.36 93.49
CA ASN A 3640 -86.40 46.14 94.51
C ASN A 3640 -86.11 45.28 95.73
N ILE A 3641 -85.18 44.36 95.55
CA ILE A 3641 -84.78 43.42 96.58
C ILE A 3641 -83.30 43.11 96.39
N ALA A 3642 -82.61 42.81 97.48
CA ALA A 3642 -81.17 42.56 97.32
C ALA A 3642 -80.91 41.06 97.18
N PRO A 3643 -79.93 40.67 96.38
CA PRO A 3643 -79.64 39.25 96.18
C PRO A 3643 -78.80 38.70 97.34
N PHE A 3644 -78.43 37.43 97.20
CA PHE A 3644 -77.48 36.77 98.09
C PHE A 3644 -76.47 35.97 97.27
N ASN A 3645 -75.82 36.68 96.33
CA ASN A 3645 -74.91 36.06 95.37
C ASN A 3645 -73.69 35.39 96.01
N ASN A 3646 -73.34 35.76 97.25
CA ASN A 3646 -72.20 35.15 97.92
C ASN A 3646 -72.51 33.69 98.28
N GLU A 3647 -71.53 32.82 98.05
CA GLU A 3647 -71.75 31.38 98.18
C GLU A 3647 -71.43 30.87 99.58
N TYR A 3648 -72.00 31.53 100.59
CA TYR A 3648 -71.99 31.05 101.96
C TYR A 3648 -73.39 30.78 102.50
N LEU A 3649 -74.40 31.44 101.96
CA LEU A 3649 -75.75 31.41 102.52
C LEU A 3649 -76.80 31.31 101.40
N ASN A 3650 -76.55 30.43 100.44
CA ASN A 3650 -77.59 30.07 99.49
C ASN A 3650 -78.71 29.25 100.13
N SER A 3651 -78.45 28.63 101.27
CA SER A 3651 -79.50 27.93 102.02
C SER A 3651 -80.43 28.89 102.76
N SER A 3652 -80.07 30.17 102.88
CA SER A 3652 -80.94 31.13 103.54
C SER A 3652 -82.15 31.51 102.67
N ASP A 3653 -82.03 31.37 101.36
CA ASP A 3653 -83.14 31.60 100.45
C ASP A 3653 -83.94 30.34 100.14
N ALA A 3654 -83.78 29.30 100.95
CA ALA A 3654 -84.53 28.07 100.73
C ALA A 3654 -85.97 28.16 101.21
N PHE A 3655 -86.34 29.22 101.94
CA PHE A 3655 -87.69 29.38 102.44
C PHE A 3655 -88.33 30.71 102.08
N PHE A 3656 -87.57 31.73 101.68
CA PHE A 3656 -88.17 32.99 101.30
C PHE A 3656 -88.74 32.95 99.89
N PHE A 3657 -88.26 32.04 99.05
CA PHE A 3657 -88.92 31.79 97.77
C PHE A 3657 -90.01 30.75 97.87
N LYS A 3658 -90.20 30.15 99.05
CA LYS A 3658 -91.37 29.31 99.29
C LYS A 3658 -92.60 30.15 99.59
N ILE A 3659 -92.42 31.38 100.08
CA ILE A 3659 -93.54 32.23 100.46
C ILE A 3659 -93.79 33.27 99.37
N LEU A 3660 -93.34 32.97 98.16
CA LEU A 3660 -93.70 33.77 97.00
C LEU A 3660 -94.64 33.07 96.05
N ASP A 3661 -94.76 31.74 96.16
CA ASP A 3661 -95.72 31.02 95.34
C ASP A 3661 -97.14 31.18 95.87
N LEU A 3662 -97.31 31.16 97.19
CA LEU A 3662 -98.62 31.29 97.81
C LEU A 3662 -98.98 32.73 98.15
N LEU A 3663 -98.16 33.69 97.74
CA LEU A 3663 -98.51 35.09 97.97
C LEU A 3663 -99.61 35.59 97.01
N PRO A 3664 -99.66 35.21 95.72
CA PRO A 3664 -100.90 35.50 94.98
C PRO A 3664 -102.08 34.65 95.41
N LYS A 3665 -101.84 33.46 95.98
CA LYS A 3665 -102.94 32.60 96.38
C LYS A 3665 -103.62 33.08 97.66
N LEU A 3666 -102.93 33.86 98.49
CA LEU A 3666 -103.56 34.48 99.63
C LEU A 3666 -104.44 35.66 99.22
N ARG A 3667 -104.01 36.41 98.20
CA ARG A 3667 -104.77 37.56 97.75
C ARG A 3667 -106.00 37.15 96.95
N SER A 3668 -106.06 35.91 96.46
CA SER A 3668 -107.22 35.46 95.69
C SER A 3668 -108.36 35.03 96.60
N ALA A 3669 -108.05 34.31 97.69
CA ALA A 3669 -109.09 33.86 98.61
C ALA A 3669 -109.57 34.99 99.50
N ALA A 3670 -108.65 35.69 100.16
CA ALA A 3670 -109.00 36.79 101.04
C ALA A 3670 -109.38 38.03 100.25
N VAL A 3679 -115.55 36.59 109.86
CA VAL A 3679 -115.06 37.20 108.63
C VAL A 3679 -114.21 38.42 108.94
N ALA A 3680 -113.81 38.56 110.20
CA ALA A 3680 -112.96 39.66 110.63
C ALA A 3680 -111.54 39.23 110.96
N ALA A 3681 -111.32 37.95 111.28
CA ALA A 3681 -109.99 37.45 111.57
C ALA A 3681 -109.13 37.31 110.31
N ILE A 3682 -109.76 37.14 109.15
CA ILE A 3682 -109.00 37.04 107.90
C ILE A 3682 -108.45 38.41 107.50
N GLU A 3683 -109.26 39.46 107.68
CA GLU A 3683 -108.81 40.82 107.41
C GLU A 3683 -107.76 41.29 108.41
N ARG A 3684 -107.72 40.70 109.60
CA ARG A 3684 -106.67 40.97 110.57
C ARG A 3684 -105.44 40.11 110.32
N GLY A 3685 -105.64 38.85 109.92
CA GLY A 3685 -104.52 37.96 109.66
C GLY A 3685 -103.73 38.33 108.41
N MET A 3686 -104.42 38.85 107.39
CA MET A 3686 -103.71 39.29 106.19
C MET A 3686 -102.95 40.59 106.43
N ALA A 3687 -103.51 41.47 107.26
CA ALA A 3687 -102.81 42.72 107.59
C ALA A 3687 -101.70 42.51 108.62
N LEU A 3688 -101.63 41.34 109.25
CA LEU A 3688 -100.57 41.03 110.19
C LEU A 3688 -99.34 40.46 109.52
N ALA A 3689 -99.52 39.73 108.41
CA ALA A 3689 -98.41 39.19 107.64
C ALA A 3689 -97.75 40.21 106.73
N GLN A 3690 -98.32 41.42 106.61
CA GLN A 3690 -97.69 42.47 105.82
C GLN A 3690 -96.53 43.11 106.57
N SER A 3691 -96.71 43.34 107.88
CA SER A 3691 -95.66 44.02 108.65
C SER A 3691 -94.50 43.10 108.94
N LEU A 3692 -94.71 41.78 108.95
CA LEU A 3692 -93.59 40.87 109.10
C LEU A 3692 -92.80 40.74 107.80
N MET A 3693 -93.47 40.88 106.66
CA MET A 3693 -92.78 40.83 105.38
C MET A 3693 -91.91 42.07 105.16
N PHE A 3694 -92.39 43.24 105.61
CA PHE A 3694 -91.61 44.46 105.50
C PHE A 3694 -90.40 44.44 106.43
N SER A 3695 -90.48 43.71 107.54
CA SER A 3695 -89.32 43.48 108.39
C SER A 3695 -88.50 42.28 107.95
N LEU A 3696 -88.80 41.69 106.80
CA LEU A 3696 -88.03 40.58 106.26
C LEU A 3696 -87.38 40.93 104.92
N ILE A 3697 -87.82 42.01 104.28
CA ILE A 3697 -87.20 42.47 103.04
C ILE A 3697 -86.02 43.39 103.31
N THR A 3698 -86.15 44.32 104.26
CA THR A 3698 -85.10 45.29 104.55
C THR A 3698 -83.95 44.70 105.38
N VAL A 3699 -83.95 43.40 105.66
CA VAL A 3699 -82.80 42.74 106.25
C VAL A 3699 -81.83 42.28 105.17
N ARG A 3700 -82.33 41.97 103.97
CA ARG A 3700 -81.52 41.39 102.90
C ARG A 3700 -80.47 42.37 102.38
N HIS A 3701 -80.72 43.67 102.47
CA HIS A 3701 -79.75 44.63 101.92
C HIS A 3701 -78.55 44.91 102.84
N PRO A 3702 -78.68 45.10 104.16
CA PRO A 3702 -77.45 45.21 104.97
C PRO A 3702 -76.73 43.88 105.15
N LEU A 3703 -77.44 42.76 105.08
CA LEU A 3703 -76.79 41.48 105.29
C LEU A 3703 -76.00 41.02 104.08
N SER A 3704 -76.47 41.35 102.87
CA SER A 3704 -75.70 41.01 101.68
C SER A 3704 -74.52 41.95 101.49
N GLU A 3705 -74.60 43.18 101.99
CA GLU A 3705 -73.44 44.06 102.00
C GLU A 3705 -72.41 43.59 103.02
N PHE A 3706 -72.86 42.91 104.07
CA PHE A 3706 -71.95 42.43 105.11
C PHE A 3706 -71.07 41.30 104.62
N THR A 3707 -71.63 40.37 103.84
CA THR A 3707 -70.82 39.32 103.24
C THR A 3707 -70.08 39.77 102.00
N ASN A 3708 -70.36 40.98 101.50
CA ASN A 3708 -69.53 41.56 100.45
C ASN A 3708 -68.17 41.99 101.01
N ASP A 3709 -68.17 42.60 102.20
CA ASP A 3709 -66.94 42.97 102.86
C ASP A 3709 -66.31 41.82 103.62
N TYR A 3710 -67.07 40.75 103.90
CA TYR A 3710 -66.53 39.61 104.63
C TYR A 3710 -65.58 38.80 103.77
N CYS A 3711 -65.91 38.63 102.49
CA CYS A 3711 -65.04 37.86 101.60
C CYS A 3711 -63.86 38.68 101.10
N LYS A 3712 -63.88 40.00 101.24
CA LYS A 3712 -62.69 40.79 100.96
C LYS A 3712 -61.68 40.70 102.08
N ILE A 3713 -62.15 40.75 103.33
CA ILE A 3713 -61.24 40.67 104.48
C ILE A 3713 -60.77 39.24 104.72
N ASN A 3714 -61.43 38.25 104.12
CA ASN A 3714 -60.95 36.88 104.21
C ASN A 3714 -59.79 36.64 103.25
N GLY A 3715 -59.85 37.24 102.06
CA GLY A 3715 -58.76 37.13 101.12
C GLY A 3715 -57.56 38.00 101.42
N MET A 3716 -57.70 38.95 102.33
CA MET A 3716 -56.60 39.80 102.75
C MET A 3716 -56.01 39.37 104.10
N MET A 3717 -56.76 38.57 104.87
CA MET A 3717 -56.18 37.91 106.04
C MET A 3717 -55.13 36.90 105.63
N LEU A 3718 -55.37 36.16 104.54
CA LEU A 3718 -54.42 35.17 104.06
C LEU A 3718 -53.23 35.79 103.34
N ASP A 3719 -53.29 37.07 102.99
CA ASP A 3719 -52.13 37.72 102.41
C ASP A 3719 -51.15 38.16 103.48
N LEU A 3720 -51.63 38.80 104.55
CA LEU A 3720 -50.78 39.21 105.65
C LEU A 3720 -50.34 38.07 106.55
N GLU A 3721 -50.96 36.89 106.43
CA GLU A 3721 -50.53 35.74 107.21
C GLU A 3721 -49.22 35.16 106.65
N HIS A 3722 -49.16 34.97 105.33
CA HIS A 3722 -47.93 34.52 104.70
C HIS A 3722 -46.88 35.62 104.66
N PHE A 3723 -47.30 36.88 104.81
CA PHE A 3723 -46.38 38.02 104.82
C PHE A 3723 -45.61 38.11 106.14
N THR A 3724 -46.08 37.44 107.21
CA THR A 3724 -45.30 37.34 108.43
C THR A 3724 -44.21 36.29 108.32
N CYS A 3725 -44.47 35.21 107.58
CA CYS A 3725 -43.49 34.15 107.37
C CYS A 3725 -42.55 34.45 106.21
N LEU A 3726 -42.53 35.69 105.73
CA LEU A 3726 -41.62 36.07 104.66
C LEU A 3726 -40.21 36.19 105.21
N LYS A 3727 -39.25 35.58 104.50
CA LYS A 3727 -37.87 35.52 104.96
C LYS A 3727 -36.91 36.41 104.17
N GLY A 3728 -37.26 36.80 102.95
CA GLY A 3728 -36.40 37.66 102.16
C GLY A 3728 -36.78 39.12 102.26
N ASP A 3729 -37.02 39.74 101.12
CA ASP A 3729 -37.41 41.13 101.04
C ASP A 3729 -38.67 41.27 100.18
N ILE A 3730 -39.13 42.51 100.01
CA ILE A 3730 -40.28 42.79 99.18
C ILE A 3730 -39.79 43.14 97.78
N VAL A 3731 -40.05 42.27 96.81
CA VAL A 3731 -39.51 42.40 95.46
C VAL A 3731 -40.64 42.50 94.44
N HIS A 3732 -41.78 43.04 94.85
CA HIS A 3732 -42.96 43.05 94.00
C HIS A 3732 -42.95 44.14 92.95
N SER A 3733 -41.93 45.00 92.91
CA SER A 3733 -41.70 45.85 91.76
C SER A 3733 -40.73 45.25 90.76
N SER A 3734 -40.05 44.17 91.15
CA SER A 3734 -39.05 43.53 90.30
C SER A 3734 -39.39 42.10 89.92
N LEU A 3735 -40.31 41.46 90.64
CA LEU A 3735 -40.66 40.08 90.36
C LEU A 3735 -42.06 39.93 89.75
N LYS A 3736 -42.92 40.94 89.89
CA LYS A 3736 -44.28 40.86 89.37
C LYS A 3736 -44.30 40.81 87.84
N ALA A 3737 -43.35 41.47 87.19
CA ALA A 3737 -43.27 41.41 85.73
C ALA A 3737 -42.76 40.07 85.23
N ASN A 3738 -42.04 39.31 86.06
CA ASN A 3738 -41.53 38.01 85.66
C ASN A 3738 -42.53 36.88 85.91
N VAL A 3739 -43.51 37.07 86.79
CA VAL A 3739 -44.55 36.07 86.98
C VAL A 3739 -45.47 36.02 85.77
N ASP A 3740 -45.73 37.19 85.17
CA ASP A 3740 -46.54 37.26 83.96
C ASP A 3740 -45.86 36.56 82.78
N ASN A 3741 -44.53 36.52 82.77
CA ASN A 3741 -43.81 35.77 81.75
C ASN A 3741 -43.93 34.27 81.99
N VAL A 3742 -44.06 33.85 83.25
CA VAL A 3742 -44.22 32.43 83.55
C VAL A 3742 -45.65 31.97 83.27
N ARG A 3743 -46.64 32.76 83.70
CA ARG A 3743 -48.04 32.41 83.48
C ARG A 3743 -48.43 32.45 82.01
N LEU A 3744 -47.73 33.23 81.19
CA LEU A 3744 -47.96 33.19 79.76
C LEU A 3744 -47.40 31.92 79.14
N PHE A 3745 -46.35 31.35 79.73
CA PHE A 3745 -45.88 30.03 79.34
C PHE A 3745 -46.64 28.91 80.04
N GLU A 3746 -47.57 29.23 80.93
CA GLU A 3746 -48.31 28.20 81.65
C GLU A 3746 -49.47 27.65 80.83
N LYS A 3747 -50.19 28.51 80.13
CA LYS A 3747 -51.39 28.09 79.41
C LYS A 3747 -51.13 27.72 77.96
N TRP A 3748 -50.02 28.18 77.36
CA TRP A 3748 -49.78 27.93 75.95
C TRP A 3748 -48.75 26.83 75.70
N LEU A 3749 -47.61 26.88 76.38
CA LEU A 3749 -46.49 25.99 76.10
C LEU A 3749 -46.76 24.50 76.39
N PRO A 3750 -47.52 24.09 77.41
CA PRO A 3750 -47.96 22.68 77.45
C PRO A 3750 -48.98 22.30 76.40
N SER A 3751 -49.59 23.26 75.70
CA SER A 3751 -50.53 22.92 74.63
C SER A 3751 -49.85 22.80 73.27
N LEU A 3752 -48.81 23.61 73.01
CA LEU A 3752 -48.05 23.45 71.77
C LEU A 3752 -47.24 22.17 71.75
N LEU A 3753 -46.86 21.66 72.93
CA LEU A 3753 -46.17 20.37 72.98
C LEU A 3753 -47.11 19.22 72.66
N ASP A 3754 -48.42 19.38 72.94
CA ASP A 3754 -49.38 18.37 72.53
C ASP A 3754 -49.69 18.47 71.05
N TYR A 3755 -49.63 19.67 70.48
CA TYR A 3755 -49.86 19.82 69.04
C TYR A 3755 -48.66 19.33 68.24
N ALA A 3756 -47.45 19.57 68.73
CA ALA A 3756 -46.26 19.09 68.04
C ALA A 3756 -46.01 17.61 68.25
N ALA A 3757 -46.74 16.96 69.16
CA ALA A 3757 -46.68 15.52 69.31
C ALA A 3757 -47.70 14.81 68.43
N GLN A 3758 -48.53 15.55 67.69
CA GLN A 3758 -49.47 14.98 66.74
C GLN A 3758 -48.93 14.95 65.32
N THR A 3759 -48.33 16.05 64.85
CA THR A 3759 -47.79 16.10 63.50
C THR A 3759 -46.58 15.21 63.34
N LEU A 3760 -45.86 14.91 64.42
CA LEU A 3760 -44.79 13.93 64.37
C LEU A 3760 -45.30 12.49 64.35
N SER A 3761 -46.59 12.28 64.57
CA SER A 3761 -47.19 10.96 64.36
C SER A 3761 -47.69 10.78 62.93
N VAL A 3762 -48.02 11.87 62.25
CA VAL A 3762 -48.38 11.80 60.83
C VAL A 3762 -47.14 11.54 59.99
N ILE A 3763 -46.02 12.19 60.33
CA ILE A 3763 -44.75 11.97 59.64
C ILE A 3763 -44.23 10.56 59.91
N SER A 3764 -44.52 10.00 61.08
CA SER A 3764 -44.05 8.67 61.44
C SER A 3764 -44.68 7.57 60.59
N LYS A 3765 -45.85 7.82 59.99
CA LYS A 3765 -46.46 6.85 59.10
C LYS A 3765 -45.89 6.89 57.70
N TYR A 3766 -45.19 7.96 57.33
CA TYR A 3766 -44.63 8.12 56.00
C TYR A 3766 -43.12 8.31 56.00
N SER A 3767 -42.49 8.31 57.17
CA SER A 3767 -41.04 8.47 57.28
C SER A 3767 -40.56 7.71 58.51
N ALA A 3768 -39.24 7.66 58.68
CA ALA A 3768 -38.62 6.96 59.79
C ALA A 3768 -38.29 7.88 60.96
N THR A 3769 -38.50 9.18 60.82
CA THR A 3769 -38.22 10.15 61.89
C THR A 3769 -39.32 10.06 62.92
N SER A 3770 -39.16 9.12 63.86
CA SER A 3770 -40.14 8.92 64.92
C SER A 3770 -39.54 8.93 66.32
N GLU A 3771 -38.22 8.92 66.46
CA GLU A 3771 -37.58 8.95 67.77
C GLU A 3771 -37.49 10.36 68.35
N GLN A 3772 -37.95 11.37 67.63
CA GLN A 3772 -37.93 12.75 68.11
C GLN A 3772 -39.14 13.10 68.97
N GLN A 3773 -39.95 12.10 69.34
CA GLN A 3773 -41.07 12.35 70.25
C GLN A 3773 -40.66 12.30 71.71
N LYS A 3774 -39.56 11.62 72.04
CA LYS A 3774 -39.13 11.49 73.42
C LYS A 3774 -38.49 12.77 73.97
N ILE A 3775 -38.02 13.66 73.09
CA ILE A 3775 -37.40 14.90 73.53
C ILE A 3775 -38.40 16.01 73.74
N LEU A 3776 -39.69 15.75 73.53
CA LEU A 3776 -40.76 16.69 73.85
C LEU A 3776 -41.56 16.29 75.07
N LEU A 3777 -41.75 14.99 75.31
CA LEU A 3777 -42.45 14.55 76.52
C LEU A 3777 -41.57 14.70 77.76
N ASP A 3778 -40.26 14.48 77.62
CA ASP A 3778 -39.34 14.77 78.71
C ASP A 3778 -39.22 16.27 78.94
N ALA A 3779 -39.36 17.07 77.88
CA ALA A 3779 -39.40 18.52 78.03
C ALA A 3779 -40.71 19.01 78.62
N LYS A 3780 -41.77 18.21 78.54
CA LYS A 3780 -43.05 18.59 79.12
C LYS A 3780 -43.14 18.21 80.59
N SER A 3781 -42.56 17.07 80.96
CA SER A 3781 -42.67 16.58 82.33
C SER A 3781 -41.82 17.39 83.30
N THR A 3782 -40.71 17.96 82.84
CA THR A 3782 -39.89 18.81 83.69
C THR A 3782 -40.45 20.20 83.84
N LEU A 3783 -41.36 20.63 82.96
CA LEU A 3783 -42.04 21.89 83.16
C LEU A 3783 -43.05 21.82 84.30
N SER A 3784 -43.61 20.64 84.55
CA SER A 3784 -44.57 20.46 85.64
C SER A 3784 -43.93 20.62 87.01
N SER A 3785 -42.61 20.48 87.11
CA SER A 3785 -41.92 20.78 88.36
C SER A 3785 -41.67 22.27 88.54
N PHE A 3786 -41.88 23.08 87.50
CA PHE A 3786 -41.65 24.51 87.60
C PHE A 3786 -42.91 25.31 87.87
N PHE A 3787 -44.02 24.98 87.18
CA PHE A 3787 -45.22 25.80 87.33
C PHE A 3787 -45.94 25.56 88.65
N VAL A 3788 -45.64 24.49 89.36
CA VAL A 3788 -46.21 24.30 90.70
C VAL A 3788 -45.50 25.21 91.71
N HIS A 3789 -44.19 25.41 91.54
CA HIS A 3789 -43.44 26.27 92.47
C HIS A 3789 -43.84 27.73 92.34
N PHE A 3790 -44.18 28.18 91.13
CA PHE A 3790 -44.63 29.55 90.93
C PHE A 3790 -46.10 29.77 91.24
N ASN A 3791 -46.84 28.71 91.58
CA ASN A 3791 -48.23 28.84 91.98
C ASN A 3791 -48.49 28.44 93.43
N SER A 3792 -47.49 27.92 94.13
CA SER A 3792 -47.69 27.49 95.51
C SER A 3792 -47.70 28.67 96.48
N SER A 3793 -47.14 29.81 96.08
CA SER A 3793 -47.09 30.99 96.93
C SER A 3793 -48.08 32.03 96.42
N ARG A 3794 -48.86 32.60 97.35
CA ARG A 3794 -49.84 33.61 96.97
C ARG A 3794 -49.21 34.99 96.88
N ILE A 3795 -48.47 35.38 97.91
CA ILE A 3795 -47.61 36.56 97.86
C ILE A 3795 -46.17 36.07 97.68
N PHE A 3796 -45.39 36.79 96.88
CA PHE A 3796 -44.12 36.29 96.40
C PHE A 3796 -42.97 36.67 97.33
N ASP A 3797 -41.92 35.85 97.31
CA ASP A 3797 -40.76 36.02 98.16
C ASP A 3797 -39.57 36.45 97.33
N SER A 3798 -38.48 36.77 98.02
CA SER A 3798 -37.24 37.12 97.34
C SER A 3798 -36.42 35.92 96.91
N SER A 3799 -36.82 34.71 97.34
CA SER A 3799 -36.12 33.50 96.94
C SER A 3799 -36.52 33.02 95.55
N PHE A 3800 -37.55 33.60 94.95
CA PHE A 3800 -37.95 33.24 93.59
C PHE A 3800 -37.05 33.84 92.53
N ILE A 3801 -36.28 34.87 92.86
CA ILE A 3801 -35.31 35.41 91.92
C ILE A 3801 -34.21 34.39 91.65
N GLU A 3802 -33.81 33.65 92.69
CA GLU A 3802 -32.91 32.52 92.51
C GLU A 3802 -33.60 31.31 91.89
N SER A 3803 -34.94 31.31 91.78
CA SER A 3803 -35.66 30.25 91.11
C SER A 3803 -36.18 30.65 89.73
N TYR A 3804 -36.36 31.96 89.46
CA TYR A 3804 -36.72 32.38 88.12
C TYR A 3804 -35.54 32.27 87.16
N SER A 3805 -34.32 32.45 87.66
CA SER A 3805 -33.14 32.29 86.82
C SER A 3805 -32.88 30.84 86.45
N ARG A 3806 -33.40 29.89 87.24
CA ARG A 3806 -33.35 28.49 86.84
C ARG A 3806 -34.35 28.20 85.73
N PHE A 3807 -35.48 28.89 85.71
CA PHE A 3807 -36.44 28.74 84.63
C PHE A 3807 -35.94 29.37 83.34
N GLU A 3808 -35.24 30.51 83.46
CA GLU A 3808 -34.68 31.17 82.29
C GLU A 3808 -33.55 30.35 81.68
N LEU A 3809 -32.80 29.64 82.52
CA LEU A 3809 -31.72 28.78 82.02
C LEU A 3809 -32.27 27.54 81.33
N PHE A 3810 -33.46 27.09 81.73
CA PHE A 3810 -34.05 25.91 81.10
C PHE A 3810 -34.55 26.20 79.69
N ILE A 3811 -35.00 27.44 79.43
CA ILE A 3811 -35.46 27.81 78.11
C ILE A 3811 -34.30 27.83 77.11
N ASN A 3812 -33.15 28.38 77.53
CA ASN A 3812 -31.97 28.38 76.68
C ASN A 3812 -31.37 26.99 76.52
N GLU A 3813 -31.68 26.06 77.43
CA GLU A 3813 -31.31 24.67 77.23
C GLU A 3813 -32.36 23.90 76.44
N LEU A 3814 -33.62 24.33 76.47
CA LEU A 3814 -34.64 23.74 75.61
C LEU A 3814 -34.43 24.18 74.17
N LEU A 3815 -33.98 25.41 73.96
CA LEU A 3815 -33.81 25.95 72.62
C LEU A 3815 -32.61 25.33 71.91
N LYS A 3816 -31.70 24.70 72.63
CA LYS A 3816 -30.58 23.99 72.02
C LYS A 3816 -30.89 22.52 71.75
N LYS A 3817 -31.79 21.91 72.53
CA LYS A 3817 -32.13 20.51 72.30
C LYS A 3817 -33.04 20.35 71.08
N LEU A 3818 -33.79 21.39 70.72
CA LEU A 3818 -34.60 21.34 69.52
C LEU A 3818 -33.77 21.55 68.27
N GLU A 3819 -32.73 22.39 68.36
CA GLU A 3819 -31.89 22.67 67.21
C GLU A 3819 -31.02 21.47 66.84
N ASN A 3820 -30.53 20.74 67.84
CA ASN A 3820 -29.77 19.52 67.58
C ASN A 3820 -30.65 18.38 67.11
N ALA A 3821 -31.95 18.43 67.42
CA ALA A 3821 -32.89 17.44 66.93
C ALA A 3821 -33.51 17.83 65.59
N LYS A 3822 -33.21 19.02 65.08
CA LYS A 3822 -33.75 19.48 63.80
C LYS A 3822 -32.75 19.09 62.70
N GLU A 3823 -32.60 17.78 62.54
CA GLU A 3823 -31.70 17.16 61.57
C GLU A 3823 -32.12 15.71 61.41
N THR A 3824 -31.79 15.15 60.23
CA THR A 3824 -32.19 13.81 59.80
C THR A 3824 -33.71 13.62 59.90
N GLY A 3825 -34.44 14.63 59.46
CA GLY A 3825 -35.89 14.63 59.55
C GLY A 3825 -36.51 15.87 58.94
N ASN A 3826 -37.62 16.32 59.52
CA ASN A 3826 -38.35 17.47 59.01
C ASN A 3826 -38.30 18.62 60.00
N ALA A 3827 -38.24 19.84 59.47
CA ALA A 3827 -37.97 21.02 60.27
C ALA A 3827 -39.20 21.88 60.52
N PHE A 3828 -40.28 21.71 59.76
CA PHE A 3828 -41.45 22.58 59.89
C PHE A 3828 -42.23 22.32 61.18
N VAL A 3829 -42.03 21.16 61.81
CA VAL A 3829 -42.68 20.89 63.10
C VAL A 3829 -42.02 21.71 64.20
N PHE A 3830 -40.69 21.62 64.32
CA PHE A 3830 -39.97 22.34 65.35
C PHE A 3830 -39.79 23.82 65.05
N ASP A 3831 -40.20 24.29 63.86
CA ASP A 3831 -39.90 25.67 63.49
C ASP A 3831 -40.83 26.65 64.19
N ILE A 3832 -42.08 26.27 64.43
CA ILE A 3832 -43.02 27.21 65.05
C ILE A 3832 -42.82 27.29 66.55
N ILE A 3833 -42.39 26.21 67.20
CA ILE A 3833 -42.17 26.25 68.64
C ILE A 3833 -40.91 27.02 68.98
N ILE A 3834 -39.93 27.05 68.07
CA ILE A 3834 -38.75 27.88 68.26
C ILE A 3834 -39.07 29.34 67.96
N GLU A 3835 -39.91 29.58 66.95
CA GLU A 3835 -40.27 30.95 66.58
C GLU A 3835 -41.16 31.59 67.63
N TRP A 3836 -41.98 30.80 68.33
CA TRP A 3836 -42.86 31.37 69.35
C TRP A 3836 -42.10 31.71 70.62
N ILE A 3837 -41.13 30.87 71.01
CA ILE A 3837 -40.36 31.12 72.23
C ILE A 3837 -39.48 32.36 72.08
N LYS A 3838 -38.82 32.49 70.92
CA LYS A 3838 -37.97 33.66 70.67
C LYS A 3838 -38.79 34.95 70.54
N ALA A 3839 -40.05 34.84 70.13
CA ALA A 3839 -40.92 36.00 70.08
C ALA A 3839 -41.56 36.31 71.42
N ASN A 3840 -41.41 35.43 72.41
CA ASN A 3840 -42.03 35.59 73.72
C ASN A 3840 -41.01 35.49 74.86
N LYS A 3841 -39.72 35.43 74.54
CA LYS A 3841 -38.67 35.32 75.55
C LYS A 3841 -38.49 36.63 76.30
N GLU A 3856 -41.99 54.40 108.24
CA GLU A 3856 -42.47 55.72 108.61
C GLU A 3856 -43.94 55.89 108.24
N ASP A 3857 -44.22 55.98 106.94
CA ASP A 3857 -45.59 56.16 106.47
C ASP A 3857 -46.40 54.88 106.52
N VAL A 3858 -45.74 53.72 106.46
CA VAL A 3858 -46.46 52.45 106.54
C VAL A 3858 -46.94 52.21 107.97
N GLU A 3859 -46.21 52.73 108.95
CA GLU A 3859 -46.66 52.64 110.34
C GLU A 3859 -47.90 53.49 110.59
N GLN A 3860 -48.06 54.59 109.84
CA GLN A 3860 -49.27 55.39 109.99
C GLN A 3860 -50.48 54.68 109.37
N ALA A 3861 -50.28 53.95 108.28
CA ALA A 3861 -51.38 53.23 107.65
C ALA A 3861 -51.83 52.04 108.49
N PHE A 3862 -50.92 51.46 109.28
CA PHE A 3862 -51.29 50.42 110.24
C PHE A 3862 -51.54 50.98 111.63
N ARG A 3863 -51.55 52.30 111.78
CA ARG A 3863 -52.11 52.93 112.97
C ARG A 3863 -53.55 53.39 112.75
N ARG A 3864 -53.87 53.82 111.53
CA ARG A 3864 -55.22 54.27 111.23
C ARG A 3864 -56.20 53.10 111.17
N THR A 3865 -55.74 51.92 110.75
CA THR A 3865 -56.57 50.73 110.81
C THR A 3865 -56.59 50.07 112.18
N PHE A 3866 -55.81 50.60 113.13
CA PHE A 3866 -55.86 50.13 114.51
C PHE A 3866 -56.68 51.04 115.41
N THR A 3867 -56.79 52.32 115.07
CA THR A 3867 -57.70 53.21 115.80
C THR A 3867 -59.13 53.07 115.32
N SER A 3868 -59.33 52.60 114.08
CA SER A 3868 -60.66 52.38 113.54
C SER A 3868 -61.14 50.95 113.73
N ILE A 3869 -60.36 50.11 114.43
CA ILE A 3869 -60.79 48.75 114.76
C ILE A 3869 -61.15 48.65 116.24
N ILE A 3870 -60.79 49.64 117.04
CA ILE A 3870 -61.17 49.69 118.45
C ILE A 3870 -62.41 50.56 118.65
N LEU A 3871 -62.46 51.72 117.98
CA LEU A 3871 -63.66 52.55 118.02
C LEU A 3871 -64.85 51.88 117.35
N SER A 3872 -64.60 51.01 116.36
CA SER A 3872 -65.66 50.24 115.76
C SER A 3872 -66.14 49.13 116.70
N PHE A 3873 -65.23 48.59 117.50
CA PHE A 3873 -65.59 47.51 118.41
C PHE A 3873 -66.10 48.03 119.75
N GLN A 3874 -65.79 49.28 120.11
CA GLN A 3874 -66.27 49.84 121.36
C GLN A 3874 -67.76 50.17 121.29
N LYS A 3875 -68.25 50.58 120.12
CA LYS A 3875 -69.66 50.91 119.96
C LYS A 3875 -70.55 49.68 119.95
N VAL A 3876 -70.00 48.51 119.67
CA VAL A 3876 -70.78 47.28 119.67
C VAL A 3876 -71.15 46.89 121.11
N ILE A 3877 -70.18 46.96 122.01
CA ILE A 3877 -70.44 46.62 123.42
C ILE A 3877 -71.12 47.76 124.17
N GLY A 3878 -71.25 48.93 123.54
CA GLY A 3878 -72.04 50.01 124.12
C GLY A 3878 -73.52 49.66 124.25
N ASP A 3879 -74.02 48.84 123.33
CA ASP A 3879 -75.34 48.22 123.48
C ASP A 3879 -75.19 46.88 124.19
N GLY A 3880 -76.07 46.63 125.14
CA GLY A 3880 -75.95 45.43 125.96
C GLY A 3880 -76.30 44.17 125.20
N ILE A 3881 -75.85 43.04 125.74
CA ILE A 3881 -76.15 41.74 125.14
C ILE A 3881 -77.59 41.34 125.42
N GLU A 3882 -77.94 41.22 126.71
CA GLU A 3882 -79.29 40.92 127.21
C GLU A 3882 -79.86 39.62 126.66
N SER A 3883 -78.99 38.63 126.48
CA SER A 3883 -79.31 37.28 125.96
C SER A 3883 -80.05 37.30 124.63
N THR A 3887 -87.29 36.10 125.59
CA THR A 3887 -88.56 35.50 125.18
C THR A 3887 -89.69 35.91 126.10
N ASP A 3888 -89.52 37.06 126.78
CA ASP A 3888 -90.53 37.52 127.72
C ASP A 3888 -91.66 38.25 127.02
N ASP A 3889 -91.34 39.38 126.37
CA ASP A 3889 -92.36 40.19 125.72
C ASP A 3889 -91.70 41.09 124.69
N ASN A 3890 -92.36 41.22 123.52
CA ASN A 3890 -91.99 42.13 122.44
C ASN A 3890 -90.57 41.84 121.92
N TRP A 3891 -90.40 40.64 121.36
CA TRP A 3891 -89.09 40.22 120.87
C TRP A 3891 -89.04 40.04 119.36
N LEU A 3892 -90.07 40.46 118.62
CA LEU A 3892 -89.96 40.48 117.17
C LEU A 3892 -89.73 41.88 116.62
N SER A 3893 -90.08 42.92 117.37
CA SER A 3893 -89.71 44.27 117.01
C SER A 3893 -88.33 44.66 117.53
N ALA A 3894 -87.70 43.80 118.33
CA ALA A 3894 -86.37 44.04 118.86
C ALA A 3894 -85.30 43.16 118.24
N SER A 3895 -85.61 41.90 117.94
CA SER A 3895 -84.60 41.01 117.37
C SER A 3895 -84.35 41.31 115.90
N PHE A 3896 -85.39 41.71 115.15
CA PHE A 3896 -85.16 42.24 113.81
C PHE A 3896 -84.59 43.65 113.83
N LYS A 3897 -84.60 44.32 114.99
CA LYS A 3897 -83.89 45.58 115.14
C LYS A 3897 -82.45 45.36 115.56
N LYS A 3898 -82.19 44.32 116.37
CA LYS A 3898 -80.84 44.08 116.89
C LYS A 3898 -79.90 43.59 115.80
N VAL A 3899 -80.41 42.86 114.81
CA VAL A 3899 -79.59 42.43 113.68
C VAL A 3899 -79.20 43.65 112.84
N MET A 3900 -80.11 44.61 112.69
CA MET A 3900 -79.80 45.83 111.95
C MET A 3900 -78.87 46.77 112.71
N VAL A 3901 -78.66 46.56 114.00
CA VAL A 3901 -77.78 47.42 114.78
C VAL A 3901 -76.36 46.86 114.86
N ASN A 3902 -76.22 45.55 115.08
CA ASN A 3902 -74.90 44.94 115.21
C ASN A 3902 -74.15 44.93 113.88
N VAL A 3903 -74.87 44.82 112.76
CA VAL A 3903 -74.22 44.91 111.46
C VAL A 3903 -73.84 46.36 111.15
N LYS A 3904 -74.65 47.32 111.59
CA LYS A 3904 -74.36 48.72 111.33
C LYS A 3904 -73.19 49.22 112.17
N LEU A 3905 -73.10 48.79 113.44
CA LEU A 3905 -72.09 49.32 114.33
C LEU A 3905 -70.71 48.70 114.13
N LEU A 3906 -70.60 47.60 113.39
CA LEU A 3906 -69.27 47.10 113.05
C LEU A 3906 -68.60 47.97 111.99
N ARG A 3907 -69.41 48.66 111.19
CA ARG A 3907 -69.02 49.51 110.05
C ARG A 3907 -67.93 48.86 109.19
N SER A 3908 -68.27 47.70 108.65
CA SER A 3908 -67.36 46.90 107.85
C SER A 3908 -67.07 47.50 106.47
N SER A 3909 -67.78 48.54 106.07
CA SER A 3909 -67.44 49.26 104.84
C SER A 3909 -66.27 50.22 105.03
N VAL A 3910 -65.92 50.53 106.29
CA VAL A 3910 -64.83 51.45 106.58
C VAL A 3910 -63.59 50.71 107.08
N VAL A 3911 -63.79 49.69 107.91
CA VAL A 3911 -62.67 48.94 108.46
C VAL A 3911 -61.97 48.11 107.38
N SER A 3912 -62.76 47.49 106.50
CA SER A 3912 -62.20 46.76 105.36
C SER A 3912 -61.82 47.68 104.20
N LYS A 3913 -61.94 48.99 104.37
CA LYS A 3913 -61.42 49.97 103.42
C LYS A 3913 -60.03 50.47 103.80
N ASN A 3914 -59.76 50.65 105.10
CA ASN A 3914 -58.44 51.05 105.54
C ASN A 3914 -57.42 49.93 105.42
N ILE A 3915 -57.87 48.67 105.44
CA ILE A 3915 -56.96 47.57 105.17
C ILE A 3915 -56.63 47.53 103.68
N GLU A 3916 -57.54 48.00 102.82
CA GLU A 3916 -57.28 48.05 101.39
C GLU A 3916 -56.22 49.10 101.05
N THR A 3917 -56.20 50.22 101.79
CA THR A 3917 -55.15 51.21 101.59
C THR A 3917 -53.85 50.82 102.27
N ALA A 3918 -53.90 49.96 103.29
CA ALA A 3918 -52.68 49.55 103.98
C ALA A 3918 -51.93 48.46 103.22
N LEU A 3919 -52.66 47.54 102.59
CA LEU A 3919 -52.00 46.51 101.80
C LEU A 3919 -51.49 47.04 100.47
N SER A 3920 -52.05 48.16 99.98
CA SER A 3920 -51.59 48.76 98.74
C SER A 3920 -50.20 49.38 98.87
N LEU A 3921 -49.79 49.76 100.07
CA LEU A 3921 -48.44 50.27 100.28
C LEU A 3921 -47.41 49.16 100.49
N LEU A 3922 -47.83 47.89 100.45
CA LEU A 3922 -46.91 46.78 100.62
C LEU A 3922 -46.77 45.90 99.39
N LYS A 3923 -47.70 45.98 98.45
CA LYS A 3923 -47.63 45.17 97.23
C LYS A 3923 -47.27 45.99 96.00
N ASP A 3924 -47.62 47.27 95.98
CA ASP A 3924 -47.22 48.12 94.85
C ASP A 3924 -45.75 48.48 94.92
N PHE A 3925 -45.33 49.14 96.00
CA PHE A 3925 -43.96 49.59 96.13
C PHE A 3925 -43.07 48.48 96.65
N ASP A 3926 -41.77 48.72 96.67
CA ASP A 3926 -40.78 47.75 97.12
C ASP A 3926 -39.84 48.39 98.13
N PHE A 3927 -39.20 47.53 98.93
CA PHE A 3927 -38.27 47.95 99.96
C PHE A 3927 -37.00 47.13 99.85
N THR A 3928 -35.88 47.73 100.28
CA THR A 3928 -34.58 47.08 100.24
C THR A 3928 -34.44 46.15 101.44
N THR A 3929 -33.21 45.66 101.68
CA THR A 3929 -32.97 44.86 102.88
C THR A 3929 -32.91 45.71 104.14
N THR A 3930 -32.69 47.02 103.99
CA THR A 3930 -32.95 47.95 105.08
C THR A 3930 -34.42 48.33 105.07
N GLU A 3931 -34.89 48.79 106.26
CA GLU A 3931 -36.30 49.10 106.60
C GLU A 3931 -37.30 48.03 106.11
N SER A 3932 -36.88 46.76 106.13
CA SER A 3932 -37.77 45.65 105.83
C SER A 3932 -38.01 44.75 107.04
N ILE A 3933 -37.12 44.74 108.02
CA ILE A 3933 -37.39 44.06 109.28
C ILE A 3933 -38.19 44.96 110.22
N TYR A 3934 -38.28 46.26 109.92
CA TYR A 3934 -39.12 47.15 110.70
C TYR A 3934 -40.57 47.09 110.24
N VAL A 3935 -40.79 46.93 108.93
CA VAL A 3935 -42.15 46.79 108.41
C VAL A 3935 -42.73 45.46 108.84
N LYS A 3936 -41.92 44.40 108.83
CA LYS A 3936 -42.36 43.09 109.32
C LYS A 3936 -42.56 43.06 110.84
N SER A 3937 -42.07 44.06 111.56
CA SER A 3937 -42.35 44.18 112.99
C SER A 3937 -43.58 45.04 113.27
N VAL A 3938 -44.21 45.59 112.24
CA VAL A 3938 -45.47 46.32 112.40
C VAL A 3938 -46.66 45.47 111.99
N ILE A 3939 -46.54 44.75 110.85
CA ILE A 3939 -47.63 43.91 110.39
C ILE A 3939 -47.85 42.70 111.29
N SER A 3940 -46.83 42.26 112.02
CA SER A 3940 -47.01 41.23 113.02
C SER A 3940 -47.42 41.79 114.38
N PHE A 3941 -47.52 43.12 114.49
CA PHE A 3941 -48.01 43.76 115.70
C PHE A 3941 -49.51 44.02 115.66
N THR A 3942 -50.08 44.18 114.46
CA THR A 3942 -51.51 44.39 114.30
C THR A 3942 -52.20 43.22 113.62
N LEU A 3943 -51.54 42.08 113.49
CA LEU A 3943 -52.20 40.86 113.01
C LEU A 3943 -53.04 40.16 114.08
N PRO A 3944 -52.61 40.03 115.39
CA PRO A 3944 -53.54 39.43 116.37
C PRO A 3944 -54.72 40.30 116.78
N VAL A 3945 -54.92 41.43 116.13
CA VAL A 3945 -56.13 42.22 116.28
C VAL A 3945 -57.09 42.00 115.11
N ILE A 3946 -56.54 41.90 113.89
CA ILE A 3946 -57.35 41.62 112.72
C ILE A 3946 -57.91 40.20 112.77
N THR A 3947 -57.11 39.25 113.27
CA THR A 3947 -57.59 37.88 113.42
C THR A 3947 -58.61 37.71 114.53
N ARG A 3948 -58.79 38.73 115.38
CA ARG A 3948 -59.91 38.75 116.31
C ARG A 3948 -61.10 39.50 115.74
N TYR A 3949 -60.87 40.52 114.91
CA TYR A 3949 -61.97 41.20 114.24
C TYR A 3949 -62.61 40.33 113.17
N TYR A 3950 -61.80 39.50 112.51
CA TYR A 3950 -62.37 38.50 111.61
C TYR A 3950 -63.16 37.45 112.38
N ASN A 3951 -62.73 37.13 113.60
CA ASN A 3951 -63.50 36.24 114.46
C ASN A 3951 -64.65 36.94 115.16
N ALA A 3952 -64.70 38.27 115.12
CA ALA A 3952 -65.89 38.99 115.54
C ALA A 3952 -66.92 39.09 114.43
N MET A 3953 -66.56 38.74 113.20
CA MET A 3953 -67.51 38.66 112.10
C MET A 3953 -68.01 37.25 111.83
N THR A 3954 -67.27 36.21 112.25
CA THR A 3954 -67.77 34.85 112.15
C THR A 3954 -68.81 34.54 113.21
N VAL A 3955 -68.97 35.39 114.21
CA VAL A 3955 -69.97 35.17 115.24
C VAL A 3955 -71.26 35.93 114.93
N VAL A 3956 -71.13 37.17 114.45
CA VAL A 3956 -72.31 37.97 114.11
C VAL A 3956 -73.00 37.42 112.88
N LEU A 3957 -72.22 36.93 111.90
CA LEU A 3957 -72.82 36.38 110.68
C LEU A 3957 -73.48 35.03 110.94
N GLU A 3958 -72.81 34.15 111.69
CA GLU A 3958 -73.36 32.83 111.96
C GLU A 3958 -74.53 32.85 112.93
N ARG A 3959 -74.75 33.96 113.63
CA ARG A 3959 -75.92 34.11 114.48
C ARG A 3959 -77.10 34.72 113.71
N SER A 3960 -76.84 35.67 112.84
CA SER A 3960 -77.89 36.32 112.06
C SER A 3960 -78.23 35.57 110.77
N ARG A 3961 -77.55 34.47 110.49
CA ARG A 3961 -77.94 33.60 109.37
C ARG A 3961 -78.90 32.51 109.82
N ILE A 3962 -78.66 31.92 110.99
CA ILE A 3962 -79.58 30.92 111.53
C ILE A 3962 -80.90 31.56 111.94
N TYR A 3963 -80.85 32.82 112.39
CA TYR A 3963 -82.07 33.54 112.73
C TYR A 3963 -82.90 33.86 111.49
N TYR A 3964 -82.26 34.04 110.34
CA TYR A 3964 -83.01 34.34 109.13
C TYR A 3964 -83.66 33.09 108.54
N THR A 3965 -83.05 31.92 108.70
CA THR A 3965 -83.66 30.69 108.22
C THR A 3965 -84.72 30.15 109.15
N ASN A 3966 -84.87 30.71 110.35
CA ASN A 3966 -85.88 30.27 111.29
C ASN A 3966 -87.15 31.11 111.22
N THR A 3967 -87.03 32.43 111.07
CA THR A 3967 -88.23 33.26 110.96
C THR A 3967 -88.87 33.12 109.59
N SER A 3968 -88.07 32.91 108.54
CA SER A 3968 -88.64 32.66 107.22
C SER A 3968 -89.27 31.28 107.13
N ARG A 3969 -88.80 30.33 107.95
CA ARG A 3969 -89.48 29.05 108.04
C ARG A 3969 -90.71 29.15 108.92
N GLY A 3970 -90.69 30.04 109.92
CA GLY A 3970 -91.87 30.29 110.71
C GLY A 3970 -92.93 31.08 109.96
N MET A 3971 -92.50 31.89 108.99
CA MET A 3971 -93.45 32.57 108.11
C MET A 3971 -94.14 31.61 107.16
N TYR A 3972 -93.43 30.58 106.70
CA TYR A 3972 -94.01 29.63 105.76
C TYR A 3972 -95.00 28.70 106.43
N ILE A 3973 -94.77 28.34 107.69
CA ILE A 3973 -95.71 27.48 108.40
C ILE A 3973 -96.96 28.27 108.79
N LEU A 3974 -96.78 29.53 109.17
CA LEU A 3974 -97.91 30.35 109.59
C LEU A 3974 -98.82 30.73 108.43
N SER A 3975 -98.25 30.93 107.23
CA SER A 3975 -99.05 31.38 106.10
C SER A 3975 -99.90 30.27 105.50
N THR A 3976 -99.46 29.01 105.61
CA THR A 3976 -100.29 27.91 105.13
C THR A 3976 -101.47 27.63 106.05
N ILE A 3977 -101.40 28.04 107.32
CA ILE A 3977 -102.55 27.93 108.20
C ILE A 3977 -103.62 28.95 107.81
N LEU A 3978 -103.20 30.18 107.50
CA LEU A 3978 -104.14 31.20 107.06
C LEU A 3978 -104.65 30.93 105.66
N HIS A 3979 -103.86 30.23 104.83
CA HIS A 3979 -104.30 29.87 103.49
C HIS A 3979 -105.40 28.82 103.52
N SER A 3980 -105.26 27.82 104.40
CA SER A 3980 -106.29 26.80 104.53
C SER A 3980 -107.51 27.32 105.31
N LEU A 3981 -107.34 28.38 106.10
CA LEU A 3981 -108.46 28.95 106.84
C LEU A 3981 -109.40 29.73 105.91
N ALA A 3982 -108.86 30.36 104.87
CA ALA A 3982 -109.69 31.11 103.93
C ALA A 3982 -110.34 30.21 102.88
N LYS A 3983 -109.82 29.01 102.67
CA LYS A 3983 -110.39 28.09 101.68
C LYS A 3983 -111.42 27.16 102.29
N ASN A 3984 -111.24 26.75 103.54
CA ASN A 3984 -112.19 25.87 104.20
C ASN A 3984 -113.23 26.67 104.97
#